data_9B2A
#
_entry.id   9B2A
#
_cell.length_a   1.00
_cell.length_b   1.00
_cell.length_c   1.00
_cell.angle_alpha   90.00
_cell.angle_beta   90.00
_cell.angle_gamma   90.00
#
_symmetry.space_group_name_H-M   'P 1'
#
loop_
_entity.id
_entity.type
_entity.pdbx_description
1 polymer 'Transient receptor potential cation channel, subfamily M, member 3'
2 non-polymer (2S)-2-(3,4-dihydroquinolin-1(2H)-yl)-N-(5-methyl-1,2-oxazol-3-yl)-2-phenylacetamide
3 non-polymer '[(2~{R})-1-[2-azanylethoxy(oxidanyl)phosphoryl]oxy-3-hexadecanoyloxy-propan-2-yl] (~{Z})-octadec-9-enoate'
4 non-polymer 'Pregnenolone sulfate'
#
_entity_poly.entity_id   1
_entity_poly.type   'polypeptide(L)'
_entity_poly.pdbx_seq_one_letter_code
;MGKKWRDAGELERGCSDREDSAESRRRSRSASRGRFAESWKRLSSKQGSTKRSGLPAQQTPAQKSWIERAFYKRECVHII
PSTKDPHRCCCGRLIGQHVGLTPSISVLQNEKNESRLSRNDIQSEKWSISKHTQLSPTDAFGTIEFQGGGHSNKAMYVRV
SFDTKPDLLLHLMTKEWQLELPKLLISVHGGLQNFELQPKLKQVFGKGLIKAAMTTGAWIFTGGVNTGVIRHVGDALKDH
ASKSRGKICTIGIAPWGIVENQEDLIGRDVVRPYQTMSNPMSKLTVLNSMHSHFILADNGTTGKYGAEVKLRRQLEKHIS
LQKINTRIGQGVPVVALIVEGGPNVISIVLEYLRDTPPVPVVVCDGSGRASDILAFGHKYSEEGGLINESLRDQLLVTIQ
KTFTYTRTQAQHLFIILMECMKKKELITVFRMGSEGHQDIDLAILTALLKGANASAPDQLSLALAWNRVDIARSQIFIYG
QQWPVGSLEQAMLDALVLDRVDFVKLLIENGVSMHRFLTISRLEELYNTRHGPSNTLYHLVRDVKKGNLPPDYRISLIDI
GLVIEYLMGGAYRCNYTRKRFRTLYHNLFGPKRPKALKLLGMEDDIPLRRGRKTTKKREEEVDIDLDDPEINHFPFPFHE
LMVWAVLMKRQKMALFFWQHGEEAMAKALVACKLCKAMAHEASENDMVDDISQELNHNSRDFGQLAVELLDQSYKQDEQL
AMKLLTYELKNWSNATCLQLAVAAKHRDFIAHTCSQMLLTDMWMGRLRMRKNSGLKVILGILLPPSILSLEFKNKDDMPY
MTQAQEIHLQEKEPEEPEKPTKEKDEEDMELTAMLGRSNGESSRKKDEEEVQSRHRLIPVGRKIYEFYNAPIVKFWFYTL
AYIGYLMLFNYIVLVKMERWPSTQEWIVISYIFTLGIEKMREILMSEPGKLLQKVKVWLQEYWNVTDLIAILLFSVGMIL
RLQDQPFRSDGRVIYCVNIIYWYIRLLDIFGVNKYLGPYVMMIGKMMIDMMYFVIIMLVVLMSFGVARQAILFPNEEPSW
KLAKNIFYMPYWMIYGEVFADQIDPPCGQNETREDGKTIQLPPCKTGAWIVPAIMACYLLVANILLVNLLIAVFNNTFFE
VKSISNQVWKFQRYQLIMTFHERPVLPPPLIIFSHMTMIFQHVCCRWRKHESDQDERDYGLKLFITDDELKKVHDFEEQC
IEEYFREKDDRFNSSNDERIRVTSERVENMSMRLEEVNEREHSMKASLQTVDIRLAQLEDLIGRMATALERLTGLERAES
NKIRSRTSSDCTDAAYIVRQSSFNSQEGNTFKLQESIDPAGEETISPTSPTLMPRMRSHSFYSVNVKDKGGIEKLESIFK
ERSLSLHRATSSHSVAKEPKAPAAPANTLAIVPDSRRPSSCIDIYVSAMDELHCDIEPLDNSMNILGLGEPSFSALAPST
TPSSSAYATLAPTDRPPSRSIDFEDLTSMDTRSFSSDYTHLPECQNPWDTDPPTYHTIERSKSSRYLATTPFLLEEAPIV
KSHSFMFSPSRSYYANFGVPVKTAEYTSITDCIDTRCVNAPQAIADRATFPGGLGDKVEDLSCCHPEREAELSHPSSDSE
ENEARGQRAANPISSQEAENADRTLSNNITVPKIERANSYSAEEPNVPYAHTRKSFSISDKLDRQRNTASLRNPFQRSKS
SKPEGRGDSLSMRRLSRTSAFHSFESKHNSNSLEVLFQGPDYKDDDDKAHHHHHHHHHH
;
_entity_poly.pdbx_strand_id   A,B,C,D
#
loop_
_chem_comp.id
_chem_comp.type
_chem_comp.name
_chem_comp.formula
6OU non-polymer '[(2~{R})-1-[2-azanylethoxy(oxidanyl)phosphoryl]oxy-3-hexadecanoyloxy-propan-2-yl] (~{Z})-octadec-9-enoate' 'C39 H76 N O8 P'
A1AIB non-polymer (2S)-2-(3,4-dihydroquinolin-1(2H)-yl)-N-(5-methyl-1,2-oxazol-3-yl)-2-phenylacetamide 'C21 H21 N3 O2'
A8W non-polymer 'Pregnenolone sulfate' 'C21 H32 O5 S'
#
# COMPACT_ATOMS: atom_id res chain seq x y z
N ALA A 155 6.30 49.47 -17.41
CA ALA A 155 7.68 49.90 -17.60
C ALA A 155 7.77 51.41 -17.67
N MET A 156 8.86 51.95 -17.13
CA MET A 156 9.07 53.40 -17.13
C MET A 156 9.87 53.82 -18.36
N TYR A 157 9.46 54.93 -18.96
CA TYR A 157 10.11 55.44 -20.15
C TYR A 157 10.26 56.96 -20.08
N LYS A 165 24.17 64.00 -20.16
CA LYS A 165 23.97 64.20 -18.73
C LYS A 165 23.95 62.85 -18.00
N PRO A 166 25.13 62.24 -17.84
CA PRO A 166 25.18 60.91 -17.19
C PRO A 166 24.47 60.87 -15.84
N ASP A 167 24.91 61.72 -14.91
CA ASP A 167 24.29 61.73 -13.59
C ASP A 167 22.81 62.09 -13.68
N LEU A 168 22.50 63.19 -14.38
CA LEU A 168 21.12 63.65 -14.48
C LEU A 168 20.26 62.63 -15.23
N LEU A 169 20.76 62.10 -16.34
CA LEU A 169 19.98 61.14 -17.11
C LEU A 169 19.73 59.87 -16.31
N LEU A 170 20.76 59.36 -15.62
CA LEU A 170 20.59 58.17 -14.80
C LEU A 170 19.60 58.41 -13.67
N HIS A 171 19.69 59.56 -13.02
CA HIS A 171 18.76 59.87 -11.94
C HIS A 171 17.32 59.95 -12.47
N LEU A 172 17.13 60.61 -13.61
CA LEU A 172 15.80 60.71 -14.18
C LEU A 172 15.25 59.34 -14.56
N MET A 173 16.09 58.49 -15.17
CA MET A 173 15.64 57.16 -15.55
C MET A 173 15.28 56.33 -14.31
N THR A 174 16.08 56.44 -13.25
CA THR A 174 15.83 55.64 -12.06
C THR A 174 14.64 56.15 -11.24
N LYS A 175 14.36 57.44 -11.30
CA LYS A 175 13.28 58.00 -10.51
C LYS A 175 11.94 57.39 -10.91
N GLU A 176 11.63 57.40 -12.21
CA GLU A 176 10.37 56.85 -12.67
C GLU A 176 10.28 55.35 -12.42
N TRP A 177 11.35 54.62 -12.75
CA TRP A 177 11.35 53.18 -12.54
C TRP A 177 11.59 52.80 -11.09
N GLN A 178 12.31 53.63 -10.34
CA GLN A 178 12.65 53.34 -8.96
C GLN A 178 13.40 52.01 -8.84
N LEU A 179 14.28 51.76 -9.81
CA LEU A 179 15.06 50.53 -9.85
C LEU A 179 16.31 50.66 -9.01
N LEU A 184 27.58 44.43 -10.57
CA LEU A 184 28.46 45.43 -11.19
C LEU A 184 27.71 46.21 -12.27
N LEU A 185 27.66 45.64 -13.47
CA LEU A 185 26.97 46.27 -14.59
C LEU A 185 26.94 45.27 -15.74
N ILE A 186 25.94 45.42 -16.60
CA ILE A 186 25.79 44.58 -17.78
C ILE A 186 25.24 45.45 -18.91
N SER A 187 25.76 45.23 -20.11
CA SER A 187 25.31 45.98 -21.28
C SER A 187 25.48 45.10 -22.51
N VAL A 188 24.44 45.04 -23.34
CA VAL A 188 24.43 44.24 -24.56
C VAL A 188 24.46 45.17 -25.75
N HIS A 189 25.43 44.97 -26.63
CA HIS A 189 25.59 45.78 -27.84
C HIS A 189 25.54 44.86 -29.05
N GLY A 190 24.69 45.21 -30.01
CA GLY A 190 24.54 44.42 -31.23
C GLY A 190 23.82 45.15 -32.33
N GLN A 203 20.77 28.95 -27.19
CA GLN A 203 19.69 29.10 -26.23
C GLN A 203 20.17 28.83 -24.81
N VAL A 204 20.99 27.79 -24.66
CA VAL A 204 21.51 27.45 -23.33
C VAL A 204 22.38 28.58 -22.80
N PHE A 205 23.23 29.15 -23.66
CA PHE A 205 24.08 30.26 -23.24
C PHE A 205 23.23 31.47 -22.84
N GLY A 206 22.19 31.76 -23.62
CA GLY A 206 21.32 32.87 -23.28
C GLY A 206 20.61 32.67 -21.95
N LYS A 207 20.12 31.45 -21.71
CA LYS A 207 19.47 31.16 -20.44
C LYS A 207 20.45 31.30 -19.28
N GLY A 208 21.68 30.81 -19.47
CA GLY A 208 22.69 30.95 -18.42
C GLY A 208 23.01 32.41 -18.13
N LEU A 209 23.11 33.23 -19.18
CA LEU A 209 23.39 34.65 -18.98
C LEU A 209 22.28 35.31 -18.19
N ILE A 210 21.02 35.00 -18.50
CA ILE A 210 19.91 35.57 -17.76
C ILE A 210 19.96 35.13 -16.30
N LYS A 211 20.24 33.85 -16.06
CA LYS A 211 20.33 33.37 -14.68
C LYS A 211 21.43 34.09 -13.92
N ALA A 212 22.58 34.29 -14.55
CA ALA A 212 23.65 35.04 -13.90
C ALA A 212 23.23 36.48 -13.63
N ALA A 213 22.58 37.11 -14.61
CA ALA A 213 22.14 38.50 -14.43
C ALA A 213 21.11 38.60 -13.32
N MET A 214 20.15 37.67 -13.28
CA MET A 214 19.13 37.71 -12.24
C MET A 214 19.74 37.53 -10.86
N THR A 215 20.68 36.60 -10.73
CA THR A 215 21.33 36.38 -9.44
C THR A 215 22.11 37.61 -9.01
N THR A 216 22.84 38.23 -9.95
CA THR A 216 23.59 39.44 -9.62
C THR A 216 22.67 40.65 -9.49
N GLY A 217 21.59 40.69 -10.26
CA GLY A 217 20.70 41.83 -10.24
C GLY A 217 21.21 43.04 -10.99
N ALA A 218 22.25 42.87 -11.80
CA ALA A 218 22.83 43.98 -12.56
C ALA A 218 21.92 44.33 -13.73
N TRP A 219 21.60 45.61 -13.88
CA TRP A 219 20.79 46.05 -15.00
C TRP A 219 21.51 45.80 -16.31
N ILE A 220 20.77 45.33 -17.32
CA ILE A 220 21.31 45.02 -18.63
C ILE A 220 20.99 46.18 -19.56
N PHE A 221 22.02 46.82 -20.09
CA PHE A 221 21.85 47.93 -21.02
C PHE A 221 21.80 47.36 -22.44
N THR A 222 20.62 47.42 -23.05
CA THR A 222 20.41 46.90 -24.40
C THR A 222 19.62 47.92 -25.21
N GLY A 223 19.72 47.80 -26.53
CA GLY A 223 19.02 48.72 -27.40
C GLY A 223 17.52 48.63 -27.19
N GLY A 224 16.85 49.78 -27.30
CA GLY A 224 15.41 49.86 -27.10
C GLY A 224 14.58 49.41 -28.27
N VAL A 225 15.20 49.06 -29.39
CA VAL A 225 14.49 48.58 -30.57
C VAL A 225 14.40 47.06 -30.48
N ASN A 226 13.18 46.53 -30.49
CA ASN A 226 12.99 45.09 -30.34
C ASN A 226 13.62 44.32 -31.49
N THR A 227 13.47 44.83 -32.72
CA THR A 227 13.97 44.12 -33.89
C THR A 227 15.49 44.02 -33.85
N GLY A 228 16.01 42.96 -34.47
CA GLY A 228 17.45 42.75 -34.55
C GLY A 228 17.98 41.93 -33.40
N VAL A 229 19.12 42.35 -32.83
CA VAL A 229 19.71 41.62 -31.72
C VAL A 229 18.76 41.57 -30.54
N ILE A 230 18.01 42.65 -30.29
CA ILE A 230 17.09 42.68 -29.17
C ILE A 230 16.05 41.57 -29.30
N ARG A 231 15.70 41.20 -30.53
CA ARG A 231 14.74 40.10 -30.72
C ARG A 231 15.27 38.82 -30.11
N HIS A 232 16.56 38.51 -30.36
CA HIS A 232 17.17 37.35 -29.71
C HIS A 232 17.22 37.53 -28.20
N VAL A 233 17.56 38.74 -27.73
CA VAL A 233 17.59 39.00 -26.30
C VAL A 233 16.19 38.86 -25.72
N GLY A 234 15.19 39.42 -26.40
CA GLY A 234 13.82 39.36 -25.90
C GLY A 234 13.24 37.96 -25.90
N ASP A 235 13.68 37.10 -26.83
CA ASP A 235 13.18 35.73 -26.86
C ASP A 235 13.54 35.00 -25.57
N ALA A 236 14.78 35.16 -25.11
CA ALA A 236 15.17 34.57 -23.83
C ALA A 236 14.56 35.32 -22.66
N LEU A 237 14.38 36.63 -22.79
CA LEU A 237 13.77 37.40 -21.71
C LEU A 237 12.35 36.92 -21.46
N LYS A 238 11.56 36.74 -22.52
CA LYS A 238 10.20 36.22 -22.35
C LYS A 238 10.21 34.80 -21.81
N ASP A 239 11.34 34.10 -21.94
CA ASP A 239 11.42 32.71 -21.49
C ASP A 239 11.28 32.61 -19.98
N HIS A 240 12.03 33.45 -19.24
CA HIS A 240 12.07 33.33 -17.78
C HIS A 240 12.07 34.65 -17.04
N ALA A 241 11.90 35.80 -17.71
CA ALA A 241 11.90 37.07 -16.99
C ALA A 241 10.74 37.14 -15.99
N SER A 242 9.53 36.84 -16.45
CA SER A 242 8.37 36.86 -15.56
C SER A 242 8.48 35.77 -14.50
N LYS A 243 8.93 34.58 -14.89
CA LYS A 243 9.05 33.47 -13.95
C LYS A 243 10.05 33.78 -12.85
N GLY A 246 12.11 38.22 -10.07
CA GLY A 246 13.03 39.26 -9.68
C GLY A 246 12.84 40.54 -10.47
N LYS A 247 12.37 40.41 -11.71
CA LYS A 247 12.13 41.54 -12.59
C LYS A 247 13.41 42.37 -12.76
N ILE A 248 14.41 41.74 -13.36
CA ILE A 248 15.70 42.38 -13.60
C ILE A 248 15.47 43.70 -14.34
N CYS A 249 16.04 44.78 -13.81
CA CYS A 249 15.83 46.11 -14.38
C CYS A 249 16.64 46.30 -15.65
N THR A 250 16.25 45.62 -16.73
CA THR A 250 16.92 45.79 -18.00
C THR A 250 16.76 47.22 -18.49
N ILE A 251 17.86 47.80 -18.98
CA ILE A 251 17.87 49.18 -19.44
C ILE A 251 17.71 49.19 -20.95
N GLY A 252 16.64 49.82 -21.42
CA GLY A 252 16.40 49.95 -22.85
C GLY A 252 16.53 51.38 -23.32
N ILE A 253 17.59 51.67 -24.08
CA ILE A 253 17.89 53.01 -24.56
C ILE A 253 17.83 53.00 -26.08
N ALA A 254 16.98 53.83 -26.65
CA ALA A 254 16.86 53.99 -28.09
C ALA A 254 16.60 55.45 -28.40
N PRO A 255 16.93 55.89 -29.62
CA PRO A 255 16.69 57.30 -29.97
C PRO A 255 15.21 57.65 -29.88
N TRP A 256 14.96 58.89 -29.44
CA TRP A 256 13.58 59.37 -29.36
C TRP A 256 12.94 59.48 -30.74
N GLY A 257 13.72 59.93 -31.74
CA GLY A 257 13.16 60.09 -33.07
C GLY A 257 12.68 58.79 -33.67
N ILE A 258 13.29 57.67 -33.30
CA ILE A 258 12.90 56.38 -33.84
C ILE A 258 11.45 56.04 -33.45
N VAL A 259 10.94 56.63 -32.38
CA VAL A 259 9.57 56.35 -31.95
C VAL A 259 8.62 56.78 -33.06
N GLU A 260 7.75 55.85 -33.47
CA GLU A 260 6.81 56.16 -34.53
C GLU A 260 5.84 57.26 -34.11
N ASN A 261 5.35 57.21 -32.88
CA ASN A 261 4.41 58.19 -32.35
C ASN A 261 5.15 59.09 -31.36
N GLN A 262 5.15 60.40 -31.64
CA GLN A 262 5.82 61.34 -30.75
C GLN A 262 5.16 61.37 -29.38
N GLU A 263 3.83 61.31 -29.34
CA GLU A 263 3.12 61.37 -28.06
C GLU A 263 3.51 60.20 -27.16
N ASP A 264 3.57 59.00 -27.72
CA ASP A 264 3.95 57.83 -26.92
C ASP A 264 5.37 57.97 -26.40
N LEU A 265 6.30 58.40 -27.25
CA LEU A 265 7.68 58.60 -26.81
C LEU A 265 7.78 59.71 -25.77
N ILE A 266 7.05 60.79 -25.97
CA ILE A 266 7.07 61.92 -25.05
C ILE A 266 8.46 62.54 -25.01
N HIS A 291 11.91 46.14 -21.83
CA HIS A 291 12.84 47.00 -21.11
C HIS A 291 12.08 47.94 -20.17
N SER A 292 12.76 48.38 -19.11
CA SER A 292 12.17 49.26 -18.12
C SER A 292 13.14 50.40 -17.83
N HIS A 293 12.59 51.51 -17.34
CA HIS A 293 13.36 52.71 -17.06
C HIS A 293 14.08 53.21 -18.32
N PHE A 294 13.39 53.14 -19.45
CA PHE A 294 13.95 53.58 -20.72
C PHE A 294 14.25 55.07 -20.69
N GLU A 308 23.97 60.57 -24.41
CA GLU A 308 23.51 59.20 -24.61
C GLU A 308 24.62 58.19 -24.28
N VAL A 309 25.55 58.00 -25.22
CA VAL A 309 26.64 57.07 -24.99
C VAL A 309 27.53 57.56 -23.85
N LYS A 310 27.84 58.86 -23.83
CA LYS A 310 28.62 59.41 -22.72
C LYS A 310 27.89 59.24 -21.40
N LEU A 311 26.56 59.31 -21.42
CA LEU A 311 25.79 59.04 -20.21
C LEU A 311 26.06 57.62 -19.70
N ARG A 312 26.06 56.64 -20.61
CA ARG A 312 26.37 55.27 -20.24
C ARG A 312 27.79 55.15 -19.71
N ARG A 313 28.75 55.82 -20.37
CA ARG A 313 30.13 55.76 -19.91
C ARG A 313 30.27 56.27 -18.48
N GLN A 314 29.69 57.44 -18.20
CA GLN A 314 29.84 58.01 -16.87
C GLN A 314 29.00 57.26 -15.83
N LEU A 315 27.89 56.65 -16.23
CA LEU A 315 27.16 55.80 -15.32
C LEU A 315 27.99 54.57 -14.93
N GLU A 316 28.68 53.98 -15.91
CA GLU A 316 29.59 52.89 -15.61
C GLU A 316 30.71 53.35 -14.68
N LYS A 317 31.25 54.53 -14.92
CA LYS A 317 32.29 55.06 -14.05
C LYS A 317 31.77 55.24 -12.63
N HIS A 318 30.57 55.80 -12.47
CA HIS A 318 29.99 55.97 -11.15
C HIS A 318 29.78 54.64 -10.46
N ILE A 319 29.27 53.65 -11.19
CA ILE A 319 29.04 52.33 -10.60
C ILE A 319 30.37 51.72 -10.14
N SER A 320 31.41 51.84 -10.96
CA SER A 320 32.71 51.31 -10.57
C SER A 320 33.29 52.07 -9.38
N LEU A 321 32.96 53.36 -9.24
CA LEU A 321 33.51 54.15 -8.14
C LEU A 321 33.10 53.59 -6.79
N GLN A 322 31.83 53.22 -6.64
CA GLN A 322 31.35 52.67 -5.38
C GLN A 322 31.99 51.32 -5.11
N LYS A 323 32.33 51.08 -3.85
CA LYS A 323 32.95 49.83 -3.45
C LYS A 323 31.95 48.68 -3.53
N VAL A 334 30.86 46.71 -14.34
CA VAL A 334 31.26 47.15 -15.67
C VAL A 334 31.51 45.95 -16.57
N VAL A 335 30.44 45.32 -17.02
CA VAL A 335 30.50 44.15 -17.89
C VAL A 335 29.79 44.49 -19.19
N ALA A 336 30.45 44.22 -20.31
CA ALA A 336 29.90 44.49 -21.63
C ALA A 336 29.83 43.20 -22.44
N LEU A 337 28.71 42.99 -23.11
CA LEU A 337 28.49 41.82 -23.94
C LEU A 337 28.21 42.28 -25.37
N ILE A 338 28.88 41.66 -26.33
CA ILE A 338 28.74 41.99 -27.74
C ILE A 338 28.01 40.86 -28.43
N VAL A 339 26.96 41.19 -29.18
CA VAL A 339 26.17 40.22 -29.92
C VAL A 339 26.22 40.64 -31.39
N GLU A 340 27.02 39.93 -32.18
CA GLU A 340 27.17 40.25 -33.60
C GLU A 340 27.71 41.65 -33.80
N VAL A 345 31.14 49.30 -33.60
CA VAL A 345 31.13 48.34 -32.51
C VAL A 345 32.56 48.14 -31.99
N ILE A 346 33.47 47.78 -32.89
CA ILE A 346 34.86 47.56 -32.49
C ILE A 346 35.47 48.86 -31.98
N SER A 347 35.19 49.97 -32.66
CA SER A 347 35.71 51.25 -32.21
C SER A 347 35.16 51.63 -30.84
N ILE A 348 33.87 51.38 -30.62
CA ILE A 348 33.27 51.68 -29.32
C ILE A 348 33.90 50.81 -28.24
N VAL A 349 34.13 49.53 -28.53
CA VAL A 349 34.75 48.64 -27.55
C VAL A 349 36.16 49.13 -27.22
N LEU A 350 36.92 49.51 -28.24
CA LEU A 350 38.28 50.00 -28.01
C LEU A 350 38.27 51.27 -27.17
N GLU A 351 37.35 52.19 -27.48
CA GLU A 351 37.28 53.44 -26.71
C GLU A 351 36.91 53.16 -25.26
N TYR A 352 35.95 52.27 -25.03
CA TYR A 352 35.57 51.93 -23.66
C TYR A 352 36.73 51.28 -22.92
N LEU A 353 37.46 50.40 -23.59
CA LEU A 353 38.62 49.77 -22.96
C LEU A 353 39.67 50.81 -22.59
N ARG A 354 39.95 51.74 -23.50
CA ARG A 354 40.96 52.76 -23.23
C ARG A 354 40.53 53.67 -22.08
N ASP A 355 39.26 54.05 -22.05
CA ASP A 355 38.80 55.00 -21.05
C ASP A 355 38.66 54.35 -19.68
N THR A 356 37.80 53.34 -19.57
CA THR A 356 37.62 52.67 -18.29
C THR A 356 38.88 51.87 -17.94
N PRO A 357 39.28 51.85 -16.66
CA PRO A 357 40.44 51.04 -16.28
C PRO A 357 40.24 49.58 -16.65
N PRO A 358 39.03 49.03 -16.48
CA PRO A 358 38.77 47.67 -16.95
C PRO A 358 38.23 47.64 -18.37
N VAL A 359 38.50 46.54 -19.05
CA VAL A 359 38.02 46.33 -20.41
C VAL A 359 37.67 44.86 -20.62
N PRO A 360 36.75 44.29 -19.83
CA PRO A 360 36.42 42.86 -19.97
C PRO A 360 35.29 42.63 -20.97
N VAL A 361 35.57 42.89 -22.25
CA VAL A 361 34.56 42.72 -23.29
C VAL A 361 34.30 41.25 -23.48
N VAL A 362 33.03 40.86 -23.42
CA VAL A 362 32.65 39.46 -23.60
C VAL A 362 32.78 39.08 -25.07
N VAL A 363 33.45 37.97 -25.33
CA VAL A 363 33.64 37.51 -26.70
C VAL A 363 32.29 37.20 -27.33
N CYS A 364 32.17 37.49 -28.63
CA CYS A 364 30.94 37.27 -29.38
C CYS A 364 31.20 36.24 -30.48
N ASP A 365 30.38 35.20 -30.51
CA ASP A 365 30.52 34.19 -31.55
C ASP A 365 30.02 34.67 -32.90
N GLY A 366 29.05 35.58 -32.91
CA GLY A 366 28.51 36.08 -34.16
C GLY A 366 29.57 36.82 -34.96
N SER A 367 29.47 36.70 -36.28
CA SER A 367 30.43 37.35 -37.17
C SER A 367 30.23 38.86 -37.16
N GLY A 368 31.31 39.57 -37.46
CA GLY A 368 31.29 41.02 -37.50
C GLY A 368 32.53 41.65 -36.90
N ARG A 369 32.38 42.86 -36.35
CA ARG A 369 33.51 43.51 -35.70
C ARG A 369 33.99 42.71 -34.50
N ALA A 370 33.05 42.14 -33.74
CA ALA A 370 33.42 41.30 -32.60
C ALA A 370 34.23 40.09 -33.06
N SER A 371 33.84 39.48 -34.18
CA SER A 371 34.59 38.34 -34.69
C SER A 371 36.01 38.75 -35.06
N ASP A 372 36.17 39.91 -35.71
CA ASP A 372 37.51 40.37 -36.06
C ASP A 372 38.33 40.64 -34.81
N ILE A 373 37.73 41.25 -33.79
CA ILE A 373 38.45 41.52 -32.55
C ILE A 373 38.88 40.22 -31.89
N LEU A 374 37.99 39.22 -31.86
CA LEU A 374 38.33 37.94 -31.26
C LEU A 374 39.46 37.27 -32.03
N ALA A 375 39.40 37.31 -33.36
CA ALA A 375 40.47 36.71 -34.16
C ALA A 375 41.80 37.41 -33.91
N PHE A 376 41.79 38.74 -33.83
CA PHE A 376 43.03 39.48 -33.56
C PHE A 376 43.58 39.12 -32.19
N GLY A 377 42.70 39.03 -31.19
CA GLY A 377 43.16 38.68 -29.85
C GLY A 377 43.74 37.27 -29.79
N HIS A 378 43.07 36.31 -30.42
CA HIS A 378 43.58 34.95 -30.44
C HIS A 378 44.92 34.87 -31.16
N LYS A 379 45.04 35.56 -32.29
CA LYS A 379 46.30 35.57 -33.03
C LYS A 379 47.33 36.50 -32.42
N TYR A 380 46.91 37.44 -31.58
CA TYR A 380 47.82 38.38 -30.95
C TYR A 380 48.56 39.21 -31.99
N SER A 390 49.97 37.81 -42.65
CA SER A 390 48.99 36.73 -42.54
C SER A 390 47.64 37.26 -42.10
N LEU A 391 47.59 37.80 -40.88
CA LEU A 391 46.33 38.35 -40.37
C LEU A 391 45.86 39.52 -41.22
N ARG A 392 46.78 40.39 -41.62
CA ARG A 392 46.40 41.52 -42.46
C ARG A 392 45.84 41.05 -43.80
N ASP A 393 46.46 40.03 -44.40
CA ASP A 393 45.96 39.53 -45.68
C ASP A 393 44.55 38.97 -45.54
N GLN A 394 44.30 38.21 -44.47
CA GLN A 394 42.96 37.68 -44.25
C GLN A 394 41.94 38.80 -44.04
N LEU A 395 42.33 39.83 -43.28
CA LEU A 395 41.44 40.96 -43.07
C LEU A 395 41.11 41.66 -44.38
N LEU A 396 42.12 41.84 -45.25
CA LEU A 396 41.86 42.45 -46.54
C LEU A 396 40.93 41.58 -47.39
N VAL A 397 41.13 40.26 -47.36
CA VAL A 397 40.24 39.37 -48.10
C VAL A 397 38.81 39.47 -47.60
N THR A 398 38.63 39.50 -46.28
CA THR A 398 37.31 39.60 -45.69
C THR A 398 36.67 40.95 -46.02
N GLN A 409 39.46 49.75 -45.34
CA GLN A 409 38.83 48.90 -44.33
C GLN A 409 39.86 47.97 -43.71
N ALA A 410 40.73 47.40 -44.54
CA ALA A 410 41.77 46.50 -44.04
C ALA A 410 42.71 47.24 -43.10
N GLN A 411 43.10 48.46 -43.44
CA GLN A 411 43.98 49.24 -42.57
C GLN A 411 43.30 49.52 -41.23
N HIS A 412 42.01 49.88 -41.25
CA HIS A 412 41.29 50.13 -40.01
C HIS A 412 41.20 48.86 -39.16
N LEU A 413 40.94 47.72 -39.80
CA LEU A 413 40.88 46.46 -39.06
C LEU A 413 42.23 46.13 -38.44
N PHE A 414 43.31 46.34 -39.19
CA PHE A 414 44.65 46.09 -38.64
C PHE A 414 44.94 47.01 -37.47
N ILE A 415 44.55 48.28 -37.58
CA ILE A 415 44.77 49.22 -36.48
C ILE A 415 43.98 48.79 -35.25
N ILE A 416 42.74 48.35 -35.44
CA ILE A 416 41.93 47.90 -34.32
C ILE A 416 42.56 46.66 -33.67
N LEU A 417 43.05 45.73 -34.50
CA LEU A 417 43.69 44.54 -33.96
C LEU A 417 44.95 44.90 -33.17
N MET A 418 45.74 45.84 -33.69
CA MET A 418 46.93 46.26 -32.96
C MET A 418 46.57 46.91 -31.63
N GLU A 419 45.53 47.75 -31.64
CA GLU A 419 45.10 48.40 -30.40
C GLU A 419 44.63 47.34 -29.39
N CYS A 420 43.89 46.34 -29.84
CA CYS A 420 43.46 45.27 -28.95
C CYS A 420 44.67 44.51 -28.40
N MET A 421 45.66 44.22 -29.26
CA MET A 421 46.87 43.56 -28.79
C MET A 421 47.60 44.40 -27.76
N LYS A 422 47.53 45.73 -27.89
CA LYS A 422 48.14 46.59 -26.88
C LYS A 422 47.51 46.35 -25.51
N LYS A 423 46.20 46.16 -25.47
CA LYS A 423 45.48 45.80 -24.25
C LYS A 423 45.21 44.30 -24.20
N LYS A 424 46.15 43.49 -24.70
CA LYS A 424 45.94 42.05 -24.76
C LYS A 424 45.66 41.47 -23.39
N GLU A 425 44.72 40.53 -23.33
CA GLU A 425 44.24 39.86 -22.14
C GLU A 425 43.29 40.75 -21.33
N LEU A 426 43.10 42.01 -21.72
CA LEU A 426 42.11 42.85 -21.06
C LEU A 426 40.70 42.45 -21.49
N ILE A 427 40.51 42.18 -22.78
CA ILE A 427 39.20 41.80 -23.29
C ILE A 427 38.86 40.41 -22.79
N THR A 428 37.66 40.25 -22.23
CA THR A 428 37.23 38.96 -21.73
C THR A 428 37.18 37.94 -22.86
N VAL A 429 37.71 36.75 -22.59
CA VAL A 429 37.73 35.67 -23.56
C VAL A 429 36.58 34.72 -23.23
N PHE A 430 35.71 34.50 -24.20
CA PHE A 430 34.54 33.64 -24.03
C PHE A 430 34.67 32.42 -24.93
N ARG A 431 34.54 31.23 -24.33
CA ARG A 431 34.63 29.98 -25.06
C ARG A 431 33.58 29.02 -24.53
N MET A 432 32.90 28.34 -25.45
CA MET A 432 31.86 27.39 -25.07
C MET A 432 32.46 26.20 -24.33
N ILE A 440 28.39 28.83 -19.05
CA ILE A 440 28.56 30.24 -19.38
C ILE A 440 28.65 31.07 -18.11
N ASP A 441 27.96 30.63 -17.06
CA ASP A 441 27.97 31.36 -15.80
C ASP A 441 29.37 31.43 -15.22
N LEU A 442 30.11 30.32 -15.26
CA LEU A 442 31.47 30.32 -14.74
C LEU A 442 32.36 31.27 -15.53
N ALA A 443 32.22 31.27 -16.86
CA ALA A 443 33.02 32.17 -17.68
C ALA A 443 32.69 33.63 -17.36
N ILE A 444 31.41 33.94 -17.20
CA ILE A 444 31.02 35.30 -16.86
C ILE A 444 31.59 35.70 -15.51
N LEU A 445 31.52 34.79 -14.53
CA LEU A 445 32.06 35.10 -13.21
C LEU A 445 33.56 35.35 -13.27
N THR A 446 34.29 34.52 -14.02
CA THR A 446 35.73 34.73 -14.16
C THR A 446 36.03 36.05 -14.84
N ALA A 447 35.26 36.40 -15.88
CA ALA A 447 35.47 37.67 -16.56
C ALA A 447 35.22 38.84 -15.63
N LEU A 448 34.16 38.77 -14.81
CA LEU A 448 33.88 39.84 -13.86
C LEU A 448 34.99 39.95 -12.82
N LEU A 449 35.48 38.81 -12.34
CA LEU A 449 36.56 38.83 -11.36
C LEU A 449 37.82 39.46 -11.96
N LYS A 450 38.15 39.10 -13.20
CA LYS A 450 39.31 39.70 -13.85
C LYS A 450 39.13 41.19 -14.05
N GLY A 451 37.94 41.62 -14.45
CA GLY A 451 37.67 43.03 -14.64
C GLY A 451 37.80 43.82 -13.35
N ALA A 452 37.29 43.25 -12.24
CA ALA A 452 37.40 43.93 -10.96
C ALA A 452 38.85 44.10 -10.55
N ASN A 453 39.67 43.08 -10.77
CA ASN A 453 41.09 43.15 -10.43
C ASN A 453 41.29 43.40 -8.95
N SER A 455 42.75 43.36 -4.74
CA SER A 455 43.41 42.70 -3.61
C SER A 455 42.78 41.33 -3.35
N ALA A 456 43.58 40.40 -2.85
CA ALA A 456 43.07 39.07 -2.55
C ALA A 456 41.91 39.11 -1.56
N PRO A 457 41.98 39.86 -0.45
CA PRO A 457 40.78 39.97 0.41
C PRO A 457 39.59 40.54 -0.33
N ASP A 458 39.81 41.50 -1.24
CA ASP A 458 38.69 42.04 -2.01
C ASP A 458 38.09 40.98 -2.91
N GLN A 459 38.92 40.17 -3.56
CA GLN A 459 38.41 39.09 -4.40
C GLN A 459 37.64 38.09 -3.56
N LEU A 460 38.14 37.75 -2.38
CA LEU A 460 37.44 36.82 -1.50
C LEU A 460 36.08 37.38 -1.08
N SER A 461 36.04 38.66 -0.73
CA SER A 461 34.76 39.28 -0.35
C SER A 461 33.78 39.28 -1.51
N LEU A 462 34.27 39.59 -2.71
CA LEU A 462 33.40 39.57 -3.88
C LEU A 462 32.86 38.17 -4.14
N ALA A 463 33.72 37.15 -4.01
CA ALA A 463 33.28 35.77 -4.20
C ALA A 463 32.23 35.38 -3.15
N LEU A 464 32.45 35.78 -1.90
CA LEU A 464 31.47 35.48 -0.85
C LEU A 464 30.14 36.17 -1.15
N ALA A 465 30.19 37.42 -1.61
CA ALA A 465 28.96 38.12 -1.98
C ALA A 465 28.25 37.39 -3.11
N TRP A 466 29.00 36.90 -4.10
CA TRP A 466 28.40 36.16 -5.19
C TRP A 466 27.74 34.87 -4.68
N ASN A 467 28.40 34.19 -3.74
CA ASN A 467 27.93 32.95 -3.12
C ASN A 467 28.09 31.75 -4.04
N ARG A 468 28.60 31.93 -5.26
CA ARG A 468 28.80 30.81 -6.19
C ARG A 468 30.06 30.06 -5.75
N VAL A 469 29.87 29.06 -4.90
CA VAL A 469 31.00 28.31 -4.37
C VAL A 469 31.76 27.62 -5.49
N ASP A 470 31.04 26.98 -6.40
CA ASP A 470 31.69 26.28 -7.51
C ASP A 470 32.49 27.25 -8.36
N ILE A 471 31.90 28.39 -8.70
CA ILE A 471 32.59 29.40 -9.49
C ILE A 471 33.70 30.06 -8.66
N ALA A 472 33.40 30.34 -7.39
CA ALA A 472 34.38 31.03 -6.54
C ALA A 472 35.63 30.18 -6.35
N ARG A 473 35.50 28.86 -6.35
CA ARG A 473 36.66 28.00 -6.12
C ARG A 473 37.71 28.19 -7.22
N SER A 474 37.28 28.26 -8.47
CA SER A 474 38.22 28.41 -9.57
C SER A 474 39.01 29.70 -9.44
N GLN A 475 38.32 30.80 -9.14
CA GLN A 475 39.01 32.08 -8.99
C GLN A 475 39.94 32.08 -7.79
N ILE A 476 39.47 31.56 -6.65
CA ILE A 476 40.30 31.54 -5.45
C ILE A 476 41.43 30.54 -5.59
N PHE A 477 41.14 29.36 -6.13
CA PHE A 477 42.13 28.30 -6.24
C PHE A 477 43.21 28.72 -7.23
N ILE A 478 44.40 29.03 -6.71
CA ILE A 478 45.54 29.42 -7.54
C ILE A 478 46.80 29.27 -6.71
N TYR A 479 47.94 29.17 -7.39
CA TYR A 479 49.22 29.01 -6.72
C TYR A 479 49.90 30.37 -6.54
N GLY A 480 50.76 30.44 -5.53
CA GLY A 480 51.47 31.69 -5.25
C GLY A 480 50.57 32.84 -4.93
N GLN A 481 49.53 32.60 -4.14
CA GLN A 481 48.59 33.64 -3.77
C GLN A 481 49.16 34.52 -2.66
N GLN A 482 48.52 35.66 -2.44
CA GLN A 482 48.94 36.58 -1.39
C GLN A 482 48.41 36.16 -0.03
N TRP A 483 47.08 36.13 0.12
CA TRP A 483 46.44 35.77 1.39
C TRP A 483 47.05 36.54 2.54
N PRO A 484 46.85 37.86 2.61
CA PRO A 484 47.41 38.63 3.73
C PRO A 484 46.83 38.16 5.05
N VAL A 485 47.67 38.21 6.09
CA VAL A 485 47.23 37.77 7.41
C VAL A 485 46.11 38.66 7.91
N GLY A 486 45.12 38.05 8.56
CA GLY A 486 43.97 38.75 9.10
C GLY A 486 42.75 38.72 8.20
N SER A 487 42.95 38.73 6.88
CA SER A 487 41.82 38.67 5.97
C SER A 487 41.07 37.35 6.10
N LEU A 488 41.80 36.25 6.30
CA LEU A 488 41.16 34.94 6.39
C LEU A 488 40.21 34.88 7.57
N GLU A 489 40.62 35.43 8.72
CA GLU A 489 39.76 35.39 9.90
C GLU A 489 38.47 36.16 9.67
N GLN A 490 38.58 37.37 9.11
CA GLN A 490 37.38 38.16 8.85
C GLN A 490 36.48 37.48 7.84
N ALA A 491 37.07 36.89 6.80
CA ALA A 491 36.27 36.18 5.79
C ALA A 491 35.54 34.99 6.42
N MET A 492 36.24 34.24 7.28
CA MET A 492 35.59 33.11 7.95
C MET A 492 34.47 33.58 8.86
N LEU A 493 34.68 34.67 9.59
CA LEU A 493 33.62 35.20 10.45
C LEU A 493 32.41 35.61 9.61
N ASP A 494 32.64 36.30 8.50
CA ASP A 494 31.54 36.70 7.64
C ASP A 494 30.80 35.49 7.07
N ALA A 495 31.55 34.48 6.64
CA ALA A 495 30.91 33.28 6.11
C ALA A 495 30.07 32.58 7.16
N LEU A 496 30.59 32.48 8.39
CA LEU A 496 29.83 31.85 9.47
C LEU A 496 28.57 32.64 9.77
N VAL A 497 28.66 33.98 9.78
CA VAL A 497 27.48 34.79 9.94
C VAL A 497 26.50 34.55 8.80
N LEU A 498 27.00 34.50 7.58
CA LEU A 498 26.16 34.21 6.43
C LEU A 498 25.74 32.74 6.43
N ASP A 499 24.65 32.46 5.72
CA ASP A 499 24.13 31.10 5.61
C ASP A 499 24.96 30.22 4.69
N ARG A 500 25.92 30.79 3.95
CA ARG A 500 26.72 30.02 3.03
C ARG A 500 27.45 28.90 3.76
N VAL A 501 27.46 27.71 3.17
CA VAL A 501 28.08 26.54 3.74
C VAL A 501 29.28 26.08 2.92
N ASP A 502 29.15 26.07 1.59
CA ASP A 502 30.26 25.65 0.74
C ASP A 502 31.47 26.56 0.92
N PHE A 503 31.25 27.85 1.18
CA PHE A 503 32.37 28.75 1.45
C PHE A 503 33.10 28.32 2.71
N VAL A 504 32.37 27.96 3.76
CA VAL A 504 33.01 27.52 5.00
C VAL A 504 33.76 26.22 4.77
N LYS A 505 33.17 25.31 3.99
CA LYS A 505 33.86 24.06 3.68
C LYS A 505 35.15 24.32 2.92
N LEU A 506 35.12 25.26 1.97
CA LEU A 506 36.34 25.62 1.26
C LEU A 506 37.38 26.20 2.19
N LEU A 507 36.95 27.06 3.13
CA LEU A 507 37.88 27.61 4.11
C LEU A 507 38.53 26.49 4.90
N ILE A 508 37.74 25.51 5.32
CA ILE A 508 38.29 24.37 6.05
C ILE A 508 39.30 23.63 5.18
N GLU A 509 38.96 23.39 3.91
CA GLU A 509 39.89 22.74 3.01
C GLU A 509 40.98 23.69 2.53
N ASN A 510 40.80 25.00 2.72
CA ASN A 510 41.81 25.97 2.31
C ASN A 510 42.90 26.16 3.35
N GLY A 511 42.84 25.45 4.48
CA GLY A 511 43.82 25.58 5.53
C GLY A 511 43.37 26.40 6.72
N VAL A 512 42.12 26.86 6.74
CA VAL A 512 41.61 27.63 7.87
C VAL A 512 41.31 26.68 9.02
N SER A 513 41.86 26.97 10.20
CA SER A 513 41.72 26.12 11.36
C SER A 513 40.66 26.70 12.29
N MET A 514 39.60 25.92 12.53
CA MET A 514 38.55 26.37 13.45
C MET A 514 39.10 26.51 14.87
N HIS A 515 39.97 25.59 15.28
CA HIS A 515 40.54 25.67 16.61
C HIS A 515 41.32 26.97 16.79
N ARG A 516 42.12 27.35 15.80
CA ARG A 516 42.83 28.63 15.87
C ARG A 516 41.84 29.79 15.74
N PHE A 517 40.84 29.64 14.88
CA PHE A 517 39.85 30.70 14.69
C PHE A 517 39.07 30.97 15.96
N LEU A 518 38.68 29.90 16.67
CA LEU A 518 37.81 30.06 17.83
C LEU A 518 38.43 30.98 18.87
N THR A 519 37.63 31.93 19.35
CA THR A 519 38.07 32.87 20.38
C THR A 519 36.84 33.39 21.10
N ILE A 520 37.07 33.90 22.32
CA ILE A 520 35.95 34.36 23.13
C ILE A 520 35.28 35.56 22.49
N SER A 521 36.07 36.55 22.05
CA SER A 521 35.49 37.76 21.47
C SER A 521 34.71 37.45 20.21
N ARG A 522 35.28 36.61 19.33
CA ARG A 522 34.59 36.25 18.10
C ARG A 522 33.27 35.56 18.39
N LEU A 523 33.27 34.61 19.33
CA LEU A 523 32.04 33.90 19.66
C LEU A 523 31.01 34.83 20.27
N GLU A 524 31.44 35.75 21.13
CA GLU A 524 30.51 36.71 21.71
C GLU A 524 29.89 37.60 20.65
N GLU A 525 30.71 38.07 19.71
CA GLU A 525 30.18 38.89 18.62
C GLU A 525 29.20 38.09 17.78
N LEU A 526 29.51 36.83 17.51
CA LEU A 526 28.60 35.97 16.75
C LEU A 526 27.27 35.81 17.49
N TYR A 527 27.33 35.57 18.79
CA TYR A 527 26.11 35.37 19.56
C TYR A 527 25.26 36.64 19.59
N ASN A 528 25.89 37.81 19.75
CA ASN A 528 25.16 39.06 19.89
C ASN A 528 24.73 39.66 18.56
N THR A 529 25.15 39.08 17.44
CA THR A 529 24.79 39.63 16.13
C THR A 529 23.33 39.34 15.81
N ARG A 530 22.68 40.28 15.13
CA ARG A 530 21.31 40.14 14.68
C ARG A 530 21.20 40.05 13.17
N HIS A 531 22.32 39.97 12.45
CA HIS A 531 22.31 39.91 10.99
C HIS A 531 22.15 38.46 10.55
N GLY A 532 20.91 38.00 10.56
CA GLY A 532 20.60 36.65 10.13
C GLY A 532 19.12 36.34 10.30
N PRO A 533 18.72 35.11 9.91
CA PRO A 533 17.33 34.67 10.02
C PRO A 533 16.78 34.81 11.44
N THR A 536 14.21 32.73 18.16
CA THR A 536 13.64 33.07 19.46
C THR A 536 14.72 33.16 20.52
N LEU A 537 15.98 33.29 20.09
CA LEU A 537 17.08 33.37 21.04
C LEU A 537 16.97 34.61 21.92
N TYR A 538 16.64 35.75 21.32
CA TYR A 538 16.60 37.00 22.08
C TYR A 538 15.53 36.95 23.16
N HIS A 539 14.30 36.58 22.79
CA HIS A 539 13.21 36.55 23.75
C HIS A 539 13.47 35.51 24.84
N LEU A 540 13.97 34.34 24.45
CA LEU A 540 14.25 33.30 25.44
C LEU A 540 15.34 33.74 26.41
N VAL A 541 16.39 34.39 25.90
CA VAL A 541 17.46 34.88 26.77
C VAL A 541 16.91 35.95 27.72
N ARG A 542 16.09 36.85 27.20
CA ARG A 542 15.51 37.89 28.05
C ARG A 542 14.66 37.29 29.15
N ASP A 543 13.83 36.30 28.81
CA ASP A 543 13.00 35.66 29.82
C ASP A 543 13.85 34.94 30.86
N VAL A 544 14.89 34.23 30.41
CA VAL A 544 15.74 33.50 31.34
C VAL A 544 16.58 34.48 32.17
N LYS A 545 17.15 35.48 31.52
CA LYS A 545 17.99 36.46 32.21
C LYS A 545 17.18 37.23 33.25
N PRO A 550 16.25 45.00 28.52
CA PRO A 550 17.66 45.14 28.11
C PRO A 550 17.87 44.88 26.62
N PRO A 551 17.24 45.69 25.77
CA PRO A 551 17.39 45.47 24.32
C PRO A 551 18.84 45.63 23.89
N ASP A 552 19.25 44.79 22.94
CA ASP A 552 20.60 44.80 22.40
C ASP A 552 21.65 44.64 23.51
N TYR A 553 21.32 43.87 24.55
CA TYR A 553 22.24 43.66 25.64
C TYR A 553 23.39 42.76 25.20
N ARG A 554 24.61 43.12 25.60
CA ARG A 554 25.79 42.34 25.25
C ARG A 554 25.71 40.95 25.88
N ILE A 555 25.55 39.92 25.04
CA ILE A 555 25.44 38.56 25.51
C ILE A 555 26.82 37.95 25.66
N SER A 556 27.05 37.27 26.77
CA SER A 556 28.32 36.63 27.06
C SER A 556 28.11 35.13 27.26
N LEU A 557 29.22 34.40 27.31
CA LEU A 557 29.13 32.96 27.46
C LEU A 557 28.41 32.56 28.74
N ILE A 558 28.48 33.40 29.78
CA ILE A 558 27.83 33.07 31.05
C ILE A 558 26.31 33.03 30.87
N ASP A 559 25.75 34.07 30.25
CA ASP A 559 24.30 34.10 30.05
C ASP A 559 23.84 32.99 29.12
N ILE A 560 24.62 32.71 28.06
CA ILE A 560 24.28 31.63 27.15
C ILE A 560 24.26 30.29 27.88
N GLY A 561 25.28 30.06 28.72
CA GLY A 561 25.29 28.83 29.50
C GLY A 561 24.12 28.75 30.48
N LEU A 562 23.78 29.89 31.08
CA LEU A 562 22.65 29.90 32.02
C LEU A 562 21.35 29.53 31.31
N VAL A 563 21.11 30.11 30.13
CA VAL A 563 19.89 29.78 29.40
C VAL A 563 19.93 28.34 28.91
N ILE A 564 21.12 27.85 28.54
CA ILE A 564 21.25 26.43 28.16
C ILE A 564 20.81 25.55 29.31
N GLU A 565 21.34 25.81 30.51
CA GLU A 565 20.97 25.01 31.68
C GLU A 565 19.47 25.13 31.95
N TYR A 566 18.91 26.34 31.81
CA TYR A 566 17.47 26.52 31.96
C TYR A 566 16.72 25.58 31.01
N LEU A 567 17.12 25.54 29.74
CA LEU A 567 16.38 24.75 28.77
C LEU A 567 16.56 23.26 28.99
N MET A 568 17.75 22.82 29.42
CA MET A 568 17.99 21.39 29.57
C MET A 568 17.04 20.77 30.60
N GLY A 569 16.87 21.44 31.73
CA GLY A 569 16.01 20.98 32.80
C GLY A 569 16.74 20.98 34.12
N GLY A 570 16.09 20.40 35.13
CA GLY A 570 16.68 20.35 36.45
C GLY A 570 17.75 19.28 36.56
N ALA A 571 18.58 19.44 37.59
CA ALA A 571 19.66 18.49 37.86
C ALA A 571 20.57 18.32 36.64
N TYR A 572 20.85 19.43 35.98
CA TYR A 572 21.72 19.45 34.80
C TYR A 572 22.83 20.47 35.01
N ARG A 573 23.87 20.35 34.20
CA ARG A 573 25.00 21.27 34.27
C ARG A 573 25.67 21.35 32.91
N CYS A 574 26.39 22.45 32.69
CA CYS A 574 27.16 22.66 31.48
C CYS A 574 28.57 23.10 31.85
N ASN A 575 29.56 22.62 31.12
CA ASN A 575 30.95 22.96 31.42
C ASN A 575 31.17 24.47 31.35
N TYR A 576 30.66 25.10 30.29
CA TYR A 576 30.76 26.55 30.18
C TYR A 576 29.75 27.25 31.08
N THR A 577 28.62 26.61 31.35
CA THR A 577 27.55 27.20 32.18
C THR A 577 27.82 26.89 33.65
N ARG A 578 28.83 27.56 34.19
CA ARG A 578 29.22 27.36 35.58
C ARG A 578 29.77 28.67 36.12
N LYS A 579 29.71 28.81 37.45
CA LYS A 579 30.19 30.03 38.09
C LYS A 579 31.68 30.23 37.85
N ARG A 580 32.46 29.15 37.93
CA ARG A 580 33.90 29.26 37.70
C ARG A 580 34.19 29.77 36.30
N PHE A 581 33.47 29.26 35.30
CA PHE A 581 33.65 29.76 33.94
C PHE A 581 33.29 31.22 33.84
N ARG A 582 32.20 31.63 34.49
CA ARG A 582 31.80 33.04 34.48
C ARG A 582 32.86 33.90 35.15
N THR A 583 33.41 33.44 36.27
CA THR A 583 34.47 34.21 36.94
C THR A 583 35.70 34.33 36.06
N LEU A 584 36.08 33.23 35.40
CA LEU A 584 37.23 33.27 34.50
C LEU A 584 36.97 34.24 33.33
N TYR A 585 35.76 34.20 32.77
CA TYR A 585 35.43 35.12 31.68
C TYR A 585 35.47 36.57 32.17
N HIS A 586 34.96 36.82 33.37
CA HIS A 586 34.99 38.17 33.92
C HIS A 586 36.42 38.66 34.10
N ASN A 587 37.29 37.80 34.61
CA ASN A 587 38.68 38.16 34.83
C ASN A 587 39.39 38.43 33.50
N ILE A 631 45.47 30.85 26.67
CA ILE A 631 45.00 30.12 25.51
C ILE A 631 43.68 30.69 25.03
N ASN A 632 42.68 30.68 25.91
CA ASN A 632 41.34 31.18 25.58
C ASN A 632 40.78 30.48 24.34
N HIS A 633 41.05 29.18 24.24
CA HIS A 633 40.60 28.38 23.10
C HIS A 633 39.80 27.20 23.63
N PHE A 634 38.63 26.97 23.05
CA PHE A 634 37.80 25.84 23.45
C PHE A 634 38.45 24.54 23.01
N PRO A 635 38.70 23.59 23.91
CA PRO A 635 39.28 22.31 23.46
C PRO A 635 38.42 21.58 22.44
N PHE A 636 37.10 21.75 22.51
CA PHE A 636 36.17 21.10 21.58
C PHE A 636 35.28 22.18 20.98
N PRO A 637 35.80 22.96 20.02
CA PRO A 637 34.98 24.02 19.42
C PRO A 637 33.73 23.50 18.73
N PHE A 638 33.77 22.28 18.19
CA PHE A 638 32.61 21.74 17.48
C PHE A 638 31.39 21.71 18.38
N HIS A 639 31.58 21.38 19.66
CA HIS A 639 30.44 21.30 20.58
C HIS A 639 29.75 22.65 20.69
N GLU A 640 30.51 23.71 20.97
CA GLU A 640 29.93 25.04 21.11
C GLU A 640 29.32 25.51 19.80
N LEU A 641 30.00 25.24 18.68
CA LEU A 641 29.47 25.65 17.38
C LEU A 641 28.14 24.98 17.09
N MET A 642 28.03 23.69 17.36
CA MET A 642 26.77 22.97 17.13
C MET A 642 25.68 23.48 18.08
N VAL A 643 26.04 23.74 19.34
CA VAL A 643 25.06 24.26 20.29
C VAL A 643 24.51 25.60 19.79
N TRP A 644 25.40 26.48 19.32
CA TRP A 644 24.95 27.76 18.79
C TRP A 644 24.09 27.56 17.54
N ALA A 645 24.51 26.67 16.64
CA ALA A 645 23.79 26.49 15.39
C ALA A 645 22.37 26.02 15.66
N VAL A 646 22.19 25.08 16.59
CA VAL A 646 20.85 24.66 16.96
C VAL A 646 20.12 25.75 17.73
N LEU A 647 20.85 26.59 18.45
CA LEU A 647 20.21 27.66 19.21
C LEU A 647 19.54 28.67 18.30
N MET A 648 20.18 29.03 17.19
CA MET A 648 19.69 30.04 16.28
C MET A 648 18.88 29.45 15.13
N LYS A 649 18.59 28.16 15.16
CA LYS A 649 17.73 27.51 14.17
C LYS A 649 18.38 27.53 12.78
N ARG A 650 19.63 27.07 12.71
CA ARG A 650 20.35 26.88 11.45
C ARG A 650 20.61 25.38 11.33
N GLN A 651 19.88 24.73 10.43
CA GLN A 651 19.83 23.27 10.44
C GLN A 651 20.95 22.65 9.60
N LYS A 652 21.16 23.16 8.39
CA LYS A 652 22.17 22.57 7.52
C LYS A 652 23.57 22.71 8.12
N MET A 653 23.87 23.86 8.71
CA MET A 653 25.16 24.01 9.36
C MET A 653 25.30 23.07 10.54
N ALA A 654 24.21 22.87 11.30
CA ALA A 654 24.26 21.90 12.39
C ALA A 654 24.54 20.50 11.87
N LEU A 655 23.92 20.13 10.75
CA LEU A 655 24.17 18.82 10.14
C LEU A 655 25.64 18.69 9.75
N PHE A 656 26.18 19.72 9.10
CA PHE A 656 27.58 19.65 8.69
C PHE A 656 28.50 19.52 9.90
N PHE A 657 28.25 20.31 10.95
CA PHE A 657 29.08 20.25 12.15
C PHE A 657 28.99 18.88 12.80
N TRP A 658 27.79 18.32 12.88
CA TRP A 658 27.64 16.96 13.39
C TRP A 658 28.34 15.94 12.51
N GLN A 659 28.51 16.24 11.23
CA GLN A 659 29.23 15.32 10.34
C GLN A 659 30.67 15.13 10.79
N HIS A 660 31.25 16.11 11.46
CA HIS A 660 32.63 16.03 11.97
C HIS A 660 32.62 16.50 13.41
N GLY A 661 32.73 15.56 14.34
CA GLY A 661 32.79 15.90 15.75
C GLY A 661 33.04 14.68 16.59
N GLU A 662 33.54 14.93 17.81
CA GLU A 662 33.77 13.86 18.78
C GLU A 662 32.55 13.69 19.66
N GLU A 663 32.24 12.43 19.98
CA GLU A 663 31.06 12.10 20.77
C GLU A 663 29.79 12.62 20.09
N ALA A 664 29.62 12.21 18.84
CA ALA A 664 28.50 12.69 18.04
C ALA A 664 27.17 12.28 18.65
N MET A 665 27.08 11.04 19.17
CA MET A 665 25.81 10.57 19.72
C MET A 665 25.34 11.45 20.87
N ALA A 666 26.26 11.82 21.77
CA ALA A 666 25.89 12.67 22.89
C ALA A 666 25.37 14.02 22.40
N LYS A 667 26.04 14.62 21.43
CA LYS A 667 25.59 15.90 20.90
C LYS A 667 24.23 15.77 20.22
N ALA A 668 24.03 14.69 19.46
CA ALA A 668 22.77 14.52 18.76
C ALA A 668 21.60 14.43 19.73
N LEU A 669 21.76 13.67 20.82
CA LEU A 669 20.70 13.57 21.81
C LEU A 669 20.43 14.91 22.47
N VAL A 670 21.50 15.67 22.77
CA VAL A 670 21.32 16.99 23.36
C VAL A 670 20.52 17.89 22.43
N ALA A 671 20.84 17.84 21.13
CA ALA A 671 20.11 18.66 20.17
C ALA A 671 18.63 18.31 20.15
N CYS A 672 18.31 17.01 20.17
CA CYS A 672 16.91 16.61 20.21
C CYS A 672 16.23 17.11 21.48
N LYS A 673 16.92 17.03 22.61
CA LYS A 673 16.37 17.57 23.85
C LYS A 673 16.15 19.08 23.74
N LEU A 674 17.13 19.78 23.16
CA LEU A 674 17.01 21.23 23.03
C LEU A 674 15.85 21.61 22.11
N CYS A 675 15.70 20.91 20.99
CA CYS A 675 14.64 21.25 20.05
C CYS A 675 13.26 21.07 20.68
N LYS A 676 13.05 19.94 21.36
CA LYS A 676 11.76 19.72 22.02
C LYS A 676 11.50 20.75 23.10
N ALA A 677 12.51 21.04 23.93
CA ALA A 677 12.34 22.01 24.99
C ALA A 677 12.02 23.38 24.44
N MET A 678 12.72 23.80 23.38
CA MET A 678 12.45 25.09 22.78
C MET A 678 11.03 25.15 22.23
N ALA A 679 10.58 24.06 21.59
CA ALA A 679 9.23 24.03 21.04
C ALA A 679 8.19 24.17 22.14
N HIS A 680 8.36 23.42 23.24
CA HIS A 680 7.42 23.49 24.35
C HIS A 680 7.38 24.89 24.96
N GLU A 681 8.56 25.50 25.14
CA GLU A 681 8.62 26.84 25.70
C GLU A 681 7.93 27.85 24.77
N ALA A 682 8.16 27.72 23.47
CA ALA A 682 7.56 28.62 22.50
C ALA A 682 6.09 28.30 22.30
N ASP A 690 5.72 27.95 12.73
CA ASP A 690 7.11 27.53 12.58
C ASP A 690 7.55 26.70 13.78
N ILE A 691 7.03 27.04 14.96
CA ILE A 691 7.37 26.30 16.18
C ILE A 691 6.90 24.85 16.05
N SER A 692 5.69 24.65 15.56
CA SER A 692 5.19 23.30 15.34
C SER A 692 6.00 22.58 14.26
N GLN A 693 6.36 23.30 13.20
CA GLN A 693 7.09 22.68 12.10
C GLN A 693 8.46 22.19 12.54
N GLU A 694 9.22 23.05 13.22
CA GLU A 694 10.55 22.66 13.66
C GLU A 694 10.49 21.54 14.69
N LEU A 695 9.49 21.58 15.58
CA LEU A 695 9.35 20.53 16.58
C LEU A 695 9.15 19.18 15.93
N ASN A 696 8.29 19.10 14.93
CA ASN A 696 8.01 17.83 14.28
C ASN A 696 9.21 17.32 13.51
N HIS A 697 9.96 18.22 12.87
CA HIS A 697 11.06 17.84 12.00
C HIS A 697 12.41 17.86 12.72
N ASN A 698 12.78 19.01 13.28
CA ASN A 698 14.14 19.16 13.81
C ASN A 698 14.43 18.17 14.91
N SER A 699 13.57 18.10 15.93
CA SER A 699 13.81 17.18 17.03
C SER A 699 13.75 15.73 16.57
N ARG A 700 12.77 15.40 15.73
CA ARG A 700 12.65 14.03 15.23
C ARG A 700 13.87 13.64 14.43
N ASP A 701 14.37 14.53 13.57
CA ASP A 701 15.51 14.21 12.74
C ASP A 701 16.74 13.92 13.59
N PHE A 702 17.01 14.75 14.61
CA PHE A 702 18.15 14.49 15.48
C PHE A 702 18.01 13.14 16.18
N GLY A 703 16.82 12.83 16.69
CA GLY A 703 16.63 11.54 17.34
C GLY A 703 16.83 10.39 16.38
N GLN A 704 16.33 10.51 15.16
CA GLN A 704 16.51 9.45 14.17
C GLN A 704 17.98 9.25 13.86
N LEU A 705 18.74 10.33 13.73
CA LEU A 705 20.17 10.21 13.47
C LEU A 705 20.87 9.47 14.61
N ALA A 706 20.52 9.79 15.85
CA ALA A 706 21.12 9.10 16.98
C ALA A 706 20.78 7.61 16.96
N VAL A 707 19.54 7.27 16.63
CA VAL A 707 19.14 5.87 16.57
C VAL A 707 19.93 5.15 15.47
N GLU A 708 20.06 5.77 14.30
CA GLU A 708 20.81 5.16 13.22
C GLU A 708 22.27 4.95 13.61
N LEU A 709 22.86 5.94 14.27
CA LEU A 709 24.24 5.79 14.73
C LEU A 709 24.37 4.65 15.73
N LEU A 710 23.41 4.53 16.66
CA LEU A 710 23.43 3.42 17.60
C LEU A 710 23.32 2.09 16.86
N ASP A 711 22.43 2.00 15.87
CA ASP A 711 22.26 0.75 15.15
C ASP A 711 23.55 0.35 14.43
N GLN A 712 24.21 1.31 13.79
CA GLN A 712 25.46 1.00 13.08
C GLN A 712 26.53 0.53 14.05
N SER A 713 26.66 1.21 15.20
CA SER A 713 27.67 0.82 16.17
C SER A 713 27.44 -0.59 16.68
N TYR A 714 26.18 -0.95 16.94
CA TYR A 714 25.87 -2.30 17.38
C TYR A 714 26.25 -3.33 16.32
N LYS A 715 25.97 -3.02 15.05
CA LYS A 715 26.37 -3.93 13.97
C LYS A 715 27.88 -4.10 13.92
N GLN A 716 28.62 -2.99 14.03
CA GLN A 716 30.08 -3.08 13.98
C GLN A 716 30.62 -3.86 15.16
N ASP A 717 30.11 -3.60 16.37
CA ASP A 717 30.60 -4.29 17.56
C ASP A 717 29.57 -4.10 18.66
N GLU A 718 29.06 -5.21 19.20
CA GLU A 718 28.09 -5.14 20.28
C GLU A 718 28.73 -4.67 21.57
N GLN A 719 29.90 -5.23 21.91
CA GLN A 719 30.55 -4.88 23.16
C GLN A 719 30.94 -3.41 23.20
N LEU A 720 31.52 -2.90 22.11
CA LEU A 720 31.91 -1.50 22.06
C LEU A 720 30.71 -0.58 22.10
N ALA A 721 29.62 -0.96 21.43
CA ALA A 721 28.40 -0.16 21.51
C ALA A 721 27.86 -0.11 22.93
N MET A 722 27.85 -1.25 23.62
CA MET A 722 27.40 -1.28 25.01
C MET A 722 28.28 -0.39 25.88
N LYS A 723 29.60 -0.47 25.68
CA LYS A 723 30.50 0.37 26.46
C LYS A 723 30.27 1.85 26.18
N LEU A 724 30.05 2.19 24.91
CA LEU A 724 29.82 3.59 24.55
C LEU A 724 28.53 4.12 25.17
N LEU A 725 27.49 3.27 25.21
CA LEU A 725 26.21 3.74 25.73
C LEU A 725 26.32 4.33 27.13
N THR A 726 27.23 3.81 27.96
CA THR A 726 27.36 4.23 29.34
C THR A 726 28.82 4.57 29.64
N TYR A 727 29.10 5.86 29.80
CA TYR A 727 30.40 6.31 30.28
C TYR A 727 30.29 7.80 30.59
N GLU A 728 30.97 8.22 31.65
CA GLU A 728 30.87 9.60 32.11
C GLU A 728 31.40 10.56 31.06
N LEU A 729 30.68 11.67 30.87
CA LEU A 729 31.06 12.72 29.93
C LEU A 729 31.44 13.96 30.74
N LYS A 730 32.74 14.29 30.75
CA LYS A 730 33.16 15.49 31.45
C LYS A 730 32.57 16.73 30.82
N ASN A 731 32.44 16.75 29.49
CA ASN A 731 31.91 17.93 28.80
C ASN A 731 30.48 18.21 29.20
N TRP A 732 29.65 17.17 29.30
CA TRP A 732 28.21 17.31 29.49
C TRP A 732 27.78 17.02 30.93
N SER A 733 28.57 17.46 31.90
CA SER A 733 28.22 17.33 33.31
C SER A 733 28.09 15.87 33.73
N ASN A 734 28.82 14.97 33.07
CA ASN A 734 28.88 13.56 33.44
C ASN A 734 27.49 12.93 33.43
N ALA A 735 26.89 12.90 32.24
CA ALA A 735 25.60 12.26 32.01
C ALA A 735 25.76 11.27 30.86
N THR A 736 25.36 10.03 31.09
CA THR A 736 25.48 9.00 30.06
C THR A 736 24.42 9.18 28.98
N CYS A 737 24.63 8.47 27.86
CA CYS A 737 23.69 8.57 26.75
C CYS A 737 22.29 8.15 27.17
N LEU A 738 22.19 7.12 28.02
CA LEU A 738 20.87 6.65 28.44
C LEU A 738 20.12 7.73 29.20
N GLN A 739 20.80 8.45 30.10
CA GLN A 739 20.14 9.51 30.85
C GLN A 739 19.65 10.61 29.92
N LEU A 740 20.45 10.99 28.93
CA LEU A 740 20.03 12.02 27.98
C LEU A 740 18.83 11.54 27.17
N ALA A 741 18.85 10.28 26.73
CA ALA A 741 17.72 9.75 25.98
C ALA A 741 16.45 9.76 26.82
N VAL A 742 16.56 9.37 28.09
CA VAL A 742 15.41 9.36 28.97
C VAL A 742 14.88 10.78 29.17
N ALA A 743 15.79 11.74 29.38
CA ALA A 743 15.38 13.13 29.54
C ALA A 743 14.65 13.62 28.30
N ALA A 744 15.15 13.28 27.11
CA ALA A 744 14.48 13.61 25.87
C ALA A 744 13.24 12.77 25.63
N LYS A 745 13.02 11.73 26.43
CA LYS A 745 11.86 10.85 26.28
C LYS A 745 11.83 10.20 24.90
N HIS A 746 13.01 9.91 24.34
CA HIS A 746 13.10 9.27 23.03
C HIS A 746 12.94 7.76 23.22
N ARG A 747 11.69 7.31 23.10
CA ARG A 747 11.41 5.89 23.34
C ARG A 747 12.12 4.99 22.34
N ASP A 748 12.38 5.49 21.13
CA ASP A 748 13.02 4.66 20.11
C ASP A 748 14.41 4.24 20.55
N PHE A 749 15.18 5.16 21.13
CA PHE A 749 16.54 4.83 21.55
C PHE A 749 16.53 3.74 22.61
N ILE A 750 15.64 3.85 23.61
CA ILE A 750 15.58 2.86 24.67
C ILE A 750 15.09 1.53 24.13
N ALA A 751 14.15 1.56 23.18
CA ALA A 751 13.57 0.34 22.65
C ALA A 751 14.55 -0.49 21.84
N HIS A 752 15.71 0.06 21.51
CA HIS A 752 16.69 -0.68 20.72
C HIS A 752 17.16 -1.92 21.49
N THR A 753 17.57 -2.94 20.73
CA THR A 753 17.92 -4.22 21.33
C THR A 753 19.07 -4.09 22.32
N CYS A 754 20.10 -3.31 21.96
CA CYS A 754 21.26 -3.17 22.83
C CYS A 754 20.87 -2.51 24.15
N SER A 755 20.05 -1.46 24.10
CA SER A 755 19.63 -0.79 25.32
C SER A 755 18.82 -1.72 26.22
N GLN A 756 17.90 -2.48 25.62
CA GLN A 756 17.12 -3.41 26.42
C GLN A 756 17.99 -4.51 27.02
N MET A 757 18.98 -4.98 26.27
CA MET A 757 19.90 -5.97 26.79
C MET A 757 20.67 -5.42 28.00
N LEU A 758 21.16 -4.19 27.88
CA LEU A 758 21.88 -3.58 28.99
C LEU A 758 20.97 -3.39 30.20
N LEU A 759 19.73 -2.97 29.97
CA LEU A 759 18.80 -2.79 31.07
C LEU A 759 18.51 -4.12 31.76
N THR A 760 18.34 -5.19 30.98
CA THR A 760 18.10 -6.51 31.56
C THR A 760 19.30 -6.98 32.36
N ASP A 761 20.51 -6.75 31.84
CA ASP A 761 21.71 -7.13 32.58
C ASP A 761 21.80 -6.37 33.89
N MET A 762 21.50 -5.07 33.86
CA MET A 762 21.51 -4.28 35.09
C MET A 762 20.47 -4.78 36.08
N TRP A 763 19.26 -5.09 35.59
CA TRP A 763 18.19 -5.54 36.47
C TRP A 763 18.53 -6.88 37.11
N MET A 764 19.10 -7.81 36.33
CA MET A 764 19.50 -9.09 36.90
C MET A 764 20.72 -8.96 37.80
N GLY A 765 21.45 -7.86 37.72
CA GLY A 765 22.58 -7.67 38.59
C GLY A 765 23.71 -8.65 38.28
N ARG A 766 24.49 -8.96 39.32
CA ARG A 766 25.61 -9.87 39.14
C ARG A 766 25.15 -11.25 38.71
N LEU A 767 24.06 -11.75 39.31
CA LEU A 767 23.54 -13.06 38.96
C LEU A 767 23.17 -13.11 37.49
N ARG A 768 23.54 -14.20 36.84
CA ARG A 768 23.31 -14.39 35.41
C ARG A 768 22.07 -15.23 35.11
N MET A 769 21.34 -15.65 36.13
CA MET A 769 20.15 -16.47 35.90
C MET A 769 19.14 -15.70 35.05
N ARG A 770 18.52 -16.41 34.10
CA ARG A 770 17.53 -15.80 33.22
C ARG A 770 16.29 -16.65 33.00
N LYS A 771 16.19 -17.82 33.64
CA LYS A 771 15.04 -18.70 33.51
C LYS A 771 14.33 -18.81 34.85
N ASN A 772 13.02 -18.62 34.85
CA ASN A 772 12.21 -18.66 36.07
C ASN A 772 12.79 -17.70 37.12
N SER A 773 13.10 -16.49 36.67
CA SER A 773 13.75 -15.52 37.55
C SER A 773 12.87 -15.16 38.74
N GLY A 774 11.57 -14.97 38.51
CA GLY A 774 10.69 -14.60 39.62
C GLY A 774 10.62 -15.68 40.69
N LEU A 775 10.44 -16.93 40.27
CA LEU A 775 10.38 -18.03 41.22
C LEU A 775 11.71 -18.18 41.97
N LYS A 776 12.82 -18.06 41.26
CA LYS A 776 14.13 -18.17 41.89
C LYS A 776 14.32 -17.07 42.94
N VAL A 777 13.94 -15.83 42.60
CA VAL A 777 14.07 -14.73 43.54
C VAL A 777 13.18 -14.95 44.76
N ILE A 778 11.95 -15.43 44.53
CA ILE A 778 11.04 -15.69 45.64
C ILE A 778 11.63 -16.76 46.57
N LEU A 779 12.16 -17.83 45.99
CA LEU A 779 12.77 -18.89 46.79
C LEU A 779 13.97 -18.36 47.56
N GLY A 780 14.81 -17.55 46.91
CA GLY A 780 15.96 -17.00 47.61
C GLY A 780 15.57 -16.13 48.78
N ILE A 781 14.53 -15.30 48.60
CA ILE A 781 14.03 -14.47 49.70
C ILE A 781 13.50 -15.35 50.81
N LEU A 782 12.74 -16.40 50.46
CA LEU A 782 12.14 -17.26 51.47
C LEU A 782 13.20 -18.08 52.22
N LEU A 783 14.19 -18.61 51.49
CA LEU A 783 15.20 -19.51 52.06
C LEU A 783 16.58 -18.98 51.70
N PRO A 784 17.07 -17.97 52.41
CA PRO A 784 18.40 -17.42 52.10
C PRO A 784 19.48 -18.47 52.23
N PRO A 785 19.65 -19.10 53.40
CA PRO A 785 20.85 -19.91 53.62
C PRO A 785 21.00 -21.07 52.64
N SER A 786 19.90 -21.68 52.21
CA SER A 786 19.97 -22.80 51.27
C SER A 786 19.96 -22.35 49.83
N ILE A 787 19.11 -21.37 49.48
CA ILE A 787 18.97 -20.96 48.09
C ILE A 787 20.23 -20.23 47.62
N LEU A 788 20.72 -19.28 48.43
CA LEU A 788 21.73 -18.34 47.95
C LEU A 788 22.97 -19.06 47.41
N SER A 789 23.41 -20.11 48.09
CA SER A 789 24.64 -20.78 47.67
C SER A 789 24.53 -21.31 46.24
N LEU A 790 23.40 -21.94 45.91
CA LEU A 790 23.22 -22.45 44.55
C LEU A 790 22.90 -21.32 43.58
N GLU A 791 22.11 -20.33 44.01
CA GLU A 791 21.72 -19.25 43.12
C GLU A 791 22.91 -18.39 42.71
N PHE A 792 23.96 -18.38 43.53
CA PHE A 792 25.14 -17.59 43.18
C PHE A 792 25.74 -18.02 41.86
N LYS A 793 25.83 -19.34 41.63
CA LYS A 793 26.39 -19.84 40.38
C LYS A 793 25.55 -19.41 39.19
N ASN A 794 24.22 -19.48 39.31
CA ASN A 794 23.33 -19.10 38.24
C ASN A 794 23.14 -17.59 38.20
N GLY A 861 28.97 -16.11 52.50
CA GLY A 861 30.15 -15.52 51.89
C GLY A 861 29.84 -14.34 51.00
N ARG A 862 30.69 -14.11 50.00
CA ARG A 862 30.48 -13.00 49.07
C ARG A 862 29.27 -13.25 48.17
N LYS A 863 28.96 -14.51 47.91
CA LYS A 863 27.83 -14.82 47.04
C LYS A 863 26.53 -14.28 47.62
N ILE A 864 26.32 -14.47 48.93
CA ILE A 864 25.10 -13.98 49.56
C ILE A 864 25.03 -12.46 49.48
N TYR A 865 26.15 -11.78 49.70
CA TYR A 865 26.16 -10.32 49.67
C TYR A 865 25.84 -9.81 48.27
N GLU A 866 26.50 -10.35 47.24
CA GLU A 866 26.22 -9.91 45.89
C GLU A 866 24.81 -10.27 45.45
N PHE A 867 24.27 -11.37 45.98
CA PHE A 867 22.88 -11.73 45.71
C PHE A 867 21.94 -10.69 46.31
N TYR A 868 22.18 -10.29 47.56
CA TYR A 868 21.34 -9.29 48.19
C TYR A 868 21.41 -7.96 47.47
N ASN A 869 22.62 -7.54 47.06
CA ASN A 869 22.78 -6.23 46.45
C ASN A 869 22.09 -6.12 45.10
N ALA A 870 21.67 -7.23 44.50
CA ALA A 870 21.01 -7.16 43.20
C ALA A 870 19.67 -6.44 43.34
N PRO A 871 19.30 -5.60 42.36
CA PRO A 871 18.04 -4.85 42.48
C PRO A 871 16.79 -5.73 42.51
N ILE A 872 16.80 -6.87 41.84
CA ILE A 872 15.59 -7.70 41.74
C ILE A 872 15.20 -8.23 43.12
N VAL A 873 16.18 -8.72 43.88
CA VAL A 873 15.87 -9.23 45.22
C VAL A 873 15.41 -8.08 46.12
N LYS A 874 15.98 -6.89 45.94
CA LYS A 874 15.49 -5.73 46.66
C LYS A 874 14.02 -5.45 46.33
N PHE A 875 13.67 -5.56 45.05
CA PHE A 875 12.30 -5.33 44.62
C PHE A 875 11.35 -6.32 45.29
N TRP A 876 11.72 -7.60 45.29
CA TRP A 876 10.87 -8.60 45.91
C TRP A 876 10.79 -8.41 47.42
N PHE A 877 11.91 -8.04 48.05
CA PHE A 877 11.92 -7.76 49.48
C PHE A 877 10.96 -6.62 49.82
N TYR A 878 11.02 -5.54 49.05
CA TYR A 878 10.13 -4.41 49.27
C TYR A 878 8.68 -4.81 49.05
N THR A 879 8.42 -5.62 48.02
CA THR A 879 7.05 -6.06 47.75
C THR A 879 6.49 -6.86 48.93
N LEU A 880 7.30 -7.79 49.45
CA LEU A 880 6.83 -8.61 50.58
C LEU A 880 6.63 -7.75 51.82
N ALA A 881 7.54 -6.81 52.08
CA ALA A 881 7.36 -5.93 53.23
C ALA A 881 6.10 -5.09 53.08
N TYR A 882 5.82 -4.61 51.86
CA TYR A 882 4.61 -3.83 51.63
C TYR A 882 3.36 -4.68 51.84
N ILE A 883 3.40 -5.94 51.42
CA ILE A 883 2.25 -6.82 51.64
C ILE A 883 2.02 -7.03 53.12
N GLY A 884 3.10 -7.26 53.88
CA GLY A 884 2.95 -7.40 55.32
C GLY A 884 2.38 -6.14 55.97
N TYR A 885 2.87 -4.98 55.52
CA TYR A 885 2.34 -3.72 56.03
C TYR A 885 0.86 -3.58 55.72
N LEU A 886 0.45 -3.97 54.50
CA LEU A 886 -0.96 -3.90 54.14
C LEU A 886 -1.80 -4.79 55.04
N MET A 887 -1.32 -6.02 55.28
CA MET A 887 -2.08 -6.94 56.12
C MET A 887 -2.21 -6.41 57.54
N LEU A 888 -1.13 -5.87 58.09
CA LEU A 888 -1.19 -5.30 59.44
C LEU A 888 -2.15 -4.12 59.48
N PHE A 889 -2.10 -3.26 58.45
CA PHE A 889 -3.00 -2.12 58.40
C PHE A 889 -4.46 -2.58 58.36
N ASN A 890 -4.74 -3.61 57.57
CA ASN A 890 -6.09 -4.15 57.52
C ASN A 890 -6.52 -4.68 58.88
N TYR A 891 -5.62 -5.40 59.56
CA TYR A 891 -5.97 -5.94 60.87
C TYR A 891 -6.13 -4.87 61.93
N ILE A 892 -5.49 -3.71 61.77
CA ILE A 892 -5.51 -2.70 62.82
C ILE A 892 -6.83 -1.93 62.81
N VAL A 893 -7.10 -1.21 61.71
CA VAL A 893 -8.24 -0.31 61.66
C VAL A 893 -9.56 -1.07 61.68
N LEU A 894 -9.58 -2.32 61.25
CA LEU A 894 -10.83 -3.02 60.93
C LEU A 894 -11.53 -3.62 62.15
N VAL A 895 -10.87 -3.69 63.30
CA VAL A 895 -11.40 -4.51 64.40
C VAL A 895 -11.83 -3.67 65.59
N LYS A 896 -10.90 -2.93 66.19
CA LYS A 896 -11.19 -2.31 67.48
C LYS A 896 -10.15 -1.22 67.76
N MET A 897 -10.47 -0.39 68.74
CA MET A 897 -9.57 0.67 69.19
C MET A 897 -9.56 0.70 70.71
N GLU A 898 -8.41 1.09 71.28
CA GLU A 898 -8.23 1.16 72.72
C GLU A 898 -7.57 2.49 73.07
N ARG A 899 -7.44 2.75 74.37
CA ARG A 899 -6.78 3.98 74.83
C ARG A 899 -5.35 4.04 74.30
N TRP A 900 -4.61 2.95 74.42
CA TRP A 900 -3.25 2.89 73.91
C TRP A 900 -3.18 1.96 72.72
N PRO A 901 -2.36 2.28 71.71
CA PRO A 901 -2.32 1.45 70.50
C PRO A 901 -1.74 0.08 70.78
N SER A 902 -2.16 -0.89 69.96
CA SER A 902 -1.65 -2.24 70.06
C SER A 902 -0.28 -2.34 69.37
N THR A 903 0.28 -3.56 69.39
CA THR A 903 1.60 -3.76 68.78
C THR A 903 1.57 -3.50 67.29
N GLN A 904 0.51 -3.92 66.61
CA GLN A 904 0.44 -3.77 65.16
C GLN A 904 0.45 -2.31 64.76
N GLU A 905 -0.29 -1.46 65.49
CA GLU A 905 -0.29 -0.04 65.18
C GLU A 905 1.09 0.57 65.40
N TRP A 906 1.79 0.11 66.43
CA TRP A 906 3.17 0.56 66.63
C TRP A 906 4.05 0.15 65.45
N ILE A 907 3.86 -1.07 64.94
CA ILE A 907 4.64 -1.51 63.79
C ILE A 907 4.35 -0.63 62.58
N VAL A 908 3.08 -0.29 62.36
CA VAL A 908 2.72 0.58 61.24
C VAL A 908 3.35 1.96 61.40
N ILE A 909 3.31 2.50 62.62
CA ILE A 909 3.92 3.80 62.87
C ILE A 909 5.41 3.74 62.60
N SER A 910 6.07 2.65 63.00
CA SER A 910 7.48 2.48 62.68
C SER A 910 7.71 2.44 61.18
N TYR A 911 6.84 1.74 60.46
CA TYR A 911 6.91 1.72 59.00
C TYR A 911 6.93 3.14 58.45
N ILE A 912 5.95 3.95 58.87
CA ILE A 912 5.82 5.30 58.32
C ILE A 912 7.01 6.17 58.73
N PHE A 913 7.48 6.01 59.97
CA PHE A 913 8.62 6.79 60.44
C PHE A 913 9.87 6.47 59.63
N THR A 914 10.12 5.18 59.38
CA THR A 914 11.26 4.79 58.58
C THR A 914 11.13 5.28 57.14
N LEU A 915 9.92 5.22 56.60
CA LEU A 915 9.72 5.73 55.23
C LEU A 915 10.00 7.23 55.17
N GLY A 916 9.57 7.98 56.17
CA GLY A 916 9.86 9.40 56.20
C GLY A 916 11.36 9.67 56.30
N ILE A 917 12.06 8.89 57.12
CA ILE A 917 13.50 9.02 57.20
C ILE A 917 14.13 8.74 55.84
N GLU A 918 13.66 7.71 55.16
CA GLU A 918 14.20 7.37 53.84
C GLU A 918 13.97 8.51 52.85
N LYS A 919 12.77 9.10 52.87
CA LYS A 919 12.47 10.21 51.96
C LYS A 919 13.37 11.40 52.24
N MET A 920 13.56 11.74 53.52
CA MET A 920 14.41 12.88 53.85
C MET A 920 15.85 12.60 53.44
N ARG A 921 16.32 11.36 53.63
CA ARG A 921 17.67 11.00 53.20
C ARG A 921 17.80 11.14 51.67
N GLU A 922 16.79 10.67 50.94
CA GLU A 922 16.84 10.73 49.48
C GLU A 922 16.89 12.18 49.02
N ILE A 923 16.10 13.06 49.65
CA ILE A 923 16.16 14.48 49.31
C ILE A 923 17.52 15.05 49.65
N LEU A 924 18.08 14.67 50.80
CA LEU A 924 19.38 15.18 51.20
C LEU A 924 20.46 14.80 50.19
N MET A 925 20.44 13.54 49.73
CA MET A 925 21.40 13.11 48.72
C MET A 925 21.12 13.76 47.36
N SER A 926 19.95 14.37 47.18
CA SER A 926 19.66 15.16 45.99
C SER A 926 20.29 16.55 46.13
N GLU A 927 21.61 16.54 46.20
CA GLU A 927 22.40 17.75 46.44
C GLU A 927 22.45 18.72 45.26
N PRO A 928 22.51 18.26 44.01
CA PRO A 928 22.73 19.22 42.91
C PRO A 928 21.70 20.34 42.93
N GLY A 929 22.18 21.57 42.78
CA GLY A 929 21.35 22.74 42.95
C GLY A 929 21.35 23.30 44.35
N LYS A 930 22.21 22.80 45.24
CA LYS A 930 22.26 23.25 46.63
C LYS A 930 20.98 22.84 47.35
N LEU A 931 20.88 23.20 48.63
CA LEU A 931 19.70 22.82 49.41
C LEU A 931 18.45 23.52 48.89
N LEU A 932 18.56 24.81 48.55
CA LEU A 932 17.39 25.57 48.14
C LEU A 932 16.81 25.09 46.81
N GLN A 933 17.67 24.76 45.84
CA GLN A 933 17.22 24.39 44.50
C GLN A 933 17.17 22.88 44.31
N LYS A 934 17.34 22.11 45.38
CA LYS A 934 17.23 20.66 45.30
C LYS A 934 15.78 20.20 45.45
N VAL A 935 15.00 20.85 46.31
CA VAL A 935 13.62 20.47 46.51
C VAL A 935 12.78 20.79 45.28
N LYS A 936 13.10 21.90 44.60
CA LYS A 936 12.31 22.30 43.42
C LYS A 936 12.33 21.20 42.36
N VAL A 937 13.51 20.65 42.08
CA VAL A 937 13.61 19.57 41.11
C VAL A 937 12.99 18.30 41.66
N TRP A 938 13.26 18.00 42.94
CA TRP A 938 12.76 16.77 43.54
C TRP A 938 11.24 16.73 43.57
N LEU A 939 10.59 17.89 43.50
CA LEU A 939 9.14 17.98 43.59
C LEU A 939 8.44 17.75 42.25
N GLN A 940 9.19 17.54 41.17
CA GLN A 940 8.58 17.36 39.87
C GLN A 940 7.67 16.14 39.85
N GLU A 941 8.12 15.02 40.45
CA GLU A 941 7.32 13.81 40.46
C GLU A 941 6.05 14.03 41.29
N TYR A 942 4.92 13.61 40.74
CA TYR A 942 3.64 13.76 41.44
C TYR A 942 3.49 12.73 42.56
N TRP A 943 3.95 11.50 42.31
CA TRP A 943 3.77 10.44 43.29
C TRP A 943 4.48 10.78 44.59
N ASN A 944 5.65 11.41 44.52
CA ASN A 944 6.37 11.79 45.73
C ASN A 944 5.57 12.80 46.55
N VAL A 945 4.97 13.79 45.88
CA VAL A 945 4.18 14.79 46.57
C VAL A 945 2.95 14.14 47.20
N THR A 946 2.30 13.22 46.48
CA THR A 946 1.15 12.53 47.05
C THR A 946 1.56 11.70 48.26
N ASP A 947 2.73 11.07 48.20
CA ASP A 947 3.24 10.32 49.35
C ASP A 947 3.44 11.23 50.55
N LEU A 948 4.04 12.41 50.32
CA LEU A 948 4.23 13.35 51.42
C LEU A 948 2.91 13.78 52.03
N ILE A 949 1.91 14.07 51.18
CA ILE A 949 0.60 14.47 51.67
C ILE A 949 -0.02 13.35 52.50
N ALA A 950 0.08 12.10 52.01
CA ALA A 950 -0.49 10.97 52.74
C ALA A 950 0.21 10.80 54.08
N ILE A 951 1.53 10.96 54.11
CA ILE A 951 2.26 10.84 55.37
C ILE A 951 1.79 11.91 56.35
N LEU A 952 1.64 13.14 55.88
CA LEU A 952 1.19 14.21 56.76
C LEU A 952 -0.20 13.91 57.31
N LEU A 953 -1.12 13.47 56.46
CA LEU A 953 -2.47 13.16 56.93
C LEU A 953 -2.46 12.01 57.92
N PHE A 954 -1.65 10.98 57.67
CA PHE A 954 -1.55 9.86 58.60
C PHE A 954 -1.02 10.32 59.96
N SER A 955 0.00 11.17 59.95
CA SER A 955 0.55 11.67 61.21
C SER A 955 -0.49 12.50 61.96
N VAL A 956 -1.24 13.33 61.23
CA VAL A 956 -2.28 14.15 61.86
C VAL A 956 -3.34 13.26 62.49
N GLY A 957 -3.77 12.22 61.76
CA GLY A 957 -4.75 11.30 62.32
C GLY A 957 -4.24 10.58 63.55
N MET A 958 -2.98 10.14 63.51
CA MET A 958 -2.41 9.48 64.67
C MET A 958 -2.37 10.41 65.87
N ILE A 959 -1.99 11.67 65.66
CA ILE A 959 -1.95 12.63 66.76
C ILE A 959 -3.34 12.85 67.32
N LEU A 960 -4.33 13.00 66.44
CA LEU A 960 -5.70 13.20 66.91
C LEU A 960 -6.21 11.98 67.67
N ARG A 961 -5.73 10.78 67.32
CA ARG A 961 -6.21 9.58 67.99
C ARG A 961 -5.95 9.64 69.49
N LEU A 962 -4.78 10.12 69.89
CA LEU A 962 -4.41 10.20 71.30
C LEU A 962 -4.81 11.56 71.89
N GLN A 963 -6.11 11.84 71.79
CA GLN A 963 -6.69 13.08 72.31
C GLN A 963 -8.00 12.79 73.03
N ASP A 964 -8.06 11.66 73.74
CA ASP A 964 -9.26 11.24 74.46
C ASP A 964 -10.31 10.69 73.49
N GLN A 965 -11.39 10.14 74.04
CA GLN A 965 -12.41 9.52 73.19
C GLN A 965 -13.05 10.50 72.21
N PRO A 966 -13.50 11.69 72.62
CA PRO A 966 -14.19 12.57 71.65
C PRO A 966 -13.34 12.88 70.43
N PHE A 967 -12.04 13.05 70.62
CA PHE A 967 -11.13 13.28 69.49
C PHE A 967 -10.60 11.99 68.89
N ARG A 968 -10.51 10.91 69.67
CA ARG A 968 -10.08 9.64 69.12
C ARG A 968 -11.07 9.14 68.06
N SER A 969 -12.36 9.23 68.37
CA SER A 969 -13.38 8.77 67.42
C SER A 969 -13.37 9.61 66.15
N ASP A 970 -13.07 10.90 66.27
CA ASP A 970 -13.04 11.77 65.10
C ASP A 970 -11.76 11.60 64.29
N GLY A 971 -10.66 11.25 64.94
CA GLY A 971 -9.38 11.13 64.27
C GLY A 971 -9.13 9.76 63.66
N ARG A 972 -9.83 8.74 64.16
CA ARG A 972 -9.66 7.40 63.59
C ARG A 972 -10.06 7.38 62.12
N VAL A 973 -11.14 8.07 61.77
CA VAL A 973 -11.66 8.03 60.40
C VAL A 973 -10.64 8.56 59.40
N ILE A 974 -9.85 9.56 59.80
CA ILE A 974 -8.90 10.16 58.86
C ILE A 974 -7.88 9.14 58.40
N TYR A 975 -7.24 8.45 59.34
CA TYR A 975 -6.26 7.45 58.95
C TYR A 975 -6.90 6.14 58.52
N CYS A 976 -8.20 5.96 58.74
CA CYS A 976 -8.91 4.88 58.06
C CYS A 976 -9.03 5.16 56.57
N VAL A 977 -9.42 6.39 56.22
CA VAL A 977 -9.51 6.78 54.82
C VAL A 977 -8.13 6.81 54.18
N ASN A 978 -7.10 7.11 54.97
CA ASN A 978 -5.74 7.18 54.42
C ASN A 978 -5.31 5.88 53.77
N ILE A 979 -5.91 4.75 54.14
CA ILE A 979 -5.50 3.47 53.58
C ILE A 979 -5.67 3.46 52.06
N ILE A 980 -6.64 4.21 51.54
CA ILE A 980 -6.95 4.15 50.12
C ILE A 980 -5.73 4.50 49.29
N TYR A 981 -4.97 5.51 49.71
CA TYR A 981 -3.80 5.93 48.95
C TYR A 981 -2.79 4.80 48.85
N TRP A 982 -2.53 4.10 49.95
CA TRP A 982 -1.52 3.05 49.94
C TRP A 982 -1.92 1.89 49.05
N TYR A 983 -3.22 1.55 49.01
CA TYR A 983 -3.68 0.50 48.11
C TYR A 983 -3.50 0.89 46.65
N ILE A 984 -3.66 2.19 46.34
CA ILE A 984 -3.56 2.64 44.95
C ILE A 984 -2.12 2.90 44.53
N ARG A 985 -1.19 3.06 45.48
CA ARG A 985 0.20 3.28 45.12
C ARG A 985 0.81 2.09 44.39
N LEU A 986 0.19 0.92 44.47
CA LEU A 986 0.72 -0.24 43.77
C LEU A 986 0.58 -0.10 42.26
N LEU A 987 -0.31 0.77 41.79
CA LEU A 987 -0.49 0.95 40.36
C LEU A 987 0.78 1.47 39.70
N ASP A 988 1.43 2.44 40.34
CA ASP A 988 2.70 2.95 39.81
C ASP A 988 3.76 1.85 39.75
N ILE A 989 3.60 0.78 40.53
CA ILE A 989 4.51 -0.35 40.48
C ILE A 989 4.00 -1.47 39.58
N PHE A 990 2.73 -1.41 39.19
CA PHE A 990 2.16 -2.42 38.29
C PHE A 990 2.45 -2.11 36.82
N GLY A 991 3.09 -0.99 36.52
CA GLY A 991 3.48 -0.70 35.16
C GLY A 991 4.71 -1.45 34.69
N VAL A 992 5.45 -2.06 35.60
CA VAL A 992 6.66 -2.79 35.23
C VAL A 992 6.29 -3.99 34.36
N ASN A 993 5.27 -4.73 34.75
CA ASN A 993 4.94 -5.98 34.08
C ASN A 993 4.50 -5.72 32.65
N LYS A 994 4.86 -6.65 31.76
CA LYS A 994 4.53 -6.51 30.35
C LYS A 994 3.02 -6.50 30.14
N TYR A 995 2.30 -7.38 30.81
CA TYR A 995 0.87 -7.55 30.59
C TYR A 995 0.00 -6.71 31.52
N LEU A 996 0.60 -5.97 32.46
CA LEU A 996 -0.16 -5.26 33.48
C LEU A 996 -0.19 -3.75 33.26
N GLY A 997 0.88 -3.17 32.68
CA GLY A 997 0.94 -1.75 32.44
C GLY A 997 -0.09 -1.20 31.48
N PRO A 998 -0.49 -1.96 30.45
CA PRO A 998 -1.54 -1.45 29.56
C PRO A 998 -2.83 -1.10 30.29
N TYR A 999 -3.21 -1.89 31.29
CA TYR A 999 -4.43 -1.60 32.04
C TYR A 999 -4.31 -0.27 32.77
N VAL A 1000 -3.16 -0.03 33.41
CA VAL A 1000 -2.96 1.23 34.13
C VAL A 1000 -2.98 2.40 33.16
N MET A 1001 -2.31 2.25 32.02
CA MET A 1001 -2.29 3.34 31.04
C MET A 1001 -3.70 3.61 30.51
N MET A 1002 -4.48 2.56 30.27
CA MET A 1002 -5.85 2.74 29.81
C MET A 1002 -6.69 3.45 30.86
N ILE A 1003 -6.52 3.10 32.12
CA ILE A 1003 -7.25 3.78 33.20
C ILE A 1003 -6.89 5.26 33.22
N GLY A 1004 -5.59 5.56 33.14
CA GLY A 1004 -5.18 6.95 33.14
C GLY A 1004 -5.74 7.72 31.96
N LYS A 1005 -5.78 7.09 30.80
CA LYS A 1005 -6.34 7.75 29.61
C LYS A 1005 -7.84 7.97 29.77
N MET A 1006 -8.56 6.97 30.27
CA MET A 1006 -10.01 7.01 30.33
C MET A 1006 -10.54 7.84 31.48
N MET A 1007 -9.69 8.21 32.44
CA MET A 1007 -10.15 9.09 33.52
C MET A 1007 -10.71 10.40 32.96
N ILE A 1008 -9.97 11.02 32.04
CA ILE A 1008 -10.42 12.29 31.47
C ILE A 1008 -11.67 12.09 30.62
N ASP A 1009 -11.74 10.98 29.89
CA ASP A 1009 -12.92 10.70 29.09
C ASP A 1009 -14.15 10.57 29.98
N MET A 1010 -14.02 9.87 31.11
CA MET A 1010 -15.13 9.77 32.05
C MET A 1010 -15.49 11.14 32.62
N MET A 1011 -14.48 11.96 32.91
CA MET A 1011 -14.73 13.29 33.42
C MET A 1011 -15.61 14.08 32.44
N TYR A 1012 -15.27 14.02 31.16
CA TYR A 1012 -16.08 14.73 30.16
C TYR A 1012 -17.45 14.09 29.99
N PHE A 1013 -17.53 12.77 30.06
CA PHE A 1013 -18.82 12.08 29.92
C PHE A 1013 -19.76 12.45 31.05
N VAL A 1014 -19.23 12.74 32.22
CA VAL A 1014 -20.07 13.06 33.38
C VAL A 1014 -20.92 14.30 33.09
N ILE A 1015 -20.35 15.29 32.41
CA ILE A 1015 -21.08 16.51 32.12
C ILE A 1015 -22.30 16.21 31.26
N ILE A 1016 -22.11 15.41 30.20
CA ILE A 1016 -23.23 15.05 29.34
C ILE A 1016 -24.26 14.26 30.11
N MET A 1017 -23.81 13.31 30.93
CA MET A 1017 -24.76 12.51 31.72
C MET A 1017 -25.61 13.40 32.60
N LEU A 1018 -24.98 14.35 33.30
CA LEU A 1018 -25.74 15.27 34.15
C LEU A 1018 -26.71 16.09 33.33
N VAL A 1019 -26.24 16.70 32.24
CA VAL A 1019 -27.09 17.57 31.46
C VAL A 1019 -28.33 16.83 30.97
N VAL A 1020 -28.15 15.57 30.54
CA VAL A 1020 -29.29 14.82 30.02
C VAL A 1020 -30.23 14.40 31.15
N LEU A 1021 -29.68 13.81 32.22
CA LEU A 1021 -30.53 13.19 33.23
C LEU A 1021 -31.21 14.21 34.13
N MET A 1022 -30.50 15.27 34.52
CA MET A 1022 -31.02 16.20 35.51
C MET A 1022 -32.27 16.91 35.01
N SER A 1023 -32.33 17.22 33.71
CA SER A 1023 -33.50 17.89 33.17
C SER A 1023 -34.76 17.05 33.36
N PHE A 1024 -34.70 15.79 32.93
CA PHE A 1024 -35.87 14.92 33.06
C PHE A 1024 -36.18 14.66 34.53
N GLY A 1025 -35.15 14.48 35.37
CA GLY A 1025 -35.40 14.27 36.78
C GLY A 1025 -36.12 15.44 37.41
N VAL A 1026 -35.67 16.65 37.12
CA VAL A 1026 -36.30 17.86 37.66
C VAL A 1026 -37.73 17.97 37.16
N ALA A 1027 -37.95 17.71 35.86
CA ALA A 1027 -39.30 17.78 35.34
C ALA A 1027 -40.23 16.80 36.05
N ARG A 1028 -39.77 15.55 36.21
CA ARG A 1028 -40.60 14.55 36.88
C ARG A 1028 -40.89 14.96 38.31
N GLN A 1029 -39.87 15.46 39.02
CA GLN A 1029 -40.08 15.87 40.41
C GLN A 1029 -41.07 17.02 40.49
N ALA A 1030 -40.97 17.98 39.57
CA ALA A 1030 -41.87 19.13 39.59
C ALA A 1030 -43.30 18.70 39.30
N ILE A 1031 -43.50 17.78 38.36
CA ILE A 1031 -44.85 17.31 38.07
C ILE A 1031 -45.49 16.71 39.32
N LEU A 1032 -44.72 15.88 40.03
CA LEU A 1032 -45.19 15.35 41.30
C LEU A 1032 -44.94 16.35 42.42
N PHE A 1033 -45.48 16.05 43.59
CA PHE A 1033 -45.34 16.90 44.76
C PHE A 1033 -45.69 18.36 44.44
N PRO A 1034 -46.90 18.63 43.94
CA PRO A 1034 -47.23 20.03 43.60
C PRO A 1034 -47.07 20.98 44.77
N ASN A 1035 -47.44 20.56 45.98
CA ASN A 1035 -47.26 21.35 47.19
C ASN A 1035 -46.05 20.80 47.94
N GLU A 1036 -45.02 21.63 48.09
CA GLU A 1036 -43.79 21.19 48.71
C GLU A 1036 -43.04 22.39 49.26
N GLU A 1037 -42.16 22.12 50.22
CA GLU A 1037 -41.28 23.12 50.81
C GLU A 1037 -39.83 22.68 50.61
N PRO A 1038 -38.91 23.63 50.44
CA PRO A 1038 -37.55 23.25 50.02
C PRO A 1038 -36.86 22.31 50.99
N SER A 1039 -36.69 22.74 52.24
CA SER A 1039 -36.09 21.92 53.30
C SER A 1039 -34.74 21.33 52.90
N TRP A 1040 -34.11 21.87 51.85
CA TRP A 1040 -32.76 21.43 51.45
C TRP A 1040 -32.71 19.93 51.18
N LYS A 1041 -33.82 19.38 50.65
CA LYS A 1041 -33.92 17.93 50.48
C LYS A 1041 -34.55 17.57 49.14
N LEU A 1042 -34.16 18.25 48.06
CA LEU A 1042 -34.62 17.92 46.72
C LEU A 1042 -33.55 17.23 45.88
N ALA A 1043 -32.28 17.44 46.20
CA ALA A 1043 -31.21 16.81 45.42
C ALA A 1043 -31.34 15.29 45.46
N LYS A 1044 -31.62 14.73 46.64
CA LYS A 1044 -31.80 13.29 46.73
C LYS A 1044 -32.98 12.83 45.88
N ASN A 1045 -34.08 13.57 45.90
CA ASN A 1045 -35.25 13.18 45.14
C ASN A 1045 -34.97 13.18 43.64
N ILE A 1046 -34.29 14.22 43.15
CA ILE A 1046 -34.03 14.30 41.71
C ILE A 1046 -33.00 13.25 41.29
N PHE A 1047 -31.96 13.04 42.11
CA PHE A 1047 -30.86 12.15 41.76
C PHE A 1047 -31.14 10.69 42.08
N TYR A 1048 -32.31 10.37 42.63
CA TYR A 1048 -32.59 8.98 42.99
C TYR A 1048 -32.50 8.07 41.78
N MET A 1049 -33.16 8.44 40.69
CA MET A 1049 -33.11 7.70 39.43
C MET A 1049 -33.29 6.19 39.65
N PRO A 1050 -34.41 5.77 40.23
CA PRO A 1050 -34.64 4.34 40.43
C PRO A 1050 -35.21 3.66 39.19
N TYR A 1051 -34.81 2.41 38.99
CA TYR A 1051 -35.27 1.64 37.83
C TYR A 1051 -36.64 1.04 38.08
N TRP A 1052 -36.77 0.24 39.14
CA TRP A 1052 -38.02 -0.46 39.40
C TRP A 1052 -39.17 0.51 39.65
N MET A 1053 -38.91 1.56 40.44
CA MET A 1053 -39.97 2.53 40.73
C MET A 1053 -40.44 3.22 39.47
N ILE A 1054 -39.51 3.64 38.61
CA ILE A 1054 -39.90 4.30 37.37
C ILE A 1054 -40.67 3.34 36.48
N TYR A 1055 -40.21 2.09 36.38
CA TYR A 1055 -40.90 1.13 35.53
C TYR A 1055 -42.32 0.89 36.02
N GLY A 1056 -42.50 0.77 37.34
CA GLY A 1056 -43.84 0.63 37.88
C GLY A 1056 -44.69 1.86 37.62
N GLU A 1057 -44.10 3.05 37.75
CA GLU A 1057 -44.83 4.28 37.46
C GLU A 1057 -45.26 4.34 36.01
N VAL A 1058 -44.49 3.72 35.10
CA VAL A 1058 -44.85 3.74 33.69
C VAL A 1058 -46.21 3.10 33.49
N PHE A 1059 -46.46 1.96 34.13
CA PHE A 1059 -47.74 1.29 34.06
C PHE A 1059 -47.81 0.14 35.06
N LYS A 1085 -57.38 14.81 34.01
CA LYS A 1085 -57.15 13.56 34.70
C LYS A 1085 -56.30 12.62 33.87
N THR A 1086 -56.76 12.32 32.65
CA THR A 1086 -56.02 11.42 31.78
C THR A 1086 -54.65 11.98 31.42
N GLY A 1087 -54.57 13.28 31.12
CA GLY A 1087 -53.29 13.88 30.76
C GLY A 1087 -52.32 13.90 31.92
N ALA A 1088 -52.82 14.13 33.14
CA ALA A 1088 -51.97 14.12 34.31
C ALA A 1088 -51.34 12.75 34.54
N TRP A 1089 -51.99 11.68 34.06
CA TRP A 1089 -51.40 10.36 34.12
C TRP A 1089 -50.49 10.10 32.92
N ILE A 1090 -50.85 10.64 31.75
CA ILE A 1090 -50.08 10.37 30.54
C ILE A 1090 -48.70 11.02 30.62
N VAL A 1091 -48.65 12.29 31.04
CA VAL A 1091 -47.38 13.02 31.01
C VAL A 1091 -46.31 12.33 31.86
N PRO A 1092 -46.57 11.97 33.12
CA PRO A 1092 -45.54 11.27 33.90
C PRO A 1092 -45.08 9.97 33.26
N ALA A 1093 -45.99 9.24 32.59
CA ALA A 1093 -45.59 8.03 31.89
C ALA A 1093 -44.60 8.35 30.78
N ILE A 1094 -44.85 9.43 30.02
CA ILE A 1094 -43.93 9.83 28.97
C ILE A 1094 -42.56 10.19 29.57
N MET A 1095 -42.57 10.92 30.68
CA MET A 1095 -41.31 11.27 31.33
C MET A 1095 -40.54 10.03 31.76
N ALA A 1096 -41.25 9.07 32.37
CA ALA A 1096 -40.61 7.85 32.80
C ALA A 1096 -40.02 7.08 31.63
N CYS A 1097 -40.77 6.98 30.53
CA CYS A 1097 -40.26 6.27 29.36
C CYS A 1097 -39.02 6.95 28.80
N TYR A 1098 -39.04 8.29 28.74
CA TYR A 1098 -37.87 9.00 28.23
C TYR A 1098 -36.65 8.76 29.12
N LEU A 1099 -36.83 8.82 30.44
CA LEU A 1099 -35.72 8.55 31.35
C LEU A 1099 -35.19 7.14 31.16
N LEU A 1100 -36.08 6.17 31.04
CA LEU A 1100 -35.66 4.77 30.89
C LEU A 1100 -34.87 4.59 29.61
N VAL A 1101 -35.31 5.21 28.51
CA VAL A 1101 -34.57 5.12 27.26
C VAL A 1101 -33.21 5.80 27.38
N ALA A 1102 -33.17 6.98 28.01
CA ALA A 1102 -31.93 7.73 28.11
C ALA A 1102 -30.89 6.96 28.90
N ASN A 1103 -31.31 6.29 29.97
CA ASN A 1103 -30.35 5.53 30.78
C ASN A 1103 -29.60 4.50 29.94
N ILE A 1104 -30.33 3.68 29.18
CA ILE A 1104 -29.67 2.64 28.41
C ILE A 1104 -28.87 3.26 27.27
N LEU A 1105 -29.36 4.34 26.67
CA LEU A 1105 -28.59 5.01 25.63
C LEU A 1105 -27.23 5.44 26.17
N LEU A 1106 -27.22 6.07 27.35
CA LEU A 1106 -25.97 6.52 27.94
C LEU A 1106 -25.06 5.34 28.27
N VAL A 1107 -25.65 4.25 28.78
CA VAL A 1107 -24.84 3.09 29.13
C VAL A 1107 -24.13 2.54 27.89
N ASN A 1108 -24.87 2.40 26.79
CA ASN A 1108 -24.27 1.88 25.56
C ASN A 1108 -23.23 2.84 25.01
N LEU A 1109 -23.49 4.15 25.11
CA LEU A 1109 -22.50 5.13 24.67
C LEU A 1109 -21.21 4.99 25.47
N LEU A 1110 -21.32 4.83 26.79
CA LEU A 1110 -20.14 4.64 27.63
C LEU A 1110 -19.39 3.38 27.23
N ILE A 1111 -20.13 2.30 26.94
CA ILE A 1111 -19.49 1.05 26.54
C ILE A 1111 -18.67 1.27 25.27
N ALA A 1112 -19.27 1.92 24.27
CA ALA A 1112 -18.55 2.16 23.02
C ALA A 1112 -17.33 3.03 23.25
N VAL A 1113 -17.48 4.07 24.06
CA VAL A 1113 -16.36 4.97 24.34
C VAL A 1113 -15.20 4.20 24.96
N PHE A 1114 -15.51 3.36 25.95
CA PHE A 1114 -14.46 2.60 26.62
C PHE A 1114 -13.79 1.63 25.66
N ASN A 1115 -14.58 0.98 24.79
CA ASN A 1115 -13.99 0.05 23.83
C ASN A 1115 -13.01 0.78 22.91
N ASN A 1116 -13.43 1.93 22.36
CA ASN A 1116 -12.57 2.67 21.45
C ASN A 1116 -11.30 3.13 22.14
N THR A 1117 -11.43 3.67 23.35
CA THR A 1117 -10.27 4.15 24.08
C THR A 1117 -9.31 3.01 24.40
N PHE A 1118 -9.84 1.86 24.80
CA PHE A 1118 -8.98 0.72 25.10
C PHE A 1118 -8.24 0.27 23.85
N PHE A 1119 -8.91 0.23 22.71
CA PHE A 1119 -8.23 -0.16 21.48
C PHE A 1119 -7.10 0.81 21.16
N GLU A 1120 -7.38 2.11 21.24
CA GLU A 1120 -6.36 3.10 20.92
C GLU A 1120 -5.17 3.00 21.86
N VAL A 1121 -5.44 2.76 23.16
CA VAL A 1121 -4.34 2.62 24.11
C VAL A 1121 -3.53 1.37 23.84
N LYS A 1122 -4.21 0.25 23.61
CA LYS A 1122 -3.52 -1.02 23.37
C LYS A 1122 -2.67 -0.95 22.10
N SER A 1123 -3.04 -0.11 21.14
CA SER A 1123 -2.22 0.01 19.94
C SER A 1123 -0.83 0.54 20.22
N ILE A 1124 -0.58 1.12 21.41
CA ILE A 1124 0.71 1.74 21.71
C ILE A 1124 1.28 1.30 23.05
N SER A 1125 0.51 0.62 23.90
CA SER A 1125 0.99 0.27 25.24
C SER A 1125 2.24 -0.61 25.18
N ASN A 1126 2.30 -1.54 24.22
CA ASN A 1126 3.45 -2.43 24.14
C ASN A 1126 4.73 -1.63 23.94
N GLN A 1127 4.72 -0.69 22.99
CA GLN A 1127 5.89 0.15 22.77
C GLN A 1127 6.20 1.01 23.99
N VAL A 1128 5.16 1.55 24.63
CA VAL A 1128 5.38 2.47 25.75
C VAL A 1128 6.00 1.73 26.94
N TRP A 1129 5.63 0.48 27.16
CA TRP A 1129 6.01 -0.22 28.39
C TRP A 1129 7.53 -0.22 28.61
N LYS A 1130 8.30 -0.36 27.52
CA LYS A 1130 9.74 -0.56 27.68
C LYS A 1130 10.42 0.64 28.35
N PHE A 1131 9.86 1.84 28.19
CA PHE A 1131 10.53 3.03 28.70
C PHE A 1131 10.64 3.00 30.23
N GLN A 1132 9.58 2.58 30.91
CA GLN A 1132 9.55 2.68 32.37
C GLN A 1132 10.56 1.74 33.04
N ARG A 1133 11.05 0.74 32.31
CA ARG A 1133 11.96 -0.23 32.91
C ARG A 1133 13.25 0.44 33.36
N TYR A 1134 13.80 1.34 32.54
CA TYR A 1134 15.03 2.03 32.93
C TYR A 1134 14.82 2.82 34.22
N GLN A 1135 13.72 3.57 34.30
CA GLN A 1135 13.44 4.35 35.50
C GLN A 1135 13.34 3.44 36.72
N LEU A 1136 12.60 2.35 36.60
CA LEU A 1136 12.44 1.44 37.72
C LEU A 1136 13.77 0.85 38.15
N ILE A 1137 14.58 0.42 37.18
CA ILE A 1137 15.85 -0.24 37.50
C ILE A 1137 16.81 0.72 38.16
N MET A 1138 16.94 1.93 37.60
CA MET A 1138 17.83 2.93 38.20
C MET A 1138 17.29 3.43 39.52
N THR A 1139 15.99 3.28 39.78
CA THR A 1139 15.44 3.68 41.07
C THR A 1139 15.76 2.66 42.15
N PHE A 1140 15.44 1.39 41.89
CA PHE A 1140 15.65 0.37 42.91
C PHE A 1140 17.13 0.08 43.14
N HIS A 1141 17.95 0.22 42.10
CA HIS A 1141 19.37 -0.06 42.25
C HIS A 1141 20.02 0.85 43.28
N GLU A 1142 19.66 2.13 43.26
CA GLU A 1142 20.27 3.08 44.19
C GLU A 1142 19.84 2.81 45.63
N ARG A 1143 18.63 2.32 45.83
CA ARG A 1143 18.09 2.17 47.16
C ARG A 1143 18.86 1.11 47.94
N PRO A 1144 18.95 1.23 49.27
CA PRO A 1144 19.67 0.23 50.06
C PRO A 1144 18.99 -1.13 50.03
N VAL A 1145 19.60 -2.11 50.70
CA VAL A 1145 19.14 -3.49 50.59
C VAL A 1145 18.05 -3.84 51.59
N LEU A 1146 17.99 -3.16 52.73
CA LEU A 1146 17.03 -3.55 53.75
C LEU A 1146 15.62 -3.04 53.40
N PRO A 1147 14.59 -3.69 53.92
CA PRO A 1147 13.22 -3.20 53.70
C PRO A 1147 12.99 -1.87 54.39
N PRO A 1148 11.86 -1.21 54.13
CA PRO A 1148 11.60 0.10 54.74
C PRO A 1148 11.66 0.08 56.25
N PRO A 1149 11.09 -0.93 56.92
CA PRO A 1149 11.14 -0.94 58.38
C PRO A 1149 12.50 -1.27 58.95
N LEU A 1150 13.41 -1.81 58.14
CA LEU A 1150 14.72 -2.22 58.62
C LEU A 1150 15.86 -1.34 58.14
N ILE A 1151 15.61 -0.44 57.18
CA ILE A 1151 16.65 0.47 56.72
C ILE A 1151 17.06 1.46 57.80
N ILE A 1152 16.37 1.46 58.94
CA ILE A 1152 16.81 2.30 60.05
C ILE A 1152 18.23 1.93 60.45
N PHE A 1153 18.56 0.64 60.43
CA PHE A 1153 19.93 0.21 60.66
C PHE A 1153 20.82 0.56 59.46
N SER A 1154 20.26 0.55 58.25
CA SER A 1154 21.06 0.88 57.07
C SER A 1154 21.62 2.29 57.15
N HIS A 1155 20.81 3.25 57.61
CA HIS A 1155 21.32 4.61 57.79
C HIS A 1155 22.43 4.64 58.83
N MET A 1156 22.30 3.83 59.89
CA MET A 1156 23.37 3.75 60.88
C MET A 1156 24.66 3.25 60.25
N THR A 1157 24.58 2.22 59.40
CA THR A 1157 25.77 1.73 58.72
C THR A 1157 26.34 2.78 57.79
N MET A 1158 25.47 3.53 57.11
CA MET A 1158 25.94 4.59 56.22
C MET A 1158 26.71 5.64 57.00
N ILE A 1159 26.18 6.06 58.15
CA ILE A 1159 26.87 7.05 58.97
C ILE A 1159 28.17 6.48 59.51
N PHE A 1160 28.17 5.20 59.87
CA PHE A 1160 29.39 4.55 60.34
C PHE A 1160 30.47 4.55 59.27
N GLN A 1161 30.10 4.29 58.03
CA GLN A 1161 31.08 4.27 56.95
C GLN A 1161 31.76 5.61 56.78
N HIS A 1162 30.98 6.70 56.85
CA HIS A 1162 31.53 8.04 56.72
C HIS A 1162 32.11 8.51 58.05
N ASP A 1187 43.49 6.26 29.12
CA ASP A 1187 43.02 7.21 28.13
C ASP A 1187 43.07 6.62 26.73
N ASP A 1188 43.83 5.53 26.57
CA ASP A 1188 43.92 4.87 25.26
C ASP A 1188 42.56 4.36 24.83
N GLU A 1189 41.77 3.83 25.76
CA GLU A 1189 40.42 3.39 25.43
C GLU A 1189 39.58 4.53 24.88
N LEU A 1190 39.77 5.74 25.41
CA LEU A 1190 39.05 6.90 24.89
C LEU A 1190 39.43 7.17 23.43
N LYS A 1191 40.72 7.09 23.11
CA LYS A 1191 41.15 7.29 21.73
C LYS A 1191 40.58 6.22 20.82
N LYS A 1192 40.58 4.97 21.29
CA LYS A 1192 40.00 3.89 20.49
C LYS A 1192 38.51 4.12 20.24
N VAL A 1193 37.79 4.59 21.26
CA VAL A 1193 36.37 4.87 21.11
C VAL A 1193 36.15 6.00 20.12
N HIS A 1194 36.97 7.05 20.20
CA HIS A 1194 36.86 8.16 19.25
C HIS A 1194 37.11 7.67 17.83
N ASP A 1195 38.13 6.85 17.62
CA ASP A 1195 38.40 6.32 16.29
C ASP A 1195 37.23 5.46 15.80
N PHE A 1196 36.67 4.64 16.69
CA PHE A 1196 35.53 3.81 16.31
C PHE A 1196 34.33 4.67 15.92
N GLU A 1197 34.08 5.76 16.65
CA GLU A 1197 32.97 6.64 16.31
C GLU A 1197 33.19 7.31 14.97
N GLU A 1198 34.43 7.78 14.72
CA GLU A 1198 34.72 8.39 13.42
C GLU A 1198 34.53 7.40 12.30
N GLN A 1199 35.00 6.16 12.48
CA GLN A 1199 34.81 5.13 11.47
C GLN A 1199 33.33 4.85 11.24
N CYS A 1200 32.55 4.79 12.33
CA CYS A 1200 31.13 4.51 12.20
C CYS A 1200 30.42 5.61 11.42
N ILE A 1201 30.72 6.87 11.71
CA ILE A 1201 30.05 7.96 11.00
C ILE A 1201 30.47 7.99 9.54
N GLU A 1202 31.76 7.75 9.27
CA GLU A 1202 32.21 7.68 7.88
C GLU A 1202 31.51 6.57 7.13
N GLU A 1203 31.38 5.40 7.75
CA GLU A 1203 30.69 4.28 7.12
C GLU A 1203 29.22 4.61 6.89
N TYR A 1204 28.59 5.29 7.85
CA TYR A 1204 27.19 5.69 7.68
C TYR A 1204 27.03 6.60 6.47
N PHE A 1205 27.90 7.61 6.35
CA PHE A 1205 27.81 8.51 5.21
C PHE A 1205 28.05 7.77 3.90
N ARG A 1206 29.05 6.89 3.87
CA ARG A 1206 29.34 6.14 2.65
C ARG A 1206 28.15 5.27 2.25
N GLU A 1207 27.56 4.57 3.23
CA GLU A 1207 26.42 3.72 2.93
C GLU A 1207 25.23 4.53 2.44
N LYS A 1208 24.97 5.68 3.08
CA LYS A 1208 23.87 6.53 2.65
C LYS A 1208 24.08 6.98 1.21
N ASP A 1209 25.28 7.46 0.89
CA ASP A 1209 25.54 7.93 -0.47
C ASP A 1209 25.41 6.80 -1.49
N ASP A 1210 25.95 5.62 -1.16
CA ASP A 1210 25.86 4.50 -2.10
C ASP A 1210 24.41 4.09 -2.32
N ARG A 1211 23.63 3.99 -1.24
CA ARG A 1211 22.23 3.60 -1.37
C ARG A 1211 21.45 4.62 -2.19
N PHE A 1212 21.69 5.91 -1.94
CA PHE A 1212 20.96 6.93 -2.70
C PHE A 1212 21.35 6.87 -4.18
N ASN A 1213 22.64 6.74 -4.48
CA ASN A 1213 23.07 6.69 -5.87
C ASN A 1213 22.62 5.43 -6.58
N SER A 1214 22.38 4.34 -5.84
CA SER A 1214 21.89 3.11 -6.42
C SER A 1214 20.37 3.09 -6.58
N SER A 1215 19.68 4.14 -6.15
CA SER A 1215 18.24 4.19 -6.26
C SER A 1215 17.81 4.16 -7.73
N ASN A 1216 16.68 3.50 -7.99
CA ASN A 1216 16.18 3.41 -9.35
C ASN A 1216 15.82 4.79 -9.90
N ASP A 1217 15.21 5.64 -9.07
CA ASP A 1217 14.79 6.95 -9.55
C ASP A 1217 15.98 7.77 -10.03
N GLU A 1218 17.09 7.75 -9.28
CA GLU A 1218 18.28 8.49 -9.69
C GLU A 1218 18.89 7.90 -10.95
N ARG A 1219 18.97 6.56 -11.04
CA ARG A 1219 19.59 5.93 -12.20
C ARG A 1219 18.79 6.21 -13.47
N ILE A 1220 17.46 6.18 -13.38
CA ILE A 1220 16.63 6.46 -14.54
C ILE A 1220 16.91 7.87 -15.05
N ARG A 1221 16.99 8.84 -14.14
CA ARG A 1221 17.30 10.21 -14.53
C ARG A 1221 18.66 10.29 -15.22
N VAL A 1222 19.67 9.63 -14.63
CA VAL A 1222 21.01 9.67 -15.21
C VAL A 1222 21.01 9.07 -16.60
N THR A 1223 20.35 7.93 -16.77
CA THR A 1223 20.29 7.29 -18.07
C THR A 1223 19.60 8.19 -19.10
N SER A 1224 18.51 8.83 -18.70
CA SER A 1224 17.78 9.68 -19.63
C SER A 1224 18.66 10.83 -20.11
N GLU A 1225 19.37 11.49 -19.19
CA GLU A 1225 20.23 12.60 -19.57
C GLU A 1225 21.35 12.13 -20.50
N ARG A 1226 21.96 10.99 -20.18
CA ARG A 1226 23.03 10.46 -21.03
C ARG A 1226 22.50 10.10 -22.40
N VAL A 1227 21.31 9.49 -22.48
CA VAL A 1227 20.73 9.13 -23.77
C VAL A 1227 20.52 10.37 -24.62
N GLU A 1228 20.01 11.45 -24.03
CA GLU A 1228 19.76 12.66 -24.79
C GLU A 1228 21.06 13.22 -25.37
N ASN A 1229 22.12 13.28 -24.54
CA ASN A 1229 23.39 13.77 -25.03
C ASN A 1229 23.99 12.83 -26.06
N MET A 1230 23.92 11.52 -25.82
CA MET A 1230 24.47 10.56 -26.77
C MET A 1230 23.73 10.63 -28.10
N SER A 1231 22.41 10.74 -28.06
CA SER A 1231 21.63 10.85 -29.30
C SER A 1231 22.00 12.12 -30.06
N MET A 1232 22.14 13.25 -29.34
CA MET A 1232 22.50 14.50 -30.00
C MET A 1232 23.86 14.40 -30.69
N ARG A 1233 24.83 13.80 -30.01
CA ARG A 1233 26.15 13.62 -30.62
C ARG A 1233 26.07 12.75 -31.87
N LEU A 1234 25.31 11.66 -31.80
CA LEU A 1234 25.16 10.78 -32.95
C LEU A 1234 24.54 11.51 -34.13
N GLU A 1235 23.50 12.31 -33.87
CA GLU A 1235 22.86 13.05 -34.95
C GLU A 1235 23.84 14.01 -35.61
N GLU A 1236 24.63 14.72 -34.80
CA GLU A 1236 25.62 15.63 -35.37
C GLU A 1236 26.67 14.87 -36.16
N VAL A 1237 27.11 13.71 -35.65
CA VAL A 1237 28.11 12.92 -36.36
C VAL A 1237 27.56 12.43 -37.70
N ASN A 1238 26.25 12.25 -37.81
CA ASN A 1238 25.68 11.80 -39.07
C ASN A 1238 25.96 12.78 -40.19
N GLU A 1239 25.83 14.08 -39.92
CA GLU A 1239 26.12 15.08 -40.95
C GLU A 1239 27.57 15.01 -41.39
N ARG A 1240 28.49 14.83 -40.44
CA ARG A 1240 29.90 14.71 -40.78
C ARG A 1240 30.16 13.50 -41.67
N GLU A 1241 29.51 12.38 -41.36
CA GLU A 1241 29.67 11.19 -42.19
C GLU A 1241 29.18 11.44 -43.61
N HIS A 1242 28.02 12.11 -43.75
CA HIS A 1242 27.50 12.40 -45.08
C HIS A 1242 28.46 13.32 -45.84
N SER A 1243 29.00 14.34 -45.17
CA SER A 1243 29.94 15.24 -45.82
C SER A 1243 31.20 14.50 -46.25
N MET A 1244 31.71 13.60 -45.39
CA MET A 1244 32.92 12.87 -45.73
C MET A 1244 32.72 11.99 -46.95
N LYS A 1245 31.56 11.34 -47.05
CA LYS A 1245 31.26 10.48 -48.20
C LYS A 1245 31.19 11.30 -49.48
N ALA B 155 50.63 9.38 11.73
CA ALA B 155 51.60 8.57 10.99
C ALA B 155 52.96 8.59 11.68
N MET B 156 53.66 7.46 11.62
CA MET B 156 54.97 7.34 12.24
C MET B 156 56.06 7.71 11.25
N TYR B 157 57.06 8.44 11.73
CA TYR B 157 58.17 8.88 10.89
C TYR B 157 59.49 8.75 11.63
N LYS B 165 70.99 -0.57 6.72
CA LYS B 165 70.58 -1.47 7.78
C LYS B 165 69.17 -2.01 7.51
N PRO B 166 69.05 -2.95 6.56
CA PRO B 166 67.72 -3.49 6.23
C PRO B 166 66.95 -3.99 7.44
N ASP B 167 67.52 -4.94 8.16
CA ASP B 167 66.82 -5.48 9.33
C ASP B 167 66.59 -4.40 10.38
N LEU B 168 67.64 -3.66 10.73
CA LEU B 168 67.51 -2.64 11.75
C LEU B 168 66.57 -1.52 11.31
N LEU B 169 66.71 -1.05 10.06
CA LEU B 169 65.84 0.02 9.58
C LEU B 169 64.38 -0.42 9.55
N LEU B 170 64.12 -1.64 9.06
CA LEU B 170 62.75 -2.14 9.02
C LEU B 170 62.18 -2.28 10.43
N HIS B 171 62.98 -2.81 11.37
CA HIS B 171 62.50 -2.94 12.73
C HIS B 171 62.19 -1.58 13.34
N LEU B 172 63.07 -0.60 13.12
CA LEU B 172 62.82 0.73 13.67
C LEU B 172 61.57 1.36 13.06
N MET B 173 61.39 1.21 11.75
CA MET B 173 60.20 1.76 11.10
C MET B 173 58.94 1.10 11.62
N THR B 174 58.97 -0.22 11.82
CA THR B 174 57.78 -0.94 12.25
C THR B 174 57.46 -0.71 13.72
N LYS B 175 58.48 -0.45 14.55
CA LYS B 175 58.26 -0.28 15.98
C LYS B 175 57.35 0.92 16.24
N GLU B 176 57.69 2.07 15.66
CA GLU B 176 56.88 3.28 15.88
C GLU B 176 55.49 3.12 15.30
N TRP B 177 55.40 2.61 14.07
CA TRP B 177 54.09 2.43 13.43
C TRP B 177 53.36 1.21 13.96
N GLN B 178 54.10 0.18 14.38
CA GLN B 178 53.50 -1.08 14.83
C GLN B 178 52.62 -1.68 13.75
N LEU B 179 53.09 -1.59 12.51
CA LEU B 179 52.36 -2.11 11.36
C LEU B 179 52.68 -3.59 11.15
N LEU B 184 52.33 -10.26 0.04
CA LEU B 184 53.73 -10.40 -0.34
C LEU B 184 54.48 -9.08 -0.12
N LEU B 185 54.39 -8.19 -1.08
CA LEU B 185 55.05 -6.88 -1.00
C LEU B 185 54.58 -6.04 -2.18
N ILE B 186 54.61 -4.73 -1.99
CA ILE B 186 54.25 -3.77 -3.04
C ILE B 186 55.16 -2.57 -2.91
N SER B 187 55.59 -2.04 -4.05
CA SER B 187 56.46 -0.86 -4.08
C SER B 187 56.20 -0.11 -5.36
N VAL B 188 56.03 1.21 -5.25
CA VAL B 188 55.76 2.09 -6.38
C VAL B 188 56.99 2.96 -6.61
N HIS B 189 57.50 2.93 -7.83
CA HIS B 189 58.67 3.72 -8.22
C HIS B 189 58.28 4.63 -9.38
N GLY B 190 58.58 5.91 -9.26
CA GLY B 190 58.26 6.88 -10.29
C GLY B 190 58.99 8.19 -10.10
N GLN B 203 42.20 6.22 -13.67
CA GLN B 203 41.58 6.27 -12.36
C GLN B 203 41.04 4.89 -11.96
N VAL B 204 40.43 4.21 -12.92
CA VAL B 204 39.89 2.88 -12.64
C VAL B 204 41.01 1.92 -12.26
N PHE B 205 42.12 1.97 -13.00
CA PHE B 205 43.26 1.10 -12.68
C PHE B 205 43.81 1.42 -11.30
N GLY B 206 43.93 2.70 -10.97
CA GLY B 206 44.41 3.07 -9.65
C GLY B 206 43.50 2.58 -8.54
N LYS B 207 42.19 2.72 -8.73
CA LYS B 207 41.25 2.23 -7.73
C LYS B 207 41.34 0.71 -7.58
N GLY B 208 41.48 0.00 -8.71
CA GLY B 208 41.64 -1.45 -8.63
C GLY B 208 42.90 -1.85 -7.90
N LEU B 209 44.00 -1.14 -8.15
CA LEU B 209 45.25 -1.45 -7.46
C LEU B 209 45.11 -1.25 -5.97
N ILE B 210 44.45 -0.17 -5.54
CA ILE B 210 44.24 0.06 -4.11
C ILE B 210 43.40 -1.05 -3.51
N LYS B 211 42.32 -1.45 -4.22
CA LYS B 211 41.47 -2.51 -3.71
C LYS B 211 42.26 -3.81 -3.56
N ALA B 212 43.10 -4.15 -4.53
CA ALA B 212 43.93 -5.33 -4.42
C ALA B 212 44.90 -5.21 -3.25
N ALA B 213 45.53 -4.03 -3.10
CA ALA B 213 46.47 -3.85 -2.00
C ALA B 213 45.77 -3.94 -0.65
N MET B 214 44.59 -3.34 -0.52
CA MET B 214 43.87 -3.39 0.74
C MET B 214 43.47 -4.82 1.08
N THR B 215 42.99 -5.58 0.09
CA THR B 215 42.63 -6.97 0.34
C THR B 215 43.84 -7.79 0.75
N THR B 216 44.97 -7.61 0.08
CA THR B 216 46.18 -8.33 0.44
C THR B 216 46.80 -7.77 1.72
N GLY B 217 46.68 -6.47 1.95
CA GLY B 217 47.30 -5.85 3.10
C GLY B 217 48.78 -5.63 2.98
N ALA B 218 49.33 -5.76 1.77
CA ALA B 218 50.76 -5.58 1.56
C ALA B 218 51.11 -4.09 1.60
N TRP B 219 52.13 -3.75 2.38
CA TRP B 219 52.57 -2.36 2.45
C TRP B 219 53.10 -1.90 1.10
N ILE B 220 52.76 -0.68 0.72
CA ILE B 220 53.16 -0.09 -0.55
C ILE B 220 54.34 0.85 -0.30
N PHE B 221 55.47 0.52 -0.90
CA PHE B 221 56.68 1.34 -0.78
C PHE B 221 56.67 2.41 -1.88
N THR B 222 56.47 3.66 -1.48
CA THR B 222 56.40 4.78 -2.42
C THR B 222 57.23 5.92 -1.88
N GLY B 223 57.64 6.82 -2.79
CA GLY B 223 58.45 7.95 -2.37
C GLY B 223 57.70 8.82 -1.37
N GLY B 224 58.46 9.38 -0.43
CA GLY B 224 57.89 10.22 0.61
C GLY B 224 57.59 11.64 0.19
N VAL B 225 57.92 12.02 -1.03
CA VAL B 225 57.63 13.35 -1.54
C VAL B 225 56.28 13.31 -2.23
N ASN B 226 55.35 14.16 -1.76
CA ASN B 226 54.00 14.14 -2.30
C ASN B 226 53.99 14.54 -3.78
N THR B 227 54.78 15.54 -4.14
CA THR B 227 54.79 16.04 -5.51
C THR B 227 55.28 14.97 -6.48
N GLY B 228 54.80 15.06 -7.71
CA GLY B 228 55.21 14.13 -8.75
C GLY B 228 54.31 12.91 -8.83
N VAL B 229 54.93 11.73 -8.97
CA VAL B 229 54.15 10.50 -9.06
C VAL B 229 53.33 10.28 -7.81
N ILE B 230 53.88 10.63 -6.64
CA ILE B 230 53.15 10.44 -5.39
C ILE B 230 51.84 11.23 -5.40
N ARG B 231 51.81 12.35 -6.12
CA ARG B 231 50.57 13.12 -6.21
C ARG B 231 49.47 12.30 -6.86
N HIS B 232 49.80 11.59 -7.94
CA HIS B 232 48.83 10.68 -8.55
C HIS B 232 48.47 9.55 -7.59
N VAL B 233 49.48 9.00 -6.90
CA VAL B 233 49.21 7.94 -5.94
C VAL B 233 48.34 8.46 -4.80
N GLY B 234 48.66 9.65 -4.28
CA GLY B 234 47.90 10.23 -3.20
C GLY B 234 46.48 10.61 -3.57
N ASP B 235 46.25 10.97 -4.82
CA ASP B 235 44.89 11.30 -5.26
C ASP B 235 43.97 10.10 -5.10
N ALA B 236 44.42 8.92 -5.51
CA ALA B 236 43.64 7.72 -5.31
C ALA B 236 43.63 7.28 -3.85
N LEU B 237 44.72 7.52 -3.13
CA LEU B 237 44.77 7.18 -1.71
C LEU B 237 43.71 7.95 -0.94
N LYS B 238 43.62 9.26 -1.17
CA LYS B 238 42.59 10.06 -0.51
C LYS B 238 41.19 9.62 -0.94
N ASP B 239 41.08 8.94 -2.09
CA ASP B 239 39.77 8.53 -2.58
C ASP B 239 39.11 7.51 -1.66
N HIS B 240 39.86 6.49 -1.24
CA HIS B 240 39.27 5.40 -0.47
C HIS B 240 40.14 4.86 0.65
N ALA B 241 41.28 5.50 0.96
CA ALA B 241 42.12 5.00 2.05
C ALA B 241 41.37 5.07 3.38
N SER B 242 40.80 6.23 3.70
CA SER B 242 40.05 6.36 4.95
C SER B 242 38.80 5.49 4.94
N LYS B 243 38.10 5.44 3.81
CA LYS B 243 36.88 4.66 3.71
C LYS B 243 37.16 3.18 3.91
N GLY B 246 40.79 -0.17 6.59
CA GLY B 246 41.91 -1.07 6.81
C GLY B 246 43.19 -0.33 7.13
N LYS B 247 43.32 0.89 6.62
CA LYS B 247 44.50 1.72 6.83
C LYS B 247 45.76 0.98 6.39
N ILE B 248 45.83 0.72 5.09
CA ILE B 248 46.97 0.03 4.49
C ILE B 248 48.25 0.75 4.89
N CYS B 249 49.22 -0.01 5.41
CA CYS B 249 50.46 0.58 5.90
C CYS B 249 51.38 0.96 4.74
N THR B 250 51.02 1.99 4.00
CA THR B 250 51.86 2.47 2.92
C THR B 250 53.19 2.97 3.47
N ILE B 251 54.29 2.58 2.83
CA ILE B 251 55.63 2.93 3.26
C ILE B 251 56.10 4.14 2.48
N GLY B 252 56.38 5.23 3.18
CA GLY B 252 56.89 6.44 2.56
C GLY B 252 58.33 6.71 2.95
N ILE B 253 59.25 6.55 2.00
CA ILE B 253 60.67 6.73 2.25
C ILE B 253 61.16 7.88 1.36
N ALA B 254 61.73 8.89 1.99
CA ALA B 254 62.32 10.03 1.30
C ALA B 254 63.58 10.47 2.04
N PRO B 255 64.50 11.13 1.34
CA PRO B 255 65.73 11.57 2.02
C PRO B 255 65.42 12.53 3.17
N TRP B 256 66.21 12.41 4.24
CA TRP B 256 66.04 13.30 5.38
C TRP B 256 66.38 14.74 5.02
N GLY B 257 67.41 14.95 4.18
CA GLY B 257 67.79 16.30 3.82
C GLY B 257 66.70 17.05 3.09
N ILE B 258 65.86 16.34 2.33
CA ILE B 258 64.78 16.98 1.60
C ILE B 258 63.79 17.67 2.53
N VAL B 259 63.73 17.25 3.80
CA VAL B 259 62.81 17.86 4.74
C VAL B 259 63.18 19.33 4.90
N GLU B 260 62.20 20.21 4.69
CA GLU B 260 62.45 21.65 4.81
C GLU B 260 62.86 22.02 6.23
N ASN B 261 62.21 21.45 7.23
CA ASN B 261 62.49 21.72 8.63
C ASN B 261 63.20 20.51 9.23
N GLN B 262 64.41 20.74 9.76
CA GLN B 262 65.17 19.64 10.36
C GLN B 262 64.47 19.10 11.59
N GLU B 263 63.88 19.98 12.41
CA GLU B 263 63.21 19.53 13.62
C GLU B 263 62.06 18.59 13.31
N ASP B 264 61.24 18.94 12.30
CA ASP B 264 60.13 18.07 11.94
C ASP B 264 60.62 16.71 11.45
N LEU B 265 61.65 16.72 10.60
CA LEU B 265 62.20 15.46 10.11
C LEU B 265 62.83 14.65 11.25
N ILE B 266 63.54 15.32 12.15
CA ILE B 266 64.19 14.65 13.26
C ILE B 266 65.25 13.68 12.75
N HIS B 291 51.53 8.70 3.93
CA HIS B 291 52.37 7.55 4.23
C HIS B 291 52.56 7.40 5.75
N SER B 292 52.82 6.17 6.18
CA SER B 292 53.01 5.85 7.59
C SER B 292 54.26 5.01 7.76
N HIS B 293 54.82 5.05 8.97
CA HIS B 293 56.06 4.34 9.29
C HIS B 293 57.19 4.78 8.36
N PHE B 294 57.25 6.08 8.08
CA PHE B 294 58.28 6.63 7.22
C PHE B 294 59.67 6.43 7.83
N GLU B 308 69.45 2.61 2.53
CA GLU B 308 68.16 3.04 1.97
C GLU B 308 67.64 2.02 0.98
N VAL B 309 68.16 2.07 -0.26
CA VAL B 309 67.71 1.13 -1.28
C VAL B 309 68.09 -0.29 -0.90
N LYS B 310 69.31 -0.50 -0.40
CA LYS B 310 69.70 -1.82 0.07
C LYS B 310 68.82 -2.30 1.20
N LEU B 311 68.35 -1.37 2.04
CA LEU B 311 67.41 -1.74 3.09
C LEU B 311 66.13 -2.31 2.49
N ARG B 312 65.62 -1.67 1.43
CA ARG B 312 64.43 -2.18 0.75
C ARG B 312 64.71 -3.54 0.12
N ARG B 313 65.87 -3.70 -0.50
CA ARG B 313 66.22 -4.98 -1.13
C ARG B 313 66.20 -6.11 -0.10
N GLN B 314 66.88 -5.90 1.04
CA GLN B 314 66.97 -6.96 2.04
C GLN B 314 65.64 -7.16 2.76
N LEU B 315 64.83 -6.11 2.89
CA LEU B 315 63.49 -6.30 3.44
C LEU B 315 62.65 -7.16 2.52
N GLU B 316 62.75 -6.93 1.20
CA GLU B 316 62.07 -7.81 0.25
C GLU B 316 62.57 -9.24 0.35
N LYS B 317 63.89 -9.41 0.50
CA LYS B 317 64.43 -10.75 0.64
C LYS B 317 63.90 -11.44 1.89
N HIS B 318 63.85 -10.70 3.01
CA HIS B 318 63.32 -11.27 4.25
C HIS B 318 61.85 -11.65 4.09
N ILE B 319 61.07 -10.80 3.45
CA ILE B 319 59.65 -11.09 3.25
C ILE B 319 59.49 -12.35 2.40
N SER B 320 60.28 -12.46 1.33
CA SER B 320 60.21 -13.65 0.48
C SER B 320 60.67 -14.90 1.23
N LEU B 321 61.59 -14.75 2.18
CA LEU B 321 62.10 -15.91 2.90
C LEU B 321 60.99 -16.62 3.66
N GLN B 322 60.14 -15.87 4.34
CA GLN B 322 59.05 -16.48 5.09
C GLN B 322 58.04 -17.14 4.14
N LYS B 323 57.54 -18.29 4.56
CA LYS B 323 56.57 -19.03 3.76
C LYS B 323 55.23 -18.31 3.72
N VAL B 334 56.86 -9.72 -3.01
CA VAL B 334 57.86 -9.01 -3.81
C VAL B 334 57.25 -8.55 -5.12
N VAL B 335 56.43 -7.50 -5.06
CA VAL B 335 55.77 -6.93 -6.22
C VAL B 335 56.23 -5.48 -6.38
N ALA B 336 56.64 -5.12 -7.59
CA ALA B 336 57.13 -3.77 -7.88
C ALA B 336 56.26 -3.18 -8.99
N LEU B 337 55.87 -1.92 -8.80
CA LEU B 337 55.09 -1.18 -9.78
C LEU B 337 55.85 0.06 -10.20
N ILE B 338 55.92 0.30 -11.51
CA ILE B 338 56.65 1.43 -12.07
C ILE B 338 55.63 2.42 -12.64
N VAL B 339 55.76 3.68 -12.24
CA VAL B 339 54.88 4.75 -12.71
C VAL B 339 55.76 5.79 -13.39
N GLU B 340 55.75 5.80 -14.72
CA GLU B 340 56.56 6.74 -15.49
C GLU B 340 58.05 6.54 -15.19
N VAL B 345 65.84 4.19 -13.20
CA VAL B 345 64.64 3.38 -13.06
C VAL B 345 64.85 2.03 -13.72
N ILE B 346 65.21 2.06 -15.01
CA ILE B 346 65.43 0.82 -15.74
C ILE B 346 66.60 0.05 -15.13
N SER B 347 67.68 0.76 -14.78
CA SER B 347 68.81 0.09 -14.17
C SER B 347 68.44 -0.53 -12.82
N ILE B 348 67.65 0.19 -12.03
CA ILE B 348 67.21 -0.34 -10.73
C ILE B 348 66.36 -1.58 -10.94
N VAL B 349 65.45 -1.54 -11.92
CA VAL B 349 64.60 -2.70 -12.19
C VAL B 349 65.45 -3.89 -12.60
N LEU B 350 66.44 -3.66 -13.48
CA LEU B 350 67.30 -4.75 -13.92
C LEU B 350 68.10 -5.33 -12.76
N GLU B 351 68.64 -4.47 -11.90
CA GLU B 351 69.39 -4.94 -10.74
C GLU B 351 68.51 -5.77 -9.81
N TYR B 352 67.29 -5.28 -9.54
CA TYR B 352 66.38 -6.03 -8.68
C TYR B 352 66.03 -7.38 -9.30
N LEU B 353 65.79 -7.41 -10.60
CA LEU B 353 65.49 -8.68 -11.28
C LEU B 353 66.66 -9.64 -11.17
N ARG B 354 67.88 -9.14 -11.38
CA ARG B 354 69.06 -10.01 -11.30
C ARG B 354 69.27 -10.54 -9.89
N ASP B 355 69.08 -9.68 -8.88
CA ASP B 355 69.37 -10.08 -7.51
C ASP B 355 68.28 -11.01 -6.97
N THR B 356 67.05 -10.52 -6.90
CA THR B 356 65.96 -11.34 -6.39
C THR B 356 65.65 -12.47 -7.37
N PRO B 357 65.35 -13.68 -6.88
CA PRO B 357 64.98 -14.76 -7.79
C PRO B 357 63.78 -14.38 -8.65
N PRO B 358 62.79 -13.69 -8.09
CA PRO B 358 61.69 -13.20 -8.92
C PRO B 358 61.94 -11.79 -9.44
N VAL B 359 61.34 -11.50 -10.59
CA VAL B 359 61.45 -10.18 -11.20
C VAL B 359 60.13 -9.82 -11.87
N PRO B 360 59.01 -9.79 -11.14
CA PRO B 360 57.71 -9.48 -11.77
C PRO B 360 57.41 -7.98 -11.78
N VAL B 361 58.19 -7.24 -12.57
CA VAL B 361 58.02 -5.80 -12.65
C VAL B 361 56.71 -5.49 -13.39
N VAL B 362 55.87 -4.67 -12.76
CA VAL B 362 54.59 -4.32 -13.36
C VAL B 362 54.83 -3.34 -14.51
N VAL B 363 54.22 -3.63 -15.66
CA VAL B 363 54.39 -2.77 -16.82
C VAL B 363 53.81 -1.39 -16.53
N CYS B 364 54.46 -0.36 -17.07
CA CYS B 364 54.05 1.02 -16.88
C CYS B 364 53.66 1.63 -18.22
N ASP B 365 52.45 2.20 -18.28
CA ASP B 365 52.00 2.84 -19.51
C ASP B 365 52.70 4.17 -19.74
N GLY B 366 53.09 4.86 -18.66
CA GLY B 366 53.73 6.15 -18.82
C GLY B 366 55.05 6.02 -19.57
N SER B 367 55.37 7.06 -20.33
CA SER B 367 56.60 7.06 -21.11
C SER B 367 57.82 7.23 -20.20
N GLY B 368 58.95 6.70 -20.67
CA GLY B 368 60.19 6.78 -19.92
C GLY B 368 61.00 5.51 -19.99
N ARG B 369 61.78 5.24 -18.95
CA ARG B 369 62.57 4.00 -18.92
C ARG B 369 61.65 2.78 -18.92
N ALA B 370 60.53 2.86 -18.20
CA ALA B 370 59.58 1.76 -18.19
C ALA B 370 59.01 1.52 -19.58
N SER B 371 58.72 2.59 -20.33
CA SER B 371 58.23 2.43 -21.69
C SER B 371 59.26 1.73 -22.57
N ASP B 372 60.54 2.13 -22.45
CA ASP B 372 61.58 1.47 -23.23
C ASP B 372 61.70 -0.01 -22.86
N ILE B 373 61.63 -0.32 -21.57
CA ILE B 373 61.72 -1.71 -21.13
C ILE B 373 60.55 -2.51 -21.69
N LEU B 374 59.34 -1.94 -21.65
CA LEU B 374 58.17 -2.64 -22.18
C LEU B 374 58.30 -2.86 -23.68
N ALA B 375 58.78 -1.85 -24.42
CA ALA B 375 58.97 -2.01 -25.85
C ALA B 375 60.00 -3.09 -26.16
N PHE B 376 61.11 -3.11 -25.41
CA PHE B 376 62.12 -4.14 -25.62
C PHE B 376 61.56 -5.53 -25.33
N GLY B 377 60.79 -5.66 -24.25
CA GLY B 377 60.21 -6.96 -23.93
C GLY B 377 59.22 -7.42 -24.99
N HIS B 378 58.36 -6.52 -25.45
CA HIS B 378 57.40 -6.89 -26.49
C HIS B 378 58.10 -7.28 -27.78
N LYS B 379 59.13 -6.52 -28.16
CA LYS B 379 59.89 -6.84 -29.37
C LYS B 379 60.88 -7.97 -29.15
N TYR B 380 61.22 -8.28 -27.91
CA TYR B 380 62.16 -9.35 -27.60
C TYR B 380 63.52 -9.07 -28.24
N SER B 390 66.57 -2.28 -36.13
CA SER B 390 65.23 -1.72 -36.03
C SER B 390 65.00 -1.10 -34.65
N LEU B 391 65.01 -1.95 -33.62
CA LEU B 391 64.80 -1.46 -32.26
C LEU B 391 65.91 -0.49 -31.85
N ARG B 392 67.16 -0.80 -32.21
CA ARG B 392 68.27 0.09 -31.88
C ARG B 392 68.11 1.43 -32.57
N ASP B 393 67.69 1.43 -33.83
CA ASP B 393 67.50 2.70 -34.55
C ASP B 393 66.43 3.55 -33.89
N GLN B 394 65.32 2.93 -33.50
CA GLN B 394 64.26 3.68 -32.82
C GLN B 394 64.74 4.22 -31.49
N LEU B 395 65.51 3.43 -30.74
CA LEU B 395 66.05 3.91 -29.48
C LEU B 395 66.97 5.11 -29.69
N LEU B 396 67.81 5.05 -30.72
CA LEU B 396 68.68 6.18 -31.02
C LEU B 396 67.87 7.42 -31.39
N VAL B 397 66.81 7.24 -32.18
CA VAL B 397 65.95 8.37 -32.55
C VAL B 397 65.32 8.97 -31.31
N THR B 398 64.81 8.14 -30.41
CA THR B 398 64.17 8.62 -29.19
C THR B 398 65.18 9.32 -28.29
N GLN B 409 73.54 7.09 -25.01
CA GLN B 409 72.23 6.76 -24.47
C GLN B 409 71.62 5.58 -25.22
N ALA B 410 71.77 5.59 -26.54
CA ALA B 410 71.23 4.50 -27.35
C ALA B 410 71.90 3.18 -27.00
N GLN B 411 73.23 3.19 -26.79
CA GLN B 411 73.93 1.97 -26.41
C GLN B 411 73.44 1.46 -25.06
N HIS B 412 73.25 2.36 -24.10
CA HIS B 412 72.74 1.95 -22.79
C HIS B 412 71.34 1.37 -22.90
N LEU B 413 70.48 1.99 -23.71
CA LEU B 413 69.13 1.47 -23.90
C LEU B 413 69.16 0.09 -24.54
N PHE B 414 70.03 -0.10 -25.53
CA PHE B 414 70.15 -1.41 -26.16
C PHE B 414 70.65 -2.46 -25.17
N ILE B 415 71.61 -2.08 -24.32
CA ILE B 415 72.12 -3.02 -23.32
C ILE B 415 71.01 -3.39 -22.34
N ILE B 416 70.23 -2.41 -21.91
CA ILE B 416 69.12 -2.68 -20.99
C ILE B 416 68.10 -3.60 -21.64
N LEU B 417 67.78 -3.35 -22.91
CA LEU B 417 66.83 -4.21 -23.62
C LEU B 417 67.36 -5.64 -23.73
N MET B 418 68.64 -5.78 -24.04
CA MET B 418 69.23 -7.12 -24.13
C MET B 418 69.19 -7.83 -22.78
N GLU B 419 69.50 -7.10 -21.70
CA GLU B 419 69.44 -7.70 -20.37
C GLU B 419 68.02 -8.13 -20.03
N CYS B 420 67.02 -7.31 -20.37
CA CYS B 420 65.64 -7.70 -20.14
C CYS B 420 65.27 -8.94 -20.95
N MET B 421 65.71 -8.98 -22.21
CA MET B 421 65.46 -10.16 -23.04
C MET B 421 66.11 -11.41 -22.45
N LYS B 422 67.26 -11.25 -21.78
CA LYS B 422 67.89 -12.37 -21.10
C LYS B 422 66.96 -12.96 -20.05
N LYS B 423 66.26 -12.09 -19.31
CA LYS B 423 65.25 -12.50 -18.34
C LYS B 423 63.85 -12.38 -18.91
N LYS B 424 63.70 -12.67 -20.21
CA LYS B 424 62.42 -12.50 -20.87
C LYS B 424 61.35 -13.33 -20.19
N GLU B 425 60.15 -12.75 -20.08
CA GLU B 425 58.97 -13.30 -19.43
C GLU B 425 59.09 -13.23 -17.90
N LEU B 426 60.22 -12.79 -17.36
CA LEU B 426 60.31 -12.57 -15.91
C LEU B 426 59.56 -11.30 -15.51
N ILE B 427 59.71 -10.24 -16.30
CA ILE B 427 59.04 -8.98 -15.99
C ILE B 427 57.55 -9.13 -16.22
N THR B 428 56.77 -8.73 -15.23
CA THR B 428 55.32 -8.83 -15.34
C THR B 428 54.81 -7.98 -16.50
N VAL B 429 53.93 -8.55 -17.30
CA VAL B 429 53.34 -7.89 -18.46
C VAL B 429 51.97 -7.36 -18.05
N PHE B 430 51.77 -6.06 -18.19
CA PHE B 430 50.53 -5.40 -17.82
C PHE B 430 49.84 -4.86 -19.08
N ARG B 431 48.57 -5.23 -19.26
CA ARG B 431 47.79 -4.79 -20.41
C ARG B 431 46.38 -4.48 -19.94
N MET B 432 45.84 -3.35 -20.43
CA MET B 432 44.50 -2.93 -20.07
C MET B 432 43.47 -3.91 -20.62
N ILE B 440 42.28 -4.92 -13.62
CA ILE B 440 43.67 -4.78 -13.19
C ILE B 440 43.97 -5.75 -12.06
N ASP B 441 42.96 -6.05 -11.24
CA ASP B 441 43.16 -6.96 -10.12
C ASP B 441 43.57 -8.34 -10.60
N LEU B 442 42.92 -8.84 -11.66
CA LEU B 442 43.27 -10.15 -12.20
C LEU B 442 44.70 -10.16 -12.71
N ALA B 443 45.11 -9.10 -13.42
CA ALA B 443 46.47 -9.03 -13.91
C ALA B 443 47.48 -9.01 -12.77
N ILE B 444 47.18 -8.25 -11.71
CA ILE B 444 48.08 -8.20 -10.56
C ILE B 444 48.17 -9.57 -9.90
N LEU B 445 47.04 -10.25 -9.77
CA LEU B 445 47.05 -11.58 -9.16
C LEU B 445 47.87 -12.56 -9.98
N THR B 446 47.71 -12.52 -11.32
CA THR B 446 48.50 -13.40 -12.17
C THR B 446 49.99 -13.08 -12.06
N ALA B 447 50.33 -11.79 -12.02
CA ALA B 447 51.73 -11.41 -11.88
C ALA B 447 52.31 -11.91 -10.56
N LEU B 448 51.55 -11.78 -9.48
CA LEU B 448 52.03 -12.25 -8.18
C LEU B 448 52.20 -13.77 -8.20
N LEU B 449 51.25 -14.48 -8.81
CA LEU B 449 51.36 -15.94 -8.88
C LEU B 449 52.59 -16.34 -9.68
N LYS B 450 52.84 -15.67 -10.80
CA LYS B 450 54.03 -15.98 -11.59
C LYS B 450 55.31 -15.68 -10.81
N GLY B 451 55.33 -14.57 -10.09
CA GLY B 451 56.51 -14.22 -9.31
C GLY B 451 56.78 -15.24 -8.21
N ALA B 452 55.72 -15.70 -7.54
CA ALA B 452 55.89 -16.70 -6.50
C ALA B 452 56.47 -17.99 -7.06
N ASN B 453 55.99 -18.41 -8.23
CA ASN B 453 56.49 -19.62 -8.86
C ASN B 453 56.27 -20.84 -7.99
N SER B 455 55.36 -24.91 -6.41
CA SER B 455 54.66 -26.19 -6.51
C SER B 455 53.16 -25.98 -6.68
N ALA B 456 52.51 -26.92 -7.36
CA ALA B 456 51.06 -26.80 -7.57
C ALA B 456 50.30 -26.73 -6.25
N PRO B 457 50.59 -27.58 -5.24
CA PRO B 457 49.92 -27.38 -3.94
C PRO B 457 50.19 -26.02 -3.34
N ASP B 458 51.41 -25.50 -3.51
CA ASP B 458 51.70 -24.16 -3.00
C ASP B 458 50.87 -23.10 -3.71
N GLN B 459 50.73 -23.22 -5.03
CA GLN B 459 49.90 -22.27 -5.77
C GLN B 459 48.44 -22.37 -5.33
N LEU B 460 47.94 -23.59 -5.12
CA LEU B 460 46.57 -23.76 -4.66
C LEU B 460 46.37 -23.14 -3.29
N SER B 461 47.33 -23.33 -2.38
CA SER B 461 47.23 -22.74 -1.05
C SER B 461 47.25 -21.22 -1.13
N LEU B 462 48.11 -20.66 -1.98
CA LEU B 462 48.15 -19.22 -2.14
C LEU B 462 46.84 -18.68 -2.70
N ALA B 463 46.27 -19.39 -3.68
CA ALA B 463 44.98 -18.98 -4.23
C ALA B 463 43.89 -19.02 -3.18
N LEU B 464 43.87 -20.08 -2.37
CA LEU B 464 42.88 -20.19 -1.31
C LEU B 464 43.04 -19.05 -0.30
N ALA B 465 44.28 -18.72 0.05
CA ALA B 465 44.52 -17.60 0.95
C ALA B 465 44.01 -16.29 0.35
N TRP B 466 44.24 -16.10 -0.95
CA TRP B 466 43.73 -14.91 -1.62
C TRP B 466 42.21 -14.86 -1.58
N ASN B 467 41.56 -16.01 -1.79
CA ASN B 467 40.11 -16.16 -1.79
C ASN B 467 39.46 -15.62 -3.06
N ARG B 468 40.23 -15.07 -3.99
CA ARG B 468 39.70 -14.56 -5.25
C ARG B 468 39.40 -15.75 -6.16
N VAL B 469 38.17 -16.25 -6.06
CA VAL B 469 37.80 -17.44 -6.83
C VAL B 469 37.89 -17.15 -8.32
N ASP B 470 37.38 -16.00 -8.76
CA ASP B 470 37.41 -15.66 -10.18
C ASP B 470 38.86 -15.55 -10.66
N ILE B 471 39.71 -14.88 -9.89
CA ILE B 471 41.12 -14.76 -10.27
C ILE B 471 41.81 -16.11 -10.11
N ALA B 472 41.51 -16.84 -9.04
CA ALA B 472 42.18 -18.10 -8.78
C ALA B 472 41.90 -19.12 -9.87
N ARG B 473 40.72 -19.06 -10.49
CA ARG B 473 40.36 -20.03 -11.52
C ARG B 473 41.30 -19.95 -12.71
N SER B 474 41.62 -18.73 -13.15
CA SER B 474 42.50 -18.58 -14.30
C SER B 474 43.88 -19.18 -14.03
N GLN B 475 44.44 -18.91 -12.85
CA GLN B 475 45.75 -19.46 -12.52
C GLN B 475 45.69 -20.98 -12.39
N ILE B 476 44.68 -21.50 -11.69
CA ILE B 476 44.57 -22.94 -11.50
C ILE B 476 44.20 -23.63 -12.81
N PHE B 477 43.27 -23.07 -13.56
CA PHE B 477 42.80 -23.68 -14.80
C PHE B 477 43.93 -23.69 -15.82
N ILE B 478 44.47 -24.88 -16.09
CA ILE B 478 45.54 -25.04 -17.07
C ILE B 478 45.62 -26.51 -17.44
N TYR B 479 46.21 -26.79 -18.59
CA TYR B 479 46.35 -28.16 -19.07
C TYR B 479 47.71 -28.73 -18.67
N GLY B 480 47.76 -30.05 -18.57
CA GLY B 480 49.02 -30.72 -18.20
C GLY B 480 49.53 -30.32 -16.84
N GLN B 481 48.63 -30.19 -15.85
CA GLN B 481 49.03 -29.79 -14.51
C GLN B 481 49.61 -30.98 -13.75
N GLN B 482 50.26 -30.68 -12.62
CA GLN B 482 50.85 -31.72 -11.80
C GLN B 482 49.81 -32.35 -10.88
N TRP B 483 49.21 -31.57 -10.00
CA TRP B 483 48.22 -32.04 -9.04
C TRP B 483 48.72 -33.29 -8.33
N PRO B 484 49.74 -33.18 -7.48
CA PRO B 484 50.23 -34.36 -6.76
C PRO B 484 49.14 -34.94 -5.86
N VAL B 485 49.15 -36.27 -5.75
CA VAL B 485 48.15 -36.95 -4.94
C VAL B 485 48.30 -36.52 -3.48
N GLY B 486 47.16 -36.34 -2.81
CA GLY B 486 47.12 -35.93 -1.42
C GLY B 486 46.93 -34.45 -1.21
N SER B 487 47.47 -33.62 -2.11
CA SER B 487 47.29 -32.17 -1.97
C SER B 487 45.84 -31.78 -2.13
N LEU B 488 45.12 -32.44 -3.04
CA LEU B 488 43.72 -32.10 -3.27
C LEU B 488 42.88 -32.32 -2.02
N GLU B 489 43.10 -33.42 -1.31
CA GLU B 489 42.33 -33.70 -0.10
C GLU B 489 42.56 -32.64 0.96
N GLN B 490 43.83 -32.28 1.20
CA GLN B 490 44.12 -31.25 2.19
C GLN B 490 43.54 -29.91 1.78
N ALA B 491 43.62 -29.57 0.49
CA ALA B 491 43.05 -28.31 0.03
C ALA B 491 41.54 -28.30 0.23
N MET B 492 40.87 -29.40 -0.08
CA MET B 492 39.43 -29.47 0.11
C MET B 492 39.07 -29.35 1.59
N LEU B 493 39.83 -30.01 2.46
CA LEU B 493 39.58 -29.90 3.89
C LEU B 493 39.73 -28.46 4.36
N ASP B 494 40.79 -27.79 3.93
CA ASP B 494 41.00 -26.40 4.31
C ASP B 494 39.88 -25.52 3.80
N ALA B 495 39.44 -25.72 2.55
CA ALA B 495 38.37 -24.92 2.00
C ALA B 495 37.07 -25.14 2.77
N LEU B 496 36.77 -26.39 3.12
CA LEU B 496 35.57 -26.66 3.89
C LEU B 496 35.64 -26.01 5.26
N VAL B 497 36.81 -26.05 5.91
CA VAL B 497 36.98 -25.34 7.17
C VAL B 497 36.77 -23.85 6.97
N LEU B 498 37.37 -23.30 5.91
CA LEU B 498 37.19 -21.89 5.59
C LEU B 498 35.77 -21.63 5.08
N ASP B 499 35.35 -20.38 5.19
CA ASP B 499 34.02 -19.97 4.74
C ASP B 499 33.92 -19.88 3.22
N ARG B 500 35.03 -19.99 2.50
CA ARG B 500 35.01 -19.88 1.05
C ARG B 500 34.09 -20.94 0.45
N VAL B 501 33.28 -20.53 -0.52
CA VAL B 501 32.33 -21.39 -1.19
C VAL B 501 32.70 -21.62 -2.65
N ASP B 502 33.09 -20.55 -3.35
CA ASP B 502 33.47 -20.70 -4.75
C ASP B 502 34.65 -21.65 -4.92
N PHE B 503 35.57 -21.65 -3.96
CA PHE B 503 36.68 -22.60 -4.02
C PHE B 503 36.18 -24.04 -3.96
N VAL B 504 35.22 -24.31 -3.07
CA VAL B 504 34.67 -25.66 -2.96
C VAL B 504 33.93 -26.03 -4.24
N LYS B 505 33.20 -25.08 -4.81
CA LYS B 505 32.50 -25.34 -6.07
C LYS B 505 33.50 -25.67 -7.17
N LEU B 506 34.62 -24.94 -7.22
CA LEU B 506 35.65 -25.24 -8.21
C LEU B 506 36.24 -26.63 -7.98
N LEU B 507 36.48 -26.99 -6.72
CA LEU B 507 36.97 -28.34 -6.43
C LEU B 507 35.99 -29.39 -6.95
N ILE B 508 34.70 -29.17 -6.73
CA ILE B 508 33.68 -30.10 -7.24
C ILE B 508 33.76 -30.17 -8.75
N GLU B 509 33.86 -29.01 -9.42
CA GLU B 509 33.99 -28.99 -10.86
C GLU B 509 35.38 -29.37 -11.32
N ASN B 510 36.37 -29.37 -10.43
CA ASN B 510 37.73 -29.75 -10.76
C ASN B 510 37.96 -31.24 -10.72
N GLY B 511 36.94 -32.04 -10.40
CA GLY B 511 37.07 -33.47 -10.30
C GLY B 511 37.19 -34.02 -8.90
N VAL B 512 37.07 -33.18 -7.88
CA VAL B 512 37.14 -33.63 -6.50
C VAL B 512 35.81 -34.29 -6.13
N SER B 513 35.88 -35.51 -5.63
CA SER B 513 34.69 -36.28 -5.30
C SER B 513 34.45 -36.22 -3.80
N MET B 514 33.29 -35.69 -3.41
CA MET B 514 32.94 -35.63 -1.99
C MET B 514 32.79 -37.04 -1.41
N HIS B 515 32.19 -37.95 -2.18
CA HIS B 515 32.03 -39.32 -1.71
C HIS B 515 33.38 -39.95 -1.40
N ARG B 516 34.36 -39.77 -2.29
CA ARG B 516 35.71 -40.28 -2.01
C ARG B 516 36.36 -39.49 -0.88
N PHE B 517 36.13 -38.17 -0.83
CA PHE B 517 36.72 -37.35 0.21
C PHE B 517 36.19 -37.73 1.59
N LEU B 518 34.89 -38.01 1.69
CA LEU B 518 34.28 -38.25 2.98
C LEU B 518 34.96 -39.41 3.70
N THR B 519 35.28 -39.20 4.97
CA THR B 519 35.90 -40.24 5.79
C THR B 519 35.61 -39.91 7.25
N ILE B 520 35.72 -40.94 8.09
CA ILE B 520 35.38 -40.77 9.50
C ILE B 520 36.37 -39.82 10.17
N SER B 521 37.66 -40.02 9.94
CA SER B 521 38.67 -39.18 10.59
C SER B 521 38.54 -37.72 10.15
N ARG B 522 38.34 -37.50 8.86
CA ARG B 522 38.21 -36.13 8.36
C ARG B 522 36.99 -35.45 8.98
N LEU B 523 35.86 -36.16 9.04
CA LEU B 523 34.65 -35.57 9.61
C LEU B 523 34.82 -35.29 11.10
N GLU B 524 35.49 -36.20 11.82
CA GLU B 524 35.73 -35.97 13.25
C GLU B 524 36.62 -34.75 13.45
N GLU B 525 37.68 -34.62 12.66
CA GLU B 525 38.54 -33.45 12.76
C GLU B 525 37.76 -32.18 12.45
N LEU B 526 36.90 -32.22 11.44
CA LEU B 526 36.08 -31.06 11.11
C LEU B 526 35.16 -30.69 12.28
N TYR B 527 34.53 -31.69 12.89
CA TYR B 527 33.62 -31.41 13.99
C TYR B 527 34.36 -30.83 15.19
N ASN B 528 35.54 -31.36 15.50
CA ASN B 528 36.27 -30.94 16.68
C ASN B 528 37.07 -29.67 16.48
N THR B 529 37.13 -29.13 15.26
CA THR B 529 37.91 -27.94 15.00
C THR B 529 37.20 -26.71 15.56
N ARG B 530 37.99 -25.75 16.03
CA ARG B 530 37.48 -24.49 16.55
C ARG B 530 37.88 -23.30 15.68
N HIS B 531 38.49 -23.55 14.52
CA HIS B 531 38.96 -22.48 13.64
C HIS B 531 37.81 -22.08 12.72
N GLY B 532 36.92 -21.25 13.24
CA GLY B 532 35.80 -20.75 12.49
C GLY B 532 34.89 -19.87 13.32
N PRO B 533 33.83 -19.33 12.70
CA PRO B 533 32.87 -18.47 13.39
C PRO B 533 32.28 -19.12 14.64
N THR B 536 27.19 -22.31 19.10
CA THR B 536 26.80 -22.85 20.39
C THR B 536 26.92 -24.38 20.41
N LEU B 537 27.68 -24.92 19.44
CA LEU B 537 27.84 -26.36 19.36
C LEU B 537 28.57 -26.91 20.60
N TYR B 538 29.62 -26.22 21.04
CA TYR B 538 30.40 -26.73 22.17
C TYR B 538 29.56 -26.79 23.44
N HIS B 539 28.89 -25.68 23.78
CA HIS B 539 28.10 -25.64 25.01
C HIS B 539 26.94 -26.63 24.95
N LEU B 540 26.27 -26.71 23.80
CA LEU B 540 25.16 -27.64 23.67
C LEU B 540 25.63 -29.09 23.81
N VAL B 541 26.76 -29.42 23.19
CA VAL B 541 27.31 -30.77 23.31
C VAL B 541 27.67 -31.07 24.76
N ARG B 542 28.31 -30.12 25.43
CA ARG B 542 28.68 -30.32 26.83
C ARG B 542 27.44 -30.55 27.70
N ASP B 543 26.39 -29.76 27.48
CA ASP B 543 25.16 -29.93 28.25
C ASP B 543 24.53 -31.29 27.97
N VAL B 544 24.48 -31.68 26.70
CA VAL B 544 23.88 -32.97 26.34
C VAL B 544 24.75 -34.12 26.82
N LYS B 545 26.05 -34.02 26.61
CA LYS B 545 26.98 -35.07 27.01
C LYS B 545 26.96 -35.26 28.52
N PRO B 550 34.85 -31.04 30.36
CA PRO B 550 35.67 -31.69 29.34
C PRO B 550 36.03 -30.76 28.19
N PRO B 551 36.77 -29.69 28.49
CA PRO B 551 37.16 -28.74 27.44
C PRO B 551 38.00 -29.42 26.37
N ASP B 552 37.77 -29.02 25.12
CA ASP B 552 38.51 -29.55 23.97
C ASP B 552 38.40 -31.07 23.90
N TYR B 553 37.25 -31.62 24.31
CA TYR B 553 37.07 -33.05 24.28
C TYR B 553 36.89 -33.53 22.84
N ARG B 554 37.54 -34.65 22.51
CA ARG B 554 37.45 -35.22 21.18
C ARG B 554 36.03 -35.64 20.87
N ILE B 555 35.38 -34.96 19.95
CA ILE B 555 34.00 -35.24 19.57
C ILE B 555 33.99 -36.30 18.49
N SER B 556 33.10 -37.29 18.64
CA SER B 556 32.97 -38.38 17.70
C SER B 556 31.54 -38.40 17.17
N LEU B 557 31.33 -39.22 16.13
CA LEU B 557 30.01 -39.30 15.51
C LEU B 557 28.95 -39.74 16.52
N ILE B 558 29.33 -40.53 17.51
CA ILE B 558 28.35 -41.02 18.49
C ILE B 558 27.79 -39.86 19.31
N ASP B 559 28.66 -39.00 19.83
CA ASP B 559 28.20 -37.86 20.62
C ASP B 559 27.39 -36.89 19.76
N ILE B 560 27.83 -36.66 18.52
CA ILE B 560 27.08 -35.77 17.63
C ILE B 560 25.68 -36.32 17.37
N GLY B 561 25.59 -37.63 17.12
CA GLY B 561 24.28 -38.23 16.93
C GLY B 561 23.42 -38.15 18.17
N LEU B 562 24.04 -38.33 19.35
CA LEU B 562 23.28 -38.24 20.59
C LEU B 562 22.71 -36.85 20.79
N VAL B 563 23.52 -35.81 20.55
CA VAL B 563 23.01 -34.45 20.69
C VAL B 563 21.97 -34.15 19.62
N ILE B 564 22.14 -34.70 18.41
CA ILE B 564 21.12 -34.54 17.37
C ILE B 564 19.79 -35.10 17.86
N GLU B 565 19.81 -36.33 18.38
CA GLU B 565 18.58 -36.94 18.88
C GLU B 565 17.99 -36.12 20.02
N TYR B 566 18.85 -35.61 20.91
CA TYR B 566 18.39 -34.72 21.98
C TYR B 566 17.61 -33.54 21.40
N LEU B 567 18.19 -32.89 20.38
CA LEU B 567 17.56 -31.69 19.84
C LEU B 567 16.28 -32.01 19.09
N MET B 568 16.23 -33.13 18.38
CA MET B 568 15.05 -33.44 17.57
C MET B 568 13.80 -33.56 18.45
N GLY B 569 13.90 -34.25 19.57
CA GLY B 569 12.81 -34.44 20.49
C GLY B 569 12.63 -35.90 20.82
N GLY B 570 11.53 -36.22 21.51
CA GLY B 570 11.26 -37.58 21.90
C GLY B 570 10.75 -38.41 20.74
N ALA B 571 10.85 -39.73 20.92
CA ALA B 571 10.37 -40.69 19.92
C ALA B 571 11.00 -40.42 18.56
N TYR B 572 12.29 -40.10 18.57
CA TYR B 572 13.05 -39.84 17.36
C TYR B 572 14.29 -40.73 17.33
N ARG B 573 14.88 -40.86 16.15
CA ARG B 573 16.08 -41.65 15.98
C ARG B 573 16.87 -41.12 14.80
N CYS B 574 18.17 -41.43 14.80
CA CYS B 574 19.07 -41.07 13.72
C CYS B 574 19.88 -42.30 13.31
N ASN B 575 20.11 -42.45 12.00
CA ASN B 575 20.84 -43.61 11.52
C ASN B 575 22.23 -43.68 12.12
N TYR B 576 22.94 -42.54 12.14
CA TYR B 576 24.25 -42.51 12.78
C TYR B 576 24.14 -42.46 14.29
N THR B 577 23.05 -41.91 14.82
CA THR B 577 22.86 -41.77 16.26
C THR B 577 22.19 -43.02 16.81
N ARG B 578 22.96 -44.11 16.85
CA ARG B 578 22.48 -45.39 17.33
C ARG B 578 23.62 -46.13 18.00
N LYS B 579 23.25 -47.06 18.89
CA LYS B 579 24.27 -47.83 19.61
C LYS B 579 25.10 -48.67 18.66
N ARG B 580 24.46 -49.29 17.66
CA ARG B 580 25.19 -50.10 16.70
C ARG B 580 26.23 -49.27 15.96
N PHE B 581 25.86 -48.06 15.54
CA PHE B 581 26.82 -47.17 14.89
C PHE B 581 27.96 -46.82 15.82
N ARG B 582 27.64 -46.55 17.09
CA ARG B 582 28.69 -46.24 18.06
C ARG B 582 29.63 -47.43 18.25
N THR B 583 29.06 -48.64 18.34
CA THR B 583 29.89 -49.83 18.49
C THR B 583 30.78 -50.03 17.27
N LEU B 584 30.22 -49.83 16.07
CA LEU B 584 31.03 -49.95 14.86
C LEU B 584 32.14 -48.92 14.83
N TYR B 585 31.83 -47.67 15.22
CA TYR B 585 32.86 -46.64 15.26
C TYR B 585 33.95 -46.99 16.28
N HIS B 586 33.54 -47.51 17.44
CA HIS B 586 34.52 -47.90 18.45
C HIS B 586 35.43 -49.01 17.94
N ASN B 587 34.87 -49.99 17.25
CA ASN B 587 35.66 -51.10 16.71
C ASN B 587 36.61 -50.61 15.64
N ILE B 631 34.90 -49.93 3.90
CA ILE B 631 34.50 -48.77 3.12
C ILE B 631 34.64 -47.50 3.96
N ASN B 632 33.93 -47.46 5.08
CA ASN B 632 33.95 -46.31 5.97
C ASN B 632 33.57 -45.03 5.22
N HIS B 633 32.59 -45.15 4.32
CA HIS B 633 32.12 -44.04 3.50
C HIS B 633 30.62 -43.90 3.69
N PHE B 634 30.17 -42.69 3.95
CA PHE B 634 28.74 -42.43 4.11
C PHE B 634 28.03 -42.58 2.76
N PRO B 635 27.01 -43.42 2.64
CA PRO B 635 26.30 -43.51 1.36
C PRO B 635 25.70 -42.20 0.90
N PHE B 636 25.30 -41.34 1.83
CA PHE B 636 24.71 -40.03 1.53
C PHE B 636 25.48 -38.97 2.28
N PRO B 637 26.68 -38.61 1.80
CA PRO B 637 27.47 -37.60 2.50
C PRO B 637 26.77 -36.25 2.60
N PHE B 638 25.94 -35.90 1.61
CA PHE B 638 25.27 -34.61 1.63
C PHE B 638 24.45 -34.43 2.90
N HIS B 639 23.80 -35.50 3.36
CA HIS B 639 22.97 -35.39 4.56
C HIS B 639 23.81 -34.97 5.76
N GLU B 640 24.92 -35.67 6.01
CA GLU B 640 25.77 -35.35 7.15
C GLU B 640 26.39 -33.97 6.99
N LEU B 641 26.81 -33.62 5.77
CA LEU B 641 27.41 -32.31 5.55
C LEU B 641 26.41 -31.19 5.85
N MET B 642 25.16 -31.35 5.39
CA MET B 642 24.15 -30.33 5.67
C MET B 642 23.82 -30.27 7.15
N VAL B 643 23.75 -31.42 7.81
CA VAL B 643 23.49 -31.44 9.25
C VAL B 643 24.58 -30.68 9.99
N TRP B 644 25.84 -30.93 9.64
CA TRP B 644 26.93 -30.20 10.26
C TRP B 644 26.86 -28.72 9.95
N ALA B 645 26.59 -28.36 8.70
CA ALA B 645 26.57 -26.96 8.30
C ALA B 645 25.52 -26.19 9.10
N VAL B 646 24.33 -26.77 9.25
CA VAL B 646 23.32 -26.12 10.09
C VAL B 646 23.70 -26.17 11.56
N LEU B 647 24.45 -27.19 11.98
CA LEU B 647 24.85 -27.28 13.38
C LEU B 647 25.76 -26.14 13.78
N MET B 648 26.70 -25.76 12.92
CA MET B 648 27.69 -24.73 13.21
C MET B 648 27.26 -23.36 12.73
N LYS B 649 26.03 -23.21 12.23
CA LYS B 649 25.50 -21.91 11.84
C LYS B 649 26.24 -21.34 10.64
N ARG B 650 26.36 -22.14 9.59
CA ARG B 650 26.91 -21.72 8.31
C ARG B 650 25.79 -21.84 7.29
N GLN B 651 25.26 -20.70 6.86
CA GLN B 651 23.98 -20.70 6.14
C GLN B 651 24.19 -20.87 4.64
N LYS B 652 25.13 -20.12 4.05
CA LYS B 652 25.32 -20.18 2.61
C LYS B 652 25.77 -21.57 2.17
N MET B 653 26.67 -22.19 2.94
CA MET B 653 27.09 -23.55 2.61
C MET B 653 25.93 -24.52 2.73
N ALA B 654 25.07 -24.33 3.73
CA ALA B 654 23.88 -25.17 3.84
C ALA B 654 22.99 -25.01 2.63
N LEU B 655 22.80 -23.78 2.17
CA LEU B 655 22.01 -23.53 0.98
C LEU B 655 22.60 -24.25 -0.24
N PHE B 656 23.92 -24.13 -0.42
CA PHE B 656 24.55 -24.79 -1.56
C PHE B 656 24.39 -26.30 -1.47
N PHE B 657 24.60 -26.88 -0.29
CA PHE B 657 24.46 -28.32 -0.13
C PHE B 657 23.03 -28.77 -0.41
N TRP B 658 22.04 -28.02 0.09
CA TRP B 658 20.65 -28.31 -0.22
C TRP B 658 20.37 -28.17 -1.71
N GLN B 659 21.14 -27.34 -2.42
CA GLN B 659 20.93 -27.20 -3.86
C GLN B 659 21.17 -28.51 -4.59
N HIS B 660 22.02 -29.39 -4.03
CA HIS B 660 22.32 -30.70 -4.62
C HIS B 660 22.22 -31.74 -3.52
N GLY B 661 21.14 -32.51 -3.53
CA GLY B 661 20.97 -33.57 -2.56
C GLY B 661 19.73 -34.38 -2.85
N GLU B 662 19.71 -35.60 -2.32
CA GLU B 662 18.57 -36.48 -2.44
C GLU B 662 17.64 -36.30 -1.26
N GLU B 663 16.33 -36.35 -1.53
CA GLU B 663 15.30 -36.13 -0.51
C GLU B 663 15.48 -34.75 0.14
N ALA B 664 15.50 -33.73 -0.72
CA ALA B 664 15.75 -32.37 -0.24
C ALA B 664 14.66 -31.92 0.72
N MET B 665 13.40 -32.26 0.44
CA MET B 665 12.31 -31.80 1.29
C MET B 665 12.48 -32.31 2.71
N ALA B 666 12.85 -33.58 2.87
CA ALA B 666 13.03 -34.13 4.21
C ALA B 666 14.15 -33.38 4.95
N LYS B 667 15.27 -33.13 4.28
CA LYS B 667 16.36 -32.41 4.91
C LYS B 667 15.95 -30.99 5.28
N ALA B 668 15.21 -30.32 4.39
CA ALA B 668 14.80 -28.95 4.66
C ALA B 668 13.95 -28.85 5.91
N LEU B 669 12.98 -29.77 6.05
CA LEU B 669 12.13 -29.77 7.24
C LEU B 669 12.95 -30.04 8.49
N VAL B 670 13.90 -30.98 8.41
CA VAL B 670 14.75 -31.26 9.57
C VAL B 670 15.53 -30.02 9.96
N ALA B 671 16.07 -29.29 8.99
CA ALA B 671 16.81 -28.07 9.30
C ALA B 671 15.93 -27.06 10.01
N CYS B 672 14.69 -26.88 9.55
CA CYS B 672 13.79 -25.96 10.21
C CYS B 672 13.51 -26.41 11.65
N LYS B 673 13.32 -27.71 11.85
CA LYS B 673 13.14 -28.23 13.19
C LYS B 673 14.37 -27.98 14.04
N LEU B 674 15.56 -28.20 13.48
CA LEU B 674 16.79 -28.00 14.23
C LEU B 674 16.98 -26.53 14.60
N CYS B 675 16.71 -25.62 13.67
CA CYS B 675 16.91 -24.21 13.95
C CYS B 675 15.99 -23.72 15.07
N LYS B 676 14.71 -24.10 15.02
CA LYS B 676 13.79 -23.70 16.07
C LYS B 676 14.19 -24.29 17.41
N ALA B 677 14.55 -25.58 17.43
CA ALA B 677 14.93 -26.22 18.67
C ALA B 677 16.18 -25.59 19.27
N MET B 678 17.17 -25.27 18.43
CA MET B 678 18.38 -24.62 18.91
C MET B 678 18.05 -23.25 19.49
N ALA B 679 17.18 -22.50 18.81
CA ALA B 679 16.80 -21.18 19.31
C ALA B 679 16.13 -21.26 20.68
N HIS B 680 15.19 -22.21 20.83
CA HIS B 680 14.50 -22.35 22.10
C HIS B 680 15.47 -22.75 23.21
N GLU B 681 16.37 -23.68 22.91
CA GLU B 681 17.35 -24.09 23.91
C GLU B 681 18.26 -22.94 24.31
N ALA B 682 18.69 -22.14 23.34
CA ALA B 682 19.57 -21.01 23.60
C ALA B 682 18.79 -19.87 24.23
N ASP B 690 21.65 -12.63 18.61
CA ASP B 690 21.88 -13.48 17.46
C ASP B 690 20.93 -14.68 17.45
N ILE B 691 20.61 -15.17 18.65
CA ILE B 691 19.70 -16.31 18.77
C ILE B 691 18.33 -15.93 18.23
N SER B 692 17.84 -14.74 18.58
CA SER B 692 16.57 -14.27 18.06
C SER B 692 16.65 -14.05 16.55
N GLN B 693 17.78 -13.50 16.07
CA GLN B 693 17.91 -13.20 14.65
C GLN B 693 17.89 -14.49 13.81
N GLU B 694 18.68 -15.48 14.20
CA GLU B 694 18.72 -16.73 13.43
C GLU B 694 17.38 -17.45 13.49
N LEU B 695 16.72 -17.41 14.65
CA LEU B 695 15.43 -18.07 14.78
C LEU B 695 14.41 -17.49 13.81
N ASN B 696 14.36 -16.16 13.71
CA ASN B 696 13.38 -15.52 12.83
C ASN B 696 13.69 -15.79 11.36
N HIS B 697 14.97 -15.82 11.01
CA HIS B 697 15.38 -15.95 9.61
C HIS B 697 15.68 -17.39 9.22
N ASN B 698 16.61 -18.03 9.92
CA ASN B 698 17.09 -19.34 9.48
C ASN B 698 15.96 -20.37 9.43
N SER B 699 15.23 -20.51 10.53
CA SER B 699 14.15 -21.51 10.55
C SER B 699 13.06 -21.16 9.56
N ARG B 700 12.68 -19.88 9.49
CA ARG B 700 11.63 -19.46 8.56
C ARG B 700 12.06 -19.73 7.12
N ASP B 701 13.31 -19.41 6.79
CA ASP B 701 13.78 -19.60 5.41
C ASP B 701 13.72 -21.06 5.01
N PHE B 702 14.17 -21.98 5.88
CA PHE B 702 14.10 -23.40 5.56
C PHE B 702 12.66 -23.84 5.34
N GLY B 703 11.75 -23.40 6.22
CA GLY B 703 10.35 -23.76 6.05
C GLY B 703 9.77 -23.23 4.76
N GLN B 704 10.11 -21.99 4.40
CA GLN B 704 9.62 -21.41 3.16
C GLN B 704 10.13 -22.19 1.95
N LEU B 705 11.40 -22.60 1.99
CA LEU B 705 11.95 -23.40 0.89
C LEU B 705 11.20 -24.72 0.74
N ALA B 706 10.90 -25.38 1.87
CA ALA B 706 10.15 -26.63 1.79
C ALA B 706 8.76 -26.40 1.21
N VAL B 707 8.09 -25.31 1.61
CA VAL B 707 6.77 -25.03 1.07
C VAL B 707 6.84 -24.78 -0.43
N GLU B 708 7.84 -24.00 -0.87
CA GLU B 708 7.97 -23.73 -2.30
C GLU B 708 8.24 -25.02 -3.06
N LEU B 709 9.09 -25.90 -2.52
CA LEU B 709 9.34 -27.17 -3.18
C LEU B 709 8.07 -28.01 -3.27
N LEU B 710 7.28 -28.04 -2.20
CA LEU B 710 6.01 -28.76 -2.24
C LEU B 710 5.08 -28.17 -3.30
N ASP B 711 5.01 -26.84 -3.38
CA ASP B 711 4.13 -26.22 -4.36
C ASP B 711 4.54 -26.59 -5.78
N GLN B 712 5.84 -26.55 -6.07
CA GLN B 712 6.30 -26.89 -7.40
C GLN B 712 5.99 -28.35 -7.74
N SER B 713 6.22 -29.26 -6.79
CA SER B 713 5.96 -30.66 -7.04
C SER B 713 4.48 -30.90 -7.34
N TYR B 714 3.60 -30.24 -6.60
CA TYR B 714 2.16 -30.38 -6.85
C TYR B 714 1.81 -29.89 -8.25
N LYS B 715 2.40 -28.76 -8.66
CA LYS B 715 2.15 -28.26 -10.02
C LYS B 715 2.62 -29.26 -11.07
N GLN B 716 3.81 -29.82 -10.88
CA GLN B 716 4.34 -30.78 -11.85
C GLN B 716 3.48 -32.04 -11.90
N ASP B 717 3.08 -32.56 -10.75
CA ASP B 717 2.27 -33.78 -10.69
C ASP B 717 1.64 -33.87 -9.31
N GLU B 718 0.31 -33.95 -9.26
CA GLU B 718 -0.38 -34.06 -7.98
C GLU B 718 -0.18 -35.44 -7.37
N GLN B 719 -0.31 -36.49 -8.19
CA GLN B 719 -0.19 -37.85 -7.67
C GLN B 719 1.20 -38.11 -7.12
N LEU B 720 2.24 -37.69 -7.85
CA LEU B 720 3.61 -37.91 -7.39
C LEU B 720 3.90 -37.09 -6.13
N ALA B 721 3.37 -35.87 -6.06
CA ALA B 721 3.56 -35.07 -4.85
C ALA B 721 2.90 -35.74 -3.66
N MET B 722 1.68 -36.26 -3.84
CA MET B 722 1.00 -36.96 -2.76
C MET B 722 1.80 -38.18 -2.32
N LYS B 723 2.32 -38.94 -3.29
CA LYS B 723 3.13 -40.12 -2.95
C LYS B 723 4.39 -39.73 -2.20
N LEU B 724 5.04 -38.65 -2.63
CA LEU B 724 6.27 -38.20 -1.97
C LEU B 724 5.99 -37.75 -0.54
N LEU B 725 4.85 -37.10 -0.31
CA LEU B 725 4.56 -36.58 1.03
C LEU B 725 4.63 -37.68 2.09
N THR B 726 4.26 -38.91 1.74
CA THR B 726 4.18 -40.00 2.71
C THR B 726 4.94 -41.20 2.16
N TYR B 727 6.09 -41.50 2.75
CA TYR B 727 6.83 -42.72 2.48
C TYR B 727 7.95 -42.84 3.49
N GLU B 728 8.20 -44.08 3.93
CA GLU B 728 9.17 -44.32 4.99
C GLU B 728 10.57 -43.89 4.53
N LEU B 729 11.29 -43.24 5.44
CA LEU B 729 12.67 -42.80 5.21
C LEU B 729 13.59 -43.63 6.10
N LYS B 730 14.38 -44.51 5.49
CA LYS B 730 15.33 -45.30 6.26
C LYS B 730 16.37 -44.41 6.91
N ASN B 731 16.79 -43.34 6.21
CA ASN B 731 17.82 -42.46 6.74
C ASN B 731 17.37 -41.76 8.02
N TRP B 732 16.12 -41.28 8.04
CA TRP B 732 15.61 -40.44 9.11
C TRP B 732 14.70 -41.19 10.06
N SER B 733 15.05 -42.45 10.38
CA SER B 733 14.30 -43.24 11.37
C SER B 733 12.87 -43.49 10.93
N ASN B 734 12.62 -43.51 9.62
CA ASN B 734 11.32 -43.85 9.07
C ASN B 734 10.23 -42.90 9.58
N ALA B 735 10.38 -41.63 9.24
CA ALA B 735 9.40 -40.60 9.56
C ALA B 735 9.03 -39.87 8.27
N THR B 736 7.73 -39.80 7.99
CA THR B 736 7.27 -39.16 6.77
C THR B 736 7.38 -37.63 6.88
N CYS B 737 7.24 -36.97 5.74
CA CYS B 737 7.34 -35.51 5.70
C CYS B 737 6.28 -34.87 6.59
N LEU B 738 5.08 -35.44 6.62
CA LEU B 738 4.01 -34.87 7.43
C LEU B 738 4.37 -34.89 8.91
N GLN B 739 4.95 -35.98 9.39
CA GLN B 739 5.33 -36.06 10.79
C GLN B 739 6.39 -35.03 11.13
N LEU B 740 7.38 -34.85 10.25
CA LEU B 740 8.41 -33.85 10.48
C LEU B 740 7.82 -32.45 10.49
N ALA B 741 6.90 -32.16 9.56
CA ALA B 741 6.27 -30.85 9.54
C ALA B 741 5.49 -30.60 10.82
N VAL B 742 4.76 -31.60 11.30
CA VAL B 742 4.00 -31.45 12.53
C VAL B 742 4.93 -31.23 13.70
N ALA B 743 6.03 -31.98 13.77
CA ALA B 743 6.99 -31.79 14.84
C ALA B 743 7.57 -30.37 14.82
N ALA B 744 7.88 -29.86 13.62
CA ALA B 744 8.32 -28.49 13.48
C ALA B 744 7.19 -27.48 13.66
N LYS B 745 5.94 -27.93 13.73
CA LYS B 745 4.80 -27.06 13.89
C LYS B 745 4.72 -26.02 12.76
N HIS B 746 5.11 -26.43 11.56
CA HIS B 746 5.06 -25.55 10.38
C HIS B 746 3.65 -25.61 9.82
N ARG B 747 2.80 -24.68 10.27
CA ARG B 747 1.41 -24.67 9.85
C ARG B 747 1.27 -24.46 8.34
N ASP B 748 2.22 -23.74 7.73
CA ASP B 748 2.11 -23.45 6.31
C ASP B 748 2.15 -24.73 5.49
N PHE B 749 3.04 -25.67 5.84
CA PHE B 749 3.14 -26.91 5.08
C PHE B 749 1.84 -27.70 5.14
N ILE B 750 1.25 -27.81 6.33
CA ILE B 750 0.01 -28.57 6.47
C ILE B 750 -1.14 -27.86 5.76
N ALA B 751 -1.15 -26.53 5.81
CA ALA B 751 -2.24 -25.75 5.21
C ALA B 751 -2.28 -25.85 3.69
N HIS B 752 -1.23 -26.40 3.07
CA HIS B 752 -1.22 -26.51 1.61
C HIS B 752 -2.34 -27.41 1.13
N THR B 753 -2.79 -27.16 -0.10
CA THR B 753 -3.96 -27.86 -0.62
C THR B 753 -3.73 -29.36 -0.68
N CYS B 754 -2.54 -29.78 -1.13
CA CYS B 754 -2.27 -31.22 -1.25
C CYS B 754 -2.32 -31.91 0.11
N SER B 755 -1.72 -31.29 1.13
CA SER B 755 -1.74 -31.88 2.46
C SER B 755 -3.16 -31.99 3.00
N GLN B 756 -3.97 -30.95 2.81
CA GLN B 756 -5.35 -31.00 3.28
C GLN B 756 -6.14 -32.06 2.53
N MET B 757 -5.89 -32.20 1.23
CA MET B 757 -6.57 -33.24 0.45
C MET B 757 -6.20 -34.62 0.98
N LEU B 758 -4.92 -34.85 1.25
CA LEU B 758 -4.50 -36.14 1.78
C LEU B 758 -5.11 -36.41 3.15
N LEU B 759 -5.16 -35.38 4.01
CA LEU B 759 -5.77 -35.55 5.32
C LEU B 759 -7.24 -35.87 5.21
N THR B 760 -7.95 -35.20 4.29
CA THR B 760 -9.37 -35.49 4.10
C THR B 760 -9.58 -36.91 3.58
N ASP B 761 -8.72 -37.34 2.65
CA ASP B 761 -8.84 -38.71 2.15
C ASP B 761 -8.60 -39.71 3.27
N MET B 762 -7.60 -39.46 4.11
CA MET B 762 -7.35 -40.36 5.24
C MET B 762 -8.53 -40.38 6.21
N TRP B 763 -9.10 -39.21 6.49
CA TRP B 763 -10.21 -39.12 7.44
C TRP B 763 -11.44 -39.85 6.91
N MET B 764 -11.74 -39.68 5.61
CA MET B 764 -12.87 -40.39 5.02
C MET B 764 -12.60 -41.88 4.88
N GLY B 765 -11.34 -42.30 4.96
CA GLY B 765 -11.03 -43.70 4.87
C GLY B 765 -11.32 -44.27 3.49
N ARG B 766 -11.64 -45.56 3.46
CA ARG B 766 -11.90 -46.23 2.19
C ARG B 766 -13.12 -45.62 1.50
N LEU B 767 -14.17 -45.32 2.27
CA LEU B 767 -15.37 -44.74 1.69
C LEU B 767 -15.06 -43.41 1.02
N ARG B 768 -15.62 -43.20 -0.17
CA ARG B 768 -15.37 -42.01 -0.96
C ARG B 768 -16.47 -40.96 -0.81
N MET B 769 -17.48 -41.21 0.01
CA MET B 769 -18.56 -40.25 0.19
C MET B 769 -18.01 -38.93 0.71
N ARG B 770 -18.52 -37.82 0.16
CA ARG B 770 -18.08 -36.49 0.57
C ARG B 770 -19.23 -35.50 0.76
N LYS B 771 -20.48 -35.92 0.59
CA LYS B 771 -21.63 -35.05 0.75
C LYS B 771 -22.47 -35.56 1.93
N ASN B 772 -22.83 -34.65 2.83
CA ASN B 772 -23.59 -34.99 4.02
C ASN B 772 -22.92 -36.13 4.79
N SER B 773 -21.60 -35.98 4.97
CA SER B 773 -20.82 -37.05 5.59
C SER B 773 -21.28 -37.32 7.02
N GLY B 774 -21.55 -36.26 7.79
CA GLY B 774 -21.96 -36.46 9.17
C GLY B 774 -23.27 -37.21 9.28
N LEU B 775 -24.27 -36.81 8.49
CA LEU B 775 -25.56 -37.49 8.53
C LEU B 775 -25.43 -38.94 8.07
N LYS B 776 -24.63 -39.17 7.02
CA LYS B 776 -24.44 -40.54 6.55
C LYS B 776 -23.78 -41.40 7.61
N VAL B 777 -22.78 -40.87 8.30
CA VAL B 777 -22.11 -41.63 9.35
C VAL B 777 -23.06 -41.91 10.50
N ILE B 778 -23.88 -40.92 10.87
CA ILE B 778 -24.84 -41.12 11.96
C ILE B 778 -25.84 -42.22 11.57
N LEU B 779 -26.34 -42.17 10.34
CA LEU B 779 -27.27 -43.20 9.89
C LEU B 779 -26.63 -44.57 9.88
N GLY B 780 -25.38 -44.65 9.41
CA GLY B 780 -24.70 -45.94 9.40
C GLY B 780 -24.51 -46.51 10.79
N ILE B 781 -24.15 -45.65 11.75
CA ILE B 781 -24.03 -46.10 13.13
C ILE B 781 -25.37 -46.57 13.66
N LEU B 782 -26.44 -45.82 13.37
CA LEU B 782 -27.76 -46.16 13.89
C LEU B 782 -28.29 -47.43 13.24
N LEU B 783 -28.11 -47.60 11.93
CA LEU B 783 -28.67 -48.72 11.18
C LEU B 783 -27.56 -49.38 10.39
N PRO B 784 -26.74 -50.21 11.03
CA PRO B 784 -25.65 -50.90 10.33
C PRO B 784 -26.16 -51.74 9.18
N PRO B 785 -27.05 -52.72 9.45
CA PRO B 785 -27.34 -53.72 8.41
C PRO B 785 -27.93 -53.13 7.13
N SER B 786 -28.73 -52.07 7.24
CA SER B 786 -29.34 -51.46 6.06
C SER B 786 -28.45 -50.39 5.45
N ILE B 787 -27.84 -49.54 6.27
CA ILE B 787 -27.06 -48.42 5.75
C ILE B 787 -25.78 -48.92 5.09
N LEU B 788 -25.06 -49.83 5.76
CA LEU B 788 -23.70 -50.15 5.35
C LEU B 788 -23.63 -50.62 3.89
N SER B 789 -24.59 -51.44 3.47
CA SER B 789 -24.53 -51.99 2.11
C SER B 789 -24.53 -50.88 1.07
N LEU B 790 -25.40 -49.88 1.23
CA LEU B 790 -25.43 -48.77 0.28
C LEU B 790 -24.26 -47.83 0.49
N GLU B 791 -23.89 -47.58 1.75
CA GLU B 791 -22.80 -46.64 2.02
C GLU B 791 -21.47 -47.14 1.50
N PHE B 792 -21.32 -48.46 1.34
CA PHE B 792 -20.06 -48.99 0.83
C PHE B 792 -19.74 -48.45 -0.55
N LYS B 793 -20.75 -48.37 -1.43
CA LYS B 793 -20.52 -47.85 -2.77
C LYS B 793 -20.08 -46.39 -2.73
N ASN B 794 -20.71 -45.59 -1.88
CA ASN B 794 -20.36 -44.17 -1.76
C ASN B 794 -19.13 -43.99 -0.88
N GLY B 861 -20.52 -58.38 4.74
CA GLY B 861 -19.35 -58.73 3.96
C GLY B 861 -18.16 -57.84 4.24
N ARG B 862 -17.28 -57.70 3.25
CA ARG B 862 -16.10 -56.86 3.41
C ARG B 862 -16.47 -55.39 3.50
N LYS B 863 -17.58 -54.99 2.87
CA LYS B 863 -17.99 -53.59 2.90
C LYS B 863 -18.24 -53.12 4.33
N ILE B 864 -18.93 -53.94 5.12
CA ILE B 864 -19.21 -53.55 6.51
C ILE B 864 -17.91 -53.41 7.29
N TYR B 865 -16.97 -54.33 7.09
CA TYR B 865 -15.71 -54.29 7.82
C TYR B 865 -14.93 -53.03 7.47
N GLU B 866 -14.77 -52.75 6.18
CA GLU B 866 -14.03 -51.55 5.78
C GLU B 866 -14.75 -50.29 6.20
N PHE B 867 -16.07 -50.32 6.26
CA PHE B 867 -16.83 -49.18 6.78
C PHE B 867 -16.53 -48.95 8.25
N TYR B 868 -16.52 -50.03 9.04
CA TYR B 868 -16.22 -49.90 10.46
C TYR B 868 -14.80 -49.39 10.68
N ASN B 869 -13.84 -49.91 9.91
CA ASN B 869 -12.44 -49.55 10.14
C ASN B 869 -12.15 -48.09 9.83
N ALA B 870 -13.05 -47.39 9.15
CA ALA B 870 -12.80 -45.99 8.83
C ALA B 870 -12.76 -45.15 10.12
N PRO B 871 -11.87 -44.17 10.20
CA PRO B 871 -11.76 -43.39 11.44
C PRO B 871 -13.00 -42.57 11.77
N ILE B 872 -13.75 -42.10 10.76
CA ILE B 872 -14.89 -41.23 11.03
C ILE B 872 -15.97 -41.97 11.80
N VAL B 873 -16.27 -43.20 11.39
CA VAL B 873 -17.28 -43.98 12.10
C VAL B 873 -16.80 -44.31 13.50
N LYS B 874 -15.49 -44.54 13.68
CA LYS B 874 -14.95 -44.71 15.02
C LYS B 874 -15.18 -43.46 15.87
N PHE B 875 -14.96 -42.29 15.28
CA PHE B 875 -15.16 -41.04 15.99
C PHE B 875 -16.60 -40.89 16.45
N TRP B 876 -17.55 -41.17 15.55
CA TRP B 876 -18.96 -41.06 15.92
C TRP B 876 -19.34 -42.12 16.96
N PHE B 877 -18.80 -43.33 16.83
CA PHE B 877 -19.06 -44.37 17.82
C PHE B 877 -18.59 -43.93 19.20
N TYR B 878 -17.37 -43.39 19.27
CA TYR B 878 -16.84 -42.93 20.55
C TYR B 878 -17.67 -41.78 21.10
N THR B 879 -18.11 -40.87 20.23
CA THR B 879 -18.92 -39.75 20.69
C THR B 879 -20.23 -40.24 21.30
N LEU B 880 -20.90 -41.18 20.63
CA LEU B 880 -22.15 -41.70 21.15
C LEU B 880 -21.94 -42.46 22.46
N ALA B 881 -20.87 -43.26 22.54
CA ALA B 881 -20.58 -43.95 23.79
C ALA B 881 -20.32 -42.96 24.91
N TYR B 882 -19.59 -41.88 24.63
CA TYR B 882 -19.32 -40.86 25.62
C TYR B 882 -20.60 -40.18 26.08
N ILE B 883 -21.52 -39.91 25.15
CA ILE B 883 -22.80 -39.31 25.53
C ILE B 883 -23.58 -40.25 26.44
N GLY B 884 -23.62 -41.54 26.10
CA GLY B 884 -24.28 -42.50 26.97
C GLY B 884 -23.66 -42.55 28.35
N TYR B 885 -22.33 -42.54 28.41
CA TYR B 885 -21.63 -42.52 29.68
C TYR B 885 -21.99 -41.28 30.48
N LEU B 886 -22.06 -40.12 29.82
CA LEU B 886 -22.44 -38.89 30.50
C LEU B 886 -23.84 -38.99 31.08
N MET B 887 -24.78 -39.51 30.30
CA MET B 887 -26.15 -39.62 30.78
C MET B 887 -26.24 -40.56 31.98
N LEU B 888 -25.54 -41.70 31.92
CA LEU B 888 -25.55 -42.62 33.05
C LEU B 888 -24.92 -41.98 34.27
N PHE B 889 -23.83 -41.25 34.10
CA PHE B 889 -23.19 -40.57 35.21
C PHE B 889 -24.14 -39.55 35.85
N ASN B 890 -24.86 -38.80 35.01
CA ASN B 890 -25.83 -37.85 35.54
C ASN B 890 -26.92 -38.56 36.32
N TYR B 891 -27.41 -39.69 35.80
CA TYR B 891 -28.47 -40.41 36.49
C TYR B 891 -27.99 -41.06 37.78
N ILE B 892 -26.69 -41.36 37.90
CA ILE B 892 -26.20 -42.09 39.06
C ILE B 892 -26.05 -41.17 40.26
N VAL B 893 -25.18 -40.18 40.15
CA VAL B 893 -24.84 -39.33 41.30
C VAL B 893 -26.01 -38.46 41.74
N LEU B 894 -26.93 -38.15 40.83
CA LEU B 894 -27.90 -37.09 41.05
C LEU B 894 -29.11 -37.51 41.88
N VAL B 895 -29.32 -38.80 42.12
CA VAL B 895 -30.61 -39.25 42.66
C VAL B 895 -30.46 -39.81 44.07
N LYS B 896 -29.69 -40.87 44.24
CA LYS B 896 -29.71 -41.60 45.50
C LYS B 896 -28.48 -42.48 45.59
N MET B 897 -28.22 -42.97 46.81
CA MET B 897 -27.12 -43.89 47.07
C MET B 897 -27.62 -45.02 47.98
N GLU B 898 -27.04 -46.21 47.81
CA GLU B 898 -27.40 -47.38 48.60
C GLU B 898 -26.13 -48.07 49.09
N ARG B 899 -26.31 -49.10 49.91
CA ARG B 899 -25.17 -49.85 50.41
C ARG B 899 -24.36 -50.45 49.26
N TRP B 900 -25.04 -51.07 48.30
CA TRP B 900 -24.38 -51.62 47.13
C TRP B 900 -24.74 -50.81 45.89
N PRO B 901 -23.80 -50.63 44.97
CA PRO B 901 -24.07 -49.79 43.80
C PRO B 901 -25.10 -50.42 42.88
N SER B 902 -25.81 -49.56 42.15
CA SER B 902 -26.80 -50.01 41.19
C SER B 902 -26.12 -50.43 39.90
N THR B 903 -26.92 -50.86 38.92
CA THR B 903 -26.37 -51.32 37.65
C THR B 903 -25.64 -50.21 36.91
N GLN B 904 -26.19 -48.99 36.94
CA GLN B 904 -25.58 -47.89 36.21
C GLN B 904 -24.19 -47.56 36.74
N GLU B 905 -24.02 -47.58 38.06
CA GLU B 905 -22.70 -47.32 38.62
C GLU B 905 -21.72 -48.42 38.23
N TRP B 906 -22.18 -49.66 38.16
CA TRP B 906 -21.33 -50.74 37.66
C TRP B 906 -20.93 -50.49 36.21
N ILE B 907 -21.86 -50.01 35.39
CA ILE B 907 -21.54 -49.71 34.00
C ILE B 907 -20.48 -48.62 33.92
N VAL B 908 -20.62 -47.59 34.76
CA VAL B 908 -19.63 -46.51 34.77
C VAL B 908 -18.27 -47.02 35.20
N ILE B 909 -18.24 -47.88 36.23
CA ILE B 909 -16.98 -48.46 36.69
C ILE B 909 -16.35 -49.28 35.58
N SER B 910 -17.16 -50.03 34.84
CA SER B 910 -16.64 -50.78 33.70
C SER B 910 -16.06 -49.84 32.64
N TYR B 911 -16.75 -48.72 32.39
CA TYR B 911 -16.23 -47.72 31.48
C TYR B 911 -14.83 -47.29 31.88
N ILE B 912 -14.67 -46.92 33.15
CA ILE B 912 -13.38 -46.40 33.62
C ILE B 912 -12.32 -47.50 33.57
N PHE B 913 -12.69 -48.72 33.94
CA PHE B 913 -11.74 -49.83 33.92
C PHE B 913 -11.25 -50.10 32.50
N THR B 914 -12.16 -50.12 31.53
CA THR B 914 -11.77 -50.32 30.14
C THR B 914 -10.91 -49.17 29.64
N LEU B 915 -11.23 -47.94 30.03
CA LEU B 915 -10.41 -46.80 29.62
C LEU B 915 -9.01 -46.91 30.19
N GLY B 916 -8.89 -47.34 31.45
CA GLY B 916 -7.56 -47.54 32.02
C GLY B 916 -6.78 -48.62 31.30
N ILE B 917 -7.45 -49.71 30.95
CA ILE B 917 -6.80 -50.76 30.17
C ILE B 917 -6.32 -50.21 28.84
N GLU B 918 -7.16 -49.40 28.19
CA GLU B 918 -6.77 -48.82 26.90
C GLU B 918 -5.56 -47.92 27.05
N LYS B 919 -5.53 -47.10 28.11
CA LYS B 919 -4.39 -46.22 28.33
C LYS B 919 -3.11 -47.01 28.57
N MET B 920 -3.20 -48.07 29.39
CA MET B 920 -2.00 -48.87 29.65
C MET B 920 -1.53 -49.56 28.38
N ARG B 921 -2.47 -50.04 27.56
CA ARG B 921 -2.09 -50.64 26.28
C ARG B 921 -1.41 -49.63 25.37
N GLU B 922 -1.95 -48.41 25.31
CA GLU B 922 -1.36 -47.39 24.46
C GLU B 922 0.05 -47.04 24.91
N ILE B 923 0.26 -46.95 26.22
CA ILE B 923 1.61 -46.72 26.74
C ILE B 923 2.52 -47.89 26.40
N LEU B 924 2.01 -49.12 26.53
CA LEU B 924 2.83 -50.29 26.23
C LEU B 924 3.27 -50.29 24.77
N MET B 925 2.35 -49.98 23.85
CA MET B 925 2.72 -49.89 22.44
C MET B 925 3.62 -48.70 22.16
N SER B 926 3.75 -47.76 23.09
CA SER B 926 4.72 -46.67 22.97
C SER B 926 6.11 -47.18 23.39
N GLU B 927 6.60 -48.14 22.63
CA GLU B 927 7.85 -48.83 22.91
C GLU B 927 9.10 -47.98 22.69
N PRO B 928 9.18 -47.12 21.67
CA PRO B 928 10.45 -46.45 21.39
C PRO B 928 10.99 -45.74 22.62
N GLY B 929 12.28 -45.94 22.88
CA GLY B 929 12.90 -45.47 24.11
C GLY B 929 12.89 -46.48 25.23
N LYS B 930 12.49 -47.74 24.96
CA LYS B 930 12.41 -48.76 25.99
C LYS B 930 11.31 -48.43 26.98
N LEU B 931 11.13 -49.28 27.99
CA LEU B 931 10.08 -49.05 28.97
C LEU B 931 10.36 -47.80 29.81
N LEU B 932 11.63 -47.60 30.21
CA LEU B 932 11.96 -46.50 31.09
C LEU B 932 11.77 -45.14 30.40
N GLN B 933 12.17 -45.03 29.14
CA GLN B 933 12.14 -43.75 28.43
C GLN B 933 10.90 -43.60 27.56
N LYS B 934 9.94 -44.51 27.67
CA LYS B 934 8.69 -44.40 26.95
C LYS B 934 7.67 -43.53 27.67
N VAL B 935 7.63 -43.63 29.01
CA VAL B 935 6.69 -42.82 29.78
C VAL B 935 7.07 -41.34 29.73
N LYS B 936 8.36 -41.04 29.72
CA LYS B 936 8.80 -39.65 29.72
C LYS B 936 8.25 -38.91 28.50
N VAL B 937 8.34 -39.51 27.33
CA VAL B 937 7.79 -38.89 26.13
C VAL B 937 6.27 -38.91 26.16
N TRP B 938 5.68 -40.02 26.59
CA TRP B 938 4.23 -40.14 26.61
C TRP B 938 3.59 -39.13 27.56
N LEU B 939 4.35 -38.61 28.52
CA LEU B 939 3.82 -37.68 29.51
C LEU B 939 3.81 -36.23 29.03
N GLN B 940 4.31 -35.96 27.82
CA GLN B 940 4.35 -34.59 27.34
C GLN B 940 2.96 -33.99 27.24
N GLU B 941 2.00 -34.75 26.73
CA GLU B 941 0.64 -34.23 26.61
C GLU B 941 0.04 -33.97 27.99
N TYR B 942 -0.58 -32.80 28.14
CA TYR B 942 -1.18 -32.43 29.41
C TYR B 942 -2.51 -33.16 29.63
N TRP B 943 -3.30 -33.32 28.56
CA TRP B 943 -4.61 -33.94 28.69
C TRP B 943 -4.49 -35.37 29.21
N ASN B 944 -3.47 -36.10 28.77
CA ASN B 944 -3.29 -37.47 29.24
C ASN B 944 -3.02 -37.49 30.74
N VAL B 945 -2.17 -36.58 31.23
CA VAL B 945 -1.88 -36.52 32.65
C VAL B 945 -3.13 -36.16 33.45
N THR B 946 -3.91 -35.21 32.94
CA THR B 946 -5.16 -34.85 33.61
C THR B 946 -6.11 -36.02 33.65
N ASP B 947 -6.18 -36.79 32.56
CA ASP B 947 -7.01 -37.99 32.53
C ASP B 947 -6.56 -39.00 33.59
N LEU B 948 -5.26 -39.21 33.71
CA LEU B 948 -4.75 -40.13 34.73
C LEU B 948 -5.12 -39.65 36.12
N ILE B 949 -4.97 -38.35 36.38
CA ILE B 949 -5.32 -37.81 37.69
C ILE B 949 -6.81 -38.01 37.98
N ALA B 950 -7.65 -37.74 36.98
CA ALA B 950 -9.09 -37.92 37.16
C ALA B 950 -9.44 -39.37 37.44
N ILE B 951 -8.79 -40.30 36.72
CA ILE B 951 -9.03 -41.72 36.96
C ILE B 951 -8.65 -42.09 38.38
N LEU B 952 -7.49 -41.61 38.85
CA LEU B 952 -7.06 -41.92 40.21
C LEU B 952 -8.06 -41.39 41.22
N LEU B 953 -8.50 -40.14 41.05
CA LEU B 953 -9.45 -39.56 41.99
C LEU B 953 -10.78 -40.32 41.98
N PHE B 954 -11.24 -40.71 40.79
CA PHE B 954 -12.48 -41.48 40.70
C PHE B 954 -12.35 -42.82 41.42
N SER B 955 -11.23 -43.51 41.22
CA SER B 955 -11.02 -44.79 41.89
C SER B 955 -10.98 -44.60 43.41
N VAL B 956 -10.31 -43.54 43.88
CA VAL B 956 -10.24 -43.28 45.32
C VAL B 956 -11.64 -43.03 45.86
N GLY B 957 -12.44 -42.23 45.16
CA GLY B 957 -13.79 -41.98 45.61
C GLY B 957 -14.64 -43.24 45.65
N MET B 958 -14.51 -44.08 44.62
CA MET B 958 -15.24 -45.34 44.61
C MET B 958 -14.85 -46.22 45.78
N ILE B 959 -13.55 -46.30 46.08
CA ILE B 959 -13.09 -47.10 47.20
C ILE B 959 -13.66 -46.56 48.51
N LEU B 960 -13.61 -45.24 48.68
CA LEU B 960 -14.14 -44.64 49.89
C LEU B 960 -15.64 -44.88 50.03
N ARG B 961 -16.35 -44.98 48.90
CA ARG B 961 -17.80 -45.14 48.97
C ARG B 961 -18.17 -46.42 49.71
N LEU B 962 -17.43 -47.51 49.48
CA LEU B 962 -17.71 -48.79 50.13
C LEU B 962 -16.92 -48.91 51.43
N GLN B 963 -17.14 -47.95 52.32
CA GLN B 963 -16.50 -47.90 53.63
C GLN B 963 -17.52 -47.55 54.71
N ASP B 964 -18.74 -48.04 54.57
CA ASP B 964 -19.82 -47.76 55.52
C ASP B 964 -20.36 -46.35 55.31
N GLN B 965 -21.44 -46.02 56.01
CA GLN B 965 -22.08 -44.72 55.81
C GLN B 965 -21.16 -43.54 56.14
N PRO B 966 -20.47 -43.51 57.28
CA PRO B 966 -19.65 -42.31 57.59
C PRO B 966 -18.63 -42.00 56.52
N PHE B 967 -18.03 -43.02 55.90
CA PHE B 967 -17.10 -42.81 54.81
C PHE B 967 -17.79 -42.76 53.45
N ARG B 968 -18.93 -43.42 53.30
CA ARG B 968 -19.67 -43.33 52.03
C ARG B 968 -20.10 -41.89 51.76
N SER B 969 -20.65 -41.23 52.78
CA SER B 969 -21.11 -39.85 52.60
C SER B 969 -19.96 -38.92 52.30
N ASP B 970 -18.78 -39.18 52.86
CA ASP B 970 -17.61 -38.33 52.60
C ASP B 970 -16.98 -38.63 51.25
N GLY B 971 -17.07 -39.86 50.77
CA GLY B 971 -16.44 -40.25 49.52
C GLY B 971 -17.30 -39.99 48.30
N ARG B 972 -18.61 -39.90 48.48
CA ARG B 972 -19.49 -39.62 47.35
C ARG B 972 -19.16 -38.28 46.70
N VAL B 973 -18.86 -37.27 47.53
CA VAL B 973 -18.64 -35.93 47.02
C VAL B 973 -17.43 -35.88 46.08
N ILE B 974 -16.41 -36.69 46.36
CA ILE B 974 -15.20 -36.64 45.53
C ILE B 974 -15.52 -37.02 44.10
N TYR B 975 -16.18 -38.16 43.89
CA TYR B 975 -16.51 -38.57 42.54
C TYR B 975 -17.73 -37.83 41.99
N CYS B 976 -18.46 -37.11 42.83
CA CYS B 976 -19.43 -36.15 42.31
C CYS B 976 -18.73 -34.97 41.65
N VAL B 977 -17.71 -34.42 42.33
CA VAL B 977 -16.92 -33.33 41.75
C VAL B 977 -16.13 -33.82 40.54
N ASN B 978 -15.75 -35.09 40.53
CA ASN B 978 -14.97 -35.62 39.42
C ASN B 978 -15.68 -35.46 38.08
N ILE B 979 -17.01 -35.34 38.08
CA ILE B 979 -17.75 -35.23 36.82
C ILE B 979 -17.29 -34.01 36.03
N ILE B 980 -16.86 -32.96 36.72
CA ILE B 980 -16.54 -31.70 36.04
C ILE B 980 -15.47 -31.93 34.97
N TYR B 981 -14.46 -32.73 35.29
CA TYR B 981 -13.38 -32.97 34.33
C TYR B 981 -13.91 -33.61 33.06
N TRP B 982 -14.79 -34.61 33.18
CA TRP B 982 -15.28 -35.32 32.01
C TRP B 982 -16.12 -34.41 31.13
N TYR B 983 -16.90 -33.50 31.72
CA TYR B 983 -17.67 -32.55 30.93
C TYR B 983 -16.76 -31.60 30.16
N ILE B 984 -15.61 -31.22 30.75
CA ILE B 984 -14.70 -30.28 30.11
C ILE B 984 -13.77 -30.96 29.11
N ARG B 985 -13.60 -32.28 29.18
CA ARG B 985 -12.75 -32.97 28.22
C ARG B 985 -13.26 -32.87 26.81
N LEU B 986 -14.54 -32.53 26.62
CA LEU B 986 -15.07 -32.39 25.26
C LEU B 986 -14.48 -31.20 24.53
N LEU B 987 -13.92 -30.23 25.27
CA LEU B 987 -13.35 -29.06 24.63
C LEU B 987 -12.19 -29.44 23.73
N ASP B 988 -11.32 -30.34 24.21
CA ASP B 988 -10.21 -30.81 23.38
C ASP B 988 -10.71 -31.51 22.12
N ILE B 989 -11.95 -31.99 22.12
CA ILE B 989 -12.54 -32.60 20.94
C ILE B 989 -13.39 -31.61 20.14
N PHE B 990 -13.71 -30.45 20.71
CA PHE B 990 -14.46 -29.42 20.00
C PHE B 990 -13.58 -28.55 19.13
N GLY B 991 -12.27 -28.75 19.15
CA GLY B 991 -11.40 -28.01 18.25
C GLY B 991 -11.40 -28.52 16.83
N VAL B 992 -11.93 -29.72 16.60
CA VAL B 992 -11.96 -30.27 15.24
C VAL B 992 -12.83 -29.42 14.32
N ASN B 993 -14.00 -29.03 14.80
CA ASN B 993 -14.96 -28.33 13.95
C ASN B 993 -14.42 -26.98 13.52
N LYS B 994 -14.76 -26.59 12.29
CA LYS B 994 -14.28 -25.33 11.73
C LYS B 994 -14.79 -24.14 12.53
N TYR B 995 -16.07 -24.16 12.92
CA TYR B 995 -16.69 -23.03 13.59
C TYR B 995 -16.63 -23.10 15.11
N LEU B 996 -16.09 -24.18 15.68
CA LEU B 996 -16.13 -24.38 17.12
C LEU B 996 -14.79 -24.19 17.80
N GLY B 997 -13.68 -24.48 17.10
CA GLY B 997 -12.35 -24.32 17.66
C GLY B 997 -11.97 -22.90 18.01
N PRO B 998 -12.41 -21.89 17.26
CA PRO B 998 -12.08 -20.51 17.65
C PRO B 998 -12.54 -20.15 19.05
N TYR B 999 -13.71 -20.64 19.46
CA TYR B 999 -14.20 -20.36 20.81
C TYR B 999 -13.27 -20.94 21.86
N VAL B 1000 -12.84 -22.19 21.66
CA VAL B 1000 -11.93 -22.82 22.61
C VAL B 1000 -10.60 -22.08 22.67
N MET B 1001 -10.07 -21.71 21.51
CA MET B 1001 -8.81 -20.98 21.48
C MET B 1001 -8.94 -19.63 22.18
N MET B 1002 -10.06 -18.94 21.96
CA MET B 1002 -10.28 -17.67 22.63
C MET B 1002 -10.37 -17.85 24.14
N ILE B 1003 -11.04 -18.90 24.60
CA ILE B 1003 -11.12 -19.16 26.03
C ILE B 1003 -9.73 -19.40 26.60
N GLY B 1004 -8.94 -20.22 25.92
CA GLY B 1004 -7.59 -20.48 26.39
C GLY B 1004 -6.75 -19.22 26.45
N LYS B 1005 -6.88 -18.36 25.45
CA LYS B 1005 -6.14 -17.09 25.44
C LYS B 1005 -6.60 -16.18 26.57
N MET B 1006 -7.91 -16.07 26.78
CA MET B 1006 -8.45 -15.11 27.73
C MET B 1006 -8.35 -15.59 29.18
N MET B 1007 -8.04 -16.86 29.42
CA MET B 1007 -7.85 -17.31 30.79
C MET B 1007 -6.76 -16.50 31.48
N ILE B 1008 -5.61 -16.33 30.82
CA ILE B 1008 -4.51 -15.57 31.42
C ILE B 1008 -4.88 -14.11 31.59
N ASP B 1009 -5.60 -13.55 30.62
CA ASP B 1009 -6.04 -12.16 30.72
C ASP B 1009 -6.94 -11.96 31.94
N MET B 1010 -7.87 -12.90 32.16
CA MET B 1010 -8.72 -12.83 33.34
C MET B 1010 -7.89 -12.98 34.62
N MET B 1011 -6.89 -13.86 34.59
CA MET B 1011 -6.02 -14.03 35.76
C MET B 1011 -5.37 -12.70 36.12
N TYR B 1012 -4.83 -11.99 35.13
CA TYR B 1012 -4.20 -10.71 35.40
C TYR B 1012 -5.23 -9.66 35.82
N PHE B 1013 -6.41 -9.68 35.21
CA PHE B 1013 -7.45 -8.71 35.56
C PHE B 1013 -7.90 -8.87 37.00
N VAL B 1014 -7.85 -10.10 37.52
CA VAL B 1014 -8.30 -10.36 38.89
C VAL B 1014 -7.49 -9.54 39.89
N ILE B 1015 -6.18 -9.42 39.65
CA ILE B 1015 -5.33 -8.67 40.58
C ILE B 1015 -5.77 -7.22 40.65
N ILE B 1016 -6.01 -6.61 39.50
CA ILE B 1016 -6.45 -5.21 39.48
C ILE B 1016 -7.81 -5.09 40.17
N MET B 1017 -8.73 -6.01 39.88
CA MET B 1017 -10.04 -5.95 40.50
C MET B 1017 -9.93 -5.99 42.01
N LEU B 1018 -9.11 -6.92 42.54
CA LEU B 1018 -8.92 -7.00 43.98
C LEU B 1018 -8.32 -5.72 44.53
N VAL B 1019 -7.24 -5.24 43.91
CA VAL B 1019 -6.55 -4.06 44.44
C VAL B 1019 -7.51 -2.89 44.51
N VAL B 1020 -8.36 -2.72 43.50
CA VAL B 1020 -9.27 -1.57 43.50
C VAL B 1020 -10.39 -1.76 44.52
N LEU B 1021 -11.04 -2.93 44.51
CA LEU B 1021 -12.25 -3.10 45.30
C LEU B 1021 -11.96 -3.27 46.78
N MET B 1022 -10.91 -4.02 47.13
CA MET B 1022 -10.67 -4.37 48.52
C MET B 1022 -10.39 -3.13 49.36
N SER B 1023 -9.69 -2.14 48.80
CA SER B 1023 -9.38 -0.93 49.55
C SER B 1023 -10.66 -0.23 50.00
N PHE B 1024 -11.58 0.03 49.06
CA PHE B 1024 -12.81 0.70 49.39
C PHE B 1024 -13.68 -0.15 50.31
N GLY B 1025 -13.71 -1.47 50.08
CA GLY B 1025 -14.48 -2.33 50.96
C GLY B 1025 -13.98 -2.29 52.39
N VAL B 1026 -12.66 -2.36 52.57
CA VAL B 1026 -12.08 -2.29 53.91
C VAL B 1026 -12.36 -0.95 54.55
N ALA B 1027 -12.23 0.13 53.78
CA ALA B 1027 -12.52 1.45 54.34
C ALA B 1027 -13.96 1.55 54.81
N ARG B 1028 -14.90 1.10 53.98
CA ARG B 1028 -16.30 1.15 54.36
C ARG B 1028 -16.57 0.31 55.59
N GLN B 1029 -15.99 -0.90 55.65
CA GLN B 1029 -16.20 -1.76 56.81
C GLN B 1029 -15.64 -1.12 58.07
N ALA B 1030 -14.46 -0.50 57.97
CA ALA B 1030 -13.85 0.12 59.13
C ALA B 1030 -14.68 1.31 59.62
N ILE B 1031 -15.21 2.11 58.71
CA ILE B 1031 -16.04 3.25 59.12
C ILE B 1031 -17.22 2.75 59.94
N LEU B 1032 -17.88 1.69 59.45
CA LEU B 1032 -18.96 1.08 60.21
C LEU B 1032 -18.39 0.11 61.23
N PHE B 1033 -19.27 -0.39 62.11
CA PHE B 1033 -18.90 -1.32 63.16
C PHE B 1033 -17.68 -0.82 63.94
N PRO B 1034 -17.75 0.38 64.54
CA PRO B 1034 -16.57 0.87 65.27
C PRO B 1034 -16.10 -0.06 66.36
N ASN B 1035 -17.01 -0.70 67.08
CA ASN B 1035 -16.69 -1.69 68.09
C ASN B 1035 -16.95 -3.08 67.51
N GLU B 1036 -15.89 -3.87 67.40
CA GLU B 1036 -16.00 -5.19 66.77
C GLU B 1036 -14.87 -6.07 67.27
N GLU B 1037 -15.09 -7.38 67.15
CA GLU B 1037 -14.08 -8.39 67.48
C GLU B 1037 -13.83 -9.25 66.25
N PRO B 1038 -12.60 -9.73 66.07
CA PRO B 1038 -12.24 -10.36 64.79
C PRO B 1038 -13.11 -11.56 64.45
N SER B 1039 -13.12 -12.57 65.31
CA SER B 1039 -13.94 -13.78 65.13
C SER B 1039 -13.77 -14.42 63.75
N TRP B 1040 -12.70 -14.08 63.02
CA TRP B 1040 -12.41 -14.71 61.74
C TRP B 1040 -13.57 -14.58 60.76
N LYS B 1041 -14.29 -13.45 60.84
CA LYS B 1041 -15.50 -13.28 60.04
C LYS B 1041 -15.60 -11.87 59.45
N LEU B 1042 -14.50 -11.34 58.93
CA LEU B 1042 -14.49 -10.06 58.25
C LEU B 1042 -14.37 -10.18 56.74
N ALA B 1043 -13.81 -11.29 56.25
CA ALA B 1043 -13.66 -11.45 54.81
C ALA B 1043 -15.00 -11.43 54.11
N LYS B 1044 -16.01 -12.11 54.68
CA LYS B 1044 -17.34 -12.08 54.11
C LYS B 1044 -17.89 -10.66 54.08
N ASN B 1045 -17.70 -9.91 55.17
CA ASN B 1045 -18.24 -8.56 55.23
C ASN B 1045 -17.61 -7.66 54.17
N ILE B 1046 -16.28 -7.74 54.00
CA ILE B 1046 -15.61 -6.87 53.03
C ILE B 1046 -15.96 -7.29 51.61
N PHE B 1047 -16.01 -8.60 51.35
CA PHE B 1047 -16.22 -9.11 50.00
C PHE B 1047 -17.68 -9.19 49.60
N TYR B 1048 -18.61 -8.79 50.48
CA TYR B 1048 -20.03 -8.89 50.14
C TYR B 1048 -20.34 -8.09 48.88
N MET B 1049 -19.91 -6.83 48.84
CA MET B 1049 -20.08 -5.96 47.68
C MET B 1049 -21.51 -6.03 47.13
N PRO B 1050 -22.52 -5.70 47.94
CA PRO B 1050 -23.90 -5.71 47.45
C PRO B 1050 -24.27 -4.43 46.71
N TYR B 1051 -25.12 -4.58 45.70
CA TYR B 1051 -25.54 -3.44 44.90
C TYR B 1051 -26.69 -2.68 45.57
N TRP B 1052 -27.79 -3.39 45.85
CA TRP B 1052 -28.96 -2.73 46.41
C TRP B 1052 -28.67 -2.13 47.78
N MET B 1053 -27.94 -2.85 48.63
CA MET B 1053 -27.64 -2.33 49.95
C MET B 1053 -26.80 -1.06 49.86
N ILE B 1054 -25.78 -1.07 49.01
CA ILE B 1054 -24.93 0.12 48.86
C ILE B 1054 -25.75 1.28 48.31
N TYR B 1055 -26.59 1.01 47.31
CA TYR B 1055 -27.40 2.08 46.74
C TYR B 1055 -28.33 2.69 47.78
N GLY B 1056 -28.96 1.85 48.60
CA GLY B 1056 -29.78 2.37 49.67
C GLY B 1056 -28.99 3.17 50.68
N GLU B 1057 -27.79 2.69 51.02
CA GLU B 1057 -26.93 3.42 51.94
C GLU B 1057 -26.53 4.78 51.38
N VAL B 1058 -26.46 4.90 50.05
CA VAL B 1058 -26.09 6.18 49.45
C VAL B 1058 -27.10 7.24 49.83
N PHE B 1059 -28.39 6.92 49.76
CA PHE B 1059 -29.44 7.84 50.16
C PHE B 1059 -30.79 7.13 50.20
N LYS B 1085 -21.68 14.72 63.13
CA LYS B 1085 -22.90 14.03 62.75
C LYS B 1085 -23.08 14.03 61.24
N THR B 1086 -23.08 15.23 60.65
CA THR B 1086 -23.27 15.35 59.21
C THR B 1086 -22.13 14.69 58.44
N GLY B 1087 -20.89 14.88 58.90
CA GLY B 1087 -19.75 14.27 58.21
C GLY B 1087 -19.75 12.77 58.31
N ALA B 1088 -20.17 12.23 59.46
CA ALA B 1088 -20.26 10.78 59.62
C ALA B 1088 -21.25 10.17 58.65
N TRP B 1089 -22.25 10.94 58.21
CA TRP B 1089 -23.17 10.47 57.18
C TRP B 1089 -22.62 10.72 55.79
N ILE B 1090 -21.89 11.82 55.60
CA ILE B 1090 -21.40 12.18 54.27
C ILE B 1090 -20.34 11.19 53.81
N VAL B 1091 -19.37 10.87 54.68
CA VAL B 1091 -18.24 10.03 54.27
C VAL B 1091 -18.71 8.67 53.76
N PRO B 1092 -19.55 7.93 54.46
CA PRO B 1092 -20.02 6.64 53.92
C PRO B 1092 -20.72 6.77 52.59
N ALA B 1093 -21.46 7.86 52.37
CA ALA B 1093 -22.10 8.08 51.08
C ALA B 1093 -21.06 8.22 49.98
N ILE B 1094 -19.98 8.96 50.26
CA ILE B 1094 -18.90 9.10 49.28
C ILE B 1094 -18.27 7.75 48.98
N MET B 1095 -18.03 6.95 50.02
CA MET B 1095 -17.46 5.62 49.81
C MET B 1095 -18.37 4.76 48.94
N ALA B 1096 -19.67 4.79 49.23
CA ALA B 1096 -20.62 4.00 48.46
C ALA B 1096 -20.64 4.44 47.01
N CYS B 1097 -20.63 5.75 46.76
CA CYS B 1097 -20.64 6.25 45.39
C CYS B 1097 -19.38 5.82 44.65
N TYR B 1098 -18.22 5.90 45.32
CA TYR B 1098 -16.98 5.48 44.68
C TYR B 1098 -17.00 4.00 44.33
N LEU B 1099 -17.49 3.17 45.26
CA LEU B 1099 -17.59 1.74 44.97
C LEU B 1099 -18.52 1.48 43.79
N LEU B 1100 -19.67 2.16 43.76
CA LEU B 1100 -20.63 1.96 42.69
C LEU B 1100 -20.04 2.34 41.34
N VAL B 1101 -19.30 3.46 41.29
CA VAL B 1101 -18.65 3.87 40.04
C VAL B 1101 -17.58 2.85 39.64
N ALA B 1102 -16.78 2.40 40.60
CA ALA B 1102 -15.69 1.49 40.29
C ALA B 1102 -16.21 0.18 39.72
N ASN B 1103 -17.32 -0.32 40.25
CA ASN B 1103 -17.86 -1.58 39.74
C ASN B 1103 -18.14 -1.50 38.25
N ILE B 1104 -18.89 -0.46 37.82
CA ILE B 1104 -19.24 -0.37 36.41
C ILE B 1104 -18.01 -0.07 35.57
N LEU B 1105 -17.07 0.72 36.09
CA LEU B 1105 -15.84 0.97 35.35
C LEU B 1105 -15.12 -0.35 35.06
N LEU B 1106 -14.99 -1.20 36.08
CA LEU B 1106 -14.31 -2.48 35.89
C LEU B 1106 -15.09 -3.36 34.92
N VAL B 1107 -16.41 -3.36 35.00
CA VAL B 1107 -17.21 -4.18 34.10
C VAL B 1107 -16.97 -3.78 32.65
N ASN B 1108 -17.01 -2.47 32.38
CA ASN B 1108 -16.79 -1.99 31.01
C ASN B 1108 -15.36 -2.29 30.55
N LEU B 1109 -14.39 -2.16 31.45
CA LEU B 1109 -13.01 -2.50 31.10
C LEU B 1109 -12.90 -3.96 30.70
N LEU B 1110 -13.54 -4.85 31.47
CA LEU B 1110 -13.52 -6.28 31.13
C LEU B 1110 -14.17 -6.52 29.77
N ILE B 1111 -15.28 -5.83 29.50
CA ILE B 1111 -15.95 -6.00 28.21
C ILE B 1111 -15.01 -5.62 27.08
N ALA B 1112 -14.34 -4.48 27.20
CA ALA B 1112 -13.43 -4.05 26.14
C ALA B 1112 -12.27 -5.03 25.98
N VAL B 1113 -11.73 -5.51 27.10
CA VAL B 1113 -10.61 -6.45 27.04
C VAL B 1113 -11.04 -7.71 26.30
N PHE B 1114 -12.22 -8.24 26.63
CA PHE B 1114 -12.69 -9.46 25.98
C PHE B 1114 -12.91 -9.23 24.50
N ASN B 1115 -13.48 -8.07 24.13
CA ASN B 1115 -13.70 -7.79 22.72
C ASN B 1115 -12.38 -7.77 21.95
N ASN B 1116 -11.39 -7.07 22.49
CA ASN B 1116 -10.10 -6.97 21.79
C ASN B 1116 -9.44 -8.34 21.67
N THR B 1117 -9.45 -9.12 22.75
CA THR B 1117 -8.83 -10.44 22.71
C THR B 1117 -9.54 -11.35 21.72
N PHE B 1118 -10.88 -11.31 21.68
CA PHE B 1118 -11.61 -12.13 20.73
C PHE B 1118 -11.27 -11.74 19.29
N PHE B 1119 -11.18 -10.44 19.02
CA PHE B 1119 -10.82 -10.02 17.67
C PHE B 1119 -9.43 -10.54 17.29
N GLU B 1120 -8.47 -10.38 18.19
CA GLU B 1120 -7.10 -10.83 17.89
C GLU B 1120 -7.05 -12.33 17.67
N VAL B 1121 -7.81 -13.10 18.46
CA VAL B 1121 -7.82 -14.55 18.30
C VAL B 1121 -8.48 -14.92 16.97
N LYS B 1122 -9.62 -14.31 16.66
CA LYS B 1122 -10.35 -14.63 15.43
C LYS B 1122 -9.52 -14.29 14.20
N SER B 1123 -8.61 -13.32 14.31
CA SER B 1123 -7.77 -12.99 13.16
C SER B 1123 -6.88 -14.16 12.73
N ILE B 1124 -6.70 -15.16 13.59
CA ILE B 1124 -5.76 -16.25 13.30
C ILE B 1124 -6.37 -17.63 13.50
N SER B 1125 -7.56 -17.74 14.13
CA SER B 1125 -8.12 -19.05 14.43
C SER B 1125 -8.37 -19.87 13.17
N ASN B 1126 -8.80 -19.24 12.09
CA ASN B 1126 -9.07 -19.99 10.86
C ASN B 1126 -7.82 -20.70 10.37
N GLN B 1127 -6.70 -19.98 10.32
CA GLN B 1127 -5.45 -20.61 9.90
C GLN B 1127 -5.03 -21.69 10.88
N VAL B 1128 -5.19 -21.43 12.18
CA VAL B 1128 -4.71 -22.39 13.18
C VAL B 1128 -5.49 -23.69 13.12
N TRP B 1129 -6.79 -23.62 12.82
CA TRP B 1129 -7.66 -24.80 12.95
C TRP B 1129 -7.14 -25.99 12.15
N LYS B 1130 -6.58 -25.74 10.96
CA LYS B 1130 -6.24 -26.84 10.07
C LYS B 1130 -5.19 -27.77 10.67
N PHE B 1131 -4.32 -27.24 11.54
CA PHE B 1131 -3.23 -28.05 12.06
C PHE B 1131 -3.73 -29.24 12.87
N GLN B 1132 -4.74 -29.03 13.71
CA GLN B 1132 -5.18 -30.07 14.63
C GLN B 1132 -5.81 -31.25 13.92
N ARG B 1133 -6.22 -31.08 12.66
CA ARG B 1133 -6.89 -32.16 11.95
C ARG B 1133 -5.97 -33.36 11.77
N TYR B 1134 -4.71 -33.13 11.43
CA TYR B 1134 -3.78 -34.24 11.27
C TYR B 1134 -3.62 -35.01 12.56
N GLN B 1135 -3.45 -34.31 13.67
CA GLN B 1135 -3.31 -34.97 14.96
C GLN B 1135 -4.54 -35.82 15.26
N LEU B 1136 -5.72 -35.23 15.08
CA LEU B 1136 -6.95 -35.97 15.37
C LEU B 1136 -7.07 -37.20 14.49
N ILE B 1137 -6.79 -37.06 13.20
CA ILE B 1137 -6.97 -38.17 12.26
C ILE B 1137 -5.99 -39.29 12.57
N MET B 1138 -4.72 -38.94 12.78
CA MET B 1138 -3.74 -39.97 13.11
C MET B 1138 -3.96 -40.56 14.49
N THR B 1139 -4.70 -39.87 15.36
CA THR B 1139 -5.01 -40.41 16.67
C THR B 1139 -6.13 -41.45 16.58
N PHE B 1140 -7.26 -41.06 15.95
CA PHE B 1140 -8.40 -41.96 15.90
C PHE B 1140 -8.14 -43.16 14.97
N HIS B 1141 -7.34 -42.95 13.92
CA HIS B 1141 -7.08 -44.04 12.98
C HIS B 1141 -6.40 -45.22 13.67
N GLU B 1142 -5.43 -44.93 14.55
CA GLU B 1142 -4.72 -46.02 15.22
C GLU B 1142 -5.61 -46.77 16.19
N ARG B 1143 -6.56 -46.09 16.81
CA ARG B 1143 -7.37 -46.71 17.85
C ARG B 1143 -8.25 -47.82 17.27
N PRO B 1144 -8.56 -48.85 18.07
CA PRO B 1144 -9.41 -49.93 17.56
C PRO B 1144 -10.83 -49.48 17.25
N VAL B 1145 -11.66 -50.40 16.76
CA VAL B 1145 -12.97 -50.04 16.25
C VAL B 1145 -14.05 -50.02 17.34
N LEU B 1146 -13.88 -50.80 18.40
CA LEU B 1146 -14.94 -50.89 19.39
C LEU B 1146 -14.94 -49.67 20.32
N PRO B 1147 -16.08 -49.35 20.92
CA PRO B 1147 -16.12 -48.26 21.90
C PRO B 1147 -15.32 -48.58 23.13
N PRO B 1148 -15.11 -47.60 24.02
CA PRO B 1148 -14.30 -47.83 25.23
C PRO B 1148 -14.82 -48.98 26.07
N PRO B 1149 -16.14 -49.10 26.29
CA PRO B 1149 -16.62 -50.20 27.12
C PRO B 1149 -16.58 -51.55 26.44
N LEU B 1150 -16.40 -51.60 25.12
CA LEU B 1150 -16.40 -52.85 24.38
C LEU B 1150 -15.03 -53.25 23.85
N ILE B 1151 -14.04 -52.36 23.92
CA ILE B 1151 -12.69 -52.73 23.48
C ILE B 1151 -12.05 -53.77 24.37
N ILE B 1152 -12.71 -54.14 25.47
CA ILE B 1152 -12.22 -55.23 26.31
C ILE B 1152 -12.11 -56.50 25.46
N PHE B 1153 -13.08 -56.74 24.59
CA PHE B 1153 -12.97 -57.85 23.65
C PHE B 1153 -11.93 -57.58 22.58
N SER B 1154 -11.72 -56.31 22.20
CA SER B 1154 -10.74 -56.00 21.19
C SER B 1154 -9.34 -56.41 21.63
N HIS B 1155 -9.00 -56.18 22.90
CA HIS B 1155 -7.71 -56.63 23.40
C HIS B 1155 -7.60 -58.14 23.35
N MET B 1156 -8.71 -58.83 23.62
CA MET B 1156 -8.70 -60.29 23.51
C MET B 1156 -8.40 -60.73 22.09
N THR B 1157 -9.01 -60.07 21.10
CA THR B 1157 -8.73 -60.40 19.71
C THR B 1157 -7.28 -60.09 19.35
N MET B 1158 -6.75 -58.98 19.87
CA MET B 1158 -5.35 -58.63 19.62
C MET B 1158 -4.43 -59.71 20.15
N ILE B 1159 -4.68 -60.18 21.38
CA ILE B 1159 -3.84 -61.23 21.96
C ILE B 1159 -4.01 -62.52 21.17
N PHE B 1160 -5.23 -62.80 20.72
CA PHE B 1160 -5.46 -64.01 19.92
C PHE B 1160 -4.66 -63.97 18.62
N GLN B 1161 -4.61 -62.80 17.97
CA GLN B 1161 -3.87 -62.69 16.71
C GLN B 1161 -2.40 -63.00 16.91
N HIS B 1162 -1.80 -62.49 17.99
CA HIS B 1162 -0.39 -62.76 18.29
C HIS B 1162 -0.23 -64.12 18.94
N ASP B 1187 12.32 -50.83 -6.28
CA ASP B 1187 13.29 -49.76 -6.08
C ASP B 1187 13.29 -48.78 -7.26
N ASP B 1188 12.72 -49.21 -8.39
CA ASP B 1188 12.64 -48.34 -9.55
C ASP B 1188 11.82 -47.09 -9.25
N GLU B 1189 10.74 -47.25 -8.48
CA GLU B 1189 9.94 -46.09 -8.09
C GLU B 1189 10.78 -45.09 -7.30
N LEU B 1190 11.70 -45.59 -6.47
CA LEU B 1190 12.59 -44.69 -5.73
C LEU B 1190 13.46 -43.88 -6.67
N LYS B 1191 14.02 -44.54 -7.70
CA LYS B 1191 14.84 -43.82 -8.67
C LYS B 1191 14.02 -42.79 -9.42
N LYS B 1192 12.78 -43.14 -9.80
CA LYS B 1192 11.92 -42.18 -10.48
C LYS B 1192 11.63 -40.99 -9.58
N VAL B 1193 11.38 -41.23 -8.29
CA VAL B 1193 11.11 -40.13 -7.37
C VAL B 1193 12.34 -39.24 -7.21
N HIS B 1194 13.53 -39.85 -7.14
CA HIS B 1194 14.75 -39.06 -7.05
C HIS B 1194 14.93 -38.19 -8.29
N ASP B 1195 14.69 -38.77 -9.47
CA ASP B 1195 14.80 -37.98 -10.70
C ASP B 1195 13.79 -36.84 -10.71
N PHE B 1196 12.56 -37.12 -10.27
CA PHE B 1196 11.54 -36.07 -10.22
C PHE B 1196 11.95 -34.96 -9.28
N GLU B 1197 12.51 -35.30 -8.12
CA GLU B 1197 12.94 -34.28 -7.18
C GLU B 1197 14.07 -33.44 -7.75
N GLU B 1198 15.04 -34.09 -8.41
CA GLU B 1198 16.12 -33.34 -9.05
C GLU B 1198 15.59 -32.39 -10.11
N GLN B 1199 14.66 -32.88 -10.94
CA GLN B 1199 14.06 -32.03 -11.96
C GLN B 1199 13.32 -30.86 -11.33
N CYS B 1200 12.58 -31.12 -10.24
CA CYS B 1200 11.84 -30.06 -9.58
C CYS B 1200 12.76 -28.98 -9.03
N ILE B 1201 13.85 -29.38 -8.38
CA ILE B 1201 14.76 -28.39 -7.82
C ILE B 1201 15.46 -27.61 -8.94
N GLU B 1202 15.85 -28.29 -10.01
CA GLU B 1202 16.45 -27.59 -11.14
C GLU B 1202 15.49 -26.57 -11.74
N GLU B 1203 14.22 -26.97 -11.90
CA GLU B 1203 13.22 -26.06 -12.44
C GLU B 1203 13.00 -24.88 -11.49
N TYR B 1204 13.00 -25.13 -10.18
CA TYR B 1204 12.84 -24.05 -9.22
C TYR B 1204 13.98 -23.04 -9.35
N PHE B 1205 15.22 -23.53 -9.43
CA PHE B 1205 16.35 -22.61 -9.57
C PHE B 1205 16.27 -21.84 -10.88
N ARG B 1206 15.92 -22.51 -11.97
CA ARG B 1206 15.82 -21.83 -13.26
C ARG B 1206 14.75 -20.76 -13.22
N GLU B 1207 13.58 -21.07 -12.65
CA GLU B 1207 12.50 -20.09 -12.57
C GLU B 1207 12.91 -18.91 -11.70
N LYS B 1208 13.56 -19.18 -10.56
CA LYS B 1208 14.01 -18.09 -9.70
C LYS B 1208 14.96 -17.17 -10.44
N ASP B 1209 15.95 -17.75 -11.12
CA ASP B 1209 16.93 -16.94 -11.84
C ASP B 1209 16.27 -16.13 -12.94
N ASP B 1210 15.37 -16.75 -13.70
CA ASP B 1210 14.70 -16.03 -14.79
C ASP B 1210 13.85 -14.89 -14.24
N ARG B 1211 13.09 -15.14 -13.17
CA ARG B 1211 12.25 -14.10 -12.59
C ARG B 1211 13.09 -12.95 -12.06
N PHE B 1212 14.20 -13.26 -11.39
CA PHE B 1212 15.05 -12.20 -10.86
C PHE B 1212 15.65 -11.37 -11.99
N ASN B 1213 16.16 -12.04 -13.04
CA ASN B 1213 16.77 -11.33 -14.15
C ASN B 1213 15.76 -10.52 -14.95
N SER B 1214 14.49 -10.92 -14.93
CA SER B 1214 13.44 -10.18 -15.62
C SER B 1214 12.89 -9.04 -14.79
N SER B 1215 13.37 -8.85 -13.56
CA SER B 1215 12.88 -7.78 -12.71
C SER B 1215 13.19 -6.42 -13.32
N ASN B 1216 12.28 -5.48 -13.14
CA ASN B 1216 12.48 -4.13 -13.67
C ASN B 1216 13.69 -3.46 -13.06
N ASP B 1217 13.89 -3.63 -11.75
CA ASP B 1217 15.01 -2.98 -11.08
C ASP B 1217 16.35 -3.42 -11.67
N GLU B 1218 16.50 -4.73 -11.92
CA GLU B 1218 17.74 -5.23 -12.51
C GLU B 1218 17.91 -4.73 -13.94
N ARG B 1219 16.84 -4.76 -14.74
CA ARG B 1219 16.94 -4.34 -16.13
C ARG B 1219 17.31 -2.87 -16.25
N ILE B 1220 16.73 -2.02 -15.38
CA ILE B 1220 17.04 -0.60 -15.41
C ILE B 1220 18.53 -0.39 -15.15
N ARG B 1221 19.07 -1.10 -14.16
CA ARG B 1221 20.50 -1.00 -13.87
C ARG B 1221 21.34 -1.43 -15.06
N VAL B 1222 20.97 -2.54 -15.69
CA VAL B 1222 21.74 -3.05 -16.82
C VAL B 1222 21.70 -2.05 -17.98
N THR B 1223 20.52 -1.49 -18.26
CA THR B 1223 20.41 -0.51 -19.33
C THR B 1223 21.26 0.72 -19.04
N SER B 1224 21.23 1.19 -17.79
CA SER B 1224 22.00 2.39 -17.44
C SER B 1224 23.49 2.16 -17.67
N GLU B 1225 24.01 1.01 -17.23
CA GLU B 1225 25.43 0.72 -17.40
C GLU B 1225 25.79 0.63 -18.88
N ARG B 1226 24.95 -0.05 -19.66
CA ARG B 1226 25.21 -0.17 -21.09
C ARG B 1226 25.16 1.19 -21.78
N VAL B 1227 24.21 2.05 -21.39
CA VAL B 1227 24.11 3.37 -21.99
C VAL B 1227 25.38 4.17 -21.73
N GLU B 1228 25.89 4.10 -20.49
CA GLU B 1228 27.11 4.85 -20.15
C GLU B 1228 28.29 4.39 -21.00
N ASN B 1229 28.46 3.08 -21.13
CA ASN B 1229 29.56 2.56 -21.95
C ASN B 1229 29.35 2.90 -23.42
N MET B 1230 28.12 2.73 -23.91
CA MET B 1230 27.84 3.04 -25.31
C MET B 1230 28.08 4.51 -25.61
N SER B 1231 27.63 5.40 -24.70
CA SER B 1231 27.86 6.82 -24.91
C SER B 1231 29.34 7.16 -24.92
N MET B 1232 30.11 6.55 -23.99
CA MET B 1232 31.54 6.82 -23.95
C MET B 1232 32.22 6.40 -25.24
N ARG B 1233 31.86 5.22 -25.76
CA ARG B 1233 32.45 4.76 -27.01
C ARG B 1233 32.09 5.70 -28.16
N LEU B 1234 30.85 6.16 -28.21
CA LEU B 1234 30.44 7.07 -29.27
C LEU B 1234 31.22 8.38 -29.21
N GLU B 1235 31.41 8.92 -28.00
CA GLU B 1235 32.16 10.16 -27.85
C GLU B 1235 33.59 9.99 -28.34
N GLU B 1236 34.23 8.88 -27.97
CA GLU B 1236 35.59 8.62 -28.45
C GLU B 1236 35.63 8.47 -29.95
N VAL B 1237 34.64 7.78 -30.53
CA VAL B 1237 34.59 7.60 -31.98
C VAL B 1237 34.42 8.93 -32.69
N ASN B 1238 33.80 9.91 -32.03
CA ASN B 1238 33.62 11.22 -32.67
C ASN B 1238 34.95 11.86 -32.99
N GLU B 1239 35.92 11.78 -32.07
CA GLU B 1239 37.24 12.34 -32.34
C GLU B 1239 37.90 11.67 -33.52
N ARG B 1240 37.79 10.34 -33.62
CA ARG B 1240 38.36 9.63 -34.75
C ARG B 1240 37.74 10.08 -36.06
N GLU B 1241 36.41 10.28 -36.07
CA GLU B 1241 35.75 10.75 -37.28
C GLU B 1241 36.26 12.13 -37.68
N HIS B 1242 36.42 13.02 -36.70
CA HIS B 1242 36.93 14.36 -37.02
C HIS B 1242 38.36 14.27 -37.58
N SER B 1243 39.20 13.44 -36.97
CA SER B 1243 40.56 13.29 -37.48
C SER B 1243 40.57 12.72 -38.88
N MET B 1244 39.71 11.74 -39.16
CA MET B 1244 39.68 11.14 -40.49
C MET B 1244 39.28 12.17 -41.54
N LYS B 1245 38.30 13.01 -41.23
CA LYS B 1245 37.85 14.03 -42.17
C LYS B 1245 38.96 15.04 -42.46
N ALA C 155 23.73 -43.03 -19.36
CA ALA C 155 23.68 -43.16 -20.81
C ALA C 155 23.99 -44.60 -21.22
N MET C 156 23.33 -45.06 -22.29
CA MET C 156 23.51 -46.42 -22.79
C MET C 156 24.60 -46.42 -23.85
N TYR C 157 25.45 -47.44 -23.81
CA TYR C 157 26.54 -47.58 -24.76
C TYR C 157 26.70 -49.03 -25.19
N LYS C 165 24.95 -53.47 -40.03
CA LYS C 165 23.66 -53.99 -39.63
C LYS C 165 22.73 -52.84 -39.20
N PRO C 166 22.22 -52.08 -40.18
CA PRO C 166 21.36 -50.94 -39.84
C PRO C 166 20.21 -51.30 -38.92
N ASP C 167 19.36 -52.24 -39.33
CA ASP C 167 18.22 -52.63 -38.50
C ASP C 167 18.70 -53.21 -37.18
N LEU C 168 19.62 -54.16 -37.23
CA LEU C 168 20.09 -54.81 -36.00
C LEU C 168 20.82 -53.83 -35.10
N LEU C 169 21.70 -53.00 -35.69
CA LEU C 169 22.45 -52.04 -34.87
C LEU C 169 21.52 -51.03 -34.23
N LEU C 170 20.54 -50.51 -34.99
CA LEU C 170 19.59 -49.56 -34.43
C LEU C 170 18.76 -50.20 -33.32
N HIS C 171 18.30 -51.42 -33.53
CA HIS C 171 17.53 -52.10 -32.50
C HIS C 171 18.35 -52.31 -31.24
N LEU C 172 19.61 -52.73 -31.39
CA LEU C 172 20.46 -52.94 -30.23
C LEU C 172 20.71 -51.63 -29.49
N MET C 173 20.97 -50.55 -30.23
CA MET C 173 21.20 -49.26 -29.60
C MET C 173 19.96 -48.78 -28.85
N THR C 174 18.78 -48.97 -29.45
CA THR C 174 17.55 -48.48 -28.83
C THR C 174 17.11 -49.34 -27.65
N LYS C 175 17.45 -50.63 -27.66
CA LYS C 175 17.01 -51.52 -26.58
C LYS C 175 17.59 -51.07 -25.25
N GLU C 176 18.91 -50.86 -25.19
CA GLU C 176 19.53 -50.44 -23.94
C GLU C 176 19.06 -49.07 -23.51
N TRP C 177 19.02 -48.12 -24.44
CA TRP C 177 18.58 -46.76 -24.11
C TRP C 177 17.07 -46.67 -23.99
N GLN C 178 16.33 -47.49 -24.73
CA GLN C 178 14.87 -47.44 -24.75
C GLN C 178 14.38 -46.06 -25.16
N LEU C 179 15.08 -45.48 -26.13
CA LEU C 179 14.74 -44.15 -26.63
C LEU C 179 13.68 -44.24 -27.73
N LEU C 184 11.70 -36.02 -37.57
CA LEU C 184 12.26 -36.71 -38.72
C LEU C 184 13.60 -37.36 -38.36
N LEU C 185 14.66 -36.58 -38.41
CA LEU C 185 16.00 -37.06 -38.08
C LEU C 185 16.94 -35.87 -38.05
N ILE C 186 18.01 -36.00 -37.27
CA ILE C 186 19.05 -34.97 -37.17
C ILE C 186 20.38 -35.67 -37.02
N SER C 187 21.40 -35.12 -37.69
CA SER C 187 22.75 -35.68 -37.62
C SER C 187 23.74 -34.55 -37.83
N VAL C 188 24.75 -34.49 -36.97
CA VAL C 188 25.79 -33.46 -37.01
C VAL C 188 27.09 -34.12 -37.44
N HIS C 189 27.69 -33.58 -38.51
CA HIS C 189 28.96 -34.08 -39.05
C HIS C 189 29.98 -32.96 -39.01
N GLY C 190 31.15 -33.23 -38.45
CA GLY C 190 32.21 -32.24 -38.36
C GLY C 190 33.55 -32.85 -38.01
N GLN C 203 26.53 -18.80 -30.82
CA GLN C 203 25.87 -19.33 -29.64
C GLN C 203 24.35 -19.28 -29.79
N VAL C 204 23.86 -18.17 -30.33
CA VAL C 204 22.42 -18.03 -30.53
C VAL C 204 21.90 -19.09 -31.50
N PHE C 205 22.64 -19.31 -32.59
CA PHE C 205 22.24 -20.33 -33.55
C PHE C 205 22.25 -21.71 -32.92
N GLY C 206 23.27 -22.01 -32.12
CA GLY C 206 23.32 -23.29 -31.45
C GLY C 206 22.16 -23.50 -30.49
N LYS C 207 21.83 -22.45 -29.72
CA LYS C 207 20.70 -22.55 -28.81
C LYS C 207 19.40 -22.75 -29.57
N GLY C 208 19.22 -22.04 -30.68
CA GLY C 208 18.03 -22.23 -31.49
C GLY C 208 17.92 -23.63 -32.05
N LEU C 209 19.05 -24.19 -32.50
CA LEU C 209 19.03 -25.55 -33.03
C LEU C 209 18.63 -26.54 -31.96
N ILE C 210 19.15 -26.39 -30.74
CA ILE C 210 18.77 -27.28 -29.64
C ILE C 210 17.28 -27.14 -29.35
N LYS C 211 16.77 -25.91 -29.31
CA LYS C 211 15.35 -25.72 -29.04
C LYS C 211 14.50 -26.40 -30.11
N ALA C 212 14.88 -26.26 -31.38
CA ALA C 212 14.15 -26.93 -32.44
C ALA C 212 14.23 -28.45 -32.29
N ALA C 213 15.43 -28.97 -31.97
CA ALA C 213 15.58 -30.41 -31.80
C ALA C 213 14.75 -30.92 -30.63
N MET C 214 14.77 -30.19 -29.51
CA MET C 214 14.00 -30.62 -28.35
C MET C 214 12.51 -30.62 -28.65
N THR C 215 12.02 -29.58 -29.34
CA THR C 215 10.60 -29.55 -29.69
C THR C 215 10.23 -30.69 -30.62
N THR C 216 11.06 -30.97 -31.62
CA THR C 216 10.79 -32.07 -32.53
C THR C 216 11.08 -33.42 -31.87
N GLY C 217 12.06 -33.48 -30.97
CA GLY C 217 12.43 -34.73 -30.35
C GLY C 217 13.23 -35.65 -31.22
N ALA C 218 13.76 -35.15 -32.34
CA ALA C 218 14.55 -35.97 -33.25
C ALA C 218 15.94 -36.21 -32.67
N TRP C 219 16.36 -37.47 -32.65
CA TRP C 219 17.70 -37.81 -32.16
C TRP C 219 18.76 -37.17 -33.04
N ILE C 220 19.80 -36.64 -32.41
CA ILE C 220 20.89 -35.97 -33.11
C ILE C 220 22.06 -36.95 -33.20
N PHE C 221 22.45 -37.29 -34.43
CA PHE C 221 23.57 -38.19 -34.66
C PHE C 221 24.86 -37.36 -34.75
N THR C 222 25.71 -37.48 -33.74
CA THR C 222 26.96 -36.74 -33.66
C THR C 222 28.08 -37.69 -33.26
N GLY C 223 29.31 -37.28 -33.58
CA GLY C 223 30.45 -38.12 -33.24
C GLY C 223 30.56 -38.32 -31.74
N GLY C 224 31.01 -39.52 -31.35
CA GLY C 224 31.13 -39.87 -29.96
C GLY C 224 32.37 -39.34 -29.27
N VAL C 225 33.26 -38.66 -30.00
CA VAL C 225 34.46 -38.06 -29.43
C VAL C 225 34.13 -36.64 -29.02
N ASN C 226 34.31 -36.34 -27.74
CA ASN C 226 33.97 -35.00 -27.23
C ASN C 226 34.81 -33.92 -27.89
N THR C 227 36.11 -34.18 -28.07
CA THR C 227 37.00 -33.18 -28.62
C THR C 227 36.62 -32.84 -30.05
N GLY C 228 36.93 -31.60 -30.44
CA GLY C 228 36.66 -31.14 -31.79
C GLY C 228 35.30 -30.49 -31.92
N VAL C 229 34.58 -30.83 -33.00
CA VAL C 229 33.26 -30.26 -33.22
C VAL C 229 32.32 -30.61 -32.08
N ILE C 230 32.43 -31.83 -31.55
CA ILE C 230 31.55 -32.25 -30.46
C ILE C 230 31.71 -31.33 -29.26
N ARG C 231 32.91 -30.77 -29.07
CA ARG C 231 33.11 -29.83 -27.97
C ARG C 231 32.20 -28.62 -28.09
N HIS C 232 32.10 -28.08 -29.31
CA HIS C 232 31.16 -26.99 -29.54
C HIS C 232 29.72 -27.46 -29.35
N VAL C 233 29.40 -28.65 -29.85
CA VAL C 233 28.06 -29.21 -29.67
C VAL C 233 27.77 -29.43 -28.18
N GLY C 234 28.74 -30.00 -27.47
CA GLY C 234 28.55 -30.26 -26.04
C GLY C 234 28.45 -29.01 -25.19
N ASP C 235 29.11 -27.93 -25.61
CA ASP C 235 29.00 -26.68 -24.85
C ASP C 235 27.56 -26.18 -24.82
N ALA C 236 26.89 -26.22 -25.96
CA ALA C 236 25.47 -25.85 -25.99
C ALA C 236 24.60 -26.91 -25.34
N LEU C 237 24.98 -28.18 -25.46
CA LEU C 237 24.21 -29.25 -24.83
C LEU C 237 24.19 -29.08 -23.32
N LYS C 238 25.35 -28.82 -22.72
CA LYS C 238 25.40 -28.59 -21.28
C LYS C 238 24.63 -27.32 -20.90
N ASP C 239 24.40 -26.43 -21.87
CA ASP C 239 23.72 -25.18 -21.57
C ASP C 239 22.27 -25.42 -21.15
N HIS C 240 21.54 -26.25 -21.90
CA HIS C 240 20.11 -26.42 -21.65
C HIS C 240 19.61 -27.86 -21.80
N ALA C 241 20.49 -28.85 -21.99
CA ALA C 241 20.02 -30.22 -22.12
C ALA C 241 19.32 -30.69 -20.84
N SER C 242 19.97 -30.51 -19.69
CA SER C 242 19.37 -30.90 -18.43
C SER C 242 18.13 -30.06 -18.12
N LYS C 243 18.21 -28.75 -18.37
CA LYS C 243 17.10 -27.86 -18.09
C LYS C 243 15.88 -28.22 -18.92
N GLY C 246 13.52 -32.72 -21.31
CA GLY C 246 13.11 -33.67 -22.35
C GLY C 246 14.13 -34.76 -22.56
N LYS C 247 15.40 -34.46 -22.31
CA LYS C 247 16.49 -35.40 -22.47
C LYS C 247 16.52 -35.95 -23.90
N ILE C 248 16.77 -35.05 -24.84
CA ILE C 248 16.83 -35.41 -26.26
C ILE C 248 17.81 -36.56 -26.43
N CYS C 249 17.36 -37.62 -27.12
CA CYS C 249 18.18 -38.82 -27.29
C CYS C 249 19.26 -38.60 -28.34
N THR C 250 20.26 -37.79 -28.01
CA THR C 250 21.37 -37.57 -28.93
C THR C 250 22.13 -38.89 -29.16
N ILE C 251 22.44 -39.16 -30.41
CA ILE C 251 23.12 -40.39 -30.80
C ILE C 251 24.61 -40.12 -30.92
N GLY C 252 25.40 -40.81 -30.11
CA GLY C 252 26.84 -40.67 -30.16
C GLY C 252 27.51 -41.94 -30.67
N ILE C 253 28.06 -41.88 -31.88
CA ILE C 253 28.69 -43.02 -32.53
C ILE C 253 30.17 -42.70 -32.74
N ALA C 254 31.03 -43.53 -32.20
CA ALA C 254 32.47 -43.40 -32.37
C ALA C 254 33.07 -44.80 -32.49
N PRO C 255 34.24 -44.91 -33.11
CA PRO C 255 34.87 -46.23 -33.24
C PRO C 255 35.17 -46.84 -31.87
N TRP C 256 35.01 -48.17 -31.79
CA TRP C 256 35.31 -48.87 -30.55
C TRP C 256 36.79 -48.81 -30.21
N GLY C 257 37.66 -48.90 -31.23
CA GLY C 257 39.08 -48.88 -30.98
C GLY C 257 39.56 -47.58 -30.35
N ILE C 258 38.88 -46.47 -30.64
CA ILE C 258 39.26 -45.19 -30.08
C ILE C 258 39.14 -45.17 -28.57
N VAL C 259 38.32 -46.06 -28.01
CA VAL C 259 38.15 -46.11 -26.55
C VAL C 259 39.50 -46.45 -25.92
N GLU C 260 39.93 -45.61 -24.98
CA GLU C 260 41.21 -45.85 -24.31
C GLU C 260 41.20 -47.16 -23.54
N ASN C 261 40.11 -47.45 -22.84
CA ASN C 261 39.97 -48.66 -22.04
C ASN C 261 39.01 -49.61 -22.76
N GLN C 262 39.49 -50.81 -23.07
CA GLN C 262 38.65 -51.79 -23.76
C GLN C 262 37.49 -52.21 -22.88
N GLU C 263 37.72 -52.40 -21.58
CA GLU C 263 36.66 -52.83 -20.68
C GLU C 263 35.51 -51.83 -20.65
N ASP C 264 35.84 -50.54 -20.56
CA ASP C 264 34.79 -49.52 -20.54
C ASP C 264 33.99 -49.52 -21.84
N LEU C 265 34.69 -49.61 -22.98
CA LEU C 265 34.01 -49.65 -24.26
C LEU C 265 33.17 -50.93 -24.40
N ILE C 266 33.71 -52.06 -23.95
CA ILE C 266 33.00 -53.32 -24.04
C ILE C 266 32.77 -53.69 -25.51
N HIS C 291 26.19 -37.97 -24.88
CA HIS C 291 25.45 -38.79 -25.81
C HIS C 291 24.87 -40.01 -25.10
N SER C 292 23.77 -40.54 -25.66
CA SER C 292 23.09 -41.70 -25.10
C SER C 292 22.81 -42.70 -26.21
N HIS C 293 22.64 -43.96 -25.83
CA HIS C 293 22.41 -45.05 -26.77
C HIS C 293 23.55 -45.14 -27.78
N PHE C 294 24.78 -44.95 -27.31
CA PHE C 294 25.94 -45.02 -28.17
C PHE C 294 26.10 -46.42 -28.76
N GLU C 308 28.51 -49.32 -39.91
CA GLU C 308 28.57 -48.02 -39.22
C GLU C 308 27.83 -46.95 -40.02
N VAL C 309 28.51 -46.41 -41.04
CA VAL C 309 27.89 -45.38 -41.87
C VAL C 309 26.69 -45.94 -42.61
N LYS C 310 26.81 -47.14 -43.17
CA LYS C 310 25.69 -47.78 -43.83
C LYS C 310 24.53 -48.01 -42.86
N LEU C 311 24.85 -48.29 -41.60
CA LEU C 311 23.81 -48.41 -40.58
C LEU C 311 23.03 -47.10 -40.46
N ARG C 312 23.74 -45.97 -40.43
CA ARG C 312 23.08 -44.67 -40.37
C ARG C 312 22.25 -44.43 -41.62
N ARG C 313 22.78 -44.77 -42.80
CA ARG C 313 22.03 -44.58 -44.04
C ARG C 313 20.71 -45.34 -44.01
N GLN C 314 20.76 -46.62 -43.64
CA GLN C 314 19.55 -47.44 -43.67
C GLN C 314 18.61 -47.06 -42.52
N LEU C 315 19.14 -46.58 -41.40
CA LEU C 315 18.27 -46.06 -40.35
C LEU C 315 17.51 -44.83 -40.83
N GLU C 316 18.20 -43.94 -41.55
CA GLU C 316 17.53 -42.79 -42.15
C GLU C 316 16.47 -43.24 -43.14
N LYS C 317 16.79 -44.24 -43.95
CA LYS C 317 15.81 -44.75 -44.91
C LYS C 317 14.58 -45.31 -44.19
N HIS C 318 14.80 -46.08 -43.12
CA HIS C 318 13.68 -46.63 -42.36
C HIS C 318 12.83 -45.52 -41.75
N ILE C 319 13.48 -44.50 -41.20
CA ILE C 319 12.74 -43.38 -40.60
C ILE C 319 11.90 -42.67 -41.66
N SER C 320 12.48 -42.44 -42.83
CA SER C 320 11.74 -41.79 -43.91
C SER C 320 10.59 -42.68 -44.40
N LEU C 321 10.75 -44.00 -44.33
CA LEU C 321 9.71 -44.90 -44.83
C LEU C 321 8.41 -44.70 -44.07
N GLN C 322 8.48 -44.60 -42.75
CA GLN C 322 7.28 -44.42 -41.95
C GLN C 322 6.65 -43.05 -42.24
N LYS C 323 5.32 -43.03 -42.29
CA LYS C 323 4.59 -41.79 -42.55
C LYS C 323 4.70 -40.84 -41.37
N VAL C 334 14.99 -36.89 -41.86
CA VAL C 334 16.26 -36.98 -42.58
C VAL C 334 16.87 -35.59 -42.74
N VAL C 335 17.42 -35.07 -41.65
CA VAL C 335 18.05 -33.75 -41.63
C VAL C 335 19.51 -33.93 -41.25
N ALA C 336 20.40 -33.32 -42.04
CA ALA C 336 21.84 -33.41 -41.81
C ALA C 336 22.40 -32.00 -41.61
N LEU C 337 23.25 -31.85 -40.60
CA LEU C 337 23.91 -30.59 -40.31
C LEU C 337 25.42 -30.78 -40.39
N ILE C 338 26.09 -29.87 -41.08
CA ILE C 338 27.54 -29.93 -41.26
C ILE C 338 28.18 -28.81 -40.45
N VAL C 339 29.17 -29.15 -39.64
CA VAL C 339 29.91 -28.19 -38.83
C VAL C 339 31.37 -28.29 -39.23
N GLU C 340 31.84 -27.31 -40.00
CA GLU C 340 33.22 -27.29 -40.46
C GLU C 340 33.53 -28.51 -41.29
N VAL C 345 33.89 -35.35 -46.15
CA VAL C 345 32.68 -34.65 -45.74
C VAL C 345 31.84 -34.33 -46.97
N ILE C 346 32.45 -33.64 -47.94
CA ILE C 346 31.73 -33.28 -49.15
C ILE C 346 31.32 -34.54 -49.92
N SER C 347 32.22 -35.52 -50.00
CA SER C 347 31.89 -36.76 -50.69
C SER C 347 30.75 -37.49 -49.99
N ILE C 348 30.78 -37.52 -48.66
CA ILE C 348 29.71 -38.17 -47.91
C ILE C 348 28.39 -37.46 -48.14
N VAL C 349 28.40 -36.12 -48.15
CA VAL C 349 27.17 -35.37 -48.39
C VAL C 349 26.63 -35.67 -49.78
N LEU C 350 27.52 -35.70 -50.78
CA LEU C 350 27.08 -35.99 -52.14
C LEU C 350 26.50 -37.39 -52.24
N GLU C 351 27.14 -38.37 -51.62
CA GLU C 351 26.63 -39.74 -51.65
C GLU C 351 25.26 -39.83 -50.98
N TYR C 352 25.11 -39.18 -49.82
CA TYR C 352 23.82 -39.20 -49.15
C TYR C 352 22.74 -38.54 -50.00
N LEU C 353 23.07 -37.42 -50.64
CA LEU C 353 22.11 -36.75 -51.51
C LEU C 353 21.71 -37.65 -52.67
N ARG C 354 22.68 -38.32 -53.29
CA ARG C 354 22.37 -39.18 -54.42
C ARG C 354 21.52 -40.37 -53.99
N ASP C 355 21.83 -40.96 -52.83
CA ASP C 355 21.12 -42.17 -52.41
C ASP C 355 19.72 -41.84 -51.90
N THR C 356 19.63 -41.04 -50.85
CA THR C 356 18.33 -40.68 -50.31
C THR C 356 17.59 -39.77 -51.29
N PRO C 357 16.27 -39.95 -51.44
CA PRO C 357 15.52 -39.05 -52.31
C PRO C 357 15.67 -37.60 -51.89
N PRO C 358 15.67 -37.31 -50.58
CA PRO C 358 15.95 -35.94 -50.14
C PRO C 358 17.43 -35.71 -49.87
N VAL C 359 17.84 -34.46 -50.02
CA VAL C 359 19.22 -34.07 -49.77
C VAL C 359 19.24 -32.67 -49.16
N PRO C 360 18.58 -32.43 -48.02
CA PRO C 360 18.55 -31.08 -47.43
C PRO C 360 19.72 -30.84 -46.48
N VAL C 361 20.93 -30.79 -47.03
CA VAL C 361 22.12 -30.58 -46.22
C VAL C 361 22.13 -29.16 -45.69
N VAL C 362 22.27 -29.01 -44.38
CA VAL C 362 22.28 -27.69 -43.76
C VAL C 362 23.61 -27.00 -44.07
N VAL C 363 23.52 -25.75 -44.53
CA VAL C 363 24.73 -25.00 -44.88
C VAL C 363 25.57 -24.80 -43.62
N CYS C 364 26.89 -24.82 -43.80
CA CYS C 364 27.84 -24.66 -42.71
C CYS C 364 28.67 -23.41 -42.95
N ASP C 365 28.70 -22.52 -41.95
CA ASP C 365 29.50 -21.31 -42.06
C ASP C 365 30.99 -21.59 -41.93
N GLY C 366 31.35 -22.63 -41.18
CA GLY C 366 32.76 -22.93 -40.99
C GLY C 366 33.43 -23.30 -42.31
N SER C 367 34.71 -22.93 -42.43
CA SER C 367 35.46 -23.21 -43.63
C SER C 367 35.76 -24.71 -43.76
N GLY C 368 35.92 -25.15 -45.01
CA GLY C 368 36.21 -26.54 -45.29
C GLY C 368 35.47 -27.07 -46.49
N ARG C 369 35.17 -28.36 -46.50
CA ARG C 369 34.42 -28.95 -47.61
C ARG C 369 33.02 -28.34 -47.68
N ALA C 370 32.40 -28.09 -46.53
CA ALA C 370 31.09 -27.47 -46.51
C ALA C 370 31.14 -26.07 -47.11
N SER C 371 32.20 -25.32 -46.81
CA SER C 371 32.34 -23.99 -47.40
C SER C 371 32.46 -24.06 -48.92
N ASP C 372 33.24 -25.02 -49.43
CA ASP C 372 33.37 -25.17 -50.87
C ASP C 372 32.03 -25.55 -51.50
N ILE C 373 31.29 -26.45 -50.85
CA ILE C 373 29.98 -26.85 -51.37
C ILE C 373 29.04 -25.65 -51.41
N LEU C 374 29.03 -24.85 -50.34
CA LEU C 374 28.17 -23.68 -50.29
C LEU C 374 28.55 -22.68 -51.38
N ALA C 375 29.85 -22.45 -51.58
CA ALA C 375 30.28 -21.54 -52.63
C ALA C 375 29.86 -22.04 -54.01
N PHE C 376 30.03 -23.34 -54.26
CA PHE C 376 29.62 -23.90 -55.54
C PHE C 376 28.12 -23.75 -55.74
N GLY C 377 27.32 -24.02 -54.71
CA GLY C 377 25.89 -23.88 -54.83
C GLY C 377 25.47 -22.44 -55.10
N HIS C 378 26.06 -21.49 -54.37
CA HIS C 378 25.74 -20.09 -54.58
C HIS C 378 26.12 -19.64 -55.98
N LYS C 379 27.30 -20.05 -56.45
CA LYS C 379 27.74 -19.69 -57.80
C LYS C 379 27.09 -20.55 -58.87
N TYR C 380 26.53 -21.69 -58.50
CA TYR C 380 25.89 -22.58 -59.46
C TYR C 380 26.87 -23.03 -60.53
N SER C 390 36.58 -19.25 -63.51
CA SER C 390 36.49 -18.40 -62.34
C SER C 390 36.45 -19.22 -61.06
N LEU C 391 35.38 -20.01 -60.90
CA LEU C 391 35.26 -20.84 -59.72
C LEU C 391 36.38 -21.88 -59.65
N ARG C 392 36.71 -22.49 -60.80
CA ARG C 392 37.80 -23.47 -60.82
C ARG C 392 39.12 -22.84 -60.42
N ASP C 393 39.39 -21.62 -60.91
CA ASP C 393 40.64 -20.95 -60.56
C ASP C 393 40.72 -20.69 -59.06
N GLN C 394 39.62 -20.22 -58.47
CA GLN C 394 39.62 -19.97 -57.03
C GLN C 394 39.81 -21.26 -56.25
N LEU C 395 39.18 -22.35 -56.70
CA LEU C 395 39.36 -23.63 -56.03
C LEU C 395 40.82 -24.08 -56.10
N LEU C 396 41.45 -23.91 -57.26
CA LEU C 396 42.86 -24.27 -57.38
C LEU C 396 43.72 -23.42 -56.45
N VAL C 397 43.43 -22.12 -56.36
CA VAL C 397 44.19 -21.25 -55.47
C VAL C 397 44.03 -21.70 -54.03
N THR C 398 42.80 -22.03 -53.62
CA THR C 398 42.54 -22.47 -52.25
C THR C 398 43.23 -23.80 -51.98
N GLN C 409 43.45 -31.96 -56.35
CA GLN C 409 42.48 -31.45 -55.39
C GLN C 409 41.49 -30.52 -56.08
N ALA C 410 42.02 -29.65 -56.95
CA ALA C 410 41.15 -28.72 -57.67
C ALA C 410 40.16 -29.46 -58.56
N GLN C 411 40.63 -30.51 -59.24
CA GLN C 411 39.72 -31.29 -60.08
C GLN C 411 38.63 -31.95 -59.25
N HIS C 412 39.00 -32.50 -58.09
CA HIS C 412 37.99 -33.12 -57.23
C HIS C 412 36.98 -32.09 -56.73
N LEU C 413 37.46 -30.90 -56.35
CA LEU C 413 36.55 -29.85 -55.91
C LEU C 413 35.61 -29.43 -57.03
N PHE C 414 36.13 -29.31 -58.25
CA PHE C 414 35.28 -28.95 -59.37
C PHE C 414 34.24 -30.03 -59.64
N ILE C 415 34.64 -31.31 -59.54
CA ILE C 415 33.69 -32.39 -59.75
C ILE C 415 32.61 -32.36 -58.68
N ILE C 416 32.99 -32.11 -57.44
CA ILE C 416 32.00 -32.04 -56.35
C ILE C 416 31.05 -30.88 -56.59
N LEU C 417 31.58 -29.73 -57.02
CA LEU C 417 30.72 -28.58 -57.30
C LEU C 417 29.75 -28.89 -58.44
N MET C 418 30.22 -29.55 -59.49
CA MET C 418 29.35 -29.91 -60.60
C MET C 418 28.26 -30.88 -60.14
N GLU C 419 28.63 -31.86 -59.31
CA GLU C 419 27.64 -32.80 -58.80
C GLU C 419 26.59 -32.09 -57.96
N CYS C 420 27.02 -31.14 -57.11
CA CYS C 420 26.07 -30.37 -56.33
C CYS C 420 25.16 -29.54 -57.23
N MET C 421 25.71 -28.93 -58.27
CA MET C 421 24.90 -28.18 -59.22
C MET C 421 23.89 -29.08 -59.91
N LYS C 422 24.24 -30.35 -60.14
CA LYS C 422 23.29 -31.29 -60.72
C LYS C 422 22.07 -31.44 -59.83
N LYS C 423 22.28 -31.48 -58.51
CA LYS C 423 21.20 -31.51 -57.53
C LYS C 423 20.95 -30.12 -56.94
N LYS C 424 21.10 -29.08 -57.77
CA LYS C 424 20.97 -27.71 -57.29
C LYS C 424 19.60 -27.49 -56.65
N GLU C 425 19.59 -26.75 -55.55
CA GLU C 425 18.43 -26.43 -54.73
C GLU C 425 18.01 -27.62 -53.86
N LEU C 426 18.64 -28.79 -54.01
CA LEU C 426 18.36 -29.89 -53.09
C LEU C 426 19.02 -29.65 -51.73
N ILE C 427 20.25 -29.16 -51.74
CA ILE C 427 20.96 -28.90 -50.49
C ILE C 427 20.33 -27.72 -49.78
N THR C 428 20.02 -27.89 -48.50
CA THR C 428 19.41 -26.83 -47.73
C THR C 428 20.34 -25.62 -47.66
N VAL C 429 19.77 -24.43 -47.89
CA VAL C 429 20.51 -23.18 -47.86
C VAL C 429 20.28 -22.53 -46.50
N PHE C 430 21.37 -22.27 -45.79
CA PHE C 430 21.31 -21.67 -44.46
C PHE C 430 21.94 -20.28 -44.50
N ARG C 431 21.19 -19.29 -44.02
CA ARG C 431 21.66 -17.91 -43.98
C ARG C 431 21.21 -17.28 -42.68
N MET C 432 22.13 -16.54 -42.05
CA MET C 432 21.84 -15.87 -40.79
C MET C 432 20.79 -14.78 -40.98
N ILE C 440 17.04 -19.09 -36.65
CA ILE C 440 17.56 -20.35 -37.17
C ILE C 440 16.45 -21.40 -37.20
N ASP C 441 15.52 -21.31 -36.25
CA ASP C 441 14.44 -22.28 -36.19
C ASP C 441 13.58 -22.23 -37.44
N LEU C 442 13.27 -21.03 -37.93
CA LEU C 442 12.48 -20.90 -39.15
C LEU C 442 13.21 -21.51 -40.34
N ALA C 443 14.52 -21.25 -40.46
CA ALA C 443 15.28 -21.82 -41.56
C ALA C 443 15.29 -23.34 -41.48
N ILE C 444 15.46 -23.90 -40.28
CA ILE C 444 15.45 -25.35 -40.12
C ILE C 444 14.10 -25.92 -40.51
N LEU C 445 13.02 -25.25 -40.08
CA LEU C 445 11.68 -25.73 -40.43
C LEU C 445 11.46 -25.71 -41.93
N THR C 446 11.89 -24.63 -42.60
CA THR C 446 11.74 -24.56 -44.05
C THR C 446 12.56 -25.64 -44.73
N ALA C 447 13.78 -25.89 -44.25
CA ALA C 447 14.61 -26.95 -44.83
C ALA C 447 13.95 -28.31 -44.68
N LEU C 448 13.39 -28.58 -43.49
CA LEU C 448 12.72 -29.86 -43.27
C LEU C 448 11.50 -29.99 -44.17
N LEU C 449 10.73 -28.91 -44.32
CA LEU C 449 9.56 -28.96 -45.19
C LEU C 449 9.96 -29.22 -46.64
N LYS C 450 11.03 -28.57 -47.10
CA LYS C 450 11.51 -28.81 -48.46
C LYS C 450 11.99 -30.25 -48.63
N GLY C 451 12.70 -30.77 -47.63
CA GLY C 451 13.18 -32.14 -47.72
C GLY C 451 12.05 -33.14 -47.76
N ALA C 452 11.00 -32.91 -46.96
CA ALA C 452 9.86 -33.81 -46.97
C ALA C 452 9.18 -33.82 -48.33
N ASN C 453 9.04 -32.65 -48.95
CA ASN C 453 8.42 -32.55 -50.26
C ASN C 453 6.99 -33.06 -50.24
N SER C 455 2.61 -33.65 -50.87
CA SER C 455 1.29 -33.13 -51.17
C SER C 455 0.94 -31.98 -50.24
N ALA C 456 0.12 -31.05 -50.73
CA ALA C 456 -0.27 -29.91 -49.90
C ALA C 456 -0.97 -30.35 -48.62
N PRO C 457 -1.93 -31.29 -48.64
CA PRO C 457 -2.47 -31.78 -47.36
C PRO C 457 -1.42 -32.38 -46.46
N ASP C 458 -0.43 -33.08 -47.03
CA ASP C 458 0.65 -33.63 -46.22
C ASP C 458 1.47 -32.52 -45.57
N GLN C 459 1.78 -31.47 -46.33
CA GLN C 459 2.51 -30.34 -45.76
C GLN C 459 1.70 -29.67 -44.66
N LEU C 460 0.39 -29.50 -44.86
CA LEU C 460 -0.44 -28.90 -43.84
C LEU C 460 -0.47 -29.76 -42.57
N SER C 461 -0.57 -31.08 -42.73
CA SER C 461 -0.57 -31.96 -41.57
C SER C 461 0.76 -31.90 -40.84
N LEU C 462 1.88 -31.85 -41.58
CA LEU C 462 3.18 -31.74 -40.95
C LEU C 462 3.31 -30.43 -40.19
N ALA C 463 2.82 -29.33 -40.79
CA ALA C 463 2.86 -28.04 -40.11
C ALA C 463 2.03 -28.06 -38.84
N LEU C 464 0.84 -28.66 -38.90
CA LEU C 464 0.00 -28.76 -37.72
C LEU C 464 0.68 -29.58 -36.63
N ALA C 465 1.32 -30.68 -37.01
CA ALA C 465 2.06 -31.48 -36.04
C ALA C 465 3.19 -30.67 -35.41
N TRP C 466 3.89 -29.87 -36.21
CA TRP C 466 4.94 -29.01 -35.67
C TRP C 466 4.38 -28.00 -34.69
N ASN C 467 3.21 -27.42 -35.01
CA ASN C 467 2.51 -26.44 -34.19
C ASN C 467 3.15 -25.06 -34.26
N ARG C 468 4.25 -24.89 -35.00
CA ARG C 468 4.92 -23.60 -35.15
C ARG C 468 4.10 -22.76 -36.12
N VAL C 469 3.15 -21.99 -35.57
CA VAL C 469 2.27 -21.20 -36.41
C VAL C 469 3.06 -20.17 -37.20
N ASP C 470 3.99 -19.48 -36.55
CA ASP C 470 4.79 -18.47 -37.23
C ASP C 470 5.62 -19.10 -38.34
N ILE C 471 6.26 -20.23 -38.06
CA ILE C 471 7.03 -20.92 -39.10
C ILE C 471 6.11 -21.53 -40.14
N ALA C 472 5.00 -22.12 -39.69
CA ALA C 472 4.09 -22.79 -40.61
C ALA C 472 3.48 -21.81 -41.61
N ARG C 473 3.29 -20.56 -41.22
CA ARG C 473 2.67 -19.58 -42.11
C ARG C 473 3.53 -19.36 -43.35
N SER C 474 4.84 -19.24 -43.17
CA SER C 474 5.72 -19.00 -44.32
C SER C 474 5.65 -20.15 -45.32
N GLN C 475 5.69 -21.39 -44.82
CA GLN C 475 5.62 -22.53 -45.72
C GLN C 475 4.26 -22.61 -46.40
N ILE C 476 3.18 -22.44 -45.64
CA ILE C 476 1.84 -22.53 -46.21
C ILE C 476 1.56 -21.34 -47.11
N PHE C 477 1.93 -20.14 -46.69
CA PHE C 477 1.66 -18.93 -47.46
C PHE C 477 2.44 -18.95 -48.76
N ILE C 478 1.74 -19.15 -49.88
CA ILE C 478 2.36 -19.17 -51.20
C ILE C 478 1.26 -18.98 -52.23
N TYR C 479 1.65 -18.55 -53.42
CA TYR C 479 0.70 -18.33 -54.51
C TYR C 479 0.61 -19.56 -55.40
N GLY C 480 -0.53 -19.69 -56.06
CA GLY C 480 -0.74 -20.82 -56.96
C GLY C 480 -0.67 -22.17 -56.27
N GLN C 481 -1.25 -22.27 -55.07
CA GLN C 481 -1.22 -23.51 -54.31
C GLN C 481 -2.27 -24.49 -54.84
N GLN C 482 -2.15 -25.74 -54.42
CA GLN C 482 -3.08 -26.77 -54.84
C GLN C 482 -4.35 -26.74 -53.99
N TRP C 483 -4.22 -26.96 -52.69
CA TRP C 483 -5.35 -26.98 -51.76
C TRP C 483 -6.46 -27.87 -52.30
N PRO C 484 -6.26 -29.18 -52.37
CA PRO C 484 -7.32 -30.07 -52.86
C PRO C 484 -8.56 -29.98 -51.96
N VAL C 485 -9.73 -30.10 -52.60
CA VAL C 485 -10.98 -30.02 -51.85
C VAL C 485 -11.06 -31.18 -50.86
N GLY C 486 -11.58 -30.88 -49.67
CA GLY C 486 -11.73 -31.86 -48.61
C GLY C 486 -10.61 -31.85 -47.60
N SER C 487 -9.38 -31.56 -48.03
CA SER C 487 -8.27 -31.51 -47.08
C SER C 487 -8.45 -30.39 -46.08
N LEU C 488 -8.98 -29.25 -46.51
CA LEU C 488 -9.15 -28.11 -45.61
C LEU C 488 -10.10 -28.46 -44.47
N GLU C 489 -11.20 -29.15 -44.76
CA GLU C 489 -12.16 -29.50 -43.72
C GLU C 489 -11.53 -30.42 -42.68
N GLN C 490 -10.81 -31.45 -43.13
CA GLN C 490 -10.16 -32.36 -42.19
C GLN C 490 -9.10 -31.63 -41.37
N ALA C 491 -8.33 -30.75 -42.01
CA ALA C 491 -7.32 -30.00 -41.27
C ALA C 491 -7.97 -29.10 -40.22
N MET C 492 -9.07 -28.44 -40.56
CA MET C 492 -9.76 -27.60 -39.60
C MET C 492 -10.31 -28.43 -38.45
N LEU C 493 -10.87 -29.60 -38.75
CA LEU C 493 -11.38 -30.46 -37.68
C LEU C 493 -10.25 -30.89 -36.75
N ASP C 494 -9.11 -31.28 -37.31
CA ASP C 494 -7.98 -31.68 -36.48
C ASP C 494 -7.49 -30.52 -35.63
N ALA C 495 -7.40 -29.32 -36.22
CA ALA C 495 -6.95 -28.17 -35.46
C ALA C 495 -7.91 -27.84 -34.32
N LEU C 496 -9.22 -27.91 -34.58
CA LEU C 496 -10.18 -27.66 -33.53
C LEU C 496 -10.07 -28.70 -32.42
N VAL C 497 -9.88 -29.97 -32.78
CA VAL C 497 -9.64 -30.99 -31.77
C VAL C 497 -8.37 -30.68 -30.98
N LEU C 498 -7.31 -30.30 -31.69
CA LEU C 498 -6.07 -29.92 -31.03
C LEU C 498 -6.23 -28.58 -30.32
N ASP C 499 -5.36 -28.33 -29.34
CA ASP C 499 -5.37 -27.10 -28.59
C ASP C 499 -4.81 -25.92 -29.37
N ARG C 500 -4.22 -26.16 -30.54
CA ARG C 500 -3.64 -25.08 -31.32
C ARG C 500 -4.69 -24.03 -31.66
N VAL C 501 -4.31 -22.77 -31.52
CA VAL C 501 -5.20 -21.65 -31.78
C VAL C 501 -4.75 -20.84 -32.99
N ASP C 502 -3.44 -20.57 -33.09
CA ASP C 502 -2.93 -19.81 -34.22
C ASP C 502 -3.21 -20.52 -35.54
N PHE C 503 -3.20 -21.85 -35.55
CA PHE C 503 -3.55 -22.58 -36.76
C PHE C 503 -4.99 -22.31 -37.17
N VAL C 504 -5.91 -22.31 -36.20
CA VAL C 504 -7.31 -22.04 -36.50
C VAL C 504 -7.47 -20.61 -36.99
N LYS C 505 -6.75 -19.66 -36.38
CA LYS C 505 -6.81 -18.28 -36.83
C LYS C 505 -6.32 -18.16 -38.26
N LEU C 506 -5.24 -18.88 -38.61
CA LEU C 506 -4.75 -18.87 -39.97
C LEU C 506 -5.78 -19.46 -40.93
N LEU C 507 -6.44 -20.54 -40.52
CA LEU C 507 -7.50 -21.12 -41.36
C LEU C 507 -8.59 -20.09 -41.61
N ILE C 508 -8.99 -19.37 -40.57
CA ILE C 508 -10.00 -18.32 -40.73
C ILE C 508 -9.51 -17.26 -41.71
N GLU C 509 -8.25 -16.83 -41.56
CA GLU C 509 -7.68 -15.86 -42.48
C GLU C 509 -7.30 -16.49 -43.81
N ASN C 510 -7.23 -17.82 -43.89
CA ASN C 510 -6.89 -18.51 -45.12
C ASN C 510 -8.10 -18.72 -46.02
N GLY C 511 -9.28 -18.28 -45.62
CA GLY C 511 -10.49 -18.45 -46.39
C GLY C 511 -11.39 -19.58 -45.92
N VAL C 512 -11.08 -20.23 -44.80
CA VAL C 512 -11.92 -21.29 -44.27
C VAL C 512 -13.11 -20.66 -43.57
N SER C 513 -14.32 -21.09 -43.96
CA SER C 513 -15.55 -20.54 -43.44
C SER C 513 -16.11 -21.46 -42.37
N MET C 514 -16.25 -20.94 -41.15
CA MET C 514 -16.82 -21.74 -40.06
C MET C 514 -18.28 -22.08 -40.36
N HIS C 515 -19.03 -21.13 -40.92
CA HIS C 515 -20.42 -21.39 -41.26
C HIS C 515 -20.54 -22.56 -42.24
N ARG C 516 -19.70 -22.57 -43.28
CA ARG C 516 -19.70 -23.70 -44.21
C ARG C 516 -19.16 -24.96 -43.52
N PHE C 517 -18.15 -24.80 -42.67
CA PHE C 517 -17.57 -25.96 -41.99
C PHE C 517 -18.58 -26.61 -41.05
N LEU C 518 -19.36 -25.79 -40.33
CA LEU C 518 -20.26 -26.33 -39.32
C LEU C 518 -21.23 -27.33 -39.92
N THR C 519 -21.37 -28.48 -39.26
CA THR C 519 -22.29 -29.52 -39.70
C THR C 519 -22.63 -30.38 -38.49
N ILE C 520 -23.76 -31.09 -38.59
CA ILE C 520 -24.23 -31.88 -37.46
C ILE C 520 -23.26 -33.03 -37.17
N SER C 521 -22.85 -33.75 -38.21
CA SER C 521 -21.96 -34.89 -38.02
C SER C 521 -20.62 -34.46 -37.43
N ARG C 522 -20.06 -33.37 -37.96
CA ARG C 522 -18.77 -32.90 -37.45
C ARG C 522 -18.88 -32.50 -35.98
N LEU C 523 -19.95 -31.78 -35.62
CA LEU C 523 -20.12 -31.37 -34.23
C LEU C 523 -20.33 -32.57 -33.31
N GLU C 524 -21.09 -33.56 -33.77
CA GLU C 524 -21.29 -34.76 -32.96
C GLU C 524 -19.98 -35.50 -32.75
N GLU C 525 -19.18 -35.63 -33.80
CA GLU C 525 -17.88 -36.28 -33.66
C GLU C 525 -16.99 -35.51 -32.70
N LEU C 526 -17.01 -34.18 -32.78
CA LEU C 526 -16.23 -33.35 -31.87
C LEU C 526 -16.68 -33.57 -30.43
N TYR C 527 -17.99 -33.60 -30.20
CA TYR C 527 -18.49 -33.78 -28.84
C TYR C 527 -18.12 -35.14 -28.28
N ASN C 528 -18.22 -36.19 -29.11
CA ASN C 528 -17.98 -37.54 -28.63
C ASN C 528 -16.52 -37.92 -28.58
N THR C 529 -15.61 -37.07 -29.07
CA THR C 529 -14.20 -37.38 -29.08
C THR C 529 -13.62 -37.28 -27.67
N ARG C 530 -12.66 -38.16 -27.37
CA ARG C 530 -11.96 -38.16 -26.09
C ARG C 530 -10.49 -37.78 -26.23
N HIS C 531 -10.06 -37.36 -27.42
CA HIS C 531 -8.67 -37.01 -27.67
C HIS C 531 -8.45 -35.55 -27.31
N GLY C 532 -8.27 -35.31 -26.01
CA GLY C 532 -8.02 -33.98 -25.51
C GLY C 532 -7.91 -33.95 -24.00
N PRO C 533 -7.66 -32.76 -23.43
CA PRO C 533 -7.54 -32.59 -21.98
C PRO C 533 -8.76 -33.11 -21.22
N THR C 536 -15.01 -32.93 -17.12
CA THR C 536 -16.07 -33.62 -16.40
C THR C 536 -17.33 -33.75 -17.26
N LEU C 537 -17.16 -33.57 -18.57
CA LEU C 537 -18.30 -33.65 -19.48
C LEU C 537 -18.91 -35.06 -19.48
N TYR C 538 -18.07 -36.09 -19.51
CA TYR C 538 -18.59 -37.45 -19.58
C TYR C 538 -19.40 -37.81 -18.35
N HIS C 539 -18.84 -37.58 -17.15
CA HIS C 539 -19.54 -37.93 -15.93
C HIS C 539 -20.81 -37.11 -15.76
N LEU C 540 -20.74 -35.82 -16.07
CA LEU C 540 -21.93 -34.98 -15.95
C LEU C 540 -23.03 -35.43 -16.91
N VAL C 541 -22.66 -35.76 -18.15
CA VAL C 541 -23.64 -36.24 -19.12
C VAL C 541 -24.25 -37.55 -18.64
N ARG C 542 -23.42 -38.47 -18.14
CA ARG C 542 -23.94 -39.74 -17.65
C ARG C 542 -24.92 -39.53 -16.50
N ASP C 543 -24.57 -38.64 -15.57
CA ASP C 543 -25.47 -38.36 -14.44
C ASP C 543 -26.78 -37.74 -14.93
N VAL C 544 -26.70 -36.79 -15.85
CA VAL C 544 -27.90 -36.14 -16.37
C VAL C 544 -28.71 -37.11 -17.22
N LYS C 545 -28.04 -37.85 -18.10
CA LYS C 545 -28.71 -38.79 -18.98
C LYS C 545 -29.41 -39.89 -18.17
N PRO C 550 -23.35 -46.55 -19.73
CA PRO C 550 -23.24 -46.38 -21.19
C PRO C 550 -21.90 -45.77 -21.60
N PRO C 551 -20.80 -46.48 -21.32
CA PRO C 551 -19.48 -45.96 -21.68
C PRO C 551 -19.35 -45.77 -23.19
N ASP C 552 -18.67 -44.69 -23.58
CA ASP C 552 -18.44 -44.37 -24.98
C ASP C 552 -19.75 -44.28 -25.75
N TYR C 553 -20.81 -43.79 -25.09
CA TYR C 553 -22.10 -43.66 -25.74
C TYR C 553 -22.08 -42.51 -26.74
N ARG C 554 -22.66 -42.74 -27.91
CA ARG C 554 -22.73 -41.71 -28.94
C ARG C 554 -23.54 -40.52 -28.47
N ILE C 555 -22.88 -39.39 -28.25
CA ILE C 555 -23.53 -38.18 -27.78
C ILE C 555 -24.07 -37.40 -28.97
N SER C 556 -25.31 -36.93 -28.84
CA SER C 556 -25.98 -36.17 -29.89
C SER C 556 -26.37 -34.80 -29.33
N LEU C 557 -26.79 -33.91 -30.24
CA LEU C 557 -27.15 -32.56 -29.84
C LEU C 557 -28.29 -32.57 -28.82
N ILE C 558 -29.17 -33.58 -28.88
CA ILE C 558 -30.30 -33.63 -27.96
C ILE C 558 -29.81 -33.82 -26.52
N ASP C 559 -28.92 -34.78 -26.30
CA ASP C 559 -28.40 -35.02 -24.96
C ASP C 559 -27.59 -33.82 -24.46
N ILE C 560 -26.80 -33.21 -25.33
CA ILE C 560 -26.02 -32.04 -24.95
C ILE C 560 -26.95 -30.90 -24.53
N GLY C 561 -28.01 -30.68 -25.30
CA GLY C 561 -28.97 -29.66 -24.91
C GLY C 561 -29.67 -29.97 -23.61
N LEU C 562 -29.99 -31.25 -23.39
CA LEU C 562 -30.64 -31.66 -22.15
C LEU C 562 -29.74 -31.37 -20.95
N VAL C 563 -28.47 -31.73 -21.05
CA VAL C 563 -27.54 -31.46 -19.94
C VAL C 563 -27.33 -29.96 -19.78
N ILE C 564 -27.31 -29.20 -20.88
CA ILE C 564 -27.22 -27.75 -20.79
C ILE C 564 -28.39 -27.21 -19.97
N GLU C 565 -29.60 -27.62 -20.32
CA GLU C 565 -30.78 -27.16 -19.58
C GLU C 565 -30.69 -27.57 -18.11
N TYR C 566 -30.24 -28.80 -17.86
CA TYR C 566 -30.04 -29.24 -16.48
C TYR C 566 -29.13 -28.27 -15.73
N LEU C 567 -28.00 -27.91 -16.34
CA LEU C 567 -27.03 -27.06 -15.65
C LEU C 567 -27.54 -25.64 -15.47
N MET C 568 -28.28 -25.11 -16.45
CA MET C 568 -28.72 -23.72 -16.35
C MET C 568 -29.62 -23.51 -15.13
N GLY C 569 -30.55 -24.41 -14.89
CA GLY C 569 -31.47 -24.33 -13.78
C GLY C 569 -32.90 -24.48 -14.24
N GLY C 570 -33.82 -24.24 -13.31
CA GLY C 570 -35.23 -24.36 -13.63
C GLY C 570 -35.75 -23.18 -14.43
N ALA C 571 -36.89 -23.40 -15.08
CA ALA C 571 -37.55 -22.36 -15.87
C ALA C 571 -36.60 -21.80 -16.93
N TYR C 572 -35.83 -22.68 -17.55
CA TYR C 572 -34.89 -22.32 -18.60
C TYR C 572 -35.15 -23.16 -19.84
N ARG C 573 -34.62 -22.70 -20.97
CA ARG C 573 -34.78 -23.41 -22.22
C ARG C 573 -33.60 -23.09 -23.13
N CYS C 574 -33.35 -23.98 -24.09
CA CYS C 574 -32.33 -23.80 -25.09
C CYS C 574 -32.92 -24.08 -26.47
N ASN C 575 -32.51 -23.28 -27.45
CA ASN C 575 -33.04 -23.45 -28.80
C ASN C 575 -32.76 -24.85 -29.34
N TYR C 576 -31.52 -25.33 -29.17
CA TYR C 576 -31.20 -26.69 -29.59
C TYR C 576 -31.73 -27.72 -28.60
N THR C 577 -31.86 -27.34 -27.33
CA THR C 577 -32.32 -28.26 -26.29
C THR C 577 -33.84 -28.21 -26.20
N ARG C 578 -34.47 -28.80 -27.22
CA ARG C 578 -35.93 -28.85 -27.30
C ARG C 578 -36.34 -30.12 -28.00
N LYS C 579 -37.59 -30.54 -27.74
CA LYS C 579 -38.10 -31.78 -28.33
C LYS C 579 -38.15 -31.67 -29.85
N ARG C 580 -38.59 -30.51 -30.37
CA ARG C 580 -38.66 -30.33 -31.81
C ARG C 580 -37.29 -30.48 -32.45
N PHE C 581 -36.26 -29.90 -31.84
CA PHE C 581 -34.90 -30.06 -32.35
C PHE C 581 -34.48 -31.52 -32.32
N ARG C 582 -34.81 -32.23 -31.23
CA ARG C 582 -34.47 -33.64 -31.15
C ARG C 582 -35.19 -34.44 -32.23
N THR C 583 -36.47 -34.14 -32.46
CA THR C 583 -37.21 -34.84 -33.51
C THR C 583 -36.60 -34.56 -34.87
N LEU C 584 -36.24 -33.30 -35.14
CA LEU C 584 -35.61 -32.98 -36.41
C LEU C 584 -34.29 -33.70 -36.57
N TYR C 585 -33.48 -33.75 -35.51
CA TYR C 585 -32.21 -34.46 -35.58
C TYR C 585 -32.45 -35.96 -35.82
N HIS C 586 -33.44 -36.54 -35.16
CA HIS C 586 -33.74 -37.95 -35.38
C HIS C 586 -34.15 -38.22 -36.81
N ASN C 587 -34.97 -37.35 -37.38
CA ASN C 587 -35.42 -37.51 -38.76
C ASN C 587 -34.26 -37.37 -39.73
N ILE C 631 -30.29 -27.63 -45.26
CA ILE C 631 -29.19 -26.77 -44.87
C ILE C 631 -28.34 -27.45 -43.79
N ASN C 632 -28.97 -27.78 -42.67
CA ASN C 632 -28.28 -28.43 -41.55
C ASN C 632 -27.10 -27.59 -41.10
N HIS C 633 -27.26 -26.28 -41.10
CA HIS C 633 -26.21 -25.33 -40.70
C HIS C 633 -26.75 -24.44 -39.60
N PHE C 634 -25.98 -24.30 -38.53
CA PHE C 634 -26.37 -23.43 -37.43
C PHE C 634 -26.31 -21.98 -37.86
N PRO C 635 -27.39 -21.20 -37.74
CA PRO C 635 -27.30 -19.78 -38.12
C PRO C 635 -26.26 -19.01 -37.33
N PHE C 636 -26.00 -19.40 -36.08
CA PHE C 636 -25.02 -18.74 -35.22
C PHE C 636 -24.06 -19.81 -34.69
N PRO C 637 -23.12 -20.27 -35.53
CA PRO C 637 -22.19 -21.30 -35.06
C PRO C 637 -21.35 -20.87 -33.88
N PHE C 638 -21.04 -19.58 -33.77
CA PHE C 638 -20.20 -19.11 -32.67
C PHE C 638 -20.81 -19.47 -31.32
N HIS C 639 -22.14 -19.38 -31.20
CA HIS C 639 -22.79 -19.69 -29.93
C HIS C 639 -22.51 -21.13 -29.52
N GLU C 640 -22.77 -22.09 -30.43
CA GLU C 640 -22.55 -23.49 -30.11
C GLU C 640 -21.08 -23.77 -29.86
N LEU C 641 -20.19 -23.17 -30.66
CA LEU C 641 -18.77 -23.39 -30.47
C LEU C 641 -18.31 -22.91 -29.10
N MET C 642 -18.77 -21.72 -28.68
CA MET C 642 -18.39 -21.21 -27.37
C MET C 642 -18.99 -22.06 -26.25
N VAL C 643 -20.22 -22.52 -26.43
CA VAL C 643 -20.84 -23.39 -25.42
C VAL C 643 -20.02 -24.66 -25.26
N TRP C 644 -19.62 -25.27 -26.37
CA TRP C 644 -18.78 -26.46 -26.30
C TRP C 644 -17.43 -26.16 -25.65
N ALA C 645 -16.80 -25.05 -26.05
CA ALA C 645 -15.48 -24.73 -25.54
C ALA C 645 -15.51 -24.58 -24.02
N VAL C 646 -16.52 -23.89 -23.50
CA VAL C 646 -16.65 -23.79 -22.05
C VAL C 646 -17.06 -25.12 -21.43
N LEU C 647 -17.77 -25.96 -22.18
CA LEU C 647 -18.19 -27.26 -21.65
C LEU C 647 -16.98 -28.15 -21.37
N MET C 648 -16.01 -28.16 -22.27
CA MET C 648 -14.85 -29.03 -22.17
C MET C 648 -13.67 -28.36 -21.47
N LYS C 649 -13.86 -27.16 -20.93
CA LYS C 649 -12.82 -26.48 -20.15
C LYS C 649 -11.62 -26.10 -21.02
N ARG C 650 -11.90 -25.43 -22.13
CA ARG C 650 -10.89 -24.87 -23.02
C ARG C 650 -11.07 -23.36 -22.98
N GLN C 651 -10.16 -22.66 -22.31
CA GLN C 651 -10.41 -21.27 -21.95
C GLN C 651 -9.95 -20.32 -23.06
N LYS C 652 -8.74 -20.52 -23.59
CA LYS C 652 -8.22 -19.60 -24.60
C LYS C 652 -9.08 -19.62 -25.86
N MET C 653 -9.52 -20.80 -26.28
CA MET C 653 -10.40 -20.88 -27.44
C MET C 653 -11.73 -20.18 -27.16
N ALA C 654 -12.25 -20.32 -25.94
CA ALA C 654 -13.47 -19.61 -25.59
C ALA C 654 -13.26 -18.11 -25.66
N LEU C 655 -12.12 -17.62 -25.18
CA LEU C 655 -11.81 -16.19 -25.27
C LEU C 655 -11.77 -15.73 -26.73
N PHE C 656 -11.09 -16.50 -27.58
CA PHE C 656 -11.01 -16.12 -28.99
C PHE C 656 -12.40 -16.09 -29.63
N PHE C 657 -13.21 -17.12 -29.35
CA PHE C 657 -14.55 -17.16 -29.93
C PHE C 657 -15.40 -15.99 -29.45
N TRP C 658 -15.32 -15.66 -28.16
CA TRP C 658 -16.00 -14.49 -27.64
C TRP C 658 -15.48 -13.21 -28.26
N GLN C 659 -14.22 -13.19 -28.72
CA GLN C 659 -13.69 -12.01 -29.38
C GLN C 659 -14.46 -11.67 -30.64
N HIS C 660 -15.07 -12.67 -31.28
CA HIS C 660 -15.86 -12.46 -32.50
C HIS C 660 -17.17 -13.22 -32.34
N GLY C 661 -18.25 -12.48 -32.08
CA GLY C 661 -19.55 -13.09 -31.96
C GLY C 661 -20.63 -12.04 -31.78
N GLU C 662 -21.86 -12.45 -32.10
CA GLU C 662 -23.02 -11.60 -31.93
C GLU C 662 -23.64 -11.82 -30.56
N GLU C 663 -24.10 -10.72 -29.95
CA GLU C 663 -24.66 -10.75 -28.59
C GLU C 663 -23.64 -11.33 -27.60
N ALA C 664 -22.47 -10.70 -27.59
CA ALA C 664 -21.37 -11.18 -26.75
C ALA C 664 -21.75 -11.14 -25.27
N MET C 665 -22.44 -10.09 -24.84
CA MET C 665 -22.76 -9.95 -23.43
C MET C 665 -23.63 -11.11 -22.95
N ALA C 666 -24.62 -11.50 -23.76
CA ALA C 666 -25.47 -12.61 -23.36
C ALA C 666 -24.66 -13.90 -23.22
N LYS C 667 -23.78 -14.16 -24.17
CA LYS C 667 -22.95 -15.37 -24.10
C LYS C 667 -22.03 -15.33 -22.89
N ALA C 668 -21.44 -14.16 -22.61
CA ALA C 668 -20.53 -14.05 -21.48
C ALA C 668 -21.22 -14.38 -20.16
N LEU C 669 -22.42 -13.84 -19.97
CA LEU C 669 -23.16 -14.12 -18.75
C LEU C 669 -23.51 -15.61 -18.65
N VAL C 670 -23.91 -16.21 -19.77
CA VAL C 670 -24.21 -17.64 -19.77
C VAL C 670 -22.99 -18.44 -19.36
N ALA C 671 -21.82 -18.09 -19.89
CA ALA C 671 -20.60 -18.80 -19.52
C ALA C 671 -20.33 -18.70 -18.03
N CYS C 672 -20.49 -17.51 -17.45
CA CYS C 672 -20.30 -17.36 -16.02
C CYS C 672 -21.28 -18.22 -15.24
N LYS C 673 -22.53 -18.26 -15.68
CA LYS C 673 -23.52 -19.12 -15.05
C LYS C 673 -23.10 -20.58 -15.16
N LEU C 674 -22.64 -20.99 -16.35
CA LEU C 674 -22.25 -22.37 -16.56
C LEU C 674 -21.05 -22.75 -15.69
N CYS C 675 -20.06 -21.87 -15.60
CA CYS C 675 -18.86 -22.18 -14.81
C CYS C 675 -19.20 -22.37 -13.34
N LYS C 676 -20.01 -21.46 -12.78
CA LYS C 676 -20.39 -21.59 -11.38
C LYS C 676 -21.20 -22.85 -11.15
N ALA C 677 -22.16 -23.13 -12.03
CA ALA C 677 -23.00 -24.31 -11.86
C ALA C 677 -22.16 -25.59 -11.94
N MET C 678 -21.23 -25.65 -12.90
CA MET C 678 -20.36 -26.82 -13.01
C MET C 678 -19.52 -26.99 -11.76
N ALA C 679 -18.99 -25.88 -11.22
CA ALA C 679 -18.18 -25.97 -10.00
C ALA C 679 -18.99 -26.50 -8.83
N HIS C 680 -20.22 -25.99 -8.66
CA HIS C 680 -21.05 -26.44 -7.56
C HIS C 680 -21.40 -27.93 -7.71
N GLU C 681 -21.73 -28.34 -8.93
CA GLU C 681 -22.05 -29.75 -9.15
C GLU C 681 -20.84 -30.64 -8.88
N ALA C 682 -19.66 -30.21 -9.30
CA ALA C 682 -18.44 -30.99 -9.09
C ALA C 682 -17.98 -30.87 -7.63
N ASP C 690 -8.76 -28.62 -8.94
CA ASP C 690 -8.99 -27.95 -10.21
C ASP C 690 -10.38 -27.32 -10.26
N ILE C 691 -11.35 -27.98 -9.61
CA ILE C 691 -12.71 -27.46 -9.57
C ILE C 691 -12.73 -26.13 -8.85
N SER C 692 -12.03 -26.03 -7.72
CA SER C 692 -11.95 -24.77 -7.00
C SER C 692 -11.21 -23.72 -7.82
N GLN C 693 -10.14 -24.13 -8.52
CA GLN C 693 -9.34 -23.18 -9.28
C GLN C 693 -10.14 -22.57 -10.42
N GLU C 694 -10.83 -23.42 -11.21
CA GLU C 694 -11.60 -22.91 -12.34
C GLU C 694 -12.77 -22.05 -11.86
N LEU C 695 -13.39 -22.44 -10.75
CA LEU C 695 -14.51 -21.66 -10.22
C LEU C 695 -14.07 -20.24 -9.86
N ASN C 696 -12.93 -20.12 -9.19
CA ASN C 696 -12.46 -18.80 -8.77
C ASN C 696 -12.06 -17.94 -9.97
N HIS C 697 -11.46 -18.56 -10.99
CA HIS C 697 -10.92 -17.82 -12.13
C HIS C 697 -11.91 -17.77 -13.30
N ASN C 698 -12.33 -18.93 -13.79
CA ASN C 698 -13.10 -18.96 -15.03
C ASN C 698 -14.40 -18.17 -14.90
N SER C 699 -15.20 -18.48 -13.87
CA SER C 699 -16.47 -17.77 -13.72
C SER C 699 -16.26 -16.29 -13.45
N ARG C 700 -15.29 -15.96 -12.59
CA ARG C 700 -15.02 -14.56 -12.28
C ARG C 700 -14.59 -13.81 -13.53
N ASP C 701 -13.71 -14.41 -14.34
CA ASP C 701 -13.21 -13.73 -15.53
C ASP C 701 -14.35 -13.42 -16.50
N PHE C 702 -15.24 -14.39 -16.73
CA PHE C 702 -16.38 -14.13 -17.62
C PHE C 702 -17.24 -12.99 -17.10
N GLY C 703 -17.53 -13.00 -15.79
CA GLY C 703 -18.32 -11.93 -15.22
C GLY C 703 -17.65 -10.58 -15.35
N GLN C 704 -16.34 -10.53 -15.11
CA GLN C 704 -15.61 -9.28 -15.25
C GLN C 704 -15.66 -8.76 -16.68
N LEU C 705 -15.52 -9.67 -17.65
CA LEU C 705 -15.60 -9.25 -19.05
C LEU C 705 -16.97 -8.66 -19.37
N ALA C 706 -18.04 -9.28 -18.87
CA ALA C 706 -19.37 -8.74 -19.11
C ALA C 706 -19.52 -7.36 -18.48
N VAL C 707 -19.00 -7.17 -17.26
CA VAL C 707 -19.08 -5.87 -16.61
C VAL C 707 -18.32 -4.82 -17.42
N GLU C 708 -17.11 -5.17 -17.88
CA GLU C 708 -16.34 -4.22 -18.67
C GLU C 708 -17.07 -3.87 -19.96
N LEU C 709 -17.68 -4.86 -20.62
CA LEU C 709 -18.44 -4.57 -21.83
C LEU C 709 -19.62 -3.66 -21.54
N LEU C 710 -20.32 -3.89 -20.43
CA LEU C 710 -21.41 -3.01 -20.05
C LEU C 710 -20.91 -1.60 -19.80
N ASP C 711 -19.78 -1.45 -19.11
CA ASP C 711 -19.26 -0.13 -18.82
C ASP C 711 -18.92 0.62 -20.10
N GLN C 712 -18.28 -0.06 -21.05
CA GLN C 712 -17.92 0.60 -22.30
C GLN C 712 -19.17 1.02 -23.07
N SER C 713 -20.19 0.15 -23.13
CA SER C 713 -21.40 0.49 -23.85
C SER C 713 -22.08 1.72 -23.24
N TYR C 714 -22.11 1.79 -21.91
CA TYR C 714 -22.71 2.96 -21.25
C TYR C 714 -21.93 4.23 -21.60
N LYS C 715 -20.60 4.15 -21.62
CA LYS C 715 -19.81 5.31 -22.01
C LYS C 715 -20.11 5.74 -23.44
N GLN C 716 -20.20 4.78 -24.35
CA GLN C 716 -20.47 5.11 -25.76
C GLN C 716 -21.86 5.71 -25.91
N ASP C 717 -22.86 5.13 -25.25
CA ASP C 717 -24.23 5.63 -25.36
C ASP C 717 -25.04 5.05 -24.20
N GLU C 718 -25.64 5.92 -23.39
CA GLU C 718 -26.45 5.46 -22.27
C GLU C 718 -27.76 4.85 -22.76
N GLN C 719 -28.42 5.52 -23.71
CA GLN C 719 -29.71 5.03 -24.18
C GLN C 719 -29.58 3.67 -24.85
N LEU C 720 -28.57 3.51 -25.71
CA LEU C 720 -28.38 2.23 -26.39
C LEU C 720 -28.00 1.13 -25.40
N ALA C 721 -27.19 1.46 -24.39
CA ALA C 721 -26.85 0.46 -23.37
C ALA C 721 -28.10 0.03 -22.62
N MET C 722 -28.95 0.99 -22.24
CA MET C 722 -30.19 0.65 -21.55
C MET C 722 -31.07 -0.24 -22.43
N LYS C 723 -31.18 0.10 -23.72
CA LYS C 723 -31.99 -0.71 -24.62
C LYS C 723 -31.41 -2.12 -24.75
N LEU C 724 -30.09 -2.24 -24.84
CA LEU C 724 -29.45 -3.55 -24.97
C LEU C 724 -29.68 -4.40 -23.73
N LEU C 725 -29.65 -3.77 -22.55
CA LEU C 725 -29.79 -4.53 -21.31
C LEU C 725 -31.05 -5.38 -21.29
N THR C 726 -32.13 -4.89 -21.92
CA THR C 726 -33.43 -5.57 -21.87
C THR C 726 -33.97 -5.71 -23.29
N TYR C 727 -33.96 -6.93 -23.80
CA TYR C 727 -34.64 -7.26 -25.05
C TYR C 727 -34.66 -8.77 -25.20
N GLU C 728 -35.75 -9.28 -25.75
CA GLU C 728 -35.95 -10.72 -25.85
C GLU C 728 -34.89 -11.34 -26.75
N LEU C 729 -34.35 -12.49 -26.32
CA LEU C 729 -33.37 -13.26 -27.07
C LEU C 729 -34.01 -14.54 -27.55
N LYS C 730 -34.25 -14.65 -28.85
CA LYS C 730 -34.81 -15.89 -29.40
C LYS C 730 -33.86 -17.05 -29.18
N ASN C 731 -32.56 -16.81 -29.31
CA ASN C 731 -31.59 -17.89 -29.17
C ASN C 731 -31.61 -18.48 -27.77
N TRP C 732 -31.70 -17.64 -26.74
CA TRP C 732 -31.55 -18.06 -25.35
C TRP C 732 -32.87 -18.15 -24.63
N SER C 733 -33.92 -18.64 -25.30
CA SER C 733 -35.23 -18.87 -24.68
C SER C 733 -35.85 -17.57 -24.18
N ASN C 734 -35.51 -16.44 -24.81
CA ASN C 734 -36.12 -15.16 -24.51
C ASN C 734 -35.91 -14.77 -23.04
N ALA C 735 -34.65 -14.60 -22.68
CA ALA C 735 -34.26 -14.14 -21.34
C ALA C 735 -33.34 -12.94 -21.51
N THR C 736 -33.69 -11.84 -20.83
CA THR C 736 -32.90 -10.63 -20.92
C THR C 736 -31.60 -10.76 -20.14
N CYS C 737 -30.70 -9.81 -20.38
CA CYS C 737 -29.40 -9.82 -19.70
C CYS C 737 -29.58 -9.74 -18.19
N LEU C 738 -30.54 -8.95 -17.73
CA LEU C 738 -30.76 -8.80 -16.30
C LEU C 738 -31.13 -10.13 -15.65
N GLN C 739 -32.01 -10.89 -16.30
CA GLN C 739 -32.42 -12.18 -15.75
C GLN C 739 -31.24 -13.13 -15.66
N LEU C 740 -30.39 -13.16 -16.70
CA LEU C 740 -29.22 -14.02 -16.67
C LEU C 740 -28.26 -13.59 -15.57
N ALA C 741 -28.05 -12.28 -15.40
CA ALA C 741 -27.17 -11.81 -14.34
C ALA C 741 -27.71 -12.21 -12.98
N VAL C 742 -29.02 -12.07 -12.77
CA VAL C 742 -29.62 -12.44 -11.49
C VAL C 742 -29.46 -13.94 -11.26
N ALA C 743 -29.69 -14.75 -12.29
CA ALA C 743 -29.52 -16.19 -12.15
C ALA C 743 -28.08 -16.54 -11.78
N ALA C 744 -27.11 -15.87 -12.40
CA ALA C 744 -25.72 -16.05 -12.05
C ALA C 744 -25.36 -15.39 -10.72
N LYS C 745 -26.26 -14.60 -10.15
CA LYS C 745 -26.01 -13.90 -8.89
C LYS C 745 -24.78 -13.00 -8.97
N HIS C 746 -24.55 -12.41 -10.13
CA HIS C 746 -23.42 -11.50 -10.34
C HIS C 746 -23.82 -10.13 -9.83
N ARG C 747 -23.52 -9.86 -8.56
CA ARG C 747 -23.92 -8.60 -7.95
C ARG C 747 -23.26 -7.40 -8.63
N ASP C 748 -22.07 -7.59 -9.20
CA ASP C 748 -21.37 -6.48 -9.83
C ASP C 748 -22.16 -5.93 -11.01
N PHE C 749 -22.73 -6.80 -11.83
CA PHE C 749 -23.49 -6.35 -13.00
C PHE C 749 -24.69 -5.51 -12.56
N ILE C 750 -25.43 -5.98 -11.56
CA ILE C 750 -26.61 -5.24 -11.11
C ILE C 750 -26.21 -3.93 -10.45
N ALA C 751 -25.10 -3.93 -9.73
CA ALA C 751 -24.66 -2.74 -9.00
C ALA C 751 -24.23 -1.61 -9.93
N HIS C 752 -24.08 -1.88 -11.23
CA HIS C 752 -23.66 -0.83 -12.15
C HIS C 752 -24.69 0.28 -12.21
N THR C 753 -24.23 1.48 -12.54
CA THR C 753 -25.11 2.65 -12.49
C THR C 753 -26.28 2.51 -13.45
N CYS C 754 -26.02 2.01 -14.67
CA CYS C 754 -27.09 1.89 -15.65
C CYS C 754 -28.17 0.92 -15.18
N SER C 755 -27.76 -0.22 -14.62
CA SER C 755 -28.73 -1.19 -14.13
C SER C 755 -29.58 -0.62 -13.00
N GLN C 756 -28.93 0.08 -12.07
CA GLN C 756 -29.69 0.70 -10.97
C GLN C 756 -30.64 1.76 -11.48
N MET C 757 -30.20 2.55 -12.47
CA MET C 757 -31.09 3.55 -13.06
C MET C 757 -32.31 2.90 -13.70
N LEU C 758 -32.10 1.81 -14.44
CA LEU C 758 -33.22 1.12 -15.06
C LEU C 758 -34.15 0.54 -14.01
N LEU C 759 -33.59 -0.04 -12.94
CA LEU C 759 -34.43 -0.59 -11.88
C LEU C 759 -35.24 0.50 -11.20
N THR C 760 -34.63 1.67 -10.96
CA THR C 760 -35.37 2.77 -10.35
C THR C 760 -36.48 3.27 -11.27
N ASP C 761 -36.19 3.35 -12.58
CA ASP C 761 -37.23 3.77 -13.51
C ASP C 761 -38.38 2.78 -13.52
N MET C 762 -38.07 1.48 -13.51
CA MET C 762 -39.12 0.47 -13.46
C MET C 762 -39.93 0.58 -12.17
N TRP C 763 -39.25 0.77 -11.04
CA TRP C 763 -39.95 0.85 -9.76
C TRP C 763 -40.86 2.06 -9.69
N MET C 764 -40.39 3.22 -10.19
CA MET C 764 -41.23 4.40 -10.21
C MET C 764 -42.35 4.30 -11.24
N GLY C 765 -42.24 3.37 -12.19
CA GLY C 765 -43.29 3.19 -13.16
C GLY C 765 -43.40 4.39 -14.09
N ARG C 766 -44.62 4.61 -14.59
CA ARG C 766 -44.85 5.71 -15.52
C ARG C 766 -44.58 7.05 -14.86
N LEU C 767 -44.99 7.22 -13.61
CA LEU C 767 -44.77 8.47 -12.90
C LEU C 767 -43.28 8.76 -12.80
N ARG C 768 -42.91 10.02 -13.05
CA ARG C 768 -41.52 10.45 -13.05
C ARG C 768 -41.11 11.11 -11.74
N MET C 769 -42.00 11.20 -10.76
CA MET C 769 -41.66 11.82 -9.49
C MET C 769 -40.50 11.09 -8.83
N ARG C 770 -39.57 11.87 -8.26
CA ARG C 770 -38.41 11.29 -7.60
C ARG C 770 -38.08 11.95 -6.27
N LYS C 771 -38.87 12.93 -5.81
CA LYS C 771 -38.63 13.61 -4.55
C LYS C 771 -39.79 13.32 -3.61
N ASN C 772 -39.48 12.92 -2.38
CA ASN C 772 -40.48 12.57 -1.39
C ASN C 772 -41.45 11.53 -1.94
N SER C 773 -40.88 10.50 -2.57
CA SER C 773 -41.69 9.49 -3.23
C SER C 773 -42.60 8.76 -2.25
N GLY C 774 -42.07 8.40 -1.08
CA GLY C 774 -42.88 7.67 -0.11
C GLY C 774 -44.07 8.48 0.37
N LEU C 775 -43.83 9.74 0.73
CA LEU C 775 -44.94 10.58 1.18
C LEU C 775 -45.96 10.81 0.08
N LYS C 776 -45.49 11.01 -1.15
CA LYS C 776 -46.41 11.20 -2.26
C LYS C 776 -47.26 9.96 -2.50
N VAL C 777 -46.66 8.78 -2.43
CA VAL C 777 -47.41 7.55 -2.62
C VAL C 777 -48.42 7.36 -1.50
N ILE C 778 -48.01 7.66 -0.26
CA ILE C 778 -48.94 7.52 0.87
C ILE C 778 -50.12 8.47 0.69
N LEU C 779 -49.87 9.71 0.29
CA LEU C 779 -50.94 10.66 0.07
C LEU C 779 -51.86 10.20 -1.06
N GLY C 780 -51.28 9.69 -2.15
CA GLY C 780 -52.11 9.20 -3.24
C GLY C 780 -53.00 8.05 -2.83
N ILE C 781 -52.45 7.12 -2.04
CA ILE C 781 -53.28 6.02 -1.54
C ILE C 781 -54.38 6.55 -0.64
N LEU C 782 -54.05 7.51 0.24
CA LEU C 782 -55.04 8.02 1.18
C LEU C 782 -56.12 8.83 0.46
N LEU C 783 -55.73 9.67 -0.50
CA LEU C 783 -56.64 10.57 -1.19
C LEU C 783 -56.51 10.38 -2.70
N PRO C 784 -57.12 9.33 -3.25
CA PRO C 784 -57.03 9.09 -4.69
C PRO C 784 -57.55 10.26 -5.50
N PRO C 785 -58.83 10.66 -5.31
CA PRO C 785 -59.43 11.60 -6.26
C PRO C 785 -58.72 12.94 -6.34
N SER C 786 -58.17 13.42 -5.23
CA SER C 786 -57.47 14.71 -5.24
C SER C 786 -56.01 14.57 -5.59
N ILE C 787 -55.33 13.57 -5.03
CA ILE C 787 -53.89 13.44 -5.24
C ILE C 787 -53.59 13.03 -6.68
N LEU C 788 -54.31 12.04 -7.20
CA LEU C 788 -53.91 11.40 -8.45
C LEU C 788 -53.78 12.40 -9.58
N SER C 789 -54.71 13.36 -9.68
CA SER C 789 -54.69 14.29 -10.80
C SER C 789 -53.37 15.08 -10.84
N LEU C 790 -52.92 15.57 -9.69
CA LEU C 790 -51.66 16.30 -9.65
C LEU C 790 -50.46 15.36 -9.76
N GLU C 791 -50.54 14.20 -9.11
CA GLU C 791 -49.41 13.27 -9.13
C GLU C 791 -49.14 12.73 -10.53
N PHE C 792 -50.14 12.73 -11.39
CA PHE C 792 -49.93 12.23 -12.75
C PHE C 792 -48.86 13.03 -13.47
N LYS C 793 -48.89 14.35 -13.33
CA LYS C 793 -47.89 15.19 -14.00
C LYS C 793 -46.49 14.88 -13.49
N ASN C 794 -46.34 14.71 -12.17
CA ASN C 794 -45.05 14.41 -11.58
C ASN C 794 -44.71 12.93 -11.73
N GLY C 861 -59.48 9.52 -15.06
CA GLY C 861 -59.05 9.28 -16.42
C GLY C 861 -57.92 8.27 -16.53
N ARG C 862 -57.11 8.40 -17.58
CA ARG C 862 -55.98 7.49 -17.77
C ARG C 862 -54.90 7.70 -16.72
N LYS C 863 -54.78 8.93 -16.20
CA LYS C 863 -53.76 9.22 -15.20
C LYS C 863 -53.95 8.36 -13.96
N ILE C 864 -55.19 8.23 -13.50
CA ILE C 864 -55.45 7.42 -12.30
C ILE C 864 -55.10 5.96 -12.57
N TYR C 865 -55.44 5.45 -13.74
CA TYR C 865 -55.16 4.06 -14.06
C TYR C 865 -53.66 3.79 -14.10
N GLU C 866 -52.92 4.64 -14.81
CA GLU C 866 -51.47 4.45 -14.88
C GLU C 866 -50.81 4.65 -13.52
N PHE C 867 -51.39 5.52 -12.69
CA PHE C 867 -50.89 5.68 -11.33
C PHE C 867 -51.08 4.40 -10.52
N TYR C 868 -52.27 3.80 -10.62
CA TYR C 868 -52.54 2.56 -9.90
C TYR C 868 -51.63 1.44 -10.38
N ASN C 869 -51.42 1.33 -11.69
CA ASN C 869 -50.65 0.21 -12.22
C ASN C 869 -49.18 0.26 -11.84
N ALA C 870 -48.70 1.39 -11.31
CA ALA C 870 -47.30 1.48 -10.91
C ALA C 870 -47.02 0.53 -9.75
N PRO C 871 -45.86 -0.13 -9.74
CA PRO C 871 -45.58 -1.09 -8.67
C PRO C 871 -45.48 -0.46 -7.28
N ILE C 872 -45.03 0.79 -7.18
CA ILE C 872 -44.82 1.39 -5.86
C ILE C 872 -46.14 1.56 -5.13
N VAL C 873 -47.17 2.04 -5.83
CA VAL C 873 -48.47 2.20 -5.19
C VAL C 873 -49.04 0.84 -4.82
N LYS C 874 -48.79 -0.18 -5.65
CA LYS C 874 -49.19 -1.54 -5.27
C LYS C 874 -48.50 -1.98 -3.98
N PHE C 875 -47.22 -1.67 -3.86
CA PHE C 875 -46.47 -2.03 -2.66
C PHE C 875 -47.08 -1.38 -1.43
N TRP C 876 -47.37 -0.08 -1.52
CA TRP C 876 -47.96 0.61 -0.38
C TRP C 876 -49.36 0.10 -0.08
N PHE C 877 -50.14 -0.21 -1.12
CA PHE C 877 -51.47 -0.76 -0.92
C PHE C 877 -51.40 -2.09 -0.17
N TYR C 878 -50.49 -2.96 -0.59
CA TYR C 878 -50.33 -4.25 0.08
C TYR C 878 -49.86 -4.06 1.51
N THR C 879 -48.95 -3.11 1.75
CA THR C 879 -48.47 -2.87 3.11
C THR C 879 -49.61 -2.42 4.02
N LEU C 880 -50.45 -1.50 3.53
CA LEU C 880 -51.57 -1.03 4.34
C LEU C 880 -52.58 -2.14 4.59
N ALA C 881 -52.86 -2.94 3.57
CA ALA C 881 -53.77 -4.07 3.76
C ALA C 881 -53.22 -5.05 4.78
N TYR C 882 -51.91 -5.31 4.73
CA TYR C 882 -51.29 -6.21 5.68
C TYR C 882 -51.37 -5.66 7.09
N ILE C 883 -51.18 -4.34 7.25
CA ILE C 883 -51.29 -3.73 8.57
C ILE C 883 -52.72 -3.88 9.10
N GLY C 884 -53.72 -3.63 8.25
CA GLY C 884 -55.09 -3.83 8.68
C GLY C 884 -55.37 -5.26 9.08
N TYR C 885 -54.86 -6.21 8.30
CA TYR C 885 -55.01 -7.62 8.63
C TYR C 885 -54.37 -7.94 9.99
N LEU C 886 -53.18 -7.39 10.23
CA LEU C 886 -52.51 -7.60 11.51
C LEU C 886 -53.34 -7.06 12.66
N MET C 887 -53.89 -5.86 12.50
CA MET C 887 -54.69 -5.28 13.58
C MET C 887 -55.94 -6.11 13.84
N LEU C 888 -56.61 -6.55 12.79
CA LEU C 888 -57.79 -7.39 12.98
C LEU C 888 -57.42 -8.70 13.66
N PHE C 889 -56.31 -9.31 13.26
CA PHE C 889 -55.87 -10.55 13.88
C PHE C 889 -55.59 -10.35 15.36
N ASN C 890 -54.94 -9.23 15.71
CA ASN C 890 -54.69 -8.93 17.11
C ASN C 890 -56.00 -8.77 17.87
N TYR C 891 -56.97 -8.07 17.28
CA TYR C 891 -58.24 -7.87 17.96
C TYR C 891 -59.04 -9.16 18.10
N ILE C 892 -58.84 -10.12 17.21
CA ILE C 892 -59.67 -11.32 17.21
C ILE C 892 -59.24 -12.28 18.31
N VAL C 893 -58.01 -12.79 18.22
CA VAL C 893 -57.57 -13.84 19.13
C VAL C 893 -57.43 -13.34 20.56
N LEU C 894 -57.21 -12.04 20.76
CA LEU C 894 -56.77 -11.52 22.04
C LEU C 894 -57.88 -11.31 23.05
N VAL C 895 -59.15 -11.36 22.65
CA VAL C 895 -60.21 -10.88 23.53
C VAL C 895 -61.13 -12.02 23.98
N LYS C 896 -61.79 -12.69 23.05
CA LYS C 896 -62.86 -13.62 23.42
C LYS C 896 -63.16 -14.54 22.26
N MET C 897 -63.90 -15.61 22.56
CA MET C 897 -64.35 -16.57 21.57
C MET C 897 -65.81 -16.91 21.82
N GLU C 898 -66.54 -17.21 20.75
CA GLU C 898 -67.96 -17.55 20.82
C GLU C 898 -68.21 -18.79 19.96
N ARG C 899 -69.45 -19.29 20.02
CA ARG C 899 -69.81 -20.45 19.22
C ARG C 899 -69.61 -20.17 17.74
N TRP C 900 -70.08 -19.01 17.26
CA TRP C 900 -69.89 -18.62 15.88
C TRP C 900 -68.91 -17.46 15.78
N PRO C 901 -68.06 -17.43 14.76
CA PRO C 901 -67.05 -16.37 14.67
C PRO C 901 -67.67 -15.01 14.44
N SER C 902 -66.96 -13.98 14.90
CA SER C 902 -67.39 -12.61 14.70
C SER C 902 -67.05 -12.14 13.29
N THR C 903 -67.38 -10.89 13.00
CA THR C 903 -67.12 -10.35 11.66
C THR C 903 -65.63 -10.29 11.36
N GLN C 904 -64.83 -9.91 12.36
CA GLN C 904 -63.39 -9.77 12.12
C GLN C 904 -62.75 -11.10 11.74
N GLU C 905 -63.15 -12.19 12.41
CA GLU C 905 -62.62 -13.50 12.06
C GLU C 905 -63.02 -13.90 10.66
N TRP C 906 -64.25 -13.55 10.25
CA TRP C 906 -64.66 -13.79 8.87
C TRP C 906 -63.79 -13.01 7.89
N ILE C 907 -63.47 -11.76 8.24
CA ILE C 907 -62.60 -10.96 7.37
C ILE C 907 -61.23 -11.61 7.26
N VAL C 908 -60.69 -12.11 8.36
CA VAL C 908 -59.39 -12.77 8.32
C VAL C 908 -59.44 -14.03 7.47
N ILE C 909 -60.51 -14.81 7.62
CA ILE C 909 -60.68 -16.01 6.81
C ILE C 909 -60.74 -15.65 5.34
N SER C 910 -61.45 -14.57 5.00
CA SER C 910 -61.49 -14.11 3.62
C SER C 910 -60.10 -13.72 3.13
N TYR C 911 -59.33 -13.04 3.99
CA TYR C 911 -57.94 -12.71 3.66
C TYR C 911 -57.18 -13.96 3.25
N ILE C 912 -57.24 -14.99 4.10
CA ILE C 912 -56.45 -16.20 3.85
C ILE C 912 -56.95 -16.92 2.60
N PHE C 913 -58.27 -16.95 2.40
CA PHE C 913 -58.84 -17.60 1.23
C PHE C 913 -58.39 -16.92 -0.05
N THR C 914 -58.42 -15.59 -0.07
CA THR C 914 -57.96 -14.84 -1.24
C THR C 914 -56.47 -15.04 -1.47
N LEU C 915 -55.69 -15.09 -0.39
CA LEU C 915 -54.25 -15.33 -0.55
C LEU C 915 -53.99 -16.71 -1.13
N GLY C 916 -54.74 -17.71 -0.68
CA GLY C 916 -54.59 -19.04 -1.26
C GLY C 916 -54.96 -19.07 -2.74
N ILE C 917 -56.04 -18.38 -3.10
CA ILE C 917 -56.41 -18.27 -4.51
C ILE C 917 -55.28 -17.62 -5.30
N GLU C 918 -54.70 -16.56 -4.75
CA GLU C 918 -53.60 -15.87 -5.45
C GLU C 918 -52.42 -16.80 -5.63
N LYS C 919 -52.07 -17.57 -4.60
CA LYS C 919 -50.95 -18.50 -4.71
C LYS C 919 -51.20 -19.56 -5.77
N MET C 920 -52.43 -20.12 -5.78
CA MET C 920 -52.73 -21.14 -6.78
C MET C 920 -52.70 -20.55 -8.19
N ARG C 921 -53.19 -19.32 -8.34
CA ARG C 921 -53.11 -18.66 -9.65
C ARG C 921 -51.67 -18.44 -10.07
N GLU C 922 -50.82 -18.01 -9.14
CA GLU C 922 -49.42 -17.77 -9.47
C GLU C 922 -48.73 -19.06 -9.89
N ILE C 923 -49.03 -20.16 -9.20
CA ILE C 923 -48.48 -21.45 -9.60
C ILE C 923 -49.01 -21.84 -10.97
N LEU C 924 -50.29 -21.61 -11.23
CA LEU C 924 -50.87 -21.97 -12.52
C LEU C 924 -50.19 -21.21 -13.65
N MET C 925 -49.97 -19.91 -13.46
CA MET C 925 -49.27 -19.14 -14.47
C MET C 925 -47.80 -19.52 -14.58
N SER C 926 -47.27 -20.27 -13.62
CA SER C 926 -45.91 -20.83 -13.72
C SER C 926 -45.96 -22.09 -14.59
N GLU C 927 -46.32 -21.88 -15.85
CA GLU C 927 -46.51 -22.97 -16.81
C GLU C 927 -45.22 -23.64 -17.27
N PRO C 928 -44.10 -22.94 -17.46
CA PRO C 928 -42.95 -23.60 -18.06
C PRO C 928 -42.55 -24.85 -17.29
N GLY C 929 -42.30 -25.92 -18.05
CA GLY C 929 -42.09 -27.23 -17.46
C GLY C 929 -43.34 -28.06 -17.32
N LYS C 930 -44.46 -27.61 -17.88
CA LYS C 930 -45.73 -28.33 -17.76
C LYS C 930 -46.22 -28.30 -16.32
N LEU C 931 -47.37 -28.92 -16.06
CA LEU C 931 -47.92 -28.92 -14.72
C LEU C 931 -47.04 -29.70 -13.74
N LEU C 932 -46.51 -30.85 -14.18
CA LEU C 932 -45.74 -31.70 -13.28
C LEU C 932 -44.43 -31.05 -12.87
N GLN C 933 -43.72 -30.39 -13.80
CA GLN C 933 -42.41 -29.84 -13.54
C GLN C 933 -42.47 -28.35 -13.21
N LYS C 934 -43.66 -27.80 -13.03
CA LYS C 934 -43.81 -26.40 -12.63
C LYS C 934 -43.71 -26.22 -11.11
N VAL C 935 -44.26 -27.17 -10.35
CA VAL C 935 -44.22 -27.07 -8.90
C VAL C 935 -42.79 -27.27 -8.39
N LYS C 936 -42.03 -28.14 -9.04
CA LYS C 936 -40.67 -28.41 -8.58
C LYS C 936 -39.83 -27.14 -8.57
N VAL C 937 -39.90 -26.35 -9.64
CA VAL C 937 -39.17 -25.09 -9.68
C VAL C 937 -39.79 -24.08 -8.73
N TRP C 938 -41.12 -24.01 -8.70
CA TRP C 938 -41.80 -23.03 -7.86
C TRP C 938 -41.51 -23.26 -6.37
N LEU C 939 -41.11 -24.47 -6.01
CA LEU C 939 -40.86 -24.82 -4.61
C LEU C 939 -39.47 -24.44 -4.13
N GLN C 940 -38.62 -23.89 -5.01
CA GLN C 940 -37.27 -23.55 -4.61
C GLN C 940 -37.26 -22.51 -3.48
N GLU C 941 -38.11 -21.49 -3.59
CA GLU C 941 -38.17 -20.47 -2.56
C GLU C 941 -38.66 -21.06 -1.24
N TYR C 942 -37.95 -20.72 -0.16
CA TYR C 942 -38.31 -21.23 1.15
C TYR C 942 -39.53 -20.49 1.71
N TRP C 943 -39.60 -19.18 1.49
CA TRP C 943 -40.69 -18.39 2.05
C TRP C 943 -42.04 -18.87 1.54
N ASN C 944 -42.11 -19.26 0.27
CA ASN C 944 -43.36 -19.76 -0.28
C ASN C 944 -43.81 -21.03 0.43
N VAL C 945 -42.86 -21.95 0.67
CA VAL C 945 -43.20 -23.19 1.36
C VAL C 945 -43.65 -22.90 2.79
N THR C 946 -42.97 -21.98 3.47
CA THR C 946 -43.38 -21.62 4.82
C THR C 946 -44.77 -21.01 4.81
N ASP C 947 -45.08 -20.19 3.81
CA ASP C 947 -46.41 -19.62 3.68
C ASP C 947 -47.46 -20.71 3.51
N LEU C 948 -47.17 -21.70 2.66
CA LEU C 948 -48.11 -22.80 2.47
C LEU C 948 -48.33 -23.56 3.77
N ILE C 949 -47.25 -23.82 4.51
CA ILE C 949 -47.37 -24.53 5.78
C ILE C 949 -48.23 -23.73 6.76
N ALA C 950 -47.98 -22.42 6.83
CA ALA C 950 -48.76 -21.57 7.74
C ALA C 950 -50.23 -21.56 7.35
N ILE C 951 -50.52 -21.50 6.04
CA ILE C 951 -51.91 -21.53 5.59
C ILE C 951 -52.57 -22.84 6.00
N LEU C 952 -51.87 -23.96 5.81
CA LEU C 952 -52.44 -25.25 6.19
C LEU C 952 -52.72 -25.30 7.69
N LEU C 953 -51.78 -24.85 8.51
CA LEU C 953 -51.99 -24.88 9.96
C LEU C 953 -53.14 -23.97 10.36
N PHE C 954 -53.25 -22.80 9.74
CA PHE C 954 -54.35 -21.89 10.05
C PHE C 954 -55.69 -22.53 9.70
N SER C 955 -55.77 -23.17 8.53
CA SER C 955 -57.01 -23.82 8.14
C SER C 955 -57.36 -24.95 9.10
N VAL C 956 -56.37 -25.73 9.51
CA VAL C 956 -56.61 -26.82 10.46
C VAL C 956 -57.14 -26.26 11.77
N GLY C 957 -56.52 -25.19 12.27
CA GLY C 957 -56.98 -24.59 13.50
C GLY C 957 -58.40 -24.06 13.39
N MET C 958 -58.72 -23.41 12.26
CA MET C 958 -60.07 -22.92 12.05
C MET C 958 -61.07 -24.06 12.04
N ILE C 959 -60.74 -25.17 11.37
CA ILE C 959 -61.64 -26.31 11.32
C ILE C 959 -61.85 -26.87 12.73
N LEU C 960 -60.76 -27.01 13.49
CA LEU C 960 -60.88 -27.52 14.85
C LEU C 960 -61.71 -26.60 15.73
N ARG C 961 -61.68 -25.29 15.45
CA ARG C 961 -62.42 -24.35 16.29
C ARG C 961 -63.91 -24.66 16.29
N LEU C 962 -64.47 -25.02 15.13
CA LEU C 962 -65.89 -25.33 15.02
C LEU C 962 -66.13 -26.82 15.24
N GLN C 963 -65.72 -27.30 16.40
CA GLN C 963 -65.88 -28.69 16.81
C GLN C 963 -66.34 -28.78 18.26
N ASP C 964 -67.20 -27.85 18.67
CA ASP C 964 -67.70 -27.79 20.04
C ASP C 964 -66.64 -27.24 20.99
N GLN C 965 -67.02 -27.01 22.24
CA GLN C 965 -66.09 -26.40 23.20
C GLN C 965 -64.85 -27.25 23.43
N PRO C 966 -64.94 -28.55 23.71
CA PRO C 966 -63.72 -29.32 24.00
C PRO C 966 -62.67 -29.23 22.90
N PHE C 967 -63.10 -29.21 21.64
CA PHE C 967 -62.18 -29.05 20.53
C PHE C 967 -61.94 -27.58 20.17
N ARG C 968 -62.89 -26.70 20.45
CA ARG C 968 -62.66 -25.27 20.20
C ARG C 968 -61.51 -24.76 21.05
N SER C 969 -61.51 -25.11 22.35
CA SER C 969 -60.47 -24.64 23.24
C SER C 969 -59.10 -25.19 22.84
N ASP C 970 -59.06 -26.41 22.31
CA ASP C 970 -57.79 -27.00 21.88
C ASP C 970 -57.32 -26.45 20.54
N GLY C 971 -58.26 -26.06 19.66
CA GLY C 971 -57.90 -25.60 18.35
C GLY C 971 -57.60 -24.11 18.28
N ARG C 972 -58.09 -23.35 19.24
CA ARG C 972 -57.82 -21.91 19.26
C ARG C 972 -56.31 -21.64 19.38
N VAL C 973 -55.62 -22.43 20.20
CA VAL C 973 -54.21 -22.18 20.48
C VAL C 973 -53.37 -22.33 19.21
N ILE C 974 -53.76 -23.24 18.31
CA ILE C 974 -52.96 -23.47 17.10
C ILE C 974 -52.91 -22.21 16.26
N TYR C 975 -54.07 -21.63 15.95
CA TYR C 975 -54.08 -20.43 15.14
C TYR C 975 -53.74 -19.18 15.94
N CYS C 976 -53.70 -19.28 17.27
CA CYS C 976 -53.08 -18.22 18.06
C CYS C 976 -51.57 -18.20 17.86
N VAL C 977 -50.95 -19.37 17.91
CA VAL C 977 -49.51 -19.48 17.66
C VAL C 977 -49.19 -19.14 16.20
N ASN C 978 -50.12 -19.42 15.29
CA ASN C 978 -49.88 -19.15 13.88
C ASN C 978 -49.56 -17.69 13.61
N ILE C 979 -49.98 -16.78 14.49
CA ILE C 979 -49.75 -15.35 14.26
C ILE C 979 -48.25 -15.05 14.15
N ILE C 980 -47.42 -15.84 14.85
CA ILE C 980 -45.99 -15.54 14.90
C ILE C 980 -45.40 -15.50 13.49
N TYR C 981 -45.80 -16.44 12.64
CA TYR C 981 -45.25 -16.47 11.28
C TYR C 981 -45.55 -15.20 10.53
N TRP C 982 -46.80 -14.71 10.62
CA TRP C 982 -47.19 -13.53 9.86
C TRP C 982 -46.44 -12.30 10.33
N TYR C 983 -46.17 -12.18 11.63
CA TYR C 983 -45.39 -11.06 12.13
C TYR C 983 -43.95 -11.10 11.61
N ILE C 984 -43.39 -12.31 11.45
CA ILE C 984 -42.01 -12.45 11.00
C ILE C 984 -41.88 -12.37 9.49
N ARG C 985 -42.96 -12.56 8.74
CA ARG C 985 -42.88 -12.46 7.29
C ARG C 985 -42.51 -11.07 6.82
N LEU C 986 -42.65 -10.05 7.68
CA LEU C 986 -42.29 -8.71 7.27
C LEU C 986 -40.77 -8.56 7.10
N LEU C 987 -39.98 -9.45 7.70
CA LEU C 987 -38.54 -9.36 7.58
C LEU C 987 -38.10 -9.50 6.13
N ASP C 988 -38.69 -10.47 5.42
CA ASP C 988 -38.37 -10.62 4.00
C ASP C 988 -38.72 -9.38 3.20
N ILE C 989 -39.62 -8.54 3.71
CA ILE C 989 -39.96 -7.28 3.05
C ILE C 989 -39.18 -6.11 3.62
N PHE C 990 -38.51 -6.28 4.76
CA PHE C 990 -37.69 -5.23 5.34
C PHE C 990 -36.29 -5.18 4.74
N GLY C 991 -35.96 -6.09 3.84
CA GLY C 991 -34.68 -6.02 3.16
C GLY C 991 -34.62 -4.99 2.05
N VAL C 992 -35.77 -4.48 1.62
CA VAL C 992 -35.79 -3.49 0.55
C VAL C 992 -35.08 -2.21 0.98
N ASN C 993 -35.36 -1.75 2.20
CA ASN C 993 -34.86 -0.46 2.64
C ASN C 993 -33.33 -0.49 2.77
N LYS C 994 -32.73 0.65 2.45
CA LYS C 994 -31.27 0.75 2.48
C LYS C 994 -30.73 0.54 3.89
N TYR C 995 -31.38 1.13 4.89
CA TYR C 995 -30.88 1.09 6.26
C TYR C 995 -31.45 -0.06 7.08
N LEU C 996 -32.36 -0.87 6.53
CA LEU C 996 -33.04 -1.89 7.30
C LEU C 996 -32.58 -3.30 6.97
N GLY C 997 -32.15 -3.56 5.73
CA GLY C 997 -31.69 -4.87 5.33
C GLY C 997 -30.46 -5.37 6.03
N PRO C 998 -29.51 -4.50 6.39
CA PRO C 998 -28.33 -4.98 7.14
C PRO C 998 -28.70 -5.68 8.43
N TYR C 999 -29.72 -5.19 9.14
CA TYR C 999 -30.12 -5.83 10.39
C TYR C 999 -30.63 -7.25 10.12
N VAL C 1000 -31.45 -7.42 9.10
CA VAL C 1000 -31.97 -8.74 8.77
C VAL C 1000 -30.84 -9.68 8.37
N MET C 1001 -29.91 -9.19 7.55
CA MET C 1001 -28.78 -10.02 7.14
C MET C 1001 -27.93 -10.42 8.34
N MET C 1002 -27.71 -9.48 9.26
CA MET C 1002 -26.94 -9.79 10.46
C MET C 1002 -27.64 -10.84 11.31
N ILE C 1003 -28.96 -10.73 11.44
CA ILE C 1003 -29.72 -11.73 12.20
C ILE C 1003 -29.57 -13.10 11.56
N GLY C 1004 -29.73 -13.16 10.24
CA GLY C 1004 -29.58 -14.43 9.55
C GLY C 1004 -28.19 -15.02 9.73
N LYS C 1005 -27.16 -14.18 9.67
CA LYS C 1005 -25.80 -14.66 9.86
C LYS C 1005 -25.59 -15.16 11.29
N MET C 1006 -26.08 -14.42 12.28
CA MET C 1006 -25.81 -14.72 13.67
C MET C 1006 -26.67 -15.85 14.22
N MET C 1007 -27.72 -16.26 13.50
CA MET C 1007 -28.50 -17.41 13.96
C MET C 1007 -27.62 -18.63 14.13
N ILE C 1008 -26.79 -18.93 13.12
CA ILE C 1008 -25.93 -20.11 13.18
C ILE C 1008 -24.89 -19.95 14.28
N ASP C 1009 -24.35 -18.74 14.44
CA ASP C 1009 -23.38 -18.50 15.49
C ASP C 1009 -23.98 -18.76 16.87
N MET C 1010 -25.22 -18.30 17.09
CA MET C 1010 -25.90 -18.58 18.35
C MET C 1010 -26.15 -20.08 18.51
N MET C 1011 -26.51 -20.76 17.42
CA MET C 1011 -26.71 -22.20 17.49
C MET C 1011 -25.44 -22.90 17.99
N TYR C 1012 -24.29 -22.52 17.44
CA TYR C 1012 -23.04 -23.14 17.88
C TYR C 1012 -22.69 -22.72 19.31
N PHE C 1013 -22.95 -21.47 19.68
CA PHE C 1013 -22.66 -20.99 21.03
C PHE C 1013 -23.48 -21.74 22.07
N VAL C 1014 -24.68 -22.18 21.70
CA VAL C 1014 -25.55 -22.87 22.65
C VAL C 1014 -24.88 -24.14 23.17
N ILE C 1015 -24.18 -24.86 22.29
CA ILE C 1015 -23.54 -26.10 22.70
C ILE C 1015 -22.50 -25.83 23.78
N ILE C 1016 -21.66 -24.82 23.57
CA ILE C 1016 -20.64 -24.47 24.55
C ILE C 1016 -21.30 -24.04 25.86
N MET C 1017 -22.36 -23.22 25.77
CA MET C 1017 -23.03 -22.77 26.97
C MET C 1017 -23.55 -23.96 27.78
N LEU C 1018 -24.20 -24.91 27.10
CA LEU C 1018 -24.70 -26.10 27.79
C LEU C 1018 -23.56 -26.88 28.41
N VAL C 1019 -22.51 -27.16 27.63
CA VAL C 1019 -21.41 -27.99 28.13
C VAL C 1019 -20.82 -27.37 29.39
N VAL C 1020 -20.66 -26.06 29.40
CA VAL C 1020 -20.03 -25.41 30.55
C VAL C 1020 -20.98 -25.39 31.75
N LEU C 1021 -22.23 -24.96 31.54
CA LEU C 1021 -23.12 -24.71 32.67
C LEU C 1021 -23.66 -26.00 33.27
N MET C 1022 -24.02 -26.98 32.43
CA MET C 1022 -24.70 -28.17 32.92
C MET C 1022 -23.82 -28.95 33.90
N SER C 1023 -22.52 -29.00 33.65
CA SER C 1023 -21.63 -29.73 34.54
C SER C 1023 -21.68 -29.17 35.95
N PHE C 1024 -21.49 -27.85 36.08
CA PHE C 1024 -21.51 -27.24 37.41
C PHE C 1024 -22.90 -27.34 38.03
N GLY C 1025 -23.96 -27.17 37.23
CA GLY C 1025 -25.30 -27.30 37.77
C GLY C 1025 -25.56 -28.68 38.34
N VAL C 1026 -25.16 -29.72 37.60
CA VAL C 1026 -25.35 -31.08 38.05
C VAL C 1026 -24.53 -31.34 39.32
N ALA C 1027 -23.29 -30.85 39.35
CA ALA C 1027 -22.48 -31.04 40.54
C ALA C 1027 -23.12 -30.39 41.75
N ARG C 1028 -23.59 -29.16 41.60
CA ARG C 1028 -24.22 -28.46 42.72
C ARG C 1028 -25.47 -29.20 43.17
N GLN C 1029 -26.30 -29.66 42.23
CA GLN C 1029 -27.51 -30.37 42.58
C GLN C 1029 -27.17 -31.66 43.32
N ALA C 1030 -26.16 -32.39 42.86
CA ALA C 1030 -25.78 -33.65 43.50
C ALA C 1030 -25.26 -33.42 44.91
N ILE C 1031 -24.48 -32.36 45.12
CA ILE C 1031 -23.98 -32.08 46.46
C ILE C 1031 -25.14 -31.87 47.41
N LEU C 1032 -26.13 -31.09 46.99
CA LEU C 1032 -27.34 -30.91 47.77
C LEU C 1032 -28.30 -32.07 47.52
N PHE C 1033 -29.37 -32.11 48.33
CA PHE C 1033 -30.39 -33.15 48.23
C PHE C 1033 -29.75 -34.55 48.19
N PRO C 1034 -28.97 -34.92 49.21
CA PRO C 1034 -28.33 -36.24 49.19
C PRO C 1034 -29.33 -37.38 49.05
N ASN C 1035 -30.47 -37.28 49.71
CA ASN C 1035 -31.55 -38.26 49.58
C ASN C 1035 -32.62 -37.70 48.68
N GLU C 1036 -32.85 -38.35 47.54
CA GLU C 1036 -33.79 -37.83 46.56
C GLU C 1036 -34.29 -38.99 45.69
N GLU C 1037 -35.45 -38.78 45.07
CA GLU C 1037 -36.02 -39.72 44.13
C GLU C 1037 -36.22 -39.02 42.80
N PRO C 1038 -36.10 -39.73 41.67
CA PRO C 1038 -36.06 -39.06 40.36
C PRO C 1038 -37.30 -38.23 40.08
N SER C 1039 -38.46 -38.87 40.06
CA SER C 1039 -39.75 -38.21 39.84
C SER C 1039 -39.75 -37.33 38.58
N TRP C 1040 -38.79 -37.52 37.68
CA TRP C 1040 -38.77 -36.80 36.40
C TRP C 1040 -38.77 -35.28 36.62
N LYS C 1041 -38.12 -34.83 37.69
CA LYS C 1041 -38.17 -33.42 38.05
C LYS C 1041 -36.82 -32.89 38.50
N LEU C 1042 -35.75 -33.27 37.79
CA LEU C 1042 -34.41 -32.74 38.06
C LEU C 1042 -33.95 -31.72 37.03
N ALA C 1043 -34.50 -31.77 35.81
CA ALA C 1043 -34.09 -30.83 34.78
C ALA C 1043 -34.35 -29.40 35.21
N LYS C 1044 -35.52 -29.14 35.81
CA LYS C 1044 -35.81 -27.81 36.30
C LYS C 1044 -34.81 -27.39 37.37
N ASN C 1045 -34.47 -28.30 38.28
CA ASN C 1045 -33.56 -27.95 39.36
C ASN C 1045 -32.18 -27.61 38.81
N ILE C 1046 -31.67 -28.38 37.85
CA ILE C 1046 -30.33 -28.11 37.32
C ILE C 1046 -30.34 -26.85 36.48
N PHE C 1047 -31.38 -26.64 35.68
CA PHE C 1047 -31.42 -25.53 34.73
C PHE C 1047 -31.93 -24.24 35.37
N TYR C 1048 -32.25 -24.24 36.65
CA TYR C 1048 -32.78 -23.02 37.28
C TYR C 1048 -31.78 -21.87 37.15
N MET C 1049 -30.53 -22.11 37.51
CA MET C 1049 -29.46 -21.14 37.39
C MET C 1049 -29.87 -19.76 37.91
N PRO C 1050 -30.27 -19.66 39.18
CA PRO C 1050 -30.65 -18.35 39.74
C PRO C 1050 -29.45 -17.54 40.19
N TYR C 1051 -29.56 -16.22 40.04
CA TYR C 1051 -28.47 -15.33 40.43
C TYR C 1051 -28.51 -15.03 41.92
N TRP C 1052 -29.64 -14.49 42.40
CA TRP C 1052 -29.73 -14.08 43.80
C TRP C 1052 -29.57 -15.26 44.74
N MET C 1053 -30.21 -16.39 44.41
CA MET C 1053 -30.10 -17.56 45.29
C MET C 1053 -28.66 -18.05 45.37
N ILE C 1054 -27.96 -18.12 44.24
CA ILE C 1054 -26.57 -18.57 44.25
C ILE C 1054 -25.71 -17.59 45.03
N TYR C 1055 -25.92 -16.29 44.82
CA TYR C 1055 -25.13 -15.30 45.54
C TYR C 1055 -25.34 -15.41 47.04
N GLY C 1056 -26.58 -15.60 47.48
CA GLY C 1056 -26.83 -15.80 48.89
C GLY C 1056 -26.19 -17.07 49.41
N GLU C 1057 -26.25 -18.14 48.62
CA GLU C 1057 -25.60 -19.40 49.02
C GLU C 1057 -24.09 -19.23 49.15
N VAL C 1058 -23.50 -18.31 48.38
CA VAL C 1058 -22.06 -18.10 48.47
C VAL C 1058 -21.67 -17.66 49.87
N PHE C 1059 -22.44 -16.74 50.45
CA PHE C 1059 -22.20 -16.29 51.82
C PHE C 1059 -23.34 -15.41 52.31
N LYS C 1085 -17.79 -30.93 58.28
CA LYS C 1085 -18.72 -29.83 58.46
C LYS C 1085 -18.26 -28.60 57.68
N THR C 1086 -17.04 -28.16 57.97
CA THR C 1086 -16.50 -26.97 57.28
C THR C 1086 -16.37 -27.22 55.78
N GLY C 1087 -15.87 -28.39 55.40
CA GLY C 1087 -15.71 -28.67 53.97
C GLY C 1087 -17.03 -28.78 53.24
N ALA C 1088 -18.05 -29.34 53.89
CA ALA C 1088 -19.37 -29.43 53.28
C ALA C 1088 -19.95 -28.04 53.01
N TRP C 1089 -19.53 -27.03 53.76
CA TRP C 1089 -19.94 -25.66 53.48
C TRP C 1089 -19.03 -25.01 52.44
N ILE C 1090 -17.74 -25.35 52.46
CA ILE C 1090 -16.78 -24.71 51.56
C ILE C 1090 -17.04 -25.13 50.12
N VAL C 1091 -17.25 -26.42 49.87
CA VAL C 1091 -17.37 -26.91 48.50
C VAL C 1091 -18.54 -26.25 47.77
N PRO C 1092 -19.75 -26.20 48.32
CA PRO C 1092 -20.84 -25.50 47.61
C PRO C 1092 -20.54 -24.05 47.33
N ALA C 1093 -19.83 -23.36 48.23
CA ALA C 1093 -19.44 -21.98 47.97
C ALA C 1093 -18.54 -21.89 46.74
N ILE C 1094 -17.58 -22.81 46.63
CA ILE C 1094 -16.70 -22.83 45.47
C ILE C 1094 -17.50 -23.07 44.20
N MET C 1095 -18.45 -24.02 44.25
CA MET C 1095 -19.29 -24.28 43.08
C MET C 1095 -20.08 -23.04 42.68
N ALA C 1096 -20.66 -22.36 43.67
CA ALA C 1096 -21.43 -21.16 43.38
C ALA C 1096 -20.57 -20.07 42.77
N CYS C 1097 -19.36 -19.88 43.30
CA CYS C 1097 -18.46 -18.87 42.75
C CYS C 1097 -18.08 -19.20 41.31
N TYR C 1098 -17.79 -20.47 41.04
CA TYR C 1098 -17.43 -20.86 39.69
C TYR C 1098 -18.59 -20.62 38.72
N LEU C 1099 -19.81 -20.98 39.13
CA LEU C 1099 -20.97 -20.72 38.28
C LEU C 1099 -21.15 -19.23 38.01
N LEU C 1100 -21.00 -18.41 39.06
CA LEU C 1100 -21.18 -16.98 38.91
C LEU C 1100 -20.15 -16.39 37.94
N VAL C 1101 -18.91 -16.84 38.05
CA VAL C 1101 -17.87 -16.37 37.13
C VAL C 1101 -18.17 -16.82 35.71
N ALA C 1102 -18.58 -18.08 35.54
CA ALA C 1102 -18.82 -18.62 34.21
C ALA C 1102 -19.94 -17.87 33.51
N ASN C 1103 -20.99 -17.51 34.24
CA ASN C 1103 -22.10 -16.79 33.62
C ASN C 1103 -21.62 -15.51 32.96
N ILE C 1104 -20.88 -14.67 33.70
CA ILE C 1104 -20.45 -13.40 33.14
C ILE C 1104 -19.43 -13.62 32.04
N LEU C 1105 -18.56 -14.62 32.19
CA LEU C 1105 -17.61 -14.93 31.11
C LEU C 1105 -18.35 -15.23 29.81
N LEU C 1106 -19.38 -16.08 29.88
CA LEU C 1106 -20.15 -16.42 28.69
C LEU C 1106 -20.87 -15.20 28.13
N VAL C 1107 -21.41 -14.36 29.00
CA VAL C 1107 -22.11 -13.17 28.53
C VAL C 1107 -21.17 -12.27 27.74
N ASN C 1108 -19.98 -12.03 28.29
CA ASN C 1108 -19.02 -11.17 27.59
C ASN C 1108 -18.54 -11.81 26.29
N LEU C 1109 -18.37 -13.13 26.28
CA LEU C 1109 -18.00 -13.82 25.06
C LEU C 1109 -19.07 -13.64 23.98
N LEU C 1110 -20.34 -13.77 24.37
CA LEU C 1110 -21.42 -13.57 23.42
C LEU C 1110 -21.42 -12.14 22.89
N ILE C 1111 -21.17 -11.17 23.77
CA ILE C 1111 -21.13 -9.77 23.33
C ILE C 1111 -20.05 -9.58 22.27
N ALA C 1112 -18.85 -10.11 22.54
CA ALA C 1112 -17.76 -9.95 21.58
C ALA C 1112 -18.09 -10.64 20.25
N VAL C 1113 -18.68 -11.84 20.33
CA VAL C 1113 -19.03 -12.57 19.11
C VAL C 1113 -20.01 -11.76 18.28
N PHE C 1114 -21.04 -11.21 18.93
CA PHE C 1114 -22.03 -10.44 18.20
C PHE C 1114 -21.41 -9.20 17.58
N ASN C 1115 -20.52 -8.52 18.31
CA ASN C 1115 -19.88 -7.33 17.76
C ASN C 1115 -19.08 -7.68 16.50
N ASN C 1116 -18.28 -8.74 16.58
CA ASN C 1116 -17.45 -9.11 15.43
C ASN C 1116 -18.33 -9.50 14.24
N THR C 1117 -19.36 -10.29 14.48
CA THR C 1117 -20.24 -10.71 13.38
C THR C 1117 -20.94 -9.52 12.76
N PHE C 1118 -21.41 -8.57 13.58
CA PHE C 1118 -22.07 -7.39 13.04
C PHE C 1118 -21.11 -6.58 12.18
N PHE C 1119 -19.87 -6.41 12.65
CA PHE C 1119 -18.89 -5.67 11.85
C PHE C 1119 -18.67 -6.35 10.50
N GLU C 1120 -18.48 -7.67 10.52
CA GLU C 1120 -18.22 -8.39 9.28
C GLU C 1120 -19.40 -8.29 8.33
N VAL C 1121 -20.62 -8.36 8.86
CA VAL C 1121 -21.82 -8.26 8.01
C VAL C 1121 -21.93 -6.84 7.43
N LYS C 1122 -21.75 -5.83 8.28
CA LYS C 1122 -21.88 -4.45 7.83
C LYS C 1122 -20.85 -4.11 6.77
N SER C 1123 -19.70 -4.79 6.78
CA SER C 1123 -18.69 -4.52 5.76
C SER C 1123 -19.18 -4.84 4.35
N ILE C 1124 -20.27 -5.61 4.21
CA ILE C 1124 -20.73 -6.05 2.90
C ILE C 1124 -22.22 -5.81 2.67
N SER C 1125 -22.99 -5.46 3.72
CA SER C 1125 -24.43 -5.32 3.56
C SER C 1125 -24.80 -4.25 2.54
N ASN C 1126 -24.05 -3.15 2.50
CA ASN C 1126 -24.36 -2.08 1.56
C ASN C 1126 -24.32 -2.59 0.12
N GLN C 1127 -23.25 -3.30 -0.23
CA GLN C 1127 -23.15 -3.87 -1.57
C GLN C 1127 -24.25 -4.90 -1.81
N VAL C 1128 -24.54 -5.73 -0.82
CA VAL C 1128 -25.51 -6.80 -1.01
C VAL C 1128 -26.91 -6.25 -1.25
N TRP C 1129 -27.26 -5.13 -0.60
CA TRP C 1129 -28.64 -4.66 -0.59
C TRP C 1129 -29.17 -4.45 -2.01
N LYS C 1130 -28.33 -3.97 -2.93
CA LYS C 1130 -28.83 -3.56 -4.24
C LYS C 1130 -29.41 -4.74 -5.01
N PHE C 1131 -28.93 -5.96 -4.76
CA PHE C 1131 -29.37 -7.10 -5.55
C PHE C 1131 -30.87 -7.37 -5.38
N GLN C 1132 -31.36 -7.28 -4.14
CA GLN C 1132 -32.75 -7.68 -3.88
C GLN C 1132 -33.76 -6.75 -4.53
N ARG C 1133 -33.34 -5.55 -4.94
CA ARG C 1133 -34.27 -4.59 -5.50
C ARG C 1133 -34.88 -5.11 -6.80
N TYR C 1134 -34.06 -5.72 -7.66
CA TYR C 1134 -34.59 -6.26 -8.91
C TYR C 1134 -35.64 -7.32 -8.65
N GLN C 1135 -35.34 -8.24 -7.72
CA GLN C 1135 -36.31 -9.28 -7.40
C GLN C 1135 -37.61 -8.68 -6.90
N LEU C 1136 -37.52 -7.72 -5.98
CA LEU C 1136 -38.72 -7.11 -5.43
C LEU C 1136 -39.52 -6.41 -6.52
N ILE C 1137 -38.84 -5.65 -7.38
CA ILE C 1137 -39.53 -4.87 -8.40
C ILE C 1137 -40.21 -5.79 -9.41
N MET C 1138 -39.50 -6.80 -9.89
CA MET C 1138 -40.10 -7.73 -10.84
C MET C 1138 -41.16 -8.59 -10.19
N THR C 1139 -41.16 -8.72 -8.86
CA THR C 1139 -42.21 -9.47 -8.18
C THR C 1139 -43.49 -8.65 -8.08
N PHE C 1140 -43.40 -7.42 -7.56
CA PHE C 1140 -44.59 -6.61 -7.36
C PHE C 1140 -45.18 -6.13 -8.68
N HIS C 1141 -44.33 -5.91 -9.70
CA HIS C 1141 -44.82 -5.43 -10.98
C HIS C 1141 -45.81 -6.41 -11.60
N GLU C 1142 -45.50 -7.71 -11.53
CA GLU C 1142 -46.37 -8.71 -12.15
C GLU C 1142 -47.70 -8.82 -11.42
N ARG C 1143 -47.70 -8.61 -10.10
CA ARG C 1143 -48.91 -8.83 -9.32
C ARG C 1143 -50.00 -7.82 -9.70
N PRO C 1144 -51.27 -8.21 -9.57
CA PRO C 1144 -52.37 -7.28 -9.91
C PRO C 1144 -52.41 -6.07 -8.99
N VAL C 1145 -53.35 -5.17 -9.25
CA VAL C 1145 -53.38 -3.89 -8.55
C VAL C 1145 -54.17 -3.95 -7.24
N LEU C 1146 -55.14 -4.85 -7.12
CA LEU C 1146 -55.97 -4.85 -5.94
C LEU C 1146 -55.25 -5.51 -4.75
N PRO C 1147 -55.63 -5.16 -3.52
CA PRO C 1147 -55.05 -5.82 -2.35
C PRO C 1147 -55.44 -7.28 -2.28
N PRO C 1148 -54.83 -8.04 -1.38
CA PRO C 1148 -55.12 -9.48 -1.28
C PRO C 1148 -56.60 -9.76 -1.06
N PRO C 1149 -57.29 -9.02 -0.18
CA PRO C 1149 -58.72 -9.32 0.04
C PRO C 1149 -59.61 -8.88 -1.11
N LEU C 1150 -59.12 -8.04 -2.02
CA LEU C 1150 -59.93 -7.52 -3.11
C LEU C 1150 -59.56 -8.08 -4.46
N ILE C 1151 -58.43 -8.79 -4.58
CA ILE C 1151 -58.06 -9.40 -5.86
C ILE C 1151 -59.03 -10.51 -6.27
N ILE C 1152 -59.97 -10.86 -5.41
CA ILE C 1152 -61.00 -11.83 -5.79
C ILE C 1152 -61.75 -11.32 -7.02
N PHE C 1153 -62.03 -10.01 -7.06
CA PHE C 1153 -62.61 -9.42 -8.26
C PHE C 1153 -61.60 -9.35 -9.40
N SER C 1154 -60.32 -9.20 -9.08
CA SER C 1154 -59.30 -9.12 -10.12
C SER C 1154 -59.26 -10.41 -10.94
N HIS C 1155 -59.37 -11.56 -10.28
CA HIS C 1155 -59.41 -12.82 -11.00
C HIS C 1155 -60.65 -12.88 -11.89
N MET C 1156 -61.77 -12.34 -11.42
CA MET C 1156 -62.97 -12.29 -12.25
C MET C 1156 -62.73 -11.47 -13.50
N THR C 1157 -62.07 -10.32 -13.36
CA THR C 1157 -61.76 -9.50 -14.53
C THR C 1157 -60.80 -10.23 -15.47
N MET C 1158 -59.83 -10.95 -14.91
CA MET C 1158 -58.90 -11.71 -15.73
C MET C 1158 -59.65 -12.75 -16.56
N ILE C 1159 -60.56 -13.49 -15.92
CA ILE C 1159 -61.33 -14.50 -16.65
C ILE C 1159 -62.23 -13.83 -17.68
N PHE C 1160 -62.79 -12.67 -17.35
CA PHE C 1160 -63.62 -11.95 -18.30
C PHE C 1160 -62.83 -11.55 -19.54
N GLN C 1161 -61.59 -11.09 -19.35
CA GLN C 1161 -60.77 -10.68 -20.48
C GLN C 1161 -60.53 -11.84 -21.43
N HIS C 1162 -60.24 -13.02 -20.90
CA HIS C 1162 -60.01 -14.21 -21.73
C HIS C 1162 -61.35 -14.82 -22.14
N ASP C 1187 -36.36 -4.77 -37.83
CA ASP C 1187 -35.15 -5.57 -37.76
C ASP C 1187 -33.91 -4.69 -37.94
N ASP C 1188 -34.11 -3.49 -38.48
CA ASP C 1188 -32.99 -2.56 -38.67
C ASP C 1188 -32.35 -2.20 -37.33
N GLU C 1189 -33.17 -2.03 -36.29
CA GLU C 1189 -32.63 -1.75 -34.97
C GLU C 1189 -31.73 -2.88 -34.50
N LEU C 1190 -32.08 -4.13 -34.83
CA LEU C 1190 -31.22 -5.25 -34.46
C LEU C 1190 -29.86 -5.15 -35.15
N LYS C 1191 -29.84 -4.79 -36.44
CA LYS C 1191 -28.58 -4.64 -37.14
C LYS C 1191 -27.76 -3.50 -36.54
N LYS C 1192 -28.41 -2.39 -36.19
CA LYS C 1192 -27.70 -1.29 -35.56
C LYS C 1192 -27.10 -1.72 -34.23
N VAL C 1193 -27.86 -2.49 -33.44
CA VAL C 1193 -27.35 -2.96 -32.16
C VAL C 1193 -26.16 -3.90 -32.35
N HIS C 1194 -26.24 -4.78 -33.35
CA HIS C 1194 -25.12 -5.67 -33.64
C HIS C 1194 -23.87 -4.87 -34.03
N ASP C 1195 -24.05 -3.86 -34.88
CA ASP C 1195 -22.91 -3.02 -35.27
C ASP C 1195 -22.34 -2.29 -34.06
N PHE C 1196 -23.21 -1.79 -33.19
CA PHE C 1196 -22.73 -1.09 -31.99
C PHE C 1196 -21.94 -2.04 -31.10
N GLU C 1197 -22.42 -3.28 -30.94
CA GLU C 1197 -21.71 -4.25 -30.11
C GLU C 1197 -20.34 -4.59 -30.71
N GLU C 1198 -20.29 -4.77 -32.03
CA GLU C 1198 -19.01 -5.05 -32.68
C GLU C 1198 -18.04 -3.89 -32.49
N GLN C 1199 -18.54 -2.66 -32.66
CA GLN C 1199 -17.70 -1.49 -32.45
C GLN C 1199 -17.21 -1.42 -31.01
N CYS C 1200 -18.09 -1.71 -30.05
CA CYS C 1200 -17.71 -1.66 -28.65
C CYS C 1200 -16.62 -2.68 -28.33
N ILE C 1201 -16.76 -3.90 -28.83
CA ILE C 1201 -15.75 -4.92 -28.54
C ILE C 1201 -14.42 -4.57 -29.22
N GLU C 1202 -14.48 -4.06 -30.45
CA GLU C 1202 -13.25 -3.65 -31.12
C GLU C 1202 -12.56 -2.53 -30.35
N GLU C 1203 -13.34 -1.55 -29.88
CA GLU C 1203 -12.76 -0.46 -29.10
C GLU C 1203 -12.17 -0.97 -27.80
N TYR C 1204 -12.84 -1.94 -27.15
CA TYR C 1204 -12.31 -2.51 -25.92
C TYR C 1204 -10.96 -3.17 -26.17
N PHE C 1205 -10.87 -3.97 -27.23
CA PHE C 1205 -9.59 -4.63 -27.53
C PHE C 1205 -8.51 -3.60 -27.85
N ARG C 1206 -8.85 -2.57 -28.64
CA ARG C 1206 -7.86 -1.55 -28.98
C ARG C 1206 -7.37 -0.83 -27.73
N GLU C 1207 -8.29 -0.46 -26.84
CA GLU C 1207 -7.91 0.24 -25.62
C GLU C 1207 -7.05 -0.65 -24.74
N LYS C 1208 -7.41 -1.93 -24.61
CA LYS C 1208 -6.61 -2.85 -23.81
C LYS C 1208 -5.20 -2.94 -24.35
N ASP C 1209 -5.06 -3.13 -25.67
CA ASP C 1209 -3.74 -3.27 -26.27
C ASP C 1209 -2.93 -2.00 -26.09
N ASP C 1210 -3.55 -0.83 -26.31
CA ASP C 1210 -2.82 0.43 -26.16
C ASP C 1210 -2.37 0.63 -24.71
N ARG C 1211 -3.25 0.37 -23.75
CA ARG C 1211 -2.89 0.54 -22.35
C ARG C 1211 -1.76 -0.41 -21.96
N PHE C 1212 -1.83 -1.66 -22.40
CA PHE C 1212 -0.78 -2.61 -22.06
C PHE C 1212 0.56 -2.18 -22.67
N ASN C 1213 0.55 -1.78 -23.95
CA ASN C 1213 1.78 -1.37 -24.60
C ASN C 1213 2.34 -0.08 -24.03
N SER C 1214 1.50 0.76 -23.45
CA SER C 1214 1.96 2.00 -22.82
C SER C 1214 2.43 1.79 -21.39
N SER C 1215 2.36 0.57 -20.87
CA SER C 1215 2.79 0.31 -19.51
C SER C 1215 4.28 0.57 -19.35
N ASN C 1216 4.66 1.07 -18.19
CA ASN C 1216 6.07 1.35 -17.93
C ASN C 1216 6.90 0.08 -17.96
N ASP C 1217 6.39 -1.01 -17.41
CA ASP C 1217 7.15 -2.25 -17.36
C ASP C 1217 7.50 -2.74 -18.76
N GLU C 1218 6.53 -2.69 -19.68
CA GLU C 1218 6.79 -3.12 -21.05
C GLU C 1218 7.78 -2.18 -21.74
N ARG C 1219 7.61 -0.87 -21.56
CA ARG C 1219 8.49 0.09 -22.23
C ARG C 1219 9.93 -0.05 -21.76
N ILE C 1220 10.13 -0.27 -20.45
CA ILE C 1220 11.48 -0.44 -19.93
C ILE C 1220 12.15 -1.64 -20.57
N ARG C 1221 11.40 -2.75 -20.69
CA ARG C 1221 11.95 -3.94 -21.34
C ARG C 1221 12.33 -3.65 -22.79
N VAL C 1222 11.45 -2.96 -23.52
CA VAL C 1222 11.71 -2.67 -24.92
C VAL C 1222 12.95 -1.78 -25.06
N THR C 1223 13.06 -0.76 -24.20
CA THR C 1223 14.22 0.12 -24.26
C THR C 1223 15.51 -0.65 -23.96
N SER C 1224 15.46 -1.54 -22.97
CA SER C 1224 16.66 -2.29 -22.62
C SER C 1224 17.13 -3.16 -23.78
N GLU C 1225 16.20 -3.86 -24.44
CA GLU C 1225 16.57 -4.71 -25.57
C GLU C 1225 17.15 -3.87 -26.71
N ARG C 1226 16.50 -2.74 -27.00
CA ARG C 1226 17.00 -1.88 -28.08
C ARG C 1226 18.37 -1.32 -27.74
N VAL C 1227 18.61 -0.94 -26.49
CA VAL C 1227 19.91 -0.41 -26.09
C VAL C 1227 20.98 -1.46 -26.29
N GLU C 1228 20.70 -2.71 -25.91
CA GLU C 1228 21.70 -3.77 -26.07
C GLU C 1228 22.06 -3.97 -27.53
N ASN C 1229 21.05 -4.01 -28.40
CA ASN C 1229 21.33 -4.18 -29.83
C ASN C 1229 22.04 -2.96 -30.39
N MET C 1230 21.59 -1.76 -30.02
CA MET C 1230 22.23 -0.55 -30.52
C MET C 1230 23.68 -0.46 -30.07
N SER C 1231 23.95 -0.80 -28.80
CA SER C 1231 25.32 -0.78 -28.31
C SER C 1231 26.19 -1.78 -29.05
N MET C 1232 25.66 -2.99 -29.30
CA MET C 1232 26.43 -4.00 -30.01
C MET C 1232 26.78 -3.53 -31.41
N ARG C 1233 25.81 -2.93 -32.12
CA ARG C 1233 26.08 -2.42 -33.45
C ARG C 1233 27.15 -1.32 -33.42
N LEU C 1234 27.06 -0.42 -32.45
CA LEU C 1234 28.05 0.65 -32.35
C LEU C 1234 29.45 0.08 -32.11
N GLU C 1235 29.57 -0.92 -31.22
CA GLU C 1235 30.87 -1.52 -30.96
C GLU C 1235 31.45 -2.15 -32.21
N GLU C 1236 30.63 -2.87 -32.97
CA GLU C 1236 31.10 -3.46 -34.22
C GLU C 1236 31.51 -2.39 -35.22
N VAL C 1237 30.73 -1.31 -35.30
CA VAL C 1237 31.06 -0.22 -36.22
C VAL C 1237 32.37 0.44 -35.84
N ASN C 1238 32.74 0.41 -34.56
CA ASN C 1238 34.00 1.02 -34.14
C ASN C 1238 35.19 0.35 -34.83
N GLU C 1239 35.18 -0.98 -34.92
CA GLU C 1239 36.26 -1.68 -35.59
C GLU C 1239 36.36 -1.28 -37.05
N ARG C 1240 35.22 -1.16 -37.73
CA ARG C 1240 35.22 -0.74 -39.12
C ARG C 1240 35.82 0.66 -39.27
N GLU C 1241 35.47 1.57 -38.37
CA GLU C 1241 36.03 2.91 -38.42
C GLU C 1241 37.55 2.88 -38.26
N HIS C 1242 38.04 2.07 -37.31
CA HIS C 1242 39.48 1.97 -37.11
C HIS C 1242 40.16 1.42 -38.36
N SER C 1243 39.57 0.38 -38.96
CA SER C 1243 40.15 -0.19 -40.17
C SER C 1243 40.16 0.82 -41.32
N MET C 1244 39.08 1.58 -41.45
CA MET C 1244 39.01 2.58 -42.53
C MET C 1244 40.10 3.63 -42.37
N LYS C 1245 40.33 4.09 -41.16
CA LYS C 1245 41.34 5.10 -40.89
C LYS C 1245 42.74 4.57 -41.22
N ALA D 155 -20.73 -2.91 -48.52
CA ALA D 155 -20.36 -1.82 -49.41
C ALA D 155 -21.32 -1.75 -50.59
N MET D 156 -21.60 -0.53 -51.05
CA MET D 156 -22.51 -0.32 -52.17
C MET D 156 -21.72 -0.29 -53.47
N TYR D 157 -22.28 -0.92 -54.50
CA TYR D 157 -21.64 -0.99 -55.80
C TYR D 157 -22.66 -0.79 -56.92
N LYS D 165 -22.01 11.14 -66.93
CA LYS D 165 -23.09 11.72 -66.15
C LYS D 165 -22.62 12.06 -64.74
N PRO D 166 -21.84 13.14 -64.60
CA PRO D 166 -21.32 13.50 -63.27
C PRO D 166 -22.40 13.60 -62.21
N ASP D 167 -23.38 14.48 -62.42
CA ASP D 167 -24.44 14.64 -61.43
C ASP D 167 -25.21 13.34 -61.25
N LEU D 168 -25.66 12.73 -62.34
CA LEU D 168 -26.45 11.51 -62.25
C LEU D 168 -25.62 10.36 -61.65
N LEU D 169 -24.38 10.20 -62.11
CA LEU D 169 -23.54 9.12 -61.58
C LEU D 169 -23.28 9.30 -60.10
N LEU D 170 -22.95 10.53 -59.68
CA LEU D 170 -22.70 10.79 -58.27
C LEU D 170 -23.95 10.54 -57.43
N HIS D 171 -25.11 10.98 -57.92
CA HIS D 171 -26.35 10.75 -57.19
C HIS D 171 -26.63 9.26 -57.06
N LEU D 172 -26.45 8.51 -58.15
CA LEU D 172 -26.70 7.06 -58.09
C LEU D 172 -25.73 6.39 -57.13
N MET D 173 -24.46 6.77 -57.16
CA MET D 173 -23.49 6.17 -56.25
C MET D 173 -23.82 6.49 -54.80
N THR D 174 -24.24 7.73 -54.52
CA THR D 174 -24.52 8.13 -53.15
C THR D 174 -25.83 7.54 -52.63
N LYS D 175 -26.80 7.30 -53.52
CA LYS D 175 -28.09 6.79 -53.07
C LYS D 175 -27.95 5.43 -52.40
N GLU D 176 -27.27 4.49 -53.08
CA GLU D 176 -27.11 3.16 -52.50
C GLU D 176 -26.27 3.20 -51.24
N TRP D 177 -25.14 3.92 -51.26
CA TRP D 177 -24.29 4.01 -50.09
C TRP D 177 -24.83 4.96 -49.05
N GLN D 178 -25.58 5.99 -49.46
CA GLN D 178 -26.10 6.99 -48.55
C GLN D 178 -24.96 7.66 -47.77
N LEU D 179 -23.85 7.91 -48.46
CA LEU D 179 -22.69 8.53 -47.86
C LEU D 179 -22.80 10.05 -47.91
N LEU D 184 -13.17 18.72 -48.20
CA LEU D 184 -13.13 19.17 -49.59
C LEU D 184 -13.29 17.98 -50.53
N LEU D 185 -12.19 17.29 -50.81
CA LEU D 185 -12.18 16.14 -51.69
C LEU D 185 -10.81 15.50 -51.63
N ILE D 186 -10.77 14.19 -51.90
CA ILE D 186 -9.53 13.43 -51.94
C ILE D 186 -9.65 12.40 -53.04
N SER D 187 -8.56 12.19 -53.78
CA SER D 187 -8.52 11.21 -54.85
C SER D 187 -7.10 10.70 -55.00
N VAL D 188 -6.96 9.39 -55.09
CA VAL D 188 -5.66 8.73 -55.21
C VAL D 188 -5.56 8.14 -56.61
N HIS D 189 -4.50 8.52 -57.33
CA HIS D 189 -4.24 8.02 -58.67
C HIS D 189 -2.89 7.33 -58.70
N GLY D 190 -2.86 6.11 -59.24
CA GLY D 190 -1.63 5.34 -59.32
C GLY D 190 -1.75 4.15 -60.25
N GLN D 203 5.00 3.97 -44.35
CA GLN D 203 3.88 3.55 -43.53
C GLN D 203 3.38 4.70 -42.66
N VAL D 204 4.32 5.46 -42.09
CA VAL D 204 3.95 6.59 -41.25
C VAL D 204 3.17 7.63 -42.06
N PHE D 205 3.65 7.92 -43.27
CA PHE D 205 2.96 8.88 -44.12
C PHE D 205 1.56 8.38 -44.48
N GLY D 206 1.43 7.08 -44.80
CA GLY D 206 0.12 6.54 -45.09
C GLY D 206 -0.83 6.64 -43.92
N LYS D 207 -0.34 6.32 -42.72
CA LYS D 207 -1.17 6.43 -41.53
C LYS D 207 -1.60 7.87 -41.29
N GLY D 208 -0.67 8.81 -41.47
CA GLY D 208 -1.02 10.22 -41.31
C GLY D 208 -2.06 10.67 -42.30
N LEU D 209 -1.95 10.22 -43.56
CA LEU D 209 -2.93 10.59 -44.57
C LEU D 209 -4.31 10.07 -44.21
N ILE D 210 -4.39 8.83 -43.72
CA ILE D 210 -5.68 8.27 -43.31
C ILE D 210 -6.25 9.07 -42.15
N LYS D 211 -5.41 9.41 -41.17
CA LYS D 211 -5.89 10.20 -40.04
C LYS D 211 -6.44 11.55 -40.50
N ALA D 212 -5.73 12.21 -41.41
CA ALA D 212 -6.23 13.48 -41.95
C ALA D 212 -7.54 13.28 -42.70
N ALA D 213 -7.62 12.22 -43.51
CA ALA D 213 -8.85 11.96 -44.25
C ALA D 213 -10.01 11.67 -43.31
N MET D 214 -9.78 10.86 -42.29
CA MET D 214 -10.84 10.53 -41.35
C MET D 214 -11.33 11.77 -40.62
N THR D 215 -10.40 12.62 -40.17
CA THR D 215 -10.79 13.85 -39.49
C THR D 215 -11.59 14.76 -40.42
N THR D 216 -11.15 14.91 -41.66
CA THR D 216 -11.89 15.73 -42.61
C THR D 216 -13.16 15.04 -43.09
N GLY D 217 -13.13 13.72 -43.20
CA GLY D 217 -14.28 12.99 -43.72
C GLY D 217 -14.44 13.06 -45.21
N ALA D 218 -13.42 13.51 -45.94
CA ALA D 218 -13.50 13.63 -47.38
C ALA D 218 -13.37 12.25 -48.01
N TRP D 219 -14.28 11.93 -48.93
CA TRP D 219 -14.20 10.65 -49.62
C TRP D 219 -12.93 10.58 -50.47
N ILE D 220 -12.30 9.41 -50.47
CA ILE D 220 -11.06 9.18 -51.20
C ILE D 220 -11.40 8.43 -52.48
N PHE D 221 -11.12 9.04 -53.62
CA PHE D 221 -11.37 8.44 -54.93
C PHE D 221 -10.12 7.64 -55.33
N THR D 222 -10.25 6.32 -55.32
CA THR D 222 -9.15 5.43 -55.67
C THR D 222 -9.66 4.35 -56.61
N GLY D 223 -8.73 3.74 -57.35
CA GLY D 223 -9.10 2.70 -58.28
C GLY D 223 -9.76 1.53 -57.57
N GLY D 224 -10.73 0.92 -58.24
CA GLY D 224 -11.46 -0.20 -57.68
C GLY D 224 -10.76 -1.53 -57.75
N VAL D 225 -9.59 -1.59 -58.37
CA VAL D 225 -8.81 -2.81 -58.48
C VAL D 225 -7.86 -2.87 -57.28
N ASN D 226 -7.97 -3.92 -56.48
CA ASN D 226 -7.16 -4.03 -55.27
C ASN D 226 -5.68 -4.11 -55.62
N THR D 227 -5.33 -4.86 -56.65
CA THR D 227 -3.93 -5.07 -57.00
C THR D 227 -3.29 -3.76 -57.44
N GLY D 228 -1.98 -3.66 -57.21
CA GLY D 228 -1.22 -2.48 -57.60
C GLY D 228 -1.16 -1.44 -56.51
N VAL D 229 -1.36 -0.17 -56.88
CA VAL D 229 -1.31 0.91 -55.89
C VAL D 229 -2.37 0.72 -54.83
N ILE D 230 -3.55 0.23 -55.22
CA ILE D 230 -4.63 0.04 -54.24
C ILE D 230 -4.20 -0.94 -53.16
N ARG D 231 -3.32 -1.89 -53.49
CA ARG D 231 -2.83 -2.82 -52.48
C ARG D 231 -2.11 -2.07 -51.37
N HIS D 232 -1.25 -1.12 -51.73
CA HIS D 232 -0.61 -0.27 -50.72
C HIS D 232 -1.65 0.56 -49.97
N VAL D 233 -2.62 1.12 -50.69
CA VAL D 233 -3.68 1.89 -50.05
C VAL D 233 -4.49 1.00 -49.11
N GLY D 234 -4.86 -0.20 -49.58
CA GLY D 234 -5.64 -1.11 -48.76
C GLY D 234 -4.91 -1.63 -47.54
N ASP D 235 -3.58 -1.76 -47.62
CA ASP D 235 -2.82 -2.22 -46.47
C ASP D 235 -2.97 -1.25 -45.30
N ALA D 236 -2.88 0.05 -45.58
CA ALA D 236 -3.11 1.04 -44.53
C ALA D 236 -4.58 1.14 -44.17
N LEU D 237 -5.47 0.96 -45.14
CA LEU D 237 -6.90 1.00 -44.85
C LEU D 237 -7.28 -0.08 -43.86
N LYS D 238 -6.81 -1.31 -44.08
CA LYS D 238 -7.09 -2.39 -43.13
C LYS D 238 -6.45 -2.12 -41.78
N ASP D 239 -5.44 -1.24 -41.74
CA ASP D 239 -4.75 -0.96 -40.49
C ASP D 239 -5.66 -0.29 -39.48
N HIS D 240 -6.40 0.74 -39.91
CA HIS D 240 -7.19 1.54 -38.97
C HIS D 240 -8.55 1.97 -39.50
N ALA D 241 -8.99 1.48 -40.66
CA ALA D 241 -10.30 1.88 -41.17
C ALA D 241 -11.42 1.41 -40.23
N SER D 242 -11.41 0.13 -39.86
CA SER D 242 -12.41 -0.38 -38.95
C SER D 242 -12.28 0.24 -37.56
N LYS D 243 -11.06 0.41 -37.08
CA LYS D 243 -10.82 0.98 -35.76
C LYS D 243 -11.32 2.41 -35.70
N GLY D 246 -15.26 5.69 -38.00
CA GLY D 246 -15.87 6.70 -38.85
C GLY D 246 -16.33 6.14 -40.18
N LYS D 247 -15.65 5.10 -40.65
CA LYS D 247 -15.98 4.45 -41.92
C LYS D 247 -15.95 5.46 -43.06
N ILE D 248 -14.76 6.00 -43.30
CA ILE D 248 -14.54 6.98 -44.36
C ILE D 248 -15.09 6.42 -45.67
N CYS D 249 -15.92 7.21 -46.35
CA CYS D 249 -16.57 6.75 -47.57
C CYS D 249 -15.59 6.78 -48.75
N THR D 250 -14.62 5.86 -48.75
CA THR D 250 -13.69 5.78 -49.86
C THR D 250 -14.43 5.41 -51.14
N ILE D 251 -14.10 6.09 -52.23
CA ILE D 251 -14.76 5.90 -53.52
C ILE D 251 -13.90 4.97 -54.35
N GLY D 252 -14.46 3.81 -54.73
CA GLY D 252 -13.76 2.87 -55.58
C GLY D 252 -14.40 2.77 -56.94
N ILE D 253 -13.72 3.28 -57.97
CA ILE D 253 -14.23 3.30 -59.33
C ILE D 253 -13.30 2.45 -60.20
N ALA D 254 -13.86 1.44 -60.85
CA ALA D 254 -13.13 0.58 -61.77
C ALA D 254 -14.03 0.23 -62.93
N PRO D 255 -13.46 -0.11 -64.09
CA PRO D 255 -14.30 -0.48 -65.24
C PRO D 255 -15.18 -1.68 -64.93
N TRP D 256 -16.40 -1.65 -65.47
CA TRP D 256 -17.31 -2.78 -65.30
C TRP D 256 -16.80 -4.04 -65.98
N GLY D 257 -16.18 -3.89 -67.16
CA GLY D 257 -15.69 -5.06 -67.88
C GLY D 257 -14.62 -5.81 -67.11
N ILE D 258 -13.83 -5.11 -66.29
CA ILE D 258 -12.78 -5.75 -65.52
C ILE D 258 -13.34 -6.78 -64.55
N VAL D 259 -14.61 -6.64 -64.17
CA VAL D 259 -15.22 -7.59 -63.24
C VAL D 259 -15.20 -8.97 -63.87
N GLU D 260 -14.65 -9.95 -63.15
CA GLU D 260 -14.58 -11.31 -63.67
C GLU D 260 -15.97 -11.89 -63.89
N ASN D 261 -16.88 -11.67 -62.95
CA ASN D 261 -18.25 -12.17 -63.03
C ASN D 261 -19.18 -11.01 -63.36
N GLN D 262 -19.91 -11.14 -64.47
CA GLN D 262 -20.83 -10.08 -64.86
C GLN D 262 -21.95 -9.92 -63.85
N GLU D 263 -22.47 -11.04 -63.32
CA GLU D 263 -23.57 -10.97 -62.37
C GLU D 263 -23.18 -10.19 -61.12
N ASP D 264 -21.97 -10.45 -60.59
CA ASP D 264 -21.53 -9.73 -59.41
C ASP D 264 -21.39 -8.25 -59.69
N LEU D 265 -20.80 -7.89 -60.83
CA LEU D 265 -20.66 -6.48 -61.19
C LEU D 265 -22.02 -5.84 -61.42
N ILE D 266 -22.93 -6.55 -62.07
CA ILE D 266 -24.26 -6.02 -62.36
C ILE D 266 -24.16 -4.80 -63.27
N HIS D 291 -13.53 -0.49 -50.64
CA HIS D 291 -14.21 0.70 -51.17
C HIS D 291 -15.72 0.56 -51.03
N SER D 292 -16.40 1.70 -50.95
CA SER D 292 -17.86 1.73 -50.82
C SER D 292 -18.43 2.73 -51.81
N HIS D 293 -19.71 2.53 -52.14
CA HIS D 293 -20.40 3.36 -53.12
C HIS D 293 -19.68 3.32 -54.47
N PHE D 294 -19.21 2.13 -54.86
CA PHE D 294 -18.51 1.96 -56.12
C PHE D 294 -19.44 2.26 -57.30
N GLU D 308 -17.10 8.69 -66.86
CA GLU D 308 -16.23 8.17 -65.82
C GLU D 308 -15.32 9.28 -65.28
N VAL D 309 -14.24 9.57 -66.02
CA VAL D 309 -13.32 10.61 -65.58
C VAL D 309 -14.01 11.97 -65.58
N LYS D 310 -14.79 12.26 -66.62
CA LYS D 310 -15.54 13.51 -66.63
C LYS D 310 -16.52 13.58 -65.48
N LEU D 311 -17.08 12.43 -65.08
CA LEU D 311 -17.94 12.41 -63.90
C LEU D 311 -17.17 12.88 -62.67
N ARG D 312 -15.94 12.39 -62.50
CA ARG D 312 -15.12 12.83 -61.38
C ARG D 312 -14.79 14.32 -61.47
N ARG D 313 -14.49 14.80 -62.67
CA ARG D 313 -14.18 16.22 -62.85
C ARG D 313 -15.35 17.08 -62.42
N GLN D 314 -16.55 16.75 -62.91
CA GLN D 314 -17.70 17.59 -62.59
C GLN D 314 -18.16 17.41 -61.14
N LEU D 315 -17.93 16.24 -60.55
CA LEU D 315 -18.19 16.08 -59.13
C LEU D 315 -17.27 16.96 -58.30
N GLU D 316 -15.99 17.03 -58.69
CA GLU D 316 -15.07 17.95 -58.03
C GLU D 316 -15.52 19.40 -58.20
N LYS D 317 -15.97 19.75 -59.39
CA LYS D 317 -16.46 21.11 -59.62
C LYS D 317 -17.66 21.41 -58.74
N HIS D 318 -18.60 20.48 -58.64
CA HIS D 318 -19.77 20.67 -57.78
C HIS D 318 -19.37 20.83 -56.33
N ILE D 319 -18.43 19.99 -55.86
CA ILE D 319 -17.97 20.09 -54.47
C ILE D 319 -17.34 21.44 -54.22
N SER D 320 -16.51 21.91 -55.15
CA SER D 320 -15.87 23.22 -54.99
C SER D 320 -16.91 24.34 -55.03
N LEU D 321 -17.99 24.15 -55.78
CA LEU D 321 -19.00 25.21 -55.91
C LEU D 321 -19.60 25.56 -54.55
N GLN D 322 -19.94 24.55 -53.75
CA GLN D 322 -20.53 24.80 -52.45
C GLN D 322 -19.52 25.45 -51.52
N LYS D 323 -19.99 26.40 -50.72
CA LYS D 323 -19.13 27.11 -49.78
C LYS D 323 -18.69 26.20 -48.65
N VAL D 334 -11.13 19.59 -53.22
CA VAL D 334 -10.46 19.25 -54.46
C VAL D 334 -8.98 18.97 -54.21
N VAL D 335 -8.69 17.81 -53.63
CA VAL D 335 -7.33 17.39 -53.32
C VAL D 335 -7.04 16.10 -54.10
N ALA D 336 -5.90 16.07 -54.79
CA ALA D 336 -5.49 14.92 -55.58
C ALA D 336 -4.15 14.43 -55.08
N LEU D 337 -4.03 13.11 -54.93
CA LEU D 337 -2.79 12.46 -54.50
C LEU D 337 -2.35 11.49 -55.57
N ILE D 338 -1.07 11.54 -55.93
CA ILE D 338 -0.48 10.69 -56.95
C ILE D 338 0.44 9.69 -56.28
N VAL D 339 0.25 8.41 -56.60
CA VAL D 339 1.07 7.33 -56.06
C VAL D 339 1.70 6.62 -57.25
N GLU D 340 2.99 6.87 -57.48
CA GLU D 340 3.71 6.27 -58.60
C GLU D 340 3.07 6.64 -59.92
N VAL D 345 -0.94 9.80 -66.58
CA VAL D 345 -0.95 10.36 -65.23
C VAL D 345 -0.58 11.83 -65.27
N ILE D 346 0.58 12.13 -65.85
CA ILE D 346 1.02 13.52 -65.94
C ILE D 346 0.06 14.33 -66.79
N SER D 347 -0.39 13.76 -67.91
CA SER D 347 -1.35 14.47 -68.76
C SER D 347 -2.66 14.71 -68.02
N ILE D 348 -3.14 13.72 -67.27
CA ILE D 348 -4.37 13.90 -66.50
C ILE D 348 -4.20 15.00 -65.47
N VAL D 349 -3.05 15.01 -64.78
CA VAL D 349 -2.80 16.03 -63.77
C VAL D 349 -2.79 17.42 -64.42
N LEU D 350 -2.12 17.54 -65.57
CA LEU D 350 -2.07 18.83 -66.25
C LEU D 350 -3.46 19.28 -66.69
N GLU D 351 -4.25 18.35 -67.23
CA GLU D 351 -5.62 18.71 -67.65
C GLU D 351 -6.46 19.15 -66.46
N TYR D 352 -6.37 18.43 -65.34
CA TYR D 352 -7.12 18.82 -64.16
C TYR D 352 -6.68 20.18 -63.66
N LEU D 353 -5.37 20.44 -63.65
CA LEU D 353 -4.88 21.75 -63.23
C LEU D 353 -5.40 22.86 -64.13
N ARG D 354 -5.38 22.63 -65.44
CA ARG D 354 -5.85 23.65 -66.38
C ARG D 354 -7.34 23.90 -66.22
N ASP D 355 -8.13 22.84 -66.03
CA ASP D 355 -9.58 22.99 -65.98
C ASP D 355 -10.02 23.58 -64.64
N THR D 356 -9.73 22.89 -63.54
CA THR D 356 -10.13 23.38 -62.24
C THR D 356 -9.31 24.63 -61.89
N PRO D 357 -9.92 25.63 -61.26
CA PRO D 357 -9.15 26.81 -60.84
C PRO D 357 -8.00 26.42 -59.93
N PRO D 358 -8.21 25.47 -59.01
CA PRO D 358 -7.08 24.98 -58.21
C PRO D 358 -6.40 23.78 -58.84
N VAL D 359 -5.11 23.64 -58.52
CA VAL D 359 -4.33 22.51 -59.02
C VAL D 359 -3.34 22.08 -57.94
N PRO D 360 -3.79 21.69 -56.74
CA PRO D 360 -2.86 21.31 -55.67
C PRO D 360 -2.52 19.83 -55.70
N VAL D 361 -1.81 19.41 -56.74
CA VAL D 361 -1.45 18.01 -56.89
C VAL D 361 -0.41 17.64 -55.83
N VAL D 362 -0.69 16.58 -55.07
CA VAL D 362 0.23 16.15 -54.03
C VAL D 362 1.44 15.49 -54.66
N VAL D 363 2.64 15.90 -54.23
CA VAL D 363 3.86 15.34 -54.77
C VAL D 363 3.94 13.85 -54.45
N CYS D 364 4.49 13.08 -55.39
CA CYS D 364 4.62 11.64 -55.25
C CYS D 364 6.10 11.27 -55.24
N ASP D 365 6.52 10.52 -54.21
CA ASP D 365 7.91 10.09 -54.13
C ASP D 365 8.20 8.96 -55.12
N GLY D 366 7.20 8.16 -55.44
CA GLY D 366 7.43 7.05 -56.36
C GLY D 366 7.83 7.55 -57.74
N SER D 367 8.68 6.76 -58.39
CA SER D 367 9.16 7.13 -59.72
C SER D 367 8.05 6.99 -60.75
N GLY D 368 8.16 7.77 -61.83
CA GLY D 368 7.19 7.75 -62.90
C GLY D 368 6.87 9.13 -63.42
N ARG D 369 5.65 9.31 -63.93
CA ARG D 369 5.24 10.63 -64.42
C ARG D 369 5.23 11.65 -63.29
N ALA D 370 4.80 11.23 -62.10
CA ALA D 370 4.82 12.13 -60.95
C ALA D 370 6.23 12.56 -60.61
N SER D 371 7.19 11.63 -60.69
CA SER D 371 8.58 11.99 -60.43
C SER D 371 9.08 13.01 -61.43
N ASP D 372 8.76 12.83 -62.72
CA ASP D 372 9.17 13.80 -63.74
C ASP D 372 8.54 15.15 -63.48
N ILE D 373 7.26 15.18 -63.11
CA ILE D 373 6.59 16.45 -62.82
C ILE D 373 7.26 17.14 -61.64
N LEU D 374 7.57 16.38 -60.58
CA LEU D 374 8.21 16.96 -59.41
C LEU D 374 9.59 17.51 -59.77
N ALA D 375 10.36 16.77 -60.57
CA ALA D 375 11.67 17.25 -60.98
C ALA D 375 11.56 18.53 -61.79
N PHE D 376 10.60 18.58 -62.72
CA PHE D 376 10.41 19.78 -63.51
C PHE D 376 10.01 20.97 -62.64
N GLY D 377 9.12 20.74 -61.68
CA GLY D 377 8.73 21.83 -60.79
C GLY D 377 9.87 22.33 -59.94
N HIS D 378 10.66 21.40 -59.38
CA HIS D 378 11.80 21.82 -58.57
C HIS D 378 12.83 22.58 -59.40
N LYS D 379 13.10 22.10 -60.61
CA LYS D 379 14.04 22.78 -61.50
C LYS D 379 13.43 24.01 -62.17
N TYR D 380 12.10 24.10 -62.21
CA TYR D 380 11.42 25.22 -62.84
C TYR D 380 11.79 25.32 -64.32
N SER D 390 19.86 20.92 -70.08
CA SER D 390 20.15 20.14 -68.89
C SER D 390 18.98 19.22 -68.54
N LEU D 391 17.83 19.82 -68.20
CA LEU D 391 16.66 19.02 -67.86
C LEU D 391 16.20 18.20 -69.05
N ARG D 392 16.21 18.78 -70.25
CA ARG D 392 15.80 18.05 -71.44
C ARG D 392 16.72 16.86 -71.69
N ASP D 393 18.03 17.05 -71.52
CA ASP D 393 18.97 15.96 -71.73
C ASP D 393 18.72 14.82 -70.75
N GLN D 394 18.48 15.14 -69.48
CA GLN D 394 18.18 14.11 -68.50
C GLN D 394 16.89 13.37 -68.84
N LEU D 395 15.87 14.12 -69.28
CA LEU D 395 14.62 13.48 -69.67
C LEU D 395 14.82 12.53 -70.84
N LEU D 396 15.62 12.94 -71.82
CA LEU D 396 15.91 12.06 -72.95
C LEU D 396 16.65 10.81 -72.49
N VAL D 397 17.61 10.97 -71.57
CA VAL D 397 18.34 9.82 -71.05
C VAL D 397 17.39 8.86 -70.34
N THR D 398 16.50 9.40 -69.51
CA THR D 398 15.54 8.58 -68.78
C THR D 398 14.58 7.88 -69.74
N GLN D 409 9.22 10.77 -76.72
CA GLN D 409 8.94 10.75 -75.28
C GLN D 409 9.60 11.93 -74.59
N ALA D 410 10.83 12.22 -74.98
CA ALA D 410 11.55 13.35 -74.39
C ALA D 410 10.84 14.67 -74.69
N GLN D 411 10.36 14.84 -75.92
CA GLN D 411 9.64 16.05 -76.27
C GLN D 411 8.36 16.19 -75.46
N HIS D 412 7.62 15.08 -75.29
CA HIS D 412 6.40 15.13 -74.48
C HIS D 412 6.71 15.47 -73.03
N LEU D 413 7.78 14.89 -72.48
CA LEU D 413 8.17 15.21 -71.11
C LEU D 413 8.55 16.67 -70.98
N PHE D 414 9.29 17.21 -71.94
CA PHE D 414 9.64 18.62 -71.91
C PHE D 414 8.41 19.50 -71.99
N ILE D 415 7.44 19.14 -72.83
CA ILE D 415 6.21 19.91 -72.94
C ILE D 415 5.45 19.88 -71.63
N ILE D 416 5.38 18.71 -71.00
CA ILE D 416 4.68 18.60 -69.71
C ILE D 416 5.37 19.45 -68.66
N LEU D 417 6.71 19.42 -68.63
CA LEU D 417 7.45 20.23 -67.68
C LEU D 417 7.21 21.71 -67.90
N MET D 418 7.19 22.14 -69.17
CA MET D 418 6.92 23.55 -69.47
C MET D 418 5.52 23.94 -69.05
N GLU D 419 4.54 23.07 -69.29
CA GLU D 419 3.18 23.36 -68.87
C GLU D 419 3.08 23.47 -67.35
N CYS D 420 3.76 22.58 -66.62
CA CYS D 420 3.78 22.67 -65.17
C CYS D 420 4.42 23.97 -64.71
N MET D 421 5.54 24.36 -65.35
CA MET D 421 6.19 25.62 -65.02
C MET D 421 5.26 26.80 -65.28
N LYS D 422 4.40 26.70 -66.30
CA LYS D 422 3.42 27.76 -66.54
C LYS D 422 2.51 27.94 -65.34
N LYS D 423 2.09 26.84 -64.71
CA LYS D 423 1.32 26.85 -63.48
C LYS D 423 2.20 26.63 -62.25
N LYS D 424 3.43 27.14 -62.30
CA LYS D 424 4.37 26.92 -61.22
C LYS D 424 3.81 27.39 -59.89
N GLU D 425 4.05 26.61 -58.84
CA GLU D 425 3.59 26.80 -57.48
C GLU D 425 2.12 26.43 -57.32
N LEU D 426 1.41 26.09 -58.41
CA LEU D 426 0.05 25.60 -58.27
C LEU D 426 0.03 24.16 -57.75
N ILE D 427 0.94 23.33 -58.25
CA ILE D 427 1.01 21.94 -57.81
C ILE D 427 1.52 21.88 -56.39
N THR D 428 0.81 21.15 -55.54
CA THR D 428 1.21 21.02 -54.15
C THR D 428 2.58 20.36 -54.05
N VAL D 429 3.45 20.94 -53.22
CA VAL D 429 4.80 20.42 -53.01
C VAL D 429 4.79 19.61 -51.72
N PHE D 430 5.20 18.35 -51.82
CA PHE D 430 5.22 17.43 -50.70
C PHE D 430 6.67 17.06 -50.38
N ARG D 431 7.05 17.24 -49.12
CA ARG D 431 8.40 16.91 -48.67
C ARG D 431 8.32 16.27 -47.28
N MET D 432 9.08 15.21 -47.10
CA MET D 432 9.11 14.50 -45.82
C MET D 432 9.69 15.38 -44.73
N ILE D 440 3.05 14.71 -42.12
CA ILE D 440 2.36 14.71 -43.39
C ILE D 440 1.05 15.47 -43.28
N ASP D 441 0.43 15.42 -42.10
CA ASP D 441 -0.84 16.10 -41.89
C ASP D 441 -0.70 17.60 -42.09
N LEU D 442 0.37 18.19 -41.55
CA LEU D 442 0.58 19.62 -41.73
C LEU D 442 0.77 19.98 -43.19
N ALA D 443 1.54 19.17 -43.93
CA ALA D 443 1.73 19.43 -45.35
C ALA D 443 0.41 19.35 -46.11
N ILE D 444 -0.41 18.35 -45.79
CA ILE D 444 -1.70 18.21 -46.45
C ILE D 444 -2.59 19.40 -46.14
N LEU D 445 -2.59 19.85 -44.88
CA LEU D 445 -3.40 21.00 -44.51
C LEU D 445 -2.95 22.25 -45.25
N THR D 446 -1.63 22.47 -45.35
CA THR D 446 -1.12 23.63 -46.07
C THR D 446 -1.49 23.55 -47.54
N ALA D 447 -1.40 22.36 -48.14
CA ALA D 447 -1.76 22.20 -49.54
C ALA D 447 -3.24 22.51 -49.76
N LEU D 448 -4.10 22.01 -48.86
CA LEU D 448 -5.53 22.29 -48.98
C LEU D 448 -5.81 23.78 -48.83
N LEU D 449 -5.14 24.44 -47.88
CA LEU D 449 -5.33 25.87 -47.70
C LEU D 449 -4.90 26.64 -48.94
N LYS D 450 -3.77 26.27 -49.53
CA LYS D 450 -3.31 26.93 -50.75
C LYS D 450 -4.29 26.69 -51.90
N GLY D 451 -4.80 25.47 -52.02
CA GLY D 451 -5.76 25.18 -53.09
C GLY D 451 -7.04 25.97 -52.94
N ALA D 452 -7.53 26.11 -51.70
CA ALA D 452 -8.75 26.88 -51.47
C ALA D 452 -8.54 28.34 -51.86
N ASN D 453 -7.39 28.91 -51.52
CA ASN D 453 -7.09 30.29 -51.87
C ASN D 453 -8.09 31.24 -51.24
N SER D 455 -10.09 34.69 -49.23
CA SER D 455 -10.07 35.82 -48.32
C SER D 455 -9.54 35.40 -46.95
N ALA D 456 -8.90 36.34 -46.26
CA ALA D 456 -8.37 36.02 -44.93
C ALA D 456 -9.45 35.56 -43.97
N PRO D 457 -10.62 36.21 -43.88
CA PRO D 457 -11.70 35.64 -43.05
C PRO D 457 -12.11 34.24 -43.48
N ASP D 458 -12.12 33.97 -44.79
CA ASP D 458 -12.45 32.64 -45.27
C ASP D 458 -11.41 31.63 -44.81
N GLN D 459 -10.13 31.99 -44.90
CA GLN D 459 -9.08 31.09 -44.42
C GLN D 459 -9.20 30.84 -42.92
N LEU D 460 -9.50 31.90 -42.15
CA LEU D 460 -9.67 31.73 -40.72
C LEU D 460 -10.85 30.81 -40.40
N SER D 461 -11.96 30.98 -41.12
CA SER D 461 -13.11 30.10 -40.90
C SER D 461 -12.78 28.66 -41.25
N LEU D 462 -12.06 28.45 -42.35
CA LEU D 462 -11.68 27.09 -42.72
C LEU D 462 -10.76 26.48 -41.66
N ALA D 463 -9.81 27.26 -41.15
CA ALA D 463 -8.93 26.76 -40.10
C ALA D 463 -9.71 26.41 -38.85
N LEU D 464 -10.67 27.26 -38.46
CA LEU D 464 -11.49 26.96 -37.30
C LEU D 464 -12.30 25.70 -37.50
N ALA D 465 -12.86 25.51 -38.70
CA ALA D 465 -13.58 24.29 -39.00
C ALA D 465 -12.67 23.07 -38.89
N TRP D 466 -11.44 23.20 -39.38
CA TRP D 466 -10.49 22.09 -39.27
C TRP D 466 -10.19 21.78 -37.81
N ASN D 467 -10.04 22.81 -36.98
CA ASN D 467 -9.75 22.73 -35.55
C ASN D 467 -8.30 22.35 -35.27
N ARG D 468 -7.47 22.15 -36.30
CA ARG D 468 -6.06 21.83 -36.12
C ARG D 468 -5.32 23.10 -35.75
N VAL D 469 -5.23 23.37 -34.44
CA VAL D 469 -4.60 24.61 -33.97
C VAL D 469 -3.15 24.66 -34.40
N ASP D 470 -2.42 23.55 -34.22
CA ASP D 470 -1.01 23.52 -34.59
C ASP D 470 -0.84 23.76 -36.08
N ILE D 471 -1.65 23.10 -36.90
CA ILE D 471 -1.57 23.31 -38.35
C ILE D 471 -2.11 24.68 -38.71
N ALA D 472 -3.20 25.10 -38.08
CA ALA D 472 -3.80 26.39 -38.41
C ALA D 472 -2.86 27.56 -38.12
N ARG D 473 -2.00 27.42 -37.12
CA ARG D 473 -1.10 28.51 -36.75
C ARG D 473 -0.15 28.84 -37.90
N SER D 474 0.41 27.81 -38.53
CA SER D 474 1.35 28.04 -39.62
C SER D 474 0.70 28.81 -40.77
N GLN D 475 -0.51 28.39 -41.15
CA GLN D 475 -1.22 29.08 -42.24
C GLN D 475 -1.58 30.50 -41.84
N ILE D 476 -2.12 30.69 -40.64
CA ILE D 476 -2.53 32.02 -40.20
C ILE D 476 -1.30 32.89 -39.94
N PHE D 477 -0.28 32.34 -39.29
CA PHE D 477 0.91 33.12 -38.94
C PHE D 477 1.64 33.53 -40.21
N ILE D 478 1.59 34.82 -40.54
CA ILE D 478 2.27 35.36 -41.71
C ILE D 478 2.36 36.86 -41.54
N TYR D 479 3.29 37.48 -42.26
CA TYR D 479 3.48 38.92 -42.20
C TYR D 479 2.72 39.62 -43.31
N GLY D 480 2.37 40.88 -43.08
CA GLY D 480 1.64 41.65 -44.07
C GLY D 480 0.28 41.07 -44.40
N GLN D 481 -0.45 40.60 -43.39
CA GLN D 481 -1.76 40.00 -43.61
C GLN D 481 -2.82 41.08 -43.79
N GLN D 482 -3.98 40.66 -44.27
CA GLN D 482 -5.08 41.60 -44.47
C GLN D 482 -5.84 41.85 -43.17
N TRP D 483 -6.43 40.80 -42.61
CA TRP D 483 -7.21 40.89 -41.38
C TRP D 483 -8.22 42.03 -41.47
N PRO D 484 -9.24 41.92 -42.32
CA PRO D 484 -10.23 43.00 -42.41
C PRO D 484 -10.96 43.19 -41.08
N VAL D 485 -11.30 44.45 -40.80
CA VAL D 485 -11.98 44.77 -39.55
C VAL D 485 -13.34 44.08 -39.52
N GLY D 486 -13.70 43.56 -38.34
CA GLY D 486 -14.95 42.88 -38.13
C GLY D 486 -14.87 41.38 -38.22
N SER D 487 -13.99 40.85 -39.08
CA SER D 487 -13.83 39.41 -39.18
C SER D 487 -13.29 38.81 -37.88
N LEU D 488 -12.38 39.52 -37.22
CA LEU D 488 -11.79 39.00 -35.99
C LEU D 488 -12.85 38.81 -34.90
N GLU D 489 -13.77 39.77 -34.77
CA GLU D 489 -14.81 39.65 -33.75
C GLU D 489 -15.70 38.45 -34.00
N GLN D 490 -16.14 38.27 -35.24
CA GLN D 490 -16.99 37.12 -35.57
C GLN D 490 -16.24 35.81 -35.36
N ALA D 491 -14.97 35.77 -35.75
CA ALA D 491 -14.18 34.55 -35.54
C ALA D 491 -14.04 34.23 -34.05
N MET D 492 -13.79 35.26 -33.23
CA MET D 492 -13.68 35.04 -31.80
C MET D 492 -14.99 34.56 -31.21
N LEU D 493 -16.11 35.14 -31.65
CA LEU D 493 -17.41 34.70 -31.17
C LEU D 493 -17.65 33.24 -31.53
N ASP D 494 -17.35 32.87 -32.76
CA ASP D 494 -17.54 31.48 -33.19
C ASP D 494 -16.64 30.54 -32.38
N ALA D 495 -15.39 30.93 -32.16
CA ALA D 495 -14.48 30.09 -31.37
C ALA D 495 -14.98 29.91 -29.95
N LEU D 496 -15.46 30.99 -29.33
CA LEU D 496 -15.99 30.90 -27.98
C LEU D 496 -17.22 30.00 -27.94
N VAL D 497 -18.10 30.11 -28.94
CA VAL D 497 -19.23 29.19 -29.02
C VAL D 497 -18.74 27.76 -29.17
N LEU D 498 -17.75 27.55 -30.04
CA LEU D 498 -17.17 26.22 -30.22
C LEU D 498 -16.33 25.84 -29.00
N ASP D 499 -16.13 24.54 -28.83
CA ASP D 499 -15.34 24.02 -27.72
C ASP D 499 -13.84 24.22 -27.93
N ARG D 500 -13.42 24.66 -29.10
CA ARG D 500 -11.99 24.86 -29.36
C ARG D 500 -11.40 25.85 -28.37
N VAL D 501 -10.22 25.51 -27.86
CA VAL D 501 -9.52 26.33 -26.89
C VAL D 501 -8.23 26.92 -27.45
N ASP D 502 -7.46 26.10 -28.18
CA ASP D 502 -6.22 26.59 -28.76
C ASP D 502 -6.47 27.73 -29.73
N PHE D 503 -7.60 27.70 -30.45
CA PHE D 503 -7.95 28.82 -31.33
C PHE D 503 -8.14 30.10 -30.54
N VAL D 504 -8.83 30.02 -29.40
CA VAL D 504 -9.04 31.21 -28.57
C VAL D 504 -7.71 31.70 -28.01
N LYS D 505 -6.84 30.78 -27.61
CA LYS D 505 -5.53 31.17 -27.12
C LYS D 505 -4.74 31.89 -28.20
N LEU D 506 -4.81 31.38 -29.44
CA LEU D 506 -4.14 32.05 -30.55
C LEU D 506 -4.71 33.43 -30.78
N LEU D 507 -6.04 33.57 -30.71
CA LEU D 507 -6.65 34.88 -30.85
C LEU D 507 -6.12 35.83 -29.79
N ILE D 508 -6.01 35.37 -28.55
CA ILE D 508 -5.46 36.19 -27.48
C ILE D 508 -4.03 36.60 -27.80
N GLU D 509 -3.22 35.64 -28.26
CA GLU D 509 -1.85 35.93 -28.65
C GLU D 509 -1.78 36.63 -30.00
N ASN D 510 -2.86 36.62 -30.79
CA ASN D 510 -2.89 37.27 -32.08
C ASN D 510 -3.23 38.75 -31.98
N GLY D 511 -3.45 39.28 -30.78
CA GLY D 511 -3.81 40.66 -30.58
C GLY D 511 -5.29 40.92 -30.34
N VAL D 512 -6.10 39.87 -30.21
CA VAL D 512 -7.52 40.04 -29.94
C VAL D 512 -7.69 40.36 -28.46
N SER D 513 -8.40 41.46 -28.17
CA SER D 513 -8.59 41.93 -26.82
C SER D 513 -9.97 41.51 -26.32
N MET D 514 -10.00 40.73 -25.25
CA MET D 514 -11.27 40.32 -24.66
C MET D 514 -12.04 41.52 -24.12
N HIS D 515 -11.33 42.47 -23.50
CA HIS D 515 -11.97 43.66 -22.98
C HIS D 515 -12.67 44.44 -24.09
N ARG D 516 -12.00 44.61 -25.23
CA ARG D 516 -12.65 45.27 -26.37
C ARG D 516 -13.74 44.38 -26.95
N PHE D 517 -13.51 43.07 -26.99
CA PHE D 517 -14.50 42.15 -27.54
C PHE D 517 -15.77 42.15 -26.70
N LEU D 518 -15.64 42.18 -25.38
CA LEU D 518 -16.79 42.04 -24.51
C LEU D 518 -17.82 43.13 -24.79
N THR D 519 -19.08 42.72 -24.91
CA THR D 519 -20.18 43.65 -25.15
C THR D 519 -21.47 42.99 -24.68
N ILE D 520 -22.47 43.82 -24.40
CA ILE D 520 -23.72 43.30 -23.87
C ILE D 520 -24.42 42.41 -24.89
N SER D 521 -24.52 42.87 -26.14
CA SER D 521 -25.21 42.10 -27.16
C SER D 521 -24.52 40.77 -27.42
N ARG D 522 -23.19 40.78 -27.50
CA ARG D 522 -22.46 39.54 -27.75
C ARG D 522 -22.68 38.55 -26.61
N LEU D 523 -22.60 39.04 -25.37
CA LEU D 523 -22.80 38.15 -24.22
C LEU D 523 -24.22 37.60 -24.18
N GLU D 524 -25.21 38.44 -24.50
CA GLU D 524 -26.59 37.96 -24.52
C GLU D 524 -26.78 36.89 -25.59
N GLU D 525 -26.21 37.11 -26.77
CA GLU D 525 -26.31 36.11 -27.83
C GLU D 525 -25.63 34.81 -27.40
N LEU D 526 -24.47 34.92 -26.74
CA LEU D 526 -23.78 33.73 -26.26
C LEU D 526 -24.65 32.98 -25.24
N TYR D 527 -25.26 33.71 -24.32
CA TYR D 527 -26.08 33.06 -23.30
C TYR D 527 -27.29 32.37 -23.91
N ASN D 528 -27.94 33.02 -24.88
CA ASN D 528 -29.17 32.49 -25.45
C ASN D 528 -28.93 31.45 -26.52
N THR D 529 -27.67 31.20 -26.91
CA THR D 529 -27.39 30.22 -27.96
C THR D 529 -27.57 28.81 -27.43
N ARG D 530 -28.04 27.92 -28.31
CA ARG D 530 -28.21 26.51 -27.98
C ARG D 530 -27.26 25.61 -28.77
N HIS D 531 -26.33 26.19 -29.52
CA HIS D 531 -25.40 25.42 -30.34
C HIS D 531 -24.19 25.04 -29.49
N GLY D 532 -24.36 23.97 -28.71
CA GLY D 532 -23.30 23.46 -27.88
C GLY D 532 -23.76 22.28 -27.04
N PRO D 533 -22.85 21.72 -26.24
CA PRO D 533 -23.15 20.58 -25.37
C PRO D 533 -24.34 20.86 -24.44
N THR D 536 -28.05 22.15 -18.07
CA THR D 536 -29.30 22.34 -17.35
C THR D 536 -29.61 23.82 -17.16
N LEU D 537 -28.93 24.66 -17.94
CA LEU D 537 -29.14 26.11 -17.82
C LEU D 537 -30.56 26.49 -18.17
N TYR D 538 -31.11 25.92 -19.25
CA TYR D 538 -32.45 26.31 -19.69
C TYR D 538 -33.51 25.96 -18.64
N HIS D 539 -33.50 24.70 -18.17
CA HIS D 539 -34.50 24.29 -17.20
C HIS D 539 -34.35 25.05 -15.89
N LEU D 540 -33.12 25.25 -15.44
CA LEU D 540 -32.90 25.99 -14.19
C LEU D 540 -33.39 27.44 -14.32
N VAL D 541 -33.10 28.08 -15.45
CA VAL D 541 -33.55 29.45 -15.67
C VAL D 541 -35.08 29.50 -15.70
N ARG D 542 -35.70 28.54 -16.39
CA ARG D 542 -37.17 28.52 -16.45
C ARG D 542 -37.76 28.35 -15.05
N ASP D 543 -37.20 27.45 -14.25
CA ASP D 543 -37.70 27.26 -12.89
C ASP D 543 -37.51 28.51 -12.05
N VAL D 544 -36.34 29.15 -12.15
CA VAL D 544 -36.09 30.36 -11.38
C VAL D 544 -36.94 31.52 -11.89
N LYS D 545 -37.00 31.68 -13.20
CA LYS D 545 -37.77 32.77 -13.80
C LYS D 545 -39.25 32.64 -13.47
N PRO D 550 -42.03 29.51 -21.60
CA PRO D 550 -41.33 30.50 -22.43
C PRO D 550 -40.14 29.89 -23.19
N PRO D 551 -40.42 28.93 -24.06
CA PRO D 551 -39.33 28.30 -24.82
C PRO D 551 -38.60 29.31 -25.69
N ASP D 552 -37.28 29.14 -25.78
CA ASP D 552 -36.43 30.02 -26.58
C ASP D 552 -36.59 31.48 -26.17
N TYR D 553 -36.82 31.73 -24.88
CA TYR D 553 -36.99 33.09 -24.40
C TYR D 553 -35.66 33.82 -24.40
N ARG D 554 -35.67 35.08 -24.86
CA ARG D 554 -34.47 35.89 -24.89
C ARG D 554 -33.93 36.12 -23.49
N ILE D 555 -32.78 35.53 -23.18
CA ILE D 555 -32.17 35.65 -21.87
C ILE D 555 -31.31 36.90 -21.83
N SER D 556 -31.43 37.66 -20.75
CA SER D 556 -30.68 38.90 -20.56
C SER D 556 -29.87 38.79 -19.27
N LEU D 557 -28.96 39.75 -19.09
CA LEU D 557 -28.09 39.72 -17.92
C LEU D 557 -28.89 39.77 -16.63
N ILE D 558 -30.07 40.39 -16.65
CA ILE D 558 -30.88 40.50 -15.43
C ILE D 558 -31.35 39.11 -14.98
N ASP D 559 -31.89 38.33 -15.90
CA ASP D 559 -32.36 36.99 -15.55
C ASP D 559 -31.20 36.09 -15.13
N ILE D 560 -30.06 36.20 -15.82
CA ILE D 560 -28.89 35.41 -15.46
C ILE D 560 -28.43 35.75 -14.04
N GLY D 561 -28.39 37.05 -13.73
CA GLY D 561 -28.03 37.44 -12.38
C GLY D 561 -29.02 36.96 -11.34
N LEU D 562 -30.31 37.00 -11.69
CA LEU D 562 -31.33 36.53 -10.75
C LEU D 562 -31.16 35.05 -10.45
N VAL D 563 -30.93 34.24 -11.49
CA VAL D 563 -30.72 32.81 -11.26
C VAL D 563 -29.42 32.56 -10.51
N ILE D 564 -28.39 33.37 -10.78
CA ILE D 564 -27.14 33.26 -10.02
C ILE D 564 -27.41 33.48 -8.54
N GLU D 565 -28.12 34.56 -8.21
CA GLU D 565 -28.45 34.84 -6.81
C GLU D 565 -29.27 33.70 -6.21
N TYR D 566 -30.23 33.18 -6.98
CA TYR D 566 -31.01 32.03 -6.53
C TYR D 566 -30.08 30.88 -6.13
N LEU D 567 -29.11 30.56 -7.00
CA LEU D 567 -28.26 29.41 -6.74
C LEU D 567 -27.30 29.65 -5.58
N MET D 568 -26.81 30.88 -5.43
CA MET D 568 -25.82 31.14 -4.38
C MET D 568 -26.41 30.86 -2.99
N GLY D 569 -27.63 31.31 -2.75
CA GLY D 569 -28.31 31.13 -1.49
C GLY D 569 -28.84 32.44 -0.96
N GLY D 570 -29.32 32.40 0.29
CA GLY D 570 -29.86 33.59 0.90
C GLY D 570 -28.78 34.55 1.36
N ALA D 571 -29.18 35.80 1.58
CA ALA D 571 -28.29 36.85 2.05
C ALA D 571 -27.07 36.98 1.14
N TYR D 572 -27.31 36.89 -0.16
CA TYR D 572 -26.27 37.02 -1.17
C TYR D 572 -26.66 38.09 -2.18
N ARG D 573 -25.67 38.55 -2.94
CA ARG D 573 -25.90 39.56 -3.95
C ARG D 573 -24.85 39.43 -5.05
N CYS D 574 -25.18 39.94 -6.22
CA CYS D 574 -24.28 39.97 -7.36
C CYS D 574 -24.28 41.38 -7.96
N ASN D 575 -23.09 41.83 -8.38
CA ASN D 575 -22.98 43.18 -8.93
C ASN D 575 -23.88 43.35 -10.15
N TYR D 576 -23.86 42.37 -11.06
CA TYR D 576 -24.75 42.43 -12.22
C TYR D 576 -26.17 42.05 -11.84
N THR D 577 -26.35 41.21 -10.82
CA THR D 577 -27.67 40.76 -10.40
C THR D 577 -28.26 41.74 -9.39
N ARG D 578 -28.65 42.90 -9.91
CA ARG D 578 -29.22 43.95 -9.09
C ARG D 578 -30.24 44.73 -9.91
N LYS D 579 -31.18 45.38 -9.21
CA LYS D 579 -32.22 46.14 -9.89
C LYS D 579 -31.62 47.29 -10.68
N ARG D 580 -30.62 47.97 -10.12
CA ARG D 580 -30.00 49.09 -10.84
C ARG D 580 -29.37 48.61 -12.14
N PHE D 581 -28.69 47.46 -12.11
CA PHE D 581 -28.12 46.91 -13.33
C PHE D 581 -29.21 46.57 -14.34
N ARG D 582 -30.31 45.99 -13.86
CA ARG D 582 -31.42 45.68 -14.75
C ARG D 582 -32.01 46.94 -15.37
N THR D 583 -32.18 47.99 -14.56
CA THR D 583 -32.70 49.25 -15.08
C THR D 583 -31.75 49.84 -16.12
N LEU D 584 -30.44 49.80 -15.85
CA LEU D 584 -29.47 50.31 -16.82
C LEU D 584 -29.52 49.51 -18.11
N TYR D 585 -29.61 48.18 -17.99
CA TYR D 585 -29.71 47.34 -19.19
C TYR D 585 -30.98 47.65 -19.98
N HIS D 586 -32.10 47.85 -19.27
CA HIS D 586 -33.34 48.18 -19.95
C HIS D 586 -33.24 49.51 -20.68
N ASN D 587 -32.62 50.50 -20.06
CA ASN D 587 -32.46 51.81 -20.69
C ASN D 587 -31.55 51.72 -21.90
N ILE D 631 -19.78 53.21 -22.52
CA ILE D 631 -18.74 52.18 -22.52
C ILE D 631 -19.37 50.82 -22.76
N ASN D 632 -20.28 50.43 -21.89
CA ASN D 632 -20.95 49.12 -21.98
C ASN D 632 -19.93 48.00 -22.01
N HIS D 633 -18.87 48.13 -21.21
CA HIS D 633 -17.80 47.14 -21.14
C HIS D 633 -17.63 46.72 -19.69
N PHE D 634 -17.57 45.41 -19.47
CA PHE D 634 -17.37 44.90 -18.12
C PHE D 634 -15.96 45.20 -17.65
N PRO D 635 -15.75 45.86 -16.51
CA PRO D 635 -14.38 46.11 -16.04
C PRO D 635 -13.59 44.83 -15.82
N PHE D 636 -14.26 43.74 -15.45
CA PHE D 636 -13.61 42.45 -15.20
C PHE D 636 -14.33 41.39 -16.03
N PRO D 637 -14.06 41.35 -17.34
CA PRO D 637 -14.74 40.35 -18.19
C PRO D 637 -14.45 38.92 -17.78
N PHE D 638 -13.26 38.66 -17.23
CA PHE D 638 -12.91 37.29 -16.85
C PHE D 638 -13.92 36.72 -15.86
N HIS D 639 -14.41 37.54 -14.93
CA HIS D 639 -15.37 37.05 -13.95
C HIS D 639 -16.64 36.54 -14.63
N GLU D 640 -17.23 37.35 -15.50
CA GLU D 640 -18.45 36.95 -16.17
C GLU D 640 -18.21 35.76 -17.08
N LEU D 641 -17.07 35.74 -17.78
CA LEU D 641 -16.76 34.62 -18.66
C LEU D 641 -16.65 33.32 -17.89
N MET D 642 -15.96 33.35 -16.74
CA MET D 642 -15.84 32.15 -15.93
C MET D 642 -17.18 31.72 -15.35
N VAL D 643 -17.99 32.69 -14.93
CA VAL D 643 -19.32 32.36 -14.41
C VAL D 643 -20.14 31.66 -15.48
N TRP D 644 -20.12 32.18 -16.70
CA TRP D 644 -20.84 31.54 -17.80
C TRP D 644 -20.27 30.15 -18.09
N ALA D 645 -18.94 30.03 -18.12
CA ALA D 645 -18.33 28.76 -18.47
C ALA D 645 -18.74 27.68 -17.48
N VAL D 646 -18.73 27.99 -16.18
CA VAL D 646 -19.20 27.03 -15.20
C VAL D 646 -20.70 26.84 -15.29
N LEU D 647 -21.44 27.85 -15.72
CA LEU D 647 -22.88 27.73 -15.83
C LEU D 647 -23.28 26.68 -16.88
N MET D 648 -22.59 26.67 -18.01
CA MET D 648 -22.92 25.79 -19.12
C MET D 648 -22.12 24.48 -19.09
N LYS D 649 -21.36 24.24 -18.02
CA LYS D 649 -20.65 22.97 -17.85
C LYS D 649 -19.55 22.79 -18.90
N ARG D 650 -18.71 23.81 -19.03
CA ARG D 650 -17.52 23.76 -19.89
C ARG D 650 -16.32 23.90 -18.97
N GLN D 651 -15.60 22.79 -18.77
CA GLN D 651 -14.63 22.73 -17.68
C GLN D 651 -13.26 23.25 -18.11
N LYS D 652 -12.78 22.80 -19.28
CA LYS D 652 -11.44 23.20 -19.71
C LYS D 652 -11.36 24.70 -19.94
N MET D 653 -12.39 25.29 -20.53
CA MET D 653 -12.40 26.73 -20.71
C MET D 653 -12.42 27.44 -19.37
N ALA D 654 -13.16 26.92 -18.40
CA ALA D 654 -13.16 27.51 -17.07
C ALA D 654 -11.76 27.45 -16.45
N LEU D 655 -11.07 26.33 -16.62
CA LEU D 655 -9.71 26.20 -16.12
C LEU D 655 -8.80 27.25 -16.77
N PHE D 656 -8.89 27.39 -18.09
CA PHE D 656 -8.05 28.37 -18.77
C PHE D 656 -8.34 29.78 -18.28
N PHE D 657 -9.62 30.12 -18.15
CA PHE D 657 -9.99 31.46 -17.69
C PHE D 657 -9.49 31.71 -16.28
N TRP D 658 -9.62 30.72 -15.39
CA TRP D 658 -9.07 30.83 -14.05
C TRP D 658 -7.55 30.95 -14.07
N GLN D 659 -6.90 30.43 -15.11
CA GLN D 659 -5.45 30.56 -15.21
C GLN D 659 -5.03 32.02 -15.30
N HIS D 660 -5.90 32.88 -15.83
CA HIS D 660 -5.61 34.31 -15.95
C HIS D 660 -6.82 35.08 -15.44
N GLY D 661 -6.71 35.64 -14.25
CA GLY D 661 -7.78 36.43 -13.69
C GLY D 661 -7.37 37.06 -12.37
N GLU D 662 -8.09 38.12 -12.02
CA GLU D 662 -7.86 38.81 -10.75
C GLU D 662 -8.76 38.24 -9.68
N GLU D 663 -8.23 38.12 -8.47
CA GLU D 663 -8.95 37.52 -7.34
C GLU D 663 -9.38 36.09 -7.68
N ALA D 664 -8.39 35.28 -8.06
CA ALA D 664 -8.67 33.91 -8.49
C ALA D 664 -9.29 33.10 -7.37
N MET D 665 -8.80 33.27 -6.13
CA MET D 665 -9.30 32.47 -5.03
C MET D 665 -10.80 32.68 -4.82
N ALA D 666 -11.24 33.94 -4.90
CA ALA D 666 -12.66 34.22 -4.72
C ALA D 666 -13.48 33.55 -5.80
N LYS D 667 -13.04 33.63 -7.05
CA LYS D 667 -13.76 32.99 -8.15
C LYS D 667 -13.79 31.48 -7.98
N ALA D 668 -12.66 30.89 -7.57
CA ALA D 668 -12.60 29.43 -7.40
C ALA D 668 -13.60 28.95 -6.37
N LEU D 669 -13.69 29.65 -5.23
CA LEU D 669 -14.64 29.25 -4.20
C LEU D 669 -16.07 29.40 -4.70
N VAL D 670 -16.36 30.47 -5.44
CA VAL D 670 -17.70 30.65 -5.99
C VAL D 670 -18.04 29.50 -6.93
N ALA D 671 -17.09 29.10 -7.76
CA ALA D 671 -17.35 27.98 -8.68
C ALA D 671 -17.68 26.71 -7.92
N CYS D 672 -16.92 26.42 -6.84
CA CYS D 672 -17.21 25.25 -6.04
C CYS D 672 -18.60 25.33 -5.42
N LYS D 673 -18.98 26.51 -4.94
CA LYS D 673 -20.32 26.71 -4.41
C LYS D 673 -21.37 26.48 -5.49
N LEU D 674 -21.12 27.03 -6.69
CA LEU D 674 -22.07 26.89 -7.78
C LEU D 674 -22.23 25.42 -8.20
N CYS D 675 -21.11 24.69 -8.29
CA CYS D 675 -21.18 23.30 -8.73
C CYS D 675 -21.99 22.46 -7.74
N LYS D 676 -21.73 22.61 -6.45
CA LYS D 676 -22.47 21.85 -5.46
C LYS D 676 -23.94 22.21 -5.48
N ALA D 677 -24.25 23.51 -5.55
CA ALA D 677 -25.65 23.94 -5.56
C ALA D 677 -26.38 23.40 -6.79
N MET D 678 -25.74 23.45 -7.96
CA MET D 678 -26.36 22.92 -9.17
C MET D 678 -26.60 21.42 -9.03
N ALA D 679 -25.64 20.70 -8.47
CA ALA D 679 -25.81 19.25 -8.29
C ALA D 679 -26.99 18.95 -7.37
N HIS D 680 -27.09 19.67 -6.25
CA HIS D 680 -28.19 19.43 -5.32
C HIS D 680 -29.53 19.74 -5.97
N GLU D 681 -29.60 20.86 -6.71
CA GLU D 681 -30.84 21.21 -7.38
C GLU D 681 -31.23 20.17 -8.42
N ALA D 682 -30.26 19.67 -9.18
CA ALA D 682 -30.51 18.68 -10.20
C ALA D 682 -30.74 17.30 -9.57
N ASP D 690 -24.76 11.99 -14.84
CA ASP D 690 -23.84 13.09 -15.10
C ASP D 690 -23.83 14.08 -13.94
N ILE D 691 -25.00 14.25 -13.31
CA ILE D 691 -25.10 15.17 -12.18
C ILE D 691 -24.21 14.68 -11.04
N SER D 692 -24.26 13.38 -10.76
CA SER D 692 -23.39 12.82 -9.72
C SER D 692 -21.92 12.94 -10.12
N GLN D 693 -21.61 12.70 -11.40
CA GLN D 693 -20.22 12.73 -11.84
C GLN D 693 -19.62 14.12 -11.71
N GLU D 694 -20.34 15.15 -12.19
CA GLU D 694 -19.82 16.51 -12.11
C GLU D 694 -19.71 16.97 -10.67
N LEU D 695 -20.67 16.59 -9.83
CA LEU D 695 -20.63 16.98 -8.42
C LEU D 695 -19.38 16.44 -7.74
N ASN D 696 -19.05 15.18 -7.98
CA ASN D 696 -17.89 14.58 -7.34
C ASN D 696 -16.59 15.19 -7.85
N HIS D 697 -16.53 15.51 -9.14
CA HIS D 697 -15.29 15.99 -9.76
C HIS D 697 -15.23 17.51 -9.82
N ASN D 698 -16.21 18.14 -10.45
CA ASN D 698 -16.11 19.57 -10.73
C ASN D 698 -15.99 20.37 -9.44
N SER D 699 -16.91 20.17 -8.49
CA SER D 699 -16.87 20.94 -7.26
C SER D 699 -15.61 20.63 -6.46
N ARG D 700 -15.26 19.35 -6.37
CA ARG D 700 -14.07 18.96 -5.62
C ARG D 700 -12.82 19.58 -6.24
N ASP D 701 -12.72 19.57 -7.56
CA ASP D 701 -11.53 20.11 -8.22
C ASP D 701 -11.37 21.59 -7.94
N PHE D 702 -12.46 22.36 -8.01
CA PHE D 702 -12.38 23.79 -7.72
C PHE D 702 -11.94 24.01 -6.28
N GLY D 703 -12.50 23.26 -5.34
CA GLY D 703 -12.10 23.41 -3.95
C GLY D 703 -10.64 23.07 -3.74
N GLN D 704 -10.16 22.00 -4.38
CA GLN D 704 -8.76 21.62 -4.26
C GLN D 704 -7.85 22.71 -4.81
N LEU D 705 -8.22 23.31 -5.93
CA LEU D 705 -7.42 24.39 -6.50
C LEU D 705 -7.34 25.56 -5.53
N ALA D 706 -8.46 25.93 -4.90
CA ALA D 706 -8.44 27.02 -3.94
C ALA D 706 -7.54 26.69 -2.75
N VAL D 707 -7.60 25.44 -2.26
CA VAL D 707 -6.75 25.05 -1.15
C VAL D 707 -5.27 25.14 -1.54
N GLU D 708 -4.93 24.64 -2.73
CA GLU D 708 -3.55 24.71 -3.18
C GLU D 708 -3.08 26.15 -3.30
N LEU D 709 -3.94 27.04 -3.85
CA LEU D 709 -3.58 28.44 -3.95
C LEU D 709 -3.36 29.04 -2.57
N LEU D 710 -4.22 28.72 -1.60
CA LEU D 710 -4.02 29.21 -0.24
C LEU D 710 -2.71 28.71 0.34
N ASP D 711 -2.39 27.43 0.12
CA ASP D 711 -1.15 26.89 0.66
C ASP D 711 0.06 27.60 0.08
N GLN D 712 0.06 27.84 -1.23
CA GLN D 712 1.19 28.53 -1.84
C GLN D 712 1.33 29.95 -1.31
N SER D 713 0.22 30.66 -1.16
CA SER D 713 0.29 32.03 -0.66
C SER D 713 0.84 32.07 0.75
N TYR D 714 0.44 31.13 1.59
CA TYR D 714 0.97 31.08 2.95
C TYR D 714 2.47 30.82 2.94
N LYS D 715 2.94 29.93 2.07
CA LYS D 715 4.37 29.69 1.95
C LYS D 715 5.12 30.95 1.52
N GLN D 716 4.58 31.65 0.53
CA GLN D 716 5.24 32.87 0.04
C GLN D 716 5.27 33.94 1.13
N ASP D 717 4.15 34.14 1.82
CA ASP D 717 4.07 35.16 2.86
C ASP D 717 2.86 34.87 3.74
N GLU D 718 3.09 34.70 5.04
CA GLU D 718 1.99 34.42 5.96
C GLU D 718 1.13 35.67 6.16
N GLN D 719 1.77 36.82 6.35
CA GLN D 719 1.01 38.05 6.62
C GLN D 719 0.13 38.42 5.43
N LEU D 720 0.69 38.35 4.22
CA LEU D 720 -0.09 38.69 3.04
C LEU D 720 -1.22 37.69 2.81
N ALA D 721 -0.98 36.41 3.07
CA ALA D 721 -2.04 35.42 2.96
C ALA D 721 -3.17 35.71 3.94
N MET D 722 -2.81 36.04 5.18
CA MET D 722 -3.82 36.38 6.18
C MET D 722 -4.62 37.60 5.74
N LYS D 723 -3.93 38.62 5.22
CA LYS D 723 -4.63 39.82 4.76
C LYS D 723 -5.56 39.49 3.59
N LEU D 724 -5.10 38.65 2.67
CA LEU D 724 -5.93 38.29 1.52
C LEU D 724 -7.17 37.53 1.95
N LEU D 725 -7.03 36.66 2.95
CA LEU D 725 -8.16 35.83 3.37
C LEU D 725 -9.38 36.67 3.72
N THR D 726 -9.18 37.87 4.26
CA THR D 726 -10.28 38.71 4.74
C THR D 726 -10.12 40.11 4.16
N TYR D 727 -10.99 40.46 3.22
CA TYR D 727 -11.09 41.83 2.72
C TYR D 727 -12.34 41.92 1.85
N GLU D 728 -13.02 43.06 1.93
CA GLU D 728 -14.28 43.24 1.24
C GLU D 728 -14.08 43.16 -0.27
N LEU D 729 -15.00 42.46 -0.93
CA LEU D 729 -15.00 42.31 -2.38
C LEU D 729 -16.20 43.09 -2.94
N LYS D 730 -15.93 44.20 -3.62
CA LYS D 730 -17.01 44.96 -4.24
C LYS D 730 -17.72 44.13 -5.31
N ASN D 731 -16.95 43.33 -6.06
CA ASN D 731 -17.54 42.54 -7.14
C ASN D 731 -18.54 41.53 -6.61
N TRP D 732 -18.22 40.86 -5.51
CA TRP D 732 -18.99 39.73 -5.00
C TRP D 732 -19.84 40.11 -3.80
N SER D 733 -20.43 41.31 -3.81
CA SER D 733 -21.35 41.74 -2.76
C SER D 733 -20.66 41.82 -1.40
N ASN D 734 -19.35 42.08 -1.39
CA ASN D 734 -18.60 42.30 -0.17
C ASN D 734 -18.69 41.10 0.77
N ALA D 735 -18.18 39.96 0.29
CA ALA D 735 -18.10 38.74 1.08
C ALA D 735 -16.66 38.25 1.05
N THR D 736 -16.10 38.02 2.24
CA THR D 736 -14.72 37.57 2.33
C THR D 736 -14.59 36.10 1.93
N CYS D 737 -13.34 35.68 1.73
CA CYS D 737 -13.08 34.30 1.32
C CYS D 737 -13.60 33.32 2.36
N LEU D 738 -13.46 33.66 3.64
CA LEU D 738 -13.92 32.76 4.70
C LEU D 738 -15.42 32.52 4.62
N GLN D 739 -16.19 33.59 4.38
CA GLN D 739 -17.64 33.44 4.28
C GLN D 739 -18.02 32.55 3.11
N LEU D 740 -17.35 32.72 1.97
CA LEU D 740 -17.64 31.89 0.81
C LEU D 740 -17.28 30.43 1.09
N ALA D 741 -16.14 30.19 1.74
CA ALA D 741 -15.75 28.83 2.08
C ALA D 741 -16.78 28.19 3.00
N VAL D 742 -17.24 28.94 4.01
CA VAL D 742 -18.24 28.41 4.93
C VAL D 742 -19.54 28.11 4.19
N ALA D 743 -19.96 29.00 3.30
CA ALA D 743 -21.17 28.75 2.53
C ALA D 743 -21.04 27.49 1.68
N ALA D 744 -19.86 27.30 1.06
CA ALA D 744 -19.60 26.08 0.32
C ALA D 744 -19.36 24.88 1.23
N LYS D 745 -19.22 25.10 2.54
CA LYS D 745 -18.98 24.02 3.49
C LYS D 745 -17.70 23.25 3.15
N HIS D 746 -16.70 23.96 2.64
CA HIS D 746 -15.41 23.34 2.29
C HIS D 746 -14.57 23.28 3.56
N ARG D 747 -14.67 22.15 4.26
CA ARG D 747 -13.96 22.00 5.53
C ARG D 747 -12.44 22.06 5.34
N ASP D 748 -11.95 21.67 4.17
CA ASP D 748 -10.50 21.66 3.96
C ASP D 748 -9.93 23.08 4.04
N PHE D 749 -10.62 24.05 3.44
CA PHE D 749 -10.13 25.43 3.45
C PHE D 749 -10.04 25.95 4.88
N ILE D 750 -11.07 25.71 5.70
CA ILE D 750 -11.06 26.21 7.06
C ILE D 750 -10.01 25.48 7.89
N ALA D 751 -9.83 24.18 7.63
CA ALA D 751 -8.89 23.38 8.41
C ALA D 751 -7.44 23.79 8.19
N HIS D 752 -7.15 24.62 7.20
CA HIS D 752 -5.78 25.03 6.94
C HIS D 752 -5.22 25.80 8.12
N THR D 753 -3.89 25.74 8.28
CA THR D 753 -3.26 26.33 9.45
C THR D 753 -3.51 27.83 9.53
N CYS D 754 -3.41 28.53 8.39
CA CYS D 754 -3.59 29.98 8.40
C CYS D 754 -5.01 30.35 8.84
N SER D 755 -6.01 29.64 8.33
CA SER D 755 -7.39 29.93 8.70
C SER D 755 -7.62 29.70 10.19
N GLN D 756 -7.09 28.59 10.72
CA GLN D 756 -7.24 28.32 12.14
C GLN D 756 -6.53 29.36 12.98
N MET D 757 -5.35 29.80 12.54
CA MET D 757 -4.64 30.85 13.26
C MET D 757 -5.45 32.14 13.29
N LEU D 758 -6.04 32.52 12.16
CA LEU D 758 -6.85 33.72 12.12
C LEU D 758 -8.08 33.58 13.01
N LEU D 759 -8.72 32.41 13.00
CA LEU D 759 -9.88 32.20 13.85
C LEU D 759 -9.50 32.29 15.32
N THR D 760 -8.35 31.71 15.70
CA THR D 760 -7.91 31.79 17.08
C THR D 760 -7.61 33.23 17.48
N ASP D 761 -6.97 33.99 16.58
CA ASP D 761 -6.69 35.38 16.89
C ASP D 761 -7.98 36.16 17.08
N MET D 762 -8.98 35.92 16.21
CA MET D 762 -10.27 36.59 16.36
C MET D 762 -10.94 36.20 17.67
N TRP D 763 -10.90 34.91 18.02
CA TRP D 763 -11.55 34.45 19.25
C TRP D 763 -10.90 35.05 20.49
N MET D 764 -9.56 35.12 20.51
CA MET D 764 -8.87 35.73 21.63
C MET D 764 -9.04 37.24 21.65
N GLY D 765 -9.46 37.84 20.54
CA GLY D 765 -9.68 39.27 20.52
C GLY D 765 -8.38 40.05 20.66
N ARG D 766 -8.50 41.25 21.23
CA ARG D 766 -7.33 42.10 21.40
C ARG D 766 -6.31 41.46 22.32
N LEU D 767 -6.76 40.84 23.41
CA LEU D 767 -5.84 40.19 24.34
C LEU D 767 -5.05 39.10 23.64
N ARG D 768 -3.75 39.05 23.92
CA ARG D 768 -2.84 38.10 23.29
C ARG D 768 -2.56 36.89 24.16
N MET D 769 -3.18 36.78 25.32
CA MET D 769 -2.95 35.63 26.19
C MET D 769 -3.35 34.34 25.49
N ARG D 770 -2.53 33.31 25.65
CA ARG D 770 -2.79 32.02 25.03
C ARG D 770 -2.56 30.83 25.96
N LYS D 771 -2.19 31.06 27.22
CA LYS D 771 -1.96 29.99 28.18
C LYS D 771 -2.99 30.10 29.30
N ASN D 772 -3.62 28.97 29.62
CA ASN D 772 -4.66 28.93 30.65
C ASN D 772 -5.73 29.98 30.37
N SER D 773 -6.18 30.02 29.11
CA SER D 773 -7.12 31.06 28.69
C SER D 773 -8.44 30.94 29.44
N GLY D 774 -8.94 29.72 29.62
CA GLY D 774 -10.22 29.55 30.31
C GLY D 774 -10.16 30.03 31.75
N LEU D 775 -9.12 29.63 32.47
CA LEU D 775 -8.98 30.07 33.87
C LEU D 775 -8.82 31.57 33.96
N LYS D 776 -8.03 32.16 33.05
CA LYS D 776 -7.84 33.61 33.07
C LYS D 776 -9.15 34.33 32.81
N VAL D 777 -9.94 33.85 31.85
CA VAL D 777 -11.23 34.48 31.55
C VAL D 777 -12.17 34.34 32.74
N ILE D 778 -12.19 33.18 33.38
CA ILE D 778 -13.04 32.98 34.55
C ILE D 778 -12.65 33.94 35.66
N LEU D 779 -11.35 34.08 35.91
CA LEU D 779 -10.88 35.00 36.95
C LEU D 779 -11.25 36.43 36.60
N GLY D 780 -11.08 36.82 35.34
CA GLY D 780 -11.44 38.18 34.95
C GLY D 780 -12.91 38.46 35.14
N ILE D 781 -13.77 37.51 34.78
CA ILE D 781 -15.20 37.67 35.01
C ILE D 781 -15.49 37.78 36.50
N LEU D 782 -14.85 36.93 37.31
CA LEU D 782 -15.12 36.94 38.74
C LEU D 782 -14.60 38.22 39.40
N LEU D 783 -13.41 38.66 39.03
CA LEU D 783 -12.76 39.82 39.66
C LEU D 783 -12.34 40.81 38.59
N PRO D 784 -13.29 41.61 38.09
CA PRO D 784 -12.96 42.60 37.06
C PRO D 784 -11.88 43.57 37.52
N PRO D 785 -12.11 44.31 38.62
CA PRO D 785 -11.22 45.43 38.92
C PRO D 785 -9.77 45.03 39.13
N SER D 786 -9.52 43.85 39.70
CA SER D 786 -8.15 43.40 39.94
C SER D 786 -7.57 42.65 38.76
N ILE D 787 -8.36 41.76 38.15
CA ILE D 787 -7.84 40.93 37.07
C ILE D 787 -7.56 41.76 35.83
N LEU D 788 -8.51 42.62 35.44
CA LEU D 788 -8.47 43.25 34.13
C LEU D 788 -7.17 44.01 33.90
N SER D 789 -6.68 44.73 34.92
CA SER D 789 -5.49 45.54 34.73
C SER D 789 -4.30 44.68 34.30
N LEU D 790 -4.09 43.55 34.96
CA LEU D 790 -2.99 42.67 34.59
C LEU D 790 -3.29 41.92 33.30
N GLU D 791 -4.53 41.48 33.12
CA GLU D 791 -4.88 40.70 31.93
C GLU D 791 -4.75 41.52 30.66
N PHE D 792 -4.84 42.85 30.76
CA PHE D 792 -4.72 43.68 29.57
C PHE D 792 -3.36 43.48 28.90
N LYS D 793 -2.30 43.42 29.69
CA LYS D 793 -0.97 43.24 29.12
C LYS D 793 -0.86 41.91 28.40
N ASN D 794 -1.40 40.84 29.00
CA ASN D 794 -1.35 39.52 28.39
C ASN D 794 -2.43 39.37 27.32
N GLY D 861 -9.96 51.84 32.66
CA GLY D 861 -9.53 52.54 31.47
C GLY D 861 -9.91 51.82 30.19
N ARG D 862 -9.12 52.03 29.14
CA ARG D 862 -9.39 51.39 27.86
C ARG D 862 -9.15 49.88 27.92
N LYS D 863 -8.23 49.45 28.80
CA LYS D 863 -7.94 48.03 28.91
C LYS D 863 -9.17 47.24 29.31
N ILE D 864 -9.93 47.74 30.28
CA ILE D 864 -11.13 47.04 30.72
C ILE D 864 -12.15 46.96 29.58
N TYR D 865 -12.30 48.05 28.84
CA TYR D 865 -13.28 48.06 27.75
C TYR D 865 -12.90 47.05 26.67
N GLU D 866 -11.65 47.08 26.23
CA GLU D 866 -11.22 46.14 25.20
C GLU D 866 -11.26 44.71 25.70
N PHE D 867 -11.03 44.51 27.01
CA PHE D 867 -11.17 43.17 27.58
C PHE D 867 -12.61 42.70 27.51
N TYR D 868 -13.55 43.57 27.87
CA TYR D 868 -14.97 43.20 27.81
C TYR D 868 -15.40 42.91 26.38
N ASN D 869 -14.96 43.73 25.42
CA ASN D 869 -15.42 43.56 24.04
C ASN D 869 -14.95 42.28 23.40
N ALA D 870 -13.98 41.59 24.00
CA ALA D 870 -13.48 40.34 23.42
C ALA D 870 -14.58 39.28 23.44
N PRO D 871 -14.70 38.47 22.39
CA PRO D 871 -15.78 37.48 22.35
C PRO D 871 -15.69 36.41 23.43
N ILE D 872 -14.48 36.05 23.87
CA ILE D 872 -14.34 34.96 24.83
C ILE D 872 -14.97 35.33 26.17
N VAL D 873 -14.71 36.55 26.64
CA VAL D 873 -15.31 36.98 27.90
C VAL D 873 -16.82 37.08 27.76
N LYS D 874 -17.31 37.49 26.58
CA LYS D 874 -18.75 37.47 26.35
C LYS D 874 -19.30 36.06 26.45
N PHE D 875 -18.58 35.08 25.89
CA PHE D 875 -19.02 33.70 25.96
C PHE D 875 -19.12 33.22 27.39
N TRP D 876 -18.10 33.52 28.20
CA TRP D 876 -18.13 33.09 29.60
C TRP D 876 -19.22 33.82 30.37
N PHE D 877 -19.43 35.11 30.08
CA PHE D 877 -20.49 35.87 30.72
C PHE D 877 -21.85 35.24 30.43
N TYR D 878 -22.10 34.92 29.16
CA TYR D 878 -23.36 34.29 28.79
C TYR D 878 -23.51 32.93 29.44
N THR D 879 -22.43 32.16 29.52
CA THR D 879 -22.50 30.84 30.16
C THR D 879 -22.89 30.97 31.62
N LEU D 880 -22.26 31.91 32.34
CA LEU D 880 -22.58 32.09 33.75
C LEU D 880 -24.00 32.59 33.94
N ALA D 881 -24.45 33.51 33.09
CA ALA D 881 -25.83 33.98 33.18
C ALA D 881 -26.80 32.83 32.93
N TYR D 882 -26.50 31.97 31.95
CA TYR D 882 -27.35 30.83 31.66
C TYR D 882 -27.39 29.86 32.84
N ILE D 883 -26.25 29.65 33.49
CA ILE D 883 -26.24 28.77 34.67
C ILE D 883 -27.10 29.35 35.78
N GLY D 884 -26.99 30.66 36.02
CA GLY D 884 -27.83 31.28 37.02
C GLY D 884 -29.31 31.16 36.68
N TYR D 885 -29.65 31.36 35.41
CA TYR D 885 -31.03 31.20 34.96
C TYR D 885 -31.52 29.77 35.20
N LEU D 886 -30.66 28.79 34.90
CA LEU D 886 -31.03 27.40 35.13
C LEU D 886 -31.29 27.13 36.60
N MET D 887 -30.43 27.64 37.47
CA MET D 887 -30.61 27.41 38.91
C MET D 887 -31.90 28.06 39.40
N LEU D 888 -32.19 29.29 38.96
CA LEU D 888 -33.43 29.94 39.36
C LEU D 888 -34.63 29.17 38.85
N PHE D 889 -34.57 28.68 37.61
CA PHE D 889 -35.68 27.91 37.06
C PHE D 889 -35.90 26.64 37.88
N ASN D 890 -34.82 25.97 38.26
CA ASN D 890 -34.95 24.78 39.09
C ASN D 890 -35.59 25.12 40.43
N TYR D 891 -35.17 26.22 41.04
CA TYR D 891 -35.73 26.60 42.33
C TYR D 891 -37.19 27.04 42.24
N ILE D 892 -37.63 27.52 41.08
CA ILE D 892 -38.97 28.08 40.96
C ILE D 892 -40.01 26.96 40.85
N VAL D 893 -39.92 26.17 39.78
CA VAL D 893 -40.96 25.18 39.49
C VAL D 893 -40.98 24.05 40.51
N LEU D 894 -39.86 23.79 41.17
CA LEU D 894 -39.68 22.55 41.93
C LEU D 894 -40.29 22.58 43.32
N VAL D 895 -40.68 23.74 43.83
CA VAL D 895 -41.00 23.85 45.26
C VAL D 895 -42.48 24.12 45.50
N LYS D 896 -42.99 25.24 45.00
CA LYS D 896 -44.32 25.68 45.40
C LYS D 896 -44.83 26.71 44.42
N MET D 897 -46.14 26.98 44.49
CA MET D 897 -46.78 28.00 43.69
C MET D 897 -47.74 28.81 44.55
N GLU D 898 -47.90 30.08 44.21
CA GLU D 898 -48.78 30.99 44.94
C GLU D 898 -49.64 31.77 43.95
N ARG D 899 -50.57 32.56 44.48
CA ARG D 899 -51.42 33.38 43.63
C ARG D 899 -50.60 34.33 42.77
N TRP D 900 -49.63 35.01 43.38
CA TRP D 900 -48.74 35.90 42.65
C TRP D 900 -47.33 35.31 42.60
N PRO D 901 -46.62 35.48 41.49
CA PRO D 901 -45.29 34.87 41.37
C PRO D 901 -44.29 35.49 42.32
N SER D 902 -43.30 34.69 42.70
CA SER D 902 -42.23 35.15 43.56
C SER D 902 -41.21 35.95 42.76
N THR D 903 -40.16 36.42 43.45
CA THR D 903 -39.14 37.24 42.78
C THR D 903 -38.41 36.44 41.72
N GLN D 904 -38.12 35.16 42.01
CA GLN D 904 -37.35 34.36 41.05
C GLN D 904 -38.11 34.17 39.75
N GLU D 905 -39.41 33.94 39.82
CA GLU D 905 -40.20 33.80 38.60
C GLU D 905 -40.22 35.10 37.81
N TRP D 906 -40.26 36.23 38.51
CA TRP D 906 -40.15 37.52 37.82
C TRP D 906 -38.81 37.65 37.12
N ILE D 907 -37.73 37.20 37.77
CA ILE D 907 -36.41 37.25 37.15
C ILE D 907 -36.38 36.39 35.89
N VAL D 908 -36.99 35.20 35.96
CA VAL D 908 -37.03 34.32 34.78
C VAL D 908 -37.82 34.96 33.66
N ILE D 909 -38.96 35.58 34.00
CA ILE D 909 -39.77 36.25 32.99
C ILE D 909 -38.98 37.39 32.35
N SER D 910 -38.21 38.12 33.15
CA SER D 910 -37.37 39.17 32.60
C SER D 910 -36.31 38.58 31.66
N TYR D 911 -35.73 37.44 32.05
CA TYR D 911 -34.79 36.74 31.18
C TYR D 911 -35.42 36.49 29.81
N ILE D 912 -36.61 35.89 29.81
CA ILE D 912 -37.25 35.52 28.55
C ILE D 912 -37.63 36.76 27.75
N PHE D 913 -38.11 37.80 28.42
CA PHE D 913 -38.48 39.04 27.74
C PHE D 913 -37.28 39.67 27.06
N THR D 914 -36.15 39.73 27.77
CA THR D 914 -34.93 40.29 27.18
C THR D 914 -34.44 39.43 26.02
N LEU D 915 -34.54 38.11 26.15
CA LEU D 915 -34.13 37.23 25.06
C LEU D 915 -35.00 37.46 23.82
N GLY D 916 -36.31 37.63 24.03
CA GLY D 916 -37.18 37.92 22.90
C GLY D 916 -36.84 39.25 22.24
N ILE D 917 -36.54 40.26 23.05
CA ILE D 917 -36.11 41.54 22.51
C ILE D 917 -34.84 41.36 21.68
N GLU D 918 -33.90 40.58 22.20
CA GLU D 918 -32.64 40.35 21.48
C GLU D 918 -32.90 39.66 20.15
N LYS D 919 -33.79 38.66 20.14
CA LYS D 919 -34.10 37.95 18.91
C LYS D 919 -34.74 38.88 17.88
N MET D 920 -35.69 39.71 18.33
CA MET D 920 -36.33 40.63 17.40
C MET D 920 -35.33 41.65 16.86
N ARG D 921 -34.41 42.12 17.71
CA ARG D 921 -33.38 43.03 17.24
C ARG D 921 -32.48 42.34 16.21
N GLU D 922 -32.10 41.10 16.47
CA GLU D 922 -31.24 40.39 15.54
C GLU D 922 -31.92 40.20 14.19
N ILE D 923 -33.21 39.88 14.20
CA ILE D 923 -33.96 39.77 12.95
C ILE D 923 -34.02 41.13 12.26
N LEU D 924 -34.25 42.20 13.02
CA LEU D 924 -34.33 43.52 12.44
C LEU D 924 -33.02 43.90 11.74
N MET D 925 -31.89 43.63 12.39
CA MET D 925 -30.60 43.90 11.78
C MET D 925 -30.33 42.97 10.60
N SER D 926 -31.09 41.89 10.45
CA SER D 926 -31.00 41.03 9.27
C SER D 926 -31.79 41.66 8.12
N GLU D 927 -31.32 42.84 7.71
CA GLU D 927 -31.99 43.65 6.70
C GLU D 927 -31.90 43.09 5.28
N PRO D 928 -30.79 42.48 4.85
CA PRO D 928 -30.70 42.12 3.43
C PRO D 928 -31.87 41.26 2.99
N GLY D 929 -32.43 41.62 1.83
CA GLY D 929 -33.67 41.02 1.37
C GLY D 929 -34.92 41.76 1.78
N LYS D 930 -34.78 42.95 2.38
CA LYS D 930 -35.93 43.71 2.85
C LYS D 930 -36.59 43.01 4.02
N LEU D 931 -37.66 43.59 4.55
CA LEU D 931 -38.34 42.98 5.69
C LEU D 931 -39.00 41.66 5.32
N LEU D 932 -39.61 41.60 4.14
CA LEU D 932 -40.35 40.39 3.74
C LEU D 932 -39.43 39.21 3.52
N GLN D 933 -38.27 39.42 2.88
CA GLN D 933 -37.37 38.34 2.52
C GLN D 933 -36.24 38.16 3.52
N LYS D 934 -36.30 38.86 4.65
CA LYS D 934 -35.30 38.69 5.71
C LYS D 934 -35.64 37.53 6.63
N VAL D 935 -36.93 37.34 6.93
CA VAL D 935 -37.33 36.24 7.82
C VAL D 935 -37.11 34.89 7.13
N LYS D 936 -37.33 34.83 5.82
CA LYS D 936 -37.19 33.56 5.12
C LYS D 936 -35.78 33.00 5.27
N VAL D 937 -34.77 33.85 5.10
CA VAL D 937 -33.39 33.40 5.28
C VAL D 937 -33.10 33.15 6.75
N TRP D 938 -33.57 34.03 7.62
CA TRP D 938 -33.30 33.90 9.05
C TRP D 938 -33.89 32.61 9.63
N LEU D 939 -34.90 32.05 8.96
CA LEU D 939 -35.58 30.86 9.46
C LEU D 939 -34.87 29.57 9.08
N GLN D 940 -33.77 29.64 8.32
CA GLN D 940 -33.09 28.42 7.91
C GLN D 940 -32.59 27.62 9.11
N GLU D 941 -32.02 28.29 10.10
CA GLU D 941 -31.52 27.60 11.28
C GLU D 941 -32.67 26.96 12.05
N TYR D 942 -32.48 25.70 12.43
CA TYR D 942 -33.52 24.98 13.16
C TYR D 942 -33.56 25.42 14.63
N TRP D 943 -32.39 25.65 15.23
CA TRP D 943 -32.33 26.00 16.64
C TRP D 943 -33.09 27.30 16.92
N ASN D 944 -33.01 28.26 16.01
CA ASN D 944 -33.74 29.52 16.20
C ASN D 944 -35.25 29.27 16.22
N VAL D 945 -35.74 28.43 15.30
CA VAL D 945 -37.17 28.13 15.27
C VAL D 945 -37.60 27.41 16.54
N THR D 946 -36.78 26.47 17.00
CA THR D 946 -37.10 25.77 18.25
C THR D 946 -37.11 26.74 19.42
N ASP D 947 -36.18 27.69 19.44
CA ASP D 947 -36.18 28.71 20.48
C ASP D 947 -37.46 29.53 20.46
N LEU D 948 -37.90 29.94 19.26
CA LEU D 948 -39.14 30.70 19.16
C LEU D 948 -40.33 29.89 19.66
N ILE D 949 -40.38 28.60 19.30
CA ILE D 949 -41.48 27.75 19.75
C ILE D 949 -41.47 27.63 21.28
N ALA D 950 -40.27 27.44 21.85
CA ALA D 950 -40.17 27.32 23.30
C ALA D 950 -40.60 28.61 23.99
N ILE D 951 -40.21 29.76 23.43
CA ILE D 951 -40.63 31.04 24.00
C ILE D 951 -42.14 31.17 23.96
N LEU D 952 -42.76 30.81 22.84
CA LEU D 952 -44.21 30.90 22.74
C LEU D 952 -44.88 30.00 23.76
N LEU D 953 -44.41 28.76 23.90
CA LEU D 953 -45.02 27.85 24.87
C LEU D 953 -44.84 28.37 26.30
N PHE D 954 -43.66 28.91 26.61
CA PHE D 954 -43.43 29.45 27.95
C PHE D 954 -44.37 30.61 28.23
N SER D 955 -44.55 31.51 27.25
CA SER D 955 -45.45 32.63 27.44
C SER D 955 -46.89 32.16 27.64
N VAL D 956 -47.31 31.16 26.86
CA VAL D 956 -48.66 30.62 27.01
C VAL D 956 -48.84 30.03 28.39
N GLY D 957 -47.86 29.26 28.86
CA GLY D 957 -47.96 28.70 30.19
C GLY D 957 -48.02 29.76 31.28
N MET D 958 -47.20 30.81 31.14
CA MET D 958 -47.23 31.89 32.11
C MET D 958 -48.60 32.56 32.12
N ILE D 959 -49.18 32.81 30.95
CA ILE D 959 -50.49 33.43 30.87
C ILE D 959 -51.54 32.54 31.54
N LEU D 960 -51.49 31.24 31.25
CA LEU D 960 -52.45 30.32 31.86
C LEU D 960 -52.28 30.27 33.38
N ARG D 961 -51.07 30.47 33.87
CA ARG D 961 -50.84 30.38 35.31
C ARG D 961 -51.70 31.39 36.07
N LEU D 962 -51.81 32.61 35.54
CA LEU D 962 -52.60 33.66 36.19
C LEU D 962 -54.04 33.65 35.69
N GLN D 963 -54.68 32.50 35.88
CA GLN D 963 -56.08 32.29 35.48
C GLN D 963 -56.83 31.54 36.58
N ASP D 964 -56.52 31.85 37.83
CA ASP D 964 -57.14 31.20 38.98
C ASP D 964 -56.59 29.79 39.17
N GLN D 965 -56.97 29.14 40.27
CA GLN D 965 -56.42 27.82 40.58
C GLN D 965 -56.73 26.78 39.51
N PRO D 966 -57.98 26.63 39.05
CA PRO D 966 -58.26 25.55 38.07
C PRO D 966 -57.40 25.64 36.82
N PHE D 967 -57.10 26.86 36.35
CA PHE D 967 -56.22 27.04 35.21
C PHE D 967 -54.76 27.16 35.62
N ARG D 968 -54.46 27.63 36.84
CA ARG D 968 -53.08 27.68 37.29
C ARG D 968 -52.48 26.28 37.35
N SER D 969 -53.23 25.33 37.93
CA SER D 969 -52.73 23.97 38.06
C SER D 969 -52.53 23.33 36.70
N ASP D 970 -53.37 23.67 35.72
CA ASP D 970 -53.23 23.09 34.38
C ASP D 970 -52.11 23.76 33.58
N GLY D 971 -51.84 25.04 33.85
CA GLY D 971 -50.85 25.76 33.09
C GLY D 971 -49.44 25.64 33.64
N ARG D 972 -49.31 25.29 34.92
CA ARG D 972 -47.99 25.11 35.51
C ARG D 972 -47.21 24.00 34.79
N VAL D 973 -47.90 22.91 34.44
CA VAL D 973 -47.23 21.76 33.86
C VAL D 973 -46.59 22.11 32.52
N ILE D 974 -47.21 23.01 31.75
CA ILE D 974 -46.67 23.33 30.43
C ILE D 974 -45.29 23.94 30.56
N TYR D 975 -45.14 24.97 31.39
CA TYR D 975 -43.84 25.60 31.55
C TYR D 975 -42.92 24.79 32.46
N CYS D 976 -43.45 23.79 33.18
CA CYS D 976 -42.57 22.81 33.81
C CYS D 976 -41.90 21.94 32.77
N VAL D 977 -42.67 21.44 31.81
CA VAL D 977 -42.11 20.64 30.72
C VAL D 977 -41.19 21.49 29.84
N ASN D 978 -41.48 22.78 29.73
CA ASN D 978 -40.67 23.65 28.89
C ASN D 978 -39.20 23.66 29.29
N ILE D 979 -38.90 23.32 30.55
CA ILE D 979 -37.51 23.36 31.01
C ILE D 979 -36.64 22.42 30.19
N ILE D 980 -37.21 21.34 29.67
CA ILE D 980 -36.42 20.32 28.98
C ILE D 980 -35.67 20.94 27.80
N TYR D 981 -36.33 21.82 27.05
CA TYR D 981 -35.68 22.43 25.90
C TYR D 981 -34.44 23.22 26.31
N TRP D 982 -34.55 24.00 27.38
CA TRP D 982 -33.43 24.85 27.78
C TRP D 982 -32.25 24.01 28.25
N TYR D 983 -32.50 22.88 28.92
CA TYR D 983 -31.41 22.00 29.31
C TYR D 983 -30.70 21.40 28.10
N ILE D 984 -31.45 21.11 27.03
CA ILE D 984 -30.88 20.49 25.84
C ILE D 984 -30.23 21.51 24.91
N ARG D 985 -30.57 22.78 25.03
CA ARG D 985 -29.95 23.79 24.17
C ARG D 985 -28.46 23.91 24.39
N LEU D 986 -27.94 23.39 25.52
CA LEU D 986 -26.50 23.46 25.77
C LEU D 986 -25.73 22.55 24.82
N LEU D 987 -26.39 21.57 24.21
CA LEU D 987 -25.69 20.67 23.30
C LEU D 987 -25.15 21.43 22.09
N ASP D 988 -25.95 22.33 21.54
CA ASP D 988 -25.48 23.15 20.42
C ASP D 988 -24.28 23.99 20.81
N ILE D 989 -24.09 24.25 22.10
CA ILE D 989 -22.92 24.98 22.58
C ILE D 989 -21.81 24.05 23.05
N PHE D 990 -22.09 22.76 23.22
CA PHE D 990 -21.07 21.79 23.60
C PHE D 990 -20.27 21.27 22.43
N GLY D 991 -20.61 21.69 21.20
CA GLY D 991 -19.81 21.31 20.06
C GLY D 991 -18.53 22.10 19.90
N VAL D 992 -18.39 23.20 20.62
CA VAL D 992 -17.18 24.02 20.52
C VAL D 992 -15.97 23.24 21.00
N ASN D 993 -16.10 22.55 22.14
CA ASN D 993 -14.96 21.91 22.76
C ASN D 993 -14.44 20.77 21.88
N LYS D 994 -13.12 20.61 21.91
CA LYS D 994 -12.47 19.59 21.09
C LYS D 994 -12.93 18.19 21.47
N TYR D 995 -13.03 17.91 22.77
CA TYR D 995 -13.33 16.57 23.26
C TYR D 995 -14.83 16.34 23.49
N LEU D 996 -15.67 17.36 23.31
CA LEU D 996 -17.08 17.25 23.65
C LEU D 996 -17.99 17.15 22.44
N GLY D 997 -17.62 17.75 21.30
CA GLY D 997 -18.41 17.71 20.09
C GLY D 997 -18.60 16.34 19.49
N PRO D 998 -17.61 15.45 19.58
CA PRO D 998 -17.83 14.09 19.04
C PRO D 998 -19.01 13.38 19.66
N TYR D 999 -19.23 13.57 20.97
CA TYR D 999 -20.37 12.92 21.62
C TYR D 999 -21.69 13.43 21.04
N VAL D 1000 -21.80 14.75 20.84
CA VAL D 1000 -23.02 15.32 20.28
C VAL D 1000 -23.23 14.82 18.86
N MET D 1001 -22.17 14.79 18.06
CA MET D 1001 -22.30 14.30 16.69
C MET D 1001 -22.72 12.84 16.66
N MET D 1002 -22.15 12.03 17.56
CA MET D 1002 -22.53 10.62 17.63
C MET D 1002 -23.99 10.46 18.02
N ILE D 1003 -24.45 11.27 18.97
CA ILE D 1003 -25.87 11.22 19.36
C ILE D 1003 -26.76 11.56 18.17
N GLY D 1004 -26.41 12.63 17.46
CA GLY D 1004 -27.20 13.01 16.30
C GLY D 1004 -27.23 11.93 15.24
N LYS D 1005 -26.08 11.27 15.02
CA LYS D 1005 -26.02 10.19 14.04
C LYS D 1005 -26.86 8.99 14.49
N MET D 1006 -26.77 8.63 15.76
CA MET D 1006 -27.39 7.42 16.27
C MET D 1006 -28.89 7.59 16.52
N MET D 1007 -29.39 8.82 16.53
CA MET D 1007 -30.84 9.00 16.69
C MET D 1007 -31.60 8.25 15.60
N ILE D 1008 -31.19 8.41 14.34
CA ILE D 1008 -31.88 7.76 13.24
C ILE D 1008 -31.71 6.25 13.33
N ASP D 1009 -30.52 5.79 13.72
CA ASP D 1009 -30.30 4.36 13.87
C ASP D 1009 -31.24 3.76 14.91
N MET D 1010 -31.40 4.45 16.05
CA MET D 1010 -32.35 4.00 17.06
C MET D 1010 -33.78 4.03 16.52
N MET D 1011 -34.12 5.05 15.75
CA MET D 1011 -35.45 5.11 15.16
C MET D 1011 -35.72 3.87 14.31
N TYR D 1012 -34.76 3.49 13.48
CA TYR D 1012 -34.95 2.30 12.66
C TYR D 1012 -34.95 1.02 13.49
N PHE D 1013 -34.11 0.96 14.53
CA PHE D 1013 -34.06 -0.21 15.39
C PHE D 1013 -35.38 -0.43 16.12
N VAL D 1014 -36.09 0.66 16.42
CA VAL D 1014 -37.36 0.55 17.15
C VAL D 1014 -38.35 -0.31 16.38
N ILE D 1015 -38.39 -0.17 15.05
CA ILE D 1015 -39.34 -0.93 14.25
C ILE D 1015 -39.07 -2.42 14.39
N ILE D 1016 -37.80 -2.82 14.29
CA ILE D 1016 -37.46 -4.23 14.42
C ILE D 1016 -37.80 -4.72 15.81
N MET D 1017 -37.48 -3.92 16.84
CA MET D 1017 -37.78 -4.33 18.20
C MET D 1017 -39.27 -4.58 18.38
N LEU D 1018 -40.10 -3.66 17.89
CA LEU D 1018 -41.55 -3.85 17.98
C LEU D 1018 -41.99 -5.10 17.23
N VAL D 1019 -41.55 -5.24 15.98
CA VAL D 1019 -42.01 -6.37 15.17
C VAL D 1019 -41.67 -7.68 15.86
N VAL D 1020 -40.48 -7.78 16.46
CA VAL D 1020 -40.09 -9.04 17.10
C VAL D 1020 -40.86 -9.26 18.39
N LEU D 1021 -40.91 -8.24 19.27
CA LEU D 1021 -41.44 -8.44 20.61
C LEU D 1021 -42.95 -8.54 20.63
N MET D 1022 -43.64 -7.71 19.84
CA MET D 1022 -45.09 -7.62 19.94
C MET D 1022 -45.75 -8.94 19.56
N SER D 1023 -45.19 -9.66 18.59
CA SER D 1023 -45.78 -10.93 18.17
C SER D 1023 -45.82 -11.91 19.34
N PHE D 1024 -44.67 -12.12 19.99
CA PHE D 1024 -44.60 -13.05 21.11
C PHE D 1024 -45.44 -12.56 22.27
N GLY D 1025 -45.44 -11.25 22.53
CA GLY D 1025 -46.27 -10.73 23.61
C GLY D 1025 -47.74 -10.99 23.39
N VAL D 1026 -48.21 -10.73 22.16
CA VAL D 1026 -49.61 -10.98 21.84
C VAL D 1026 -49.94 -12.46 21.95
N ALA D 1027 -49.05 -13.31 21.45
CA ALA D 1027 -49.31 -14.75 21.55
C ALA D 1027 -49.43 -15.18 23.01
N ARG D 1028 -48.50 -14.73 23.86
CA ARG D 1028 -48.54 -15.10 25.27
C ARG D 1028 -49.81 -14.58 25.92
N GLN D 1029 -50.20 -13.34 25.63
CA GLN D 1029 -51.41 -12.79 26.21
C GLN D 1029 -52.65 -13.57 25.77
N ALA D 1030 -52.70 -13.95 24.49
CA ALA D 1030 -53.84 -14.69 23.98
C ALA D 1030 -53.94 -16.06 24.62
N ILE D 1031 -52.80 -16.74 24.80
CA ILE D 1031 -52.83 -18.06 25.44
C ILE D 1031 -53.44 -17.95 26.83
N LEU D 1032 -53.01 -16.94 27.59
CA LEU D 1032 -53.60 -16.69 28.89
C LEU D 1032 -54.88 -15.87 28.73
N PHE D 1033 -55.61 -15.72 29.84
CA PHE D 1033 -56.86 -14.98 29.86
C PHE D 1033 -57.79 -15.42 28.72
N PRO D 1034 -58.15 -16.70 28.65
CA PRO D 1034 -59.03 -17.14 27.55
C PRO D 1034 -60.34 -16.38 27.49
N ASN D 1035 -60.93 -16.07 28.63
CA ASN D 1035 -62.15 -15.27 28.71
C ASN D 1035 -61.77 -13.85 29.14
N GLU D 1036 -62.02 -12.89 28.27
CA GLU D 1036 -61.61 -11.51 28.53
C GLU D 1036 -62.49 -10.57 27.72
N GLU D 1037 -62.55 -9.32 28.17
CA GLU D 1037 -63.25 -8.25 27.48
C GLU D 1037 -62.27 -7.13 27.19
N PRO D 1038 -62.45 -6.41 26.07
CA PRO D 1038 -61.40 -5.48 25.63
C PRO D 1038 -61.08 -4.41 26.65
N SER D 1039 -62.08 -3.60 27.02
CA SER D 1039 -61.94 -2.54 28.03
C SER D 1039 -60.75 -1.61 27.75
N TRP D 1040 -60.23 -1.62 26.52
CA TRP D 1040 -59.16 -0.69 26.14
C TRP D 1040 -57.94 -0.82 27.05
N LYS D 1041 -57.68 -2.04 27.52
CA LYS D 1041 -56.62 -2.24 28.51
C LYS D 1041 -55.79 -3.48 28.21
N LEU D 1042 -55.44 -3.70 26.94
CA LEU D 1042 -54.57 -4.81 26.55
C LEU D 1042 -53.17 -4.35 26.18
N ALA D 1043 -53.00 -3.08 25.78
CA ALA D 1043 -51.68 -2.60 25.41
C ALA D 1043 -50.71 -2.71 26.57
N LYS D 1044 -51.16 -2.34 27.78
CA LYS D 1044 -50.30 -2.47 28.96
C LYS D 1044 -49.92 -3.93 29.19
N ASN D 1045 -50.89 -4.85 29.04
CA ASN D 1045 -50.60 -6.25 29.29
C ASN D 1045 -49.57 -6.79 28.30
N ILE D 1046 -49.71 -6.45 27.02
CA ILE D 1046 -48.77 -6.97 26.02
C ILE D 1046 -47.41 -6.33 26.18
N PHE D 1047 -47.36 -5.04 26.46
CA PHE D 1047 -46.10 -4.30 26.52
C PHE D 1047 -45.41 -4.39 27.87
N TYR D 1048 -45.99 -5.10 28.83
CA TYR D 1048 -45.37 -5.18 30.16
C TYR D 1048 -43.96 -5.74 30.06
N MET D 1049 -43.80 -6.87 29.38
CA MET D 1049 -42.50 -7.50 29.16
C MET D 1049 -41.67 -7.56 30.45
N PRO D 1050 -42.18 -8.21 31.49
CA PRO D 1050 -41.41 -8.34 32.74
C PRO D 1050 -40.40 -9.48 32.69
N TYR D 1051 -39.27 -9.26 33.35
CA TYR D 1051 -38.22 -10.28 33.38
C TYR D 1051 -38.49 -11.33 34.45
N TRP D 1052 -38.64 -10.90 35.70
CA TRP D 1052 -38.81 -11.84 36.80
C TRP D 1052 -40.08 -12.67 36.64
N MET D 1053 -41.18 -12.02 36.24
CA MET D 1053 -42.43 -12.75 36.09
C MET D 1053 -42.32 -13.81 35.00
N ILE D 1054 -41.72 -13.46 33.86
CA ILE D 1054 -41.56 -14.42 32.78
C ILE D 1054 -40.65 -15.57 33.22
N TYR D 1055 -39.56 -15.25 33.91
CA TYR D 1055 -38.65 -16.29 34.36
C TYR D 1055 -39.35 -17.25 35.31
N GLY D 1056 -40.14 -16.71 36.25
CA GLY D 1056 -40.90 -17.58 37.13
C GLY D 1056 -41.91 -18.42 36.38
N GLU D 1057 -42.58 -17.82 35.38
CA GLU D 1057 -43.52 -18.58 34.57
C GLU D 1057 -42.84 -19.71 33.81
N VAL D 1058 -41.57 -19.53 33.47
CA VAL D 1058 -40.84 -20.58 32.74
C VAL D 1058 -40.81 -21.86 33.56
N PHE D 1059 -40.53 -21.74 34.85
CA PHE D 1059 -40.53 -22.89 35.75
C PHE D 1059 -40.39 -22.45 37.20
N LYS D 1085 -53.53 -30.89 29.21
CA LYS D 1085 -53.00 -30.37 30.46
C LYS D 1085 -51.51 -30.08 30.36
N THR D 1086 -50.74 -31.11 30.01
CA THR D 1086 -49.30 -30.96 29.89
C THR D 1086 -48.93 -29.97 28.80
N GLY D 1087 -49.60 -30.04 27.65
CA GLY D 1087 -49.29 -29.13 26.56
C GLY D 1087 -49.64 -27.69 26.89
N ALA D 1088 -50.75 -27.48 27.61
CA ALA D 1088 -51.12 -26.14 28.02
C ALA D 1088 -50.08 -25.51 28.93
N TRP D 1089 -49.31 -26.33 29.65
CA TRP D 1089 -48.20 -25.82 30.45
C TRP D 1089 -46.93 -25.68 29.61
N ILE D 1090 -46.73 -26.58 28.64
CA ILE D 1090 -45.50 -26.57 27.86
C ILE D 1090 -45.45 -25.34 26.96
N VAL D 1091 -46.55 -25.05 26.26
CA VAL D 1091 -46.54 -23.96 25.27
C VAL D 1091 -46.17 -22.63 25.91
N PRO D 1092 -46.80 -22.20 27.00
CA PRO D 1092 -46.39 -20.92 27.62
C PRO D 1092 -44.93 -20.89 28.03
N ALA D 1093 -44.39 -22.03 28.47
CA ALA D 1093 -42.96 -22.07 28.80
C ALA D 1093 -42.12 -21.80 27.58
N ILE D 1094 -42.49 -22.39 26.44
CA ILE D 1094 -41.75 -22.15 25.19
C ILE D 1094 -41.83 -20.68 24.81
N MET D 1095 -43.03 -20.08 24.94
CA MET D 1095 -43.17 -18.66 24.63
C MET D 1095 -42.28 -17.81 25.52
N ALA D 1096 -42.28 -18.12 26.82
CA ALA D 1096 -41.46 -17.36 27.76
C ALA D 1096 -39.98 -17.48 27.42
N CYS D 1097 -39.53 -18.69 27.09
CA CYS D 1097 -38.12 -18.88 26.75
C CYS D 1097 -37.76 -18.11 25.50
N TYR D 1098 -38.64 -18.13 24.48
CA TYR D 1098 -38.36 -17.39 23.26
C TYR D 1098 -38.27 -15.90 23.53
N LEU D 1099 -39.20 -15.36 24.34
CA LEU D 1099 -39.14 -13.94 24.68
C LEU D 1099 -37.85 -13.60 25.41
N LEU D 1100 -37.45 -14.45 26.36
CA LEU D 1100 -36.25 -14.19 27.14
C LEU D 1100 -35.02 -14.18 26.25
N VAL D 1101 -34.94 -15.12 25.30
CA VAL D 1101 -33.82 -15.15 24.37
C VAL D 1101 -33.83 -13.92 23.47
N ALA D 1102 -35.01 -13.54 22.97
CA ALA D 1102 -35.10 -12.41 22.05
C ALA D 1102 -34.65 -11.12 22.72
N ASN D 1103 -35.00 -10.93 23.99
CA ASN D 1103 -34.62 -9.70 24.68
C ASN D 1103 -33.10 -9.52 24.67
N ILE D 1104 -32.36 -10.55 25.09
CA ILE D 1104 -30.91 -10.42 25.15
C ILE D 1104 -30.32 -10.32 23.75
N LEU D 1105 -30.89 -11.03 22.78
CA LEU D 1105 -30.40 -10.91 21.41
C LEU D 1105 -30.50 -9.45 20.94
N LEU D 1106 -31.66 -8.82 21.18
CA LEU D 1106 -31.83 -7.44 20.75
C LEU D 1106 -30.89 -6.51 21.51
N VAL D 1107 -30.67 -6.76 22.80
CA VAL D 1107 -29.77 -5.92 23.57
C VAL D 1107 -28.36 -5.97 22.99
N ASN D 1108 -27.88 -7.18 22.71
CA ASN D 1108 -26.53 -7.32 22.15
C ASN D 1108 -26.44 -6.70 20.76
N LEU D 1109 -27.50 -6.84 19.96
CA LEU D 1109 -27.52 -6.21 18.65
C LEU D 1109 -27.41 -4.70 18.76
N LEU D 1110 -28.15 -4.11 19.70
CA LEU D 1110 -28.07 -2.67 19.92
C LEU D 1110 -26.67 -2.26 20.35
N ILE D 1111 -26.05 -3.05 21.23
CA ILE D 1111 -24.69 -2.74 21.67
C ILE D 1111 -23.74 -2.70 20.48
N ALA D 1112 -23.80 -3.73 19.63
CA ALA D 1112 -22.92 -3.77 18.47
C ALA D 1112 -23.18 -2.59 17.52
N VAL D 1113 -24.46 -2.27 17.31
CA VAL D 1113 -24.79 -1.15 16.43
C VAL D 1113 -24.20 0.14 16.96
N PHE D 1114 -24.36 0.38 18.26
CA PHE D 1114 -23.84 1.61 18.84
C PHE D 1114 -22.32 1.66 18.75
N ASN D 1115 -21.65 0.53 18.99
CA ASN D 1115 -20.19 0.51 18.89
C ASN D 1115 -19.74 0.88 17.47
N ASN D 1116 -20.36 0.25 16.47
CA ASN D 1116 -19.96 0.52 15.08
C ASN D 1116 -20.21 1.98 14.72
N THR D 1117 -21.38 2.50 15.08
CA THR D 1117 -21.70 3.89 14.75
C THR D 1117 -20.74 4.85 15.44
N PHE D 1118 -20.41 4.59 16.71
CA PHE D 1118 -19.47 5.45 17.41
C PHE D 1118 -18.10 5.43 16.75
N PHE D 1119 -17.64 4.25 16.34
CA PHE D 1119 -16.35 4.19 15.66
C PHE D 1119 -16.37 4.99 14.36
N GLU D 1120 -17.43 4.83 13.57
CA GLU D 1120 -17.51 5.55 12.30
C GLU D 1120 -17.55 7.06 12.52
N VAL D 1121 -18.28 7.49 13.54
CA VAL D 1121 -18.36 8.93 13.84
C VAL D 1121 -17.01 9.46 14.30
N LYS D 1122 -16.37 8.73 15.22
CA LYS D 1122 -15.08 9.18 15.76
C LYS D 1122 -14.02 9.25 14.67
N SER D 1123 -14.15 8.44 13.61
CA SER D 1123 -13.17 8.51 12.54
C SER D 1123 -13.16 9.85 11.83
N ILE D 1124 -14.19 10.69 12.02
CA ILE D 1124 -14.30 11.96 11.30
C ILE D 1124 -14.58 13.14 12.21
N SER D 1125 -14.96 12.92 13.48
CA SER D 1125 -15.34 14.02 14.35
C SER D 1125 -14.22 15.03 14.53
N ASN D 1126 -12.97 14.57 14.62
CA ASN D 1126 -11.86 15.49 14.81
C ASN D 1126 -11.78 16.50 13.68
N GLN D 1127 -11.86 16.01 12.44
CA GLN D 1127 -11.83 16.91 11.29
C GLN D 1127 -13.05 17.82 11.28
N VAL D 1128 -14.22 17.27 11.62
CA VAL D 1128 -15.45 18.07 11.54
C VAL D 1128 -15.44 19.21 12.55
N TRP D 1129 -14.86 18.98 13.73
CA TRP D 1129 -14.99 19.94 14.83
C TRP D 1129 -14.53 21.34 14.43
N LYS D 1130 -13.46 21.44 13.63
CA LYS D 1130 -12.87 22.74 13.36
C LYS D 1130 -13.83 23.68 12.66
N PHE D 1131 -14.77 23.15 11.88
CA PHE D 1131 -15.64 24.01 11.08
C PHE D 1131 -16.52 24.90 11.96
N GLN D 1132 -17.07 24.35 13.04
CA GLN D 1132 -18.04 25.09 13.84
C GLN D 1132 -17.42 26.27 14.56
N ARG D 1133 -16.08 26.29 14.69
CA ARG D 1133 -15.43 27.37 15.43
C ARG D 1133 -15.67 28.72 14.76
N TYR D 1134 -15.58 28.78 13.44
CA TYR D 1134 -15.81 30.04 12.75
C TYR D 1134 -17.21 30.55 12.99
N GLN D 1135 -18.20 29.67 12.88
CA GLN D 1135 -19.59 30.06 13.12
C GLN D 1135 -19.75 30.60 14.53
N LEU D 1136 -19.22 29.88 15.51
CA LEU D 1136 -19.35 30.31 16.90
C LEU D 1136 -18.69 31.68 17.11
N ILE D 1137 -17.48 31.85 16.58
CA ILE D 1137 -16.73 33.07 16.81
C ILE D 1137 -17.43 34.26 16.16
N MET D 1138 -17.85 34.10 14.90
CA MET D 1138 -18.55 35.19 14.23
C MET D 1138 -19.92 35.44 14.82
N THR D 1139 -20.49 34.46 15.54
CA THR D 1139 -21.78 34.66 16.19
C THR D 1139 -21.61 35.48 17.47
N PHE D 1140 -20.71 35.06 18.36
CA PHE D 1140 -20.56 35.75 19.63
C PHE D 1140 -19.92 37.12 19.46
N HIS D 1141 -19.05 37.29 18.46
CA HIS D 1141 -18.39 38.57 18.26
C HIS D 1141 -19.40 39.67 17.98
N GLU D 1142 -20.41 39.39 17.15
CA GLU D 1142 -21.39 40.42 16.80
C GLU D 1142 -22.26 40.79 18.00
N ARG D 1143 -22.53 39.85 18.88
CA ARG D 1143 -23.46 40.09 19.98
C ARG D 1143 -22.90 41.13 20.94
N PRO D 1144 -23.77 41.90 21.60
CA PRO D 1144 -23.29 42.91 22.56
C PRO D 1144 -22.60 42.29 23.76
N VAL D 1145 -22.10 43.14 24.66
CA VAL D 1145 -21.27 42.68 25.76
C VAL D 1145 -22.08 42.26 26.99
N LEU D 1146 -23.27 42.82 27.19
CA LEU D 1146 -24.00 42.53 28.39
C LEU D 1146 -24.69 41.16 28.31
N PRO D 1147 -24.97 40.53 29.45
CA PRO D 1147 -25.71 39.26 29.44
C PRO D 1147 -27.13 39.45 28.96
N PRO D 1148 -27.85 38.37 28.72
CA PRO D 1148 -29.23 38.47 28.20
C PRO D 1148 -30.12 39.32 29.10
N PRO D 1149 -30.07 39.17 30.43
CA PRO D 1149 -30.94 39.97 31.28
C PRO D 1149 -30.53 41.43 31.39
N LEU D 1150 -29.31 41.77 30.98
CA LEU D 1150 -28.80 43.13 31.11
C LEU D 1150 -28.67 43.86 29.78
N ILE D 1151 -28.79 43.16 28.65
CA ILE D 1151 -28.73 43.82 27.35
C ILE D 1151 -29.90 44.76 27.12
N ILE D 1152 -30.88 44.77 28.03
CA ILE D 1152 -31.97 45.74 27.94
C ILE D 1152 -31.40 47.15 27.93
N PHE D 1153 -30.39 47.39 28.76
CA PHE D 1153 -29.70 48.68 28.72
C PHE D 1153 -28.85 48.82 27.47
N SER D 1154 -28.32 47.71 26.94
CA SER D 1154 -27.50 47.78 25.74
C SER D 1154 -28.29 48.32 24.57
N HIS D 1155 -29.55 47.89 24.42
CA HIS D 1155 -30.39 48.43 23.36
C HIS D 1155 -30.62 49.93 23.56
N MET D 1156 -30.76 50.35 24.81
CA MET D 1156 -30.90 51.78 25.09
C MET D 1156 -29.67 52.55 24.64
N THR D 1157 -28.47 52.02 24.91
CA THR D 1157 -27.26 52.67 24.45
C THR D 1157 -27.18 52.68 22.93
N MET D 1158 -27.61 51.60 22.29
CA MET D 1158 -27.61 51.56 20.82
C MET D 1158 -28.50 52.64 20.26
N ILE D 1159 -29.71 52.79 20.81
CA ILE D 1159 -30.62 53.83 20.34
C ILE D 1159 -30.05 55.21 20.62
N PHE D 1160 -29.39 55.37 21.77
CA PHE D 1160 -28.78 56.65 22.09
C PHE D 1160 -27.70 57.02 21.09
N GLN D 1161 -26.89 56.04 20.67
CA GLN D 1161 -25.82 56.30 19.72
C GLN D 1161 -26.38 56.82 18.40
N HIS D 1162 -27.46 56.21 17.92
CA HIS D 1162 -28.10 56.63 16.67
C HIS D 1162 -29.00 57.84 16.92
N ASP D 1187 -5.22 52.37 -2.47
CA ASP D 1187 -5.45 51.47 -3.59
C ASP D 1187 -4.16 50.77 -4.00
N ASP D 1188 -3.01 51.32 -3.57
CA ASP D 1188 -1.73 50.71 -3.89
C ASP D 1188 -1.64 49.30 -3.30
N GLU D 1189 -2.18 49.11 -2.09
CA GLU D 1189 -2.18 47.78 -1.50
C GLU D 1189 -2.96 46.80 -2.37
N LEU D 1190 -4.04 47.25 -3.00
CA LEU D 1190 -4.79 46.39 -3.89
C LEU D 1190 -3.94 45.96 -5.08
N LYS D 1191 -3.18 46.89 -5.67
CA LYS D 1191 -2.30 46.54 -6.78
C LYS D 1191 -1.22 45.56 -6.33
N LYS D 1192 -0.66 45.77 -5.15
CA LYS D 1192 0.34 44.85 -4.64
C LYS D 1192 -0.25 43.46 -4.44
N VAL D 1193 -1.48 43.39 -3.92
CA VAL D 1193 -2.12 42.09 -3.72
C VAL D 1193 -2.38 41.41 -5.05
N HIS D 1194 -2.82 42.18 -6.06
CA HIS D 1194 -3.04 41.60 -7.38
C HIS D 1194 -1.73 41.05 -7.96
N ASP D 1195 -0.65 41.81 -7.83
CA ASP D 1195 0.64 41.33 -8.32
C ASP D 1195 1.07 40.07 -7.58
N PHE D 1196 0.86 40.03 -6.27
CA PHE D 1196 1.22 38.85 -5.49
C PHE D 1196 0.41 37.64 -5.94
N GLU D 1197 -0.88 37.83 -6.19
CA GLU D 1197 -1.72 36.72 -6.65
C GLU D 1197 -1.27 36.22 -8.02
N GLU D 1198 -0.95 37.14 -8.93
CA GLU D 1198 -0.45 36.74 -10.25
C GLU D 1198 0.85 35.96 -10.12
N GLN D 1199 1.76 36.44 -9.28
CA GLN D 1199 3.01 35.73 -9.06
C GLN D 1199 2.77 34.35 -8.48
N CYS D 1200 1.84 34.25 -7.52
CA CYS D 1200 1.55 32.97 -6.90
C CYS D 1200 1.00 31.97 -7.91
N ILE D 1201 0.07 32.41 -8.76
CA ILE D 1201 -0.50 31.48 -9.74
C ILE D 1201 0.54 31.08 -10.77
N GLU D 1202 1.39 32.03 -11.20
CA GLU D 1202 2.45 31.69 -12.13
C GLU D 1202 3.41 30.67 -11.52
N GLU D 1203 3.78 30.88 -10.25
CA GLU D 1203 4.66 29.93 -9.58
C GLU D 1203 4.01 28.57 -9.43
N TYR D 1204 2.70 28.54 -9.15
CA TYR D 1204 1.99 27.27 -9.05
C TYR D 1204 2.04 26.52 -10.38
N PHE D 1205 1.76 27.21 -11.48
CA PHE D 1205 1.81 26.55 -12.78
C PHE D 1205 3.22 26.06 -13.10
N ARG D 1206 4.23 26.88 -12.83
CA ARG D 1206 5.61 26.47 -13.10
C ARG D 1206 5.98 25.24 -12.29
N GLU D 1207 5.64 25.23 -10.99
CA GLU D 1207 5.96 24.08 -10.15
C GLU D 1207 5.23 22.84 -10.63
N LYS D 1208 3.95 22.97 -10.99
CA LYS D 1208 3.20 21.82 -11.49
C LYS D 1208 3.86 21.25 -12.73
N ASP D 1209 4.21 22.12 -13.69
CA ASP D 1209 4.82 21.65 -14.93
C ASP D 1209 6.16 20.97 -14.66
N ASP D 1210 6.98 21.58 -13.80
CA ASP D 1210 8.29 21.00 -13.50
C ASP D 1210 8.14 19.64 -12.82
N ARG D 1211 7.24 19.54 -11.85
CA ARG D 1211 7.04 18.28 -11.15
C ARG D 1211 6.55 17.19 -12.10
N PHE D 1212 5.60 17.55 -12.98
CA PHE D 1212 5.09 16.55 -13.92
C PHE D 1212 6.18 16.10 -14.88
N ASN D 1213 6.96 17.04 -15.41
CA ASN D 1213 8.02 16.69 -16.36
C ASN D 1213 9.15 15.91 -15.69
N SER D 1214 9.34 16.08 -14.39
CA SER D 1214 10.35 15.33 -13.66
C SER D 1214 9.86 13.96 -13.21
N SER D 1215 8.62 13.61 -13.48
CA SER D 1215 8.09 12.32 -13.08
C SER D 1215 8.83 11.19 -13.78
N ASN D 1216 9.01 10.08 -13.06
CA ASN D 1216 9.72 8.94 -13.63
C ASN D 1216 8.97 8.37 -14.83
N ASP D 1217 7.64 8.29 -14.75
CA ASP D 1217 6.86 7.71 -15.84
C ASP D 1217 7.08 8.49 -17.13
N GLU D 1218 7.05 9.83 -17.06
CA GLU D 1218 7.27 10.63 -18.25
C GLU D 1218 8.69 10.48 -18.77
N ARG D 1219 9.68 10.49 -17.89
CA ARG D 1219 11.07 10.40 -18.32
C ARG D 1219 11.36 9.06 -19.00
N ILE D 1220 10.79 7.97 -18.46
CA ILE D 1220 10.99 6.66 -19.07
C ILE D 1220 10.45 6.65 -20.50
N ARG D 1221 9.26 7.23 -20.69
CA ARG D 1221 8.68 7.31 -22.03
C ARG D 1221 9.57 8.11 -22.96
N VAL D 1222 10.07 9.25 -22.49
CA VAL D 1222 10.92 10.11 -23.32
C VAL D 1222 12.19 9.36 -23.71
N THR D 1223 12.81 8.69 -22.74
CA THR D 1223 14.04 7.95 -23.04
C THR D 1223 13.78 6.84 -24.05
N SER D 1224 12.66 6.13 -23.90
CA SER D 1224 12.36 5.04 -24.82
C SER D 1224 12.22 5.56 -26.25
N GLU D 1225 11.49 6.66 -26.43
CA GLU D 1225 11.30 7.20 -27.77
C GLU D 1225 12.62 7.66 -28.36
N ARG D 1226 13.45 8.34 -27.55
CA ARG D 1226 14.75 8.80 -28.03
C ARG D 1226 15.64 7.62 -28.40
N VAL D 1227 15.62 6.56 -27.59
CA VAL D 1227 16.44 5.39 -27.88
C VAL D 1227 16.05 4.78 -29.22
N GLU D 1228 14.74 4.66 -29.47
CA GLU D 1228 14.28 4.09 -30.72
C GLU D 1228 14.76 4.90 -31.92
N ASN D 1229 14.62 6.23 -31.84
CA ASN D 1229 15.09 7.07 -32.94
C ASN D 1229 16.60 7.02 -33.07
N MET D 1230 17.32 7.08 -31.94
CA MET D 1230 18.77 7.02 -31.99
C MET D 1230 19.26 5.70 -32.59
N SER D 1231 18.64 4.59 -32.17
CA SER D 1231 19.02 3.29 -32.72
C SER D 1231 18.76 3.23 -34.22
N MET D 1232 17.61 3.74 -34.66
CA MET D 1232 17.29 3.72 -36.09
C MET D 1232 18.32 4.51 -36.89
N ARG D 1233 18.70 5.70 -36.40
CA ARG D 1233 19.70 6.49 -37.08
C ARG D 1233 21.04 5.76 -37.15
N LEU D 1234 21.44 5.12 -36.05
CA LEU D 1234 22.70 4.39 -36.04
C LEU D 1234 22.68 3.25 -37.05
N GLU D 1235 21.57 2.51 -37.13
CA GLU D 1235 21.48 1.42 -38.08
C GLU D 1235 21.60 1.92 -39.51
N GLU D 1236 20.93 3.03 -39.83
CA GLU D 1236 21.04 3.59 -41.17
C GLU D 1236 22.47 4.06 -41.44
N VAL D 1237 23.10 4.69 -40.46
CA VAL D 1237 24.48 5.15 -40.64
C VAL D 1237 25.43 3.99 -40.88
N ASN D 1238 25.10 2.80 -40.37
CA ASN D 1238 25.97 1.64 -40.58
C ASN D 1238 26.09 1.31 -42.05
N GLU D 1239 24.99 1.37 -42.80
CA GLU D 1239 25.05 1.10 -44.23
C GLU D 1239 25.93 2.11 -44.95
N ARG D 1240 25.83 3.38 -44.57
CA ARG D 1240 26.67 4.40 -45.18
C ARG D 1240 28.14 4.13 -44.91
N GLU D 1241 28.47 3.73 -43.69
CA GLU D 1241 29.86 3.41 -43.36
C GLU D 1241 30.37 2.25 -44.21
N HIS D 1242 29.55 1.20 -44.37
CA HIS D 1242 29.95 0.08 -45.20
C HIS D 1242 30.18 0.50 -46.65
N SER D 1243 29.27 1.33 -47.18
CA SER D 1243 29.43 1.81 -48.55
C SER D 1243 30.68 2.66 -48.70
N MET D 1244 30.97 3.51 -47.72
CA MET D 1244 32.16 4.36 -47.80
C MET D 1244 33.43 3.52 -47.82
N LYS D 1245 33.49 2.48 -46.99
CA LYS D 1245 34.66 1.62 -46.94
C LYS D 1245 34.87 0.89 -48.27
C22 A1AIB E . 11.46 4.74 47.10
C01 A1AIB E . 4.92 -3.20 45.00
C02 A1AIB E . 5.88 -2.21 45.64
C03 A1AIB E . 5.56 -1.31 46.64
C04 A1AIB E . 6.74 -0.60 46.94
C08 A1AIB E . 8.20 0.94 48.29
C10 A1AIB E . 8.37 2.06 49.32
C11 A1AIB E . 7.35 2.02 50.46
C12 A1AIB E . 6.08 2.56 50.32
C13 A1AIB E . 5.18 2.50 51.38
C14 A1AIB E . 5.55 1.89 52.58
C15 A1AIB E . 6.82 1.36 52.71
C16 A1AIB E . 7.72 1.42 51.65
C18 A1AIB E . 7.40 3.56 47.58
C19 A1AIB E . 7.99 3.49 46.19
C20 A1AIB E . 9.50 3.34 46.11
C21 A1AIB E . 10.23 4.08 47.28
C23 A1AIB E . 12.06 5.40 48.18
C24 A1AIB E . 11.43 5.39 49.45
C25 A1AIB E . 10.22 4.72 49.63
C26 A1AIB E . 9.61 4.08 48.53
N05 A1AIB E . 7.71 -1.07 46.12
N07 A1AIB E . 6.88 0.45 47.93
N17 A1AIB E . 8.33 3.36 48.65
O06 A1AIB E . 7.16 -2.05 45.36
O09 A1AIB E . 9.16 0.48 47.77
H221 A1AIB E . 11.86 4.75 46.26
H013 A1AIB E . 5.42 -4.02 44.77
H012 A1AIB E . 4.55 -2.82 44.19
H011 A1AIB E . 4.21 -3.43 45.62
H031 A1AIB E . 4.74 -1.20 47.04
H101 A1AIB E . 9.26 1.97 49.71
H121 A1AIB E . 5.82 2.97 49.53
H131 A1AIB E . 4.34 2.86 51.29
H141 A1AIB E . 4.95 1.85 53.28
H151 A1AIB E . 7.07 0.95 53.50
H161 A1AIB E . 8.56 1.06 51.74
H181 A1AIB E . 6.68 2.92 47.64
H182 A1AIB E . 7.02 4.45 47.69
H192 A1AIB E . 7.60 2.72 45.74
H191 A1AIB E . 7.75 4.31 45.72
H201 A1AIB E . 9.71 2.39 46.19
H202 A1AIB E . 9.81 3.71 45.27
H231 A1AIB E . 12.87 5.83 48.07
H241 A1AIB E . 11.84 5.81 50.17
H251 A1AIB E . 9.80 4.72 50.47
H071 A1AIB E . 6.18 0.80 48.29
C15 6OU F . -6.56 9.89 42.56
C16 6OU F . -5.14 10.03 42.02
O17 6OU F . -4.56 11.07 42.11
O18 6OU F . -4.49 8.92 41.44
C19 6OU F . -3.61 9.26 40.41
C20 6OU F . -3.47 8.04 39.49
C21 6OU F . -2.44 8.33 38.41
O22 6OU F . -1.25 8.74 39.00
P23 6OU F . -0.22 9.70 38.14
O24 6OU F . -0.81 11.08 38.02
O25 6OU F . 1.11 9.77 38.84
O26 6OU F . -0.02 9.05 36.64
C27 6OU F . 0.28 7.68 36.53
C28 6OU F . -0.54 7.10 35.39
N29 6OU F . -1.08 5.81 35.76
O30 6OU F . -4.70 7.75 38.91
C31 6OU F . -5.26 6.54 39.32
O32 6OU F . -4.79 5.52 38.95
C33 6OU F . -6.46 6.53 40.27
C34 6OU F . -7.78 6.45 39.52
C35 6OU F . -8.41 5.06 39.57
C36 6OU F . -9.33 4.85 40.76
C37 6OU F . -10.65 4.21 40.37
C38 6OU F . -11.57 5.18 39.63
C39 6OU F . -13.00 5.20 40.18
C40 6OU F . -13.13 6.35 41.19
C41 6OU F . -13.51 7.56 40.82
C42 6OU F . -13.83 7.89 39.36
H31 6OU F . -6.67 10.51 43.43
H32 6OU F . -4.01 10.09 39.84
H33 6OU F . -2.65 9.53 40.83
H34 6OU F . -3.13 7.19 40.08
H35 6OU F . -2.26 7.42 37.83
H36 6OU F . -2.80 9.10 37.75
H38 6OU F . 0.02 7.19 37.46
H39 6OU F . 1.34 7.55 36.33
H40 6OU F . -1.35 7.77 35.14
H41 6OU F . 0.10 6.98 34.52
H42 6OU F . -1.88 5.94 36.36
H43 6OU F . -1.37 5.31 34.93
H45 6OU F . -6.44 7.44 40.86
H46 6OU F . -6.37 5.68 40.93
H47 6OU F . -8.46 7.17 39.95
H48 6OU F . -7.61 6.72 38.48
H49 6OU F . -8.98 4.90 38.66
H50 6OU F . -7.61 4.32 39.61
H51 6OU F . -9.54 5.81 41.24
H52 6OU F . -8.83 4.21 41.48
H53 6OU F . -10.44 3.37 39.71
H54 6OU F . -11.15 3.85 41.25
H55 6OU F . -11.15 6.18 39.70
H56 6OU F . -11.61 4.91 38.58
H57 6OU F . -13.70 5.33 39.36
H58 6OU F . -13.20 4.26 40.68
H59 6OU F . -12.91 6.15 42.23
H60 6OU F . -13.59 8.34 41.57
H62 6OU F . -14.78 7.43 39.10
H152 6OU F . -6.74 8.86 42.82
H422 6OU F . -13.90 8.96 39.24
C8 A8W G . -30.82 25.11 45.68
C5 A8W G . -31.24 26.34 48.27
C6 A8W G . -30.22 26.73 47.50
C2 A8W G . -33.38 25.49 50.05
C4 A8W G . -31.57 27.20 49.52
O A8W G . -32.56 21.66 41.98
C1 A8W G . -32.89 24.58 48.92
C10 A8W G . -32.32 25.38 47.73
C11 A8W G . -32.85 23.58 45.97
C12 A8W G . -32.29 22.62 44.90
C13 A8W G . -31.42 23.41 43.90
C14 A8W G . -30.29 24.07 44.68
C15 A8W G . -29.41 24.64 43.54
C16 A8W G . -29.47 23.51 42.48
C17 A8W G . -30.57 22.53 42.97
C18 A8W G . -32.29 24.37 43.07
C19 A8W G . -33.45 26.21 47.11
C20 A8W G . -31.41 21.97 41.79
C3 A8W G . -32.24 26.36 50.62
C7 A8W G . -29.66 25.79 46.42
C9 A8W G . -31.74 24.39 46.69
O1 A8W G . -32.77 27.25 51.61
O2 A8W G . -30.92 26.78 53.11
O3 A8W G . -33.07 27.45 54.01
O4 A8W G . -32.81 25.25 53.02
S A8W G . -32.39 26.68 52.93
C21 A8W G . -30.78 21.82 40.39
H3 A8W G . -31.37 25.88 45.15
H18 A8W G . -29.77 27.71 47.64
H21 A8W G . -34.17 26.14 49.68
H22 A8W G . -33.78 24.87 50.85
H24 A8W G . -32.22 28.01 49.23
H23 A8W G . -30.64 27.61 49.91
H20 A8W G . -32.12 23.91 49.30
H19 A8W G . -33.73 23.97 48.57
H14 A8W G . -33.55 24.26 45.48
H15 A8W G . -33.40 22.99 46.71
H12 A8W G . -33.12 22.15 44.37
H13 A8W G . -31.69 21.85 45.39
H1 A8W G . -29.72 23.32 45.22
H11 A8W G . -28.39 24.79 43.88
H10 A8W G . -29.84 25.57 43.15
H8 A8W G . -29.74 23.94 41.52
H9 A8W G . -28.52 23.01 42.42
H A8W G . -30.12 21.71 43.52
H31 A8W G . -32.63 25.21 43.69
H29 A8W G . -33.17 23.83 42.72
H30 A8W G . -31.74 24.74 42.22
H28 A8W G . -33.58 27.14 47.67
H27 A8W G . -34.39 25.64 47.14
H26 A8W G . -33.22 26.46 46.08
H4 A8W G . -31.50 25.71 51.07
H17 A8W G . -29.06 26.35 45.71
H16 A8W G . -29.04 25.02 46.89
H2 A8W G . -31.12 23.67 47.23
H7 A8W G . -30.87 22.76 39.85
H5 A8W G . -31.31 21.03 39.85
H6 A8W G . -29.74 21.55 40.49
C22 A1AIB H . -7.76 -42.08 23.23
C01 A1AIB H . -16.37 -36.23 21.85
C02 A1AIB H . -15.38 -37.33 22.18
C03 A1AIB H . -15.07 -37.83 23.42
C04 A1AIB H . -14.11 -38.83 23.25
C08 A1AIB H . -12.68 -40.79 23.95
C10 A1AIB H . -12.03 -41.64 25.04
C11 A1AIB H . -12.85 -41.77 26.32
C12 A1AIB H . -12.85 -40.80 27.30
C13 A1AIB H . -13.62 -40.96 28.44
C14 A1AIB H . -14.40 -42.09 28.61
C15 A1AIB H . -14.41 -43.06 27.62
C16 A1AIB H . -13.64 -42.90 26.48
C18 A1AIB H . -10.52 -39.67 25.40
C19 A1AIB H . -9.88 -39.06 24.17
C20 A1AIB H . -9.39 -40.05 23.12
C21 A1AIB H . -8.87 -41.38 23.75
C23 A1AIB H . -7.35 -43.27 23.84
C24 A1AIB H . -8.04 -43.77 24.97
C25 A1AIB H . -9.14 -43.07 25.48
C26 A1AIB H . -9.55 -41.87 24.86
N05 A1AIB H . -13.85 -38.91 21.92
N07 A1AIB H . -13.50 -39.63 24.29
N17 A1AIB H . -10.71 -41.10 25.35
O06 A1AIB H . -14.64 -38.00 21.30
O09 A1AIB H . -12.53 -41.08 22.81
H221 A1AIB H . -7.30 -41.74 22.49
H013 A1AIB H . -16.79 -36.41 21.00
H012 A1AIB H . -15.91 -35.38 21.81
H011 A1AIB H . -17.06 -36.20 22.55
H031 A1AIB H . -15.45 -37.55 24.23
H101 A1AIB H . -11.90 -42.53 24.67
H121 A1AIB H . -12.32 -40.03 27.20
H131 A1AIB H . -13.61 -40.30 29.10
H141 A1AIB H . -14.91 -42.20 29.37
H151 A1AIB H . -14.93 -43.82 27.73
H161 A1AIB H . -13.65 -43.55 25.83
H181 A1AIB H . -11.38 -39.24 25.54
H182 A1AIB H . -9.95 -39.47 26.16
H192 A1AIB H . -10.53 -38.48 23.75
H191 A1AIB H . -9.11 -38.55 24.47
H201 A1AIB H . -10.13 -40.26 22.54
H202 A1AIB H . -8.66 -39.64 22.64
H231 A1AIB H . -6.61 -43.73 23.51
H241 A1AIB H . -7.76 -44.56 25.37
H251 A1AIB H . -9.60 -43.40 26.22
H071 A1AIB H . -13.60 -39.41 25.12
C15 6OU I . -8.88 -26.35 34.33
C16 6OU I . -8.02 -26.93 33.21
O17 6OU I . -6.94 -27.37 33.45
O18 6OU I . -8.51 -26.96 31.89
C19 6OU I . -7.52 -26.81 30.92
C20 6OU I . -8.18 -26.26 29.65
C21 6OU I . -7.16 -26.17 28.53
O22 6OU I . -6.54 -27.41 28.37
P23 6OU I . -5.03 -27.46 27.71
O24 6OU I . -4.04 -26.94 28.73
O25 6OU I . -4.67 -28.88 27.35
O26 6OU I . -4.98 -26.51 26.37
C27 6OU I . -5.99 -26.67 25.42
C28 6OU I . -6.42 -25.28 24.93
N29 6OU I . -7.86 -25.22 24.81
O30 6OU I . -8.71 -25.00 29.92
C31 6OU I . -10.10 -24.94 29.87
O32 6OU I . -10.66 -25.01 28.82
C33 6OU I . -10.91 -24.81 31.16
C34 6OU I . -11.23 -23.36 31.49
C35 6OU I . -12.69 -23.00 31.18
C36 6OU I . -13.63 -23.25 32.34
C37 6OU I . -14.57 -22.06 32.58
C38 6OU I . -13.84 -20.87 33.23
C39 6OU I . -14.58 -20.30 34.44
C40 6OU I . -14.00 -20.93 35.71
C41 6OU I . -12.99 -20.38 36.36
C42 6OU I . -12.33 -19.08 35.88
H31 6OU I . -8.69 -26.91 35.24
H32 6OU I . -6.76 -26.11 31.27
H33 6OU I . -7.05 -27.76 30.71
H34 6OU I . -8.98 -26.94 29.35
H35 6OU I . -7.66 -25.89 27.61
H36 6OU I . -6.42 -25.42 28.77
H38 6OU I . -6.84 -27.17 25.86
H39 6OU I . -5.62 -27.25 24.58
H40 6OU I . -6.07 -24.54 25.65
H41 6OU I . -5.96 -25.09 23.96
H42 6OU I . -8.27 -25.10 25.73
H43 6OU I . -8.11 -24.42 24.24
H45 6OU I . -10.33 -25.24 31.97
H46 6OU I . -11.83 -25.37 31.06
H47 6OU I . -11.04 -23.19 32.55
H48 6OU I . -10.58 -22.72 30.91
H49 6OU I . -12.73 -21.94 30.91
H50 6OU I . -13.02 -23.58 30.32
H51 6OU I . -13.07 -23.43 33.25
H52 6OU I . -14.24 -24.12 32.13
H53 6OU I . -14.98 -21.74 31.63
H54 6OU I . -15.38 -22.38 33.22
H55 6OU I . -12.86 -21.20 33.54
H56 6OU I . -13.74 -20.09 32.49
H57 6OU I . -14.47 -19.23 34.46
H58 6OU I . -15.64 -20.54 34.36
H59 6OU I . -14.45 -21.84 36.09
H60 6OU I . -12.62 -20.86 37.26
H62 6OU I . -13.01 -18.25 36.06
H152 6OU I . -9.92 -26.44 34.05
H422 6OU I . -11.41 -18.93 36.41
C8 A8W J . -6.51 -11.76 59.06
C5 A8W J . -6.53 -13.33 61.49
C6 A8W J . -5.53 -13.47 60.60
C2 A8W J . -8.70 -13.19 63.41
C4 A8W J . -6.35 -14.01 62.87
O A8W J . -8.85 -7.93 56.14
C1 A8W J . -8.90 -12.72 61.96
C10 A8W J . -7.58 -12.23 61.33
C11 A8W J . -8.71 -10.61 59.68
C12 A8W J . -8.94 -10.23 58.20
C13 A8W J . -7.59 -10.08 57.49
C14 A8W J . -6.84 -11.41 57.59
C15 A8W J . -5.63 -11.17 56.68
C16 A8W J . -6.24 -10.37 55.50
C17 A8W J . -7.68 -10.00 55.95
C18 A8W J . -6.83 -8.87 58.04
C19 A8W J . -7.11 -10.98 62.10
C20 A8W J . -8.07 -8.58 55.49
C3 A8W J . -7.71 -14.37 63.50
C7 A8W J . -5.74 -13.08 59.13
C9 A8W J . -7.83 -11.88 59.84
O1 A8W J . -7.51 -14.70 64.88
O2 A8W J . -7.69 -17.09 64.37
O3 A8W J . -8.28 -16.26 66.58
O4 A8W J . -9.71 -15.75 64.69
S A8W J . -8.30 -15.94 65.12
C21 A8W J . -7.48 -7.99 54.20
H3 A8W J . -5.89 -10.98 59.49
H18 A8W J . -4.57 -13.85 60.93
H21 A8W J . -8.33 -12.36 64.02
H22 A8W J . -9.67 -13.52 63.80
H24 A8W J . -5.82 -13.33 63.54
H23 A8W J . -5.77 -14.92 62.74
H20 A8W J . -9.29 -13.53 61.37
H19 A8W J . -9.62 -11.89 61.96
H14 A8W J . -8.23 -9.77 60.17
H15 A8W J . -9.68 -10.78 60.14
H12 A8W J . -9.48 -9.28 58.14
H13 A8W J . -9.53 -11.01 57.71
H1 A8W J . -7.45 -12.21 57.17
H11 A8W J . -5.20 -12.11 56.33
H10 A8W J . -4.87 -10.58 57.20
H8 A8W J . -5.65 -9.48 55.32
H9 A8W J . -6.28 -10.99 54.61
H A8W J . -8.39 -10.73 55.58
H31 A8W J . -6.45 -9.07 59.04
H29 A8W J . -7.50 -8.01 58.09
H30 A8W J . -5.99 -8.61 57.39
H28 A8W J . -6.57 -11.29 62.99
H27 A8W J . -7.97 -10.38 62.39
H26 A8W J . -6.45 -10.38 61.48
H4 A8W J . -8.13 -15.22 62.97
H17 A8W J . -4.77 -12.96 58.64
H16 A8W J . -6.31 -13.86 58.63
H2 A8W J . -8.39 -12.71 59.41
H7 A8W J . -6.52 -7.51 54.41
H5 A8W J . -8.17 -7.25 53.78
H6 A8W J . -7.33 -8.78 53.46
C22 A1AIB K . -46.96 -12.40 -3.48
C01 A1AIB K . -44.88 -5.39 4.07
C02 A1AIB K . -45.54 -6.34 3.06
C03 A1AIB K . -46.28 -7.46 3.35
C04 A1AIB K . -46.69 -8.01 2.13
C08 A1AIB K . -48.05 -9.53 0.65
C10 A1AIB K . -48.89 -10.79 0.44
C11 A1AIB K . -49.77 -11.16 1.64
C12 A1AIB K . -49.28 -11.87 2.72
C13 A1AIB K . -50.11 -12.17 3.78
C14 A1AIB K . -51.44 -11.77 3.77
C15 A1AIB K . -51.93 -11.07 2.69
C16 A1AIB K . -51.10 -10.76 1.63
C18 A1AIB K . -46.75 -12.04 0.75
C19 A1AIB K . -45.55 -11.58 -0.05
C20 A1AIB K . -45.84 -11.17 -1.49
C21 A1AIB K . -46.99 -12.01 -2.13
C23 A1AIB K . -48.03 -13.15 -4.00
C24 A1AIB K . -49.12 -13.50 -3.17
C25 A1AIB K . -49.14 -13.11 -1.83
C26 A1AIB K . -48.06 -12.36 -1.31
N05 A1AIB K . -46.21 -7.22 1.14
N07 A1AIB K . -47.50 -9.20 1.96
N17 A1AIB K . -48.02 -11.91 0.09
O06 A1AIB K . -45.51 -6.21 1.74
O09 A1AIB K . -47.84 -8.81 -0.27
H221 A1AIB K . -46.25 -12.16 -4.03
H013 A1AIB K . -44.89 -4.49 3.72
H012 A1AIB K . -43.95 -5.67 4.20
H011 A1AIB K . -45.35 -5.43 4.91
H031 A1AIB K . -46.47 -7.79 4.20
H101 A1AIB K . -49.47 -10.63 -0.32
H121 A1AIB K . -48.39 -12.13 2.73
H131 A1AIB K . -49.78 -12.65 4.51
H141 A1AIB K . -52.00 -11.99 4.48
H151 A1AIB K . -52.82 -10.81 2.67
H161 A1AIB K . -51.43 -10.29 0.90
H181 A1AIB K . -46.77 -11.55 1.59
H182 A1AIB K . -46.62 -12.97 0.95
H192 A1AIB K . -45.17 -10.81 0.40
H191 A1AIB K . -44.92 -12.31 -0.08
H201 A1AIB K . -46.11 -10.24 -1.48
H202 A1AIB K . -45.04 -11.31 -2.01
H231 A1AIB K . -48.02 -13.41 -4.88
H241 A1AIB K . -49.82 -14.00 -3.51
H251 A1AIB K . -49.86 -13.34 -1.28
H071 A1AIB K . -47.64 -9.73 2.62
C15 6OU L . -37.83 -19.44 11.97
C16 6OU L . -37.61 -19.22 10.47
O17 6OU L . -37.64 -20.14 9.73
O18 6OU L . -37.37 -17.94 9.99
C19 6OU L . -36.51 -17.89 8.88
C20 6OU L . -35.88 -16.50 8.82
C21 6OU L . -35.00 -16.38 7.58
O22 6OU L . -35.77 -16.71 6.45
P23 6OU L . -34.99 -17.27 5.12
O24 6OU L . -34.51 -18.68 5.37
O25 6OU L . -35.94 -17.27 3.94
O26 6OU L . -33.69 -16.31 4.78
C27 6OU L . -33.90 -14.92 4.76
C28 6OU L . -32.71 -14.26 5.46
N29 6OU L . -33.17 -13.17 6.32
O30 6OU L . -35.09 -16.31 9.96
C31 6OU L . -35.58 -15.32 10.82
O32 6OU L . -35.48 -14.19 10.51
C33 6OU L . -36.23 -15.72 12.15
C34 6OU L . -35.23 -15.70 13.30
C35 6OU L . -35.38 -14.47 14.20
C36 6OU L . -36.36 -14.68 15.35
C37 6OU L . -35.80 -14.19 16.68
C38 6OU L . -34.73 -15.14 17.23
C39 6OU L . -34.95 -15.51 18.70
C40 6OU L . -35.70 -16.84 18.77
C41 6OU L . -35.06 -18.00 18.81
C42 6OU L . -33.53 -18.07 18.80
H31 6OU L . -38.55 -20.24 12.11
H32 6OU L . -35.74 -18.65 8.99
H33 6OU L . -37.08 -18.08 7.97
H34 6OU L . -36.65 -15.75 8.79
H35 6OU L . -34.64 -15.36 7.49
H36 6OU L . -34.15 -17.05 7.65
H38 6OU L . -34.81 -14.68 5.28
H39 6OU L . -33.95 -14.58 3.74
H40 6OU L . -32.19 -15.00 6.06
H41 6OU L . -32.03 -13.85 4.71
H42 6OU L . -33.56 -13.56 7.16
H43 6OU L . -32.41 -12.58 6.54
H45 6OU L . -36.64 -16.71 12.05
H46 6OU L . -37.03 -15.02 12.36
H47 6OU L . -35.37 -16.60 13.90
H48 6OU L . -34.23 -15.71 12.89
H49 6OU L . -34.41 -14.22 14.62
H50 6OU L . -35.71 -13.64 13.59
H51 6OU L . -36.61 -15.73 15.44
H52 6OU L . -37.27 -14.13 15.13
H53 6OU L . -35.36 -13.21 16.53
H54 6OU L . -36.60 -14.11 17.39
H55 6OU L . -34.73 -16.04 16.64
H56 6OU L . -33.76 -14.66 17.14
H57 6OU L . -34.00 -15.58 19.20
H58 6OU L . -35.54 -14.74 19.18
H59 6OU L . -36.78 -16.83 18.79
H60 6OU L . -35.62 -18.91 18.87
H62 6OU L . -33.14 -17.73 19.76
H152 6OU L . -38.22 -18.53 12.40
H422 6OU L . -33.22 -19.09 18.63
C8 A8W M . -33.03 -38.82 32.73
C5 A8W M . -35.21 -40.63 33.35
C6 A8W M . -34.63 -40.66 32.15
C2 A8W M . -36.60 -40.52 35.90
C4 A8W M . -36.20 -41.75 33.71
O A8W M . -29.66 -35.02 34.45
C1 A8W M . -35.77 -39.32 35.42
C10 A8W M . -34.62 -39.76 34.49
C11 A8W M . -33.11 -37.75 35.05
C12 A8W M . -32.37 -36.51 34.52
C13 A8W M . -31.47 -36.91 33.33
C14 A8W M . -32.35 -37.53 32.25
C15 A8W M . -31.34 -37.69 31.09
C16 A8W M . -30.50 -36.39 31.19
C17 A8W M . -30.90 -35.73 32.53
C18 A8W M . -30.32 -37.81 33.84
C19 A8W M . -33.64 -40.62 35.30
C20 A8W M . -29.69 -35.09 33.24
C3 A8W M . -37.25 -41.29 34.73
C7 A8W M . -33.88 -39.43 31.61
C9 A8W M . -33.91 -38.49 33.94
O1 A8W M . -37.94 -42.44 35.24
O2 A8W M . -39.87 -41.99 33.82
O3 A8W M . -40.15 -43.18 35.92
O4 A8W M . -39.63 -40.81 35.94
S A8W M . -39.39 -42.10 35.23
C21 A8W M . -28.51 -34.55 32.42
H3 A8W M . -32.27 -39.56 33.01
H18 A8W M . -34.70 -41.56 31.54
H21 A8W M . -35.97 -41.21 36.46
H22 A8W M . -37.39 -40.15 36.56
H24 A8W M . -35.65 -42.59 34.13
H23 A8W M . -36.70 -42.08 32.80
H20 A8W M . -36.42 -38.64 34.88
H19 A8W M . -35.36 -38.82 36.29
H14 A8W M . -32.38 -38.42 35.49
H15 A8W M . -33.81 -37.43 35.83
H12 A8W M . -31.76 -36.08 35.31
H13 A8W M . -33.09 -35.76 34.18
H1 A8W M . -33.12 -36.81 31.95
H11 A8W M . -31.86 -37.74 30.14
H10 A8W M . -30.72 -38.57 31.23
H8 A8W M . -29.44 -36.65 31.19
H9 A8W M . -30.74 -35.73 30.36
H A8W M . -31.68 -34.98 32.37
H31 A8W M . -30.69 -38.81 34.09
H29 A8W M . -29.88 -37.37 34.72
H30 A8W M . -29.56 -37.92 33.06
H28 A8W M . -34.00 -41.65 35.33
H27 A8W M . -33.56 -40.24 36.31
H26 A8W M . -32.65 -40.61 34.83
H4 A8W M . -37.96 -40.63 34.23
H17 A8W M . -33.22 -39.74 30.79
H16 A8W M . -34.59 -38.69 31.25
H2 A8W M . -34.69 -37.81 33.60
H7 A8W M . -27.80 -35.35 32.21
H5 A8W M . -27.99 -33.76 32.99
H6 A8W M . -28.87 -34.13 31.49
C22 A1AIB N . -27.76 34.44 20.36
C01 A1AIB N . -23.58 27.65 27.19
C02 A1AIB N . -24.30 28.81 26.51
C03 A1AIB N . -25.64 29.08 26.56
C04 A1AIB N . -25.85 30.24 25.81
C08 A1AIB N . -27.17 32.23 24.98
C10 A1AIB N . -28.50 32.93 24.70
C11 A1AIB N . -29.58 32.66 25.76
C12 A1AIB N . -30.35 31.51 25.73
C13 A1AIB N . -31.31 31.30 26.71
C14 A1AIB N . -31.49 32.23 27.73
C15 A1AIB N . -30.71 33.36 27.76
C16 A1AIB N . -29.75 33.57 26.78
C18 A1AIB N . -28.84 31.21 22.92
C19 A1AIB N . -27.70 30.99 21.94
C20 A1AIB N . -26.96 32.23 21.49
C21 A1AIB N . -27.91 33.48 21.38
C23 A1AIB N . -28.64 35.53 20.32
C24 A1AIB N . -29.66 35.66 21.30
C25 A1AIB N . -29.80 34.71 22.31
C26 A1AIB N . -28.91 33.61 22.34
N05 A1AIB N . -24.65 30.64 25.33
N07 A1AIB N . -27.13 30.89 25.57
N17 A1AIB N . -29.00 32.56 23.38
O06 A1AIB N . -23.73 29.75 25.78
O09 A1AIB N . -26.15 32.77 24.68
H221 A1AIB N . -27.10 34.35 19.72
H013 A1AIB N . -22.70 27.92 27.47
H012 A1AIB N . -23.50 26.90 26.56
H011 A1AIB N . -24.10 27.35 27.96
H031 A1AIB N . -26.29 28.59 27.00
H101 A1AIB N . -28.33 33.88 24.70
H121 A1AIB N . -30.25 30.89 25.05
H131 A1AIB N . -31.84 30.53 26.68
H141 A1AIB N . -32.14 32.08 28.38
H151 A1AIB N . -30.82 33.99 28.44
H161 A1AIB N . -29.23 34.34 26.80
H181 A1AIB N . -28.72 30.63 23.68
H182 A1AIB N . -29.66 30.96 22.47
H192 A1AIB N . -27.05 30.41 22.38
H191 A1AIB N . -28.07 30.56 21.15
H201 A1AIB N . -26.28 32.44 22.14
H202 A1AIB N . -26.59 32.07 20.62
H231 A1AIB N . -28.56 36.17 19.65
H241 A1AIB N . -30.24 36.40 21.26
H251 A1AIB N . -30.47 34.80 22.95
H071 A1AIB N . -27.86 30.50 25.77
C15 6OU O . -35.54 16.80 20.20
C16 6OU O . -34.74 17.74 19.29
O17 6OU O . -35.28 18.28 18.38
O18 6OU O . -33.38 17.95 19.52
C19 6OU O . -32.64 18.17 18.36
C20 6OU O . -31.18 17.81 18.66
C21 6OU O . -30.30 18.11 17.45
O22 6OU O . -30.49 19.46 17.09
P23 6OU O . -30.21 19.89 15.52
O24 6OU O . -31.31 19.35 14.65
O25 6OU O . -30.17 21.40 15.42
O26 6OU O . -28.76 19.27 15.04
C27 6OU O . -27.65 19.44 15.87
C28 6OU O . -26.86 18.13 15.91
N29 6OU O . -26.42 17.84 17.26
O30 6OU O . -31.11 16.44 18.95
C31 6OU O . -30.75 16.17 20.27
O32 6OU O . -29.63 16.35 20.63
C33 6OU O . -31.79 15.64 21.26
C34 6OU O . -31.80 14.11 21.32
C35 6OU O . -31.12 13.58 22.59
C36 6OU O . -32.07 13.42 23.77
C37 6OU O . -31.90 12.07 24.46
C38 6OU O . -32.47 10.92 23.64
C39 6OU O . -33.39 9.99 24.44
C40 6OU O . -34.84 10.42 24.25
C41 6OU O . -35.60 9.94 23.29
C42 6OU O . -35.04 8.90 22.29
H31 6OU O . -36.54 17.18 20.30
H32 6OU O . -33.01 17.55 17.56
H33 6OU O . -32.70 19.22 18.08
H34 6OU O . -30.84 18.38 19.51
H35 6OU O . -29.26 17.96 17.71
H36 6OU O . -30.57 17.47 16.62
H38 6OU O . -27.98 19.70 16.87
H39 6OU O . -27.03 20.24 15.48
H40 6OU O . -27.49 17.33 15.55
H41 6OU O . -26.00 18.22 15.26
H42 6OU O . -27.20 17.49 17.79
H43 6OU O . -25.69 17.17 17.23
H45 6OU O . -32.77 15.97 20.93
H46 6OU O . -31.59 16.04 22.23
H47 6OU O . -32.83 13.77 21.30
H48 6OU O . -31.27 13.73 20.46
H49 6OU O . -30.67 12.62 22.37
H50 6OU O . -30.32 14.27 22.88
H51 6OU O . -33.10 13.51 23.42
H52 6OU O . -31.89 14.21 24.48
H53 6OU O . -30.84 11.90 24.62
H54 6OU O . -32.40 12.11 25.43
H55 6OU O . -33.04 11.33 22.81
H56 6OU O . -31.66 10.33 23.23
H57 6OU O . -33.25 8.97 24.12
H58 6OU O . -33.13 10.06 25.50
H59 6OU O . -35.27 11.16 24.93
H60 6OU O . -36.62 10.27 23.18
H62 6OU O . -34.94 7.94 22.80
H152 6OU O . -35.06 16.78 21.17
H422 6OU O . -35.74 8.79 21.46
C8 A8W P . -57.37 -1.98 19.37
C5 A8W P . -59.97 -0.97 20.15
C6 A8W P . -59.36 -0.49 19.06
C2 A8W P . -61.32 -1.87 22.56
C4 A8W P . -61.45 -0.58 20.38
O A8W P . -53.41 -5.47 20.30
C1 A8W P . -59.80 -2.07 22.39
C10 A8W P . -59.39 -2.19 20.91
C11 A8W P . -57.29 -3.60 21.36
C12 A8W P . -55.75 -3.69 21.24
C13 A8W P . -55.34 -3.45 19.78
C14 A8W P . -55.83 -2.07 19.35
C15 A8W P . -55.18 -1.91 17.97
C16 A8W P . -53.78 -2.54 18.18
C17 A8W P . -53.83 -3.23 19.57
C18 A8W P . -55.83 -4.62 18.89
C19 A8W P . -60.03 -3.46 20.33
C20 A8W P . -53.06 -4.57 19.57
C3 A8W P . -61.82 -0.59 21.87
C7 A8W P . -57.84 -0.59 18.92
C9 A8W P . -57.85 -2.25 20.81
O1 A8W P . -63.25 -0.51 22.00
O2 A8W P . -63.12 1.85 22.58
O3 A8W P . -64.98 0.49 23.36
O4 A8W P . -62.76 0.16 24.29
S A8W P . -63.52 0.50 23.06
C21 A8W P . -51.85 -4.77 18.64
H3 A8W P . -57.79 -2.72 18.70
H18 A8W P . -59.95 -0.02 18.27
H21 A8W P . -61.84 -2.73 22.15
H22 A8W P . -61.54 -1.80 23.63
H24 A8W P . -62.09 -1.27 19.85
H23 A8W P . -61.61 0.43 19.98
H20 A8W P . -59.28 -1.22 22.84
H19 A8W P . -59.51 -2.97 22.91
H14 A8W P . -57.73 -4.43 20.81
H15 A8W P . -57.55 -3.68 22.42
H12 A8W P . -55.43 -4.68 21.55
H13 A8W P . -55.29 -2.93 21.88
H1 A8W P . -55.42 -1.31 20.02
H11 A8W P . -55.09 -0.85 17.69
H10 A8W P . -55.74 -2.46 17.21
H8 A8W P . -53.58 -3.27 17.39
H9 A8W P . -53.02 -1.76 18.18
H A8W P . -53.43 -2.57 20.34
H31 A8W P . -56.91 -4.57 18.75
H29 A8W P . -55.59 -5.56 19.37
H30 A8W P . -55.35 -4.58 17.91
H28 A8W P . -61.06 -3.26 20.04
H27 A8W P . -60.02 -4.24 21.09
H26 A8W P . -59.47 -3.80 19.47
H4 A8W P . -61.36 0.27 22.35
H17 A8W P . -57.56 -0.44 17.87
H16 A8W P . -57.35 0.17 19.53
H2 A8W P . -57.46 -1.46 21.44
H7 A8W P . -52.19 -5.11 17.66
H5 A8W P . -51.18 -5.52 19.07
H6 A8W P . -51.31 -3.83 18.53
#